data_3AK5
#
_entry.id   3AK5
#
_cell.length_a   292.803
_cell.length_b   53.936
_cell.length_c   335.953
_cell.angle_alpha   90.00
_cell.angle_beta   107.32
_cell.angle_gamma   90.00
#
_symmetry.space_group_name_H-M   'C 1 2 1'
#
loop_
_entity.id
_entity.type
_entity.pdbx_description
1 polymer 'Hemoglobin-binding protease hbp'
2 non-polymer 'CALCIUM ION'
3 water water
#
_entity_poly.entity_id   1
_entity_poly.type   'polypeptide(L)'
_entity_poly.pdbx_seq_one_letter_code
;GTVNNELGYQLFRDFAENKGMFRPGATNIAIYNKQGEFVGTLDKAAMPDFSAVDSEIGVATLINPQYIASVKHNGGYTNV
SFGDGENRYNIVDRNNAPSLDFHAPRLDKLVTEVAPTAVTAQGAVAGAYLDKERYPVFYRLGSGTQYIKDSNGQLTKMGG
AYSWLTGGTVGSLSSYQNGEMISTSSGLVFDYKLNGAMPIYGEAGDSGSPLFAFDTVQNKWVLVGVLTAGNGAGGRGNNW
AVIPLDFIGQKFNEDNDAPVTFRTSEGGALEWSFNSSTGAGALTQGTTTYAMHGQQGNDLNAGKNLIFQGQNGQINLKDS
VSQGAGSLTFRDNYTVTTSNGSTWTGAGIVVDNGVSVNWQVNGVKGDNLHKIGEGTLTVQGTGINEGGLKVGDGKVVLNQ
QADNKGQVQAFSSVNIASGRPTVVLTDERQVNPDTVSWGYRGGTLDVNGNSLTFHQLKAADYGAVLANNVDKRATITLDY
AGNTAGYLFHGQLKGNLNVDNRLPEGVTGALVMDGAADISGTFTQENGRLTLQGHPVIHAYNTQSVADKLAASGDHSVLT
QPTSFSQEDWENRSFTFDRLSLKNTDFGLGRNATLNTTIQADNSSVTLGDSRVFIDKNDGQGTAFTLEEGTSVATKDADK
SVFNGTVNLDNQSVLNINDIFNGGIQANNSTVNISSDSAVLGNSTLTSTALNLNKGANALASQSFVSDGPVNISDATLSL
NSRPDEVSHTLLPVYDYAGSWNLKGDDARLNVGPYSMLSGNINVQDKGTVTLGGEGELSPDLTLQNQMLYSLFNGYRNIW
SGSLNAPDATVSMTDTQWSMNGNSTAGNMKLNRTIVGFNGGTSPFTTLTTDNLDAVQSAFVMRTDLNKADKLVINKSATG
HDNSIWVNFLKKPSNKDTLDIPLVSAPEATADNLFRASTRVVGFSDVTPILSVRKEDGKKEWVLDGYQVARNDGQGKAAA
TFMHISYNNFITEVN
;
_entity_poly.pdbx_strand_id   A,B,C,D
#
# COMPACT_ATOMS: atom_id res chain seq x y z
N GLY A 1 -2.70 -37.61 46.03
CA GLY A 1 -3.65 -38.46 45.30
C GLY A 1 -4.02 -39.66 46.15
N THR A 2 -5.17 -40.25 45.87
CA THR A 2 -5.60 -41.46 46.53
C THR A 2 -5.76 -42.51 45.47
N VAL A 3 -5.17 -43.68 45.72
CA VAL A 3 -5.29 -44.81 44.80
C VAL A 3 -5.83 -46.05 45.52
N ASN A 4 -6.31 -47.04 44.77
CA ASN A 4 -6.75 -48.27 45.45
C ASN A 4 -5.55 -49.11 45.84
N ASN A 5 -5.70 -49.94 46.88
CA ASN A 5 -4.58 -50.75 47.38
C ASN A 5 -4.46 -52.09 46.67
N GLU A 6 -4.95 -52.18 45.45
CA GLU A 6 -4.95 -53.45 44.79
C GLU A 6 -3.84 -53.46 43.81
N LEU A 7 -3.60 -52.30 43.20
CA LEU A 7 -2.55 -52.12 42.20
C LEU A 7 -1.27 -51.73 42.91
N GLY A 8 -0.14 -52.18 42.37
CA GLY A 8 1.17 -51.85 42.92
C GLY A 8 1.50 -50.38 42.77
N TYR A 9 1.87 -49.76 43.87
CA TYR A 9 2.04 -48.32 43.92
C TYR A 9 2.95 -47.73 42.82
N GLN A 10 3.96 -48.52 42.43
CA GLN A 10 5.01 -48.10 41.53
C GLN A 10 4.40 -47.78 40.19
N LEU A 11 3.30 -48.47 39.84
CA LEU A 11 2.63 -48.18 38.58
C LEU A 11 2.33 -46.68 38.47
N PHE A 12 1.80 -46.14 39.56
CA PHE A 12 1.23 -44.77 39.61
C PHE A 12 2.41 -43.79 39.52
N ARG A 13 3.54 -44.23 40.07
CA ARG A 13 4.75 -43.43 40.17
C ARG A 13 5.37 -43.35 38.76
N ASP A 14 5.62 -44.52 38.19
CA ASP A 14 6.08 -44.63 36.82
C ASP A 14 5.15 -43.96 35.80
N PHE A 15 3.83 -44.02 36.07
CA PHE A 15 2.84 -43.47 35.14
C PHE A 15 3.05 -41.97 35.18
N ALA A 16 3.06 -41.41 36.39
CA ALA A 16 3.22 -39.96 36.49
C ALA A 16 4.53 -39.44 35.84
N GLU A 17 5.59 -40.26 35.73
CA GLU A 17 6.87 -39.67 35.30
C GLU A 17 7.22 -40.07 33.90
N ASN A 18 6.28 -40.70 33.24
CA ASN A 18 6.48 -41.14 31.91
C ASN A 18 7.65 -42.17 31.89
N LYS A 19 7.81 -42.96 32.95
CA LYS A 19 8.89 -43.93 33.01
C LYS A 19 8.45 -45.39 32.91
N GLY A 20 9.42 -46.25 32.53
CA GLY A 20 9.23 -47.69 32.53
C GLY A 20 8.28 -48.06 31.44
N MET A 21 7.21 -48.79 31.74
CA MET A 21 6.33 -49.08 30.63
C MET A 21 5.52 -47.82 30.14
N PHE A 22 5.60 -46.71 30.88
CA PHE A 22 4.79 -45.50 30.58
C PHE A 22 5.52 -44.39 29.81
N ARG A 23 6.56 -44.73 29.05
CA ARG A 23 7.21 -43.79 28.21
C ARG A 23 6.23 -43.26 27.15
N PRO A 24 6.38 -41.98 26.82
CA PRO A 24 5.59 -41.31 25.79
C PRO A 24 5.52 -42.23 24.58
N GLY A 25 4.32 -42.45 24.06
CA GLY A 25 4.14 -43.26 22.85
C GLY A 25 3.95 -44.74 23.09
N ALA A 26 4.18 -45.22 24.31
CA ALA A 26 3.96 -46.64 24.61
C ALA A 26 2.49 -46.95 24.30
N THR A 27 2.21 -48.12 23.71
CA THR A 27 0.83 -48.41 23.34
C THR A 27 0.44 -49.69 23.98
N ASN A 28 -0.87 -49.84 24.16
CA ASN A 28 -1.51 -51.02 24.72
C ASN A 28 -0.80 -51.46 25.91
N ILE A 29 -0.73 -50.60 26.91
CA ILE A 29 -0.17 -51.03 28.16
C ILE A 29 -1.21 -51.81 28.96
N ALA A 30 -0.95 -53.10 29.13
CA ALA A 30 -1.78 -53.95 30.01
C ALA A 30 -1.48 -53.75 31.49
N ILE A 31 -2.51 -53.73 32.34
CA ILE A 31 -2.40 -53.49 33.77
C ILE A 31 -2.87 -54.71 34.56
N TYR A 32 -2.11 -55.08 35.60
CA TYR A 32 -2.41 -56.22 36.45
C TYR A 32 -2.40 -55.87 37.90
N ASN A 33 -3.34 -56.47 38.59
CA ASN A 33 -3.47 -56.66 40.04
C ASN A 33 -2.22 -57.03 40.83
N LYS A 34 -2.23 -56.85 42.15
CA LYS A 34 -1.21 -57.47 42.98
C LYS A 34 -1.31 -59.00 42.93
N GLN A 35 -2.53 -59.53 42.91
CA GLN A 35 -2.77 -60.96 42.70
C GLN A 35 -2.63 -61.38 41.23
N GLY A 36 -1.99 -60.56 40.41
CA GLY A 36 -1.77 -60.86 38.98
C GLY A 36 -2.97 -60.91 38.04
N GLU A 37 -4.12 -60.40 38.46
CA GLU A 37 -5.29 -60.41 37.58
C GLU A 37 -5.34 -59.20 36.64
N PHE A 38 -5.79 -59.40 35.40
CA PHE A 38 -5.89 -58.32 34.41
C PHE A 38 -7.00 -57.36 34.77
N VAL A 39 -6.69 -56.06 34.91
CA VAL A 39 -7.74 -55.10 35.26
C VAL A 39 -8.18 -54.19 34.12
N GLY A 40 -7.35 -54.09 33.08
CA GLY A 40 -7.61 -53.12 32.05
C GLY A 40 -6.38 -52.84 31.24
N THR A 41 -6.61 -52.09 30.17
CA THR A 41 -5.58 -51.82 29.21
C THR A 41 -5.61 -50.33 28.72
N LEU A 42 -4.43 -49.71 28.57
CA LEU A 42 -4.29 -48.36 28.05
C LEU A 42 -4.13 -48.45 26.56
N ASP A 43 -5.26 -48.58 25.87
CA ASP A 43 -5.23 -48.90 24.46
C ASP A 43 -6.03 -47.96 23.62
N LYS A 44 -6.48 -46.84 24.19
CA LYS A 44 -7.30 -45.91 23.41
C LYS A 44 -6.46 -44.91 22.68
N ALA A 45 -5.23 -44.68 23.16
CA ALA A 45 -4.23 -43.89 22.44
C ALA A 45 -2.87 -44.23 23.03
N ALA A 46 -1.80 -43.88 22.29
CA ALA A 46 -0.44 -43.98 22.84
C ALA A 46 -0.21 -43.14 24.08
N MET A 47 0.71 -43.57 24.93
CA MET A 47 0.94 -42.88 26.16
C MET A 47 1.33 -41.40 25.85
N PRO A 48 0.72 -40.43 26.55
CA PRO A 48 0.97 -39.03 26.23
C PRO A 48 2.31 -38.59 26.86
N ASP A 49 2.88 -37.54 26.30
CA ASP A 49 4.05 -36.95 26.88
C ASP A 49 3.61 -35.91 27.92
N PHE A 50 3.96 -36.13 29.18
CA PHE A 50 3.62 -35.22 30.26
C PHE A 50 4.68 -34.15 30.50
N SER A 51 5.62 -34.00 29.59
CA SER A 51 6.76 -33.15 29.99
C SER A 51 6.37 -31.64 29.97
N ALA A 52 5.21 -31.24 29.38
CA ALA A 52 4.78 -29.83 29.60
C ALA A 52 4.40 -29.56 31.06
N VAL A 53 4.31 -30.60 31.87
CA VAL A 53 3.90 -30.41 33.27
C VAL A 53 5.13 -30.11 34.10
N ASP A 54 5.03 -29.20 35.05
CA ASP A 54 6.19 -28.91 35.86
C ASP A 54 6.70 -30.12 36.64
N SER A 55 8.02 -30.30 36.67
CA SER A 55 8.58 -31.62 37.10
C SER A 55 8.62 -31.87 38.58
N GLU A 56 8.55 -30.82 39.38
CA GLU A 56 8.75 -31.03 40.81
C GLU A 56 7.47 -31.37 41.58
N ILE A 57 6.35 -30.66 41.32
CA ILE A 57 5.09 -30.90 42.04
C ILE A 57 3.83 -31.02 41.13
N GLY A 58 3.96 -30.81 39.85
CA GLY A 58 2.85 -30.89 38.90
C GLY A 58 1.64 -30.03 39.22
N VAL A 59 1.83 -28.85 39.80
CA VAL A 59 0.73 -27.92 39.88
C VAL A 59 0.55 -27.00 38.69
N ALA A 60 1.46 -27.03 37.68
CA ALA A 60 1.37 -26.10 36.58
C ALA A 60 1.86 -26.72 35.34
N THR A 61 1.30 -26.27 34.22
CA THR A 61 1.50 -26.93 32.97
C THR A 61 1.73 -25.87 31.91
N LEU A 62 2.75 -26.10 31.08
CA LEU A 62 3.15 -25.12 30.09
C LEU A 62 2.23 -25.14 28.87
N ILE A 63 1.63 -23.98 28.56
CA ILE A 63 0.58 -23.95 27.51
C ILE A 63 1.01 -23.03 26.45
N ASN A 64 2.17 -22.41 26.70
CA ASN A 64 2.79 -21.52 25.72
C ASN A 64 4.24 -21.47 26.18
N PRO A 65 5.19 -21.19 25.28
CA PRO A 65 6.54 -21.33 25.78
C PRO A 65 6.80 -20.41 26.95
N GLN A 66 5.92 -19.42 27.15
CA GLN A 66 6.11 -18.45 28.27
C GLN A 66 5.05 -18.37 29.37
N TYR A 67 4.05 -19.27 29.37
CA TYR A 67 2.88 -19.23 30.24
C TYR A 67 2.52 -20.65 30.74
N ILE A 68 2.46 -20.80 32.05
CA ILE A 68 1.88 -21.96 32.65
C ILE A 68 0.33 -21.81 32.91
N ALA A 69 -0.31 -22.91 33.28
CA ALA A 69 -1.74 -22.89 33.56
C ALA A 69 -1.86 -23.61 34.87
N SER A 70 -2.62 -23.03 35.80
CA SER A 70 -2.82 -23.62 37.15
C SER A 70 -4.10 -23.00 37.72
N VAL A 71 -4.40 -23.19 39.03
CA VAL A 71 -5.55 -22.53 39.70
C VAL A 71 -5.03 -21.33 40.49
N LYS A 72 -5.82 -20.24 40.51
CA LYS A 72 -5.42 -19.06 41.24
C LYS A 72 -5.32 -19.24 42.74
N HIS A 73 -6.05 -20.22 43.31
CA HIS A 73 -5.90 -20.38 44.77
C HIS A 73 -4.51 -20.97 45.12
N ASN A 74 -3.73 -21.36 44.10
CA ASN A 74 -2.30 -21.63 44.32
C ASN A 74 -1.53 -20.31 44.28
N GLY A 75 -1.47 -19.63 45.42
CA GLY A 75 -1.01 -18.26 45.46
C GLY A 75 0.44 -18.14 45.86
N GLY A 76 1.03 -19.21 46.36
CA GLY A 76 2.36 -19.13 46.92
C GLY A 76 3.51 -19.36 45.92
N TYR A 77 3.49 -20.46 45.18
CA TYR A 77 4.64 -20.77 44.34
C TYR A 77 5.08 -19.58 43.52
N THR A 78 6.38 -19.36 43.42
CA THR A 78 6.87 -18.28 42.53
C THR A 78 7.70 -18.71 41.30
N ASN A 79 7.91 -20.02 41.14
CA ASN A 79 8.73 -20.53 40.04
C ASN A 79 8.41 -22.00 39.77
N VAL A 80 8.77 -22.47 38.58
CA VAL A 80 8.60 -23.87 38.23
C VAL A 80 9.83 -24.36 37.42
N SER A 81 10.02 -25.66 37.36
CA SER A 81 11.08 -26.36 36.62
C SER A 81 10.46 -27.40 35.70
N PHE A 82 11.15 -27.69 34.61
CA PHE A 82 10.72 -28.64 33.61
C PHE A 82 11.72 -29.74 33.38
N GLY A 83 11.25 -30.87 32.87
CA GLY A 83 12.07 -32.04 32.55
C GLY A 83 12.77 -32.76 33.67
N ASP A 84 14.05 -32.45 33.86
CA ASP A 84 14.83 -33.12 34.89
C ASP A 84 14.99 -32.22 36.08
N GLY A 85 14.44 -31.02 36.00
CA GLY A 85 14.50 -30.12 37.15
C GLY A 85 15.63 -29.10 37.13
N GLU A 86 16.58 -29.23 36.20
CA GLU A 86 17.81 -28.44 36.19
C GLU A 86 17.57 -27.12 35.45
N ASN A 87 16.66 -26.31 35.98
CA ASN A 87 16.29 -25.05 35.39
C ASN A 87 15.33 -24.36 36.37
N ARG A 88 15.01 -23.11 36.15
CA ARG A 88 14.09 -22.43 36.97
C ARG A 88 13.51 -21.33 36.14
N TYR A 89 12.18 -21.27 36.08
CA TYR A 89 11.47 -20.26 35.36
C TYR A 89 10.58 -19.50 36.37
N ASN A 90 10.74 -18.18 36.47
CA ASN A 90 10.01 -17.36 37.51
C ASN A 90 8.80 -16.65 36.97
N ILE A 91 7.82 -16.53 37.87
CA ILE A 91 6.54 -15.86 37.56
C ILE A 91 6.71 -14.38 37.55
N VAL A 92 6.29 -13.73 36.50
CA VAL A 92 6.34 -12.24 36.56
C VAL A 92 4.96 -11.53 36.63
N ASP A 93 3.86 -12.26 36.36
CA ASP A 93 2.48 -11.78 36.49
C ASP A 93 1.76 -13.15 36.74
N ARG A 94 1.21 -13.34 37.95
CA ARG A 94 0.32 -14.46 38.22
C ARG A 94 -0.79 -14.60 37.18
N ASN A 95 -1.20 -13.48 36.52
CA ASN A 95 -2.24 -13.51 35.51
C ASN A 95 -3.49 -14.32 36.05
N ASN A 96 -3.93 -14.03 37.26
CA ASN A 96 -5.24 -14.49 37.82
C ASN A 96 -6.51 -14.20 37.03
N ALA A 97 -7.38 -15.21 36.82
CA ALA A 97 -8.74 -14.94 36.30
C ALA A 97 -9.53 -14.34 37.46
N PRO A 98 -10.28 -13.27 37.20
CA PRO A 98 -10.94 -12.59 38.30
C PRO A 98 -12.23 -13.31 38.78
N SER A 99 -12.94 -14.06 37.92
CA SER A 99 -14.15 -14.89 38.38
C SER A 99 -13.96 -16.42 38.42
N LEU A 100 -12.90 -16.93 37.83
CA LEU A 100 -12.66 -18.34 37.77
C LEU A 100 -11.47 -18.67 38.61
N ASP A 101 -11.52 -19.79 39.32
CA ASP A 101 -10.37 -20.27 40.05
C ASP A 101 -9.32 -20.85 39.08
N PHE A 102 -8.48 -19.98 38.54
CA PHE A 102 -7.65 -20.30 37.40
C PHE A 102 -6.70 -19.15 37.15
N HIS A 103 -5.44 -19.47 36.83
CA HIS A 103 -4.48 -18.47 36.39
C HIS A 103 -3.55 -18.96 35.32
N ALA A 104 -2.92 -18.01 34.62
CA ALA A 104 -2.09 -18.35 33.47
C ALA A 104 -0.80 -17.51 33.50
N PRO A 105 0.03 -17.76 34.51
CA PRO A 105 1.22 -16.98 34.75
C PRO A 105 2.21 -16.80 33.62
N ARG A 106 2.57 -15.55 33.38
CA ARG A 106 3.66 -15.21 32.49
C ARG A 106 4.99 -15.49 33.18
N LEU A 107 5.88 -16.23 32.51
CA LEU A 107 7.24 -16.45 33.02
C LEU A 107 8.32 -15.43 32.59
N ASP A 108 9.47 -15.49 33.29
CA ASP A 108 10.59 -14.56 33.04
C ASP A 108 11.32 -14.90 31.74
N LYS A 109 11.47 -16.20 31.45
CA LYS A 109 12.15 -16.63 30.19
C LYS A 109 11.30 -17.59 29.35
N LEU A 110 11.62 -17.71 28.08
CA LEU A 110 11.06 -18.71 27.24
C LEU A 110 11.61 -20.05 27.61
N VAL A 111 10.72 -21.02 27.85
CA VAL A 111 11.14 -22.36 28.23
C VAL A 111 11.81 -23.07 27.07
N THR A 112 12.91 -23.76 27.34
CA THR A 112 13.59 -24.35 26.23
C THR A 112 13.54 -25.86 26.26
N GLU A 113 13.52 -26.40 27.50
CA GLU A 113 13.52 -27.84 27.73
C GLU A 113 12.31 -28.64 27.21
N VAL A 114 11.11 -28.03 27.13
CA VAL A 114 9.96 -28.79 26.75
C VAL A 114 9.05 -28.02 25.81
N ALA A 115 8.30 -28.75 25.00
CA ALA A 115 7.20 -28.16 24.28
C ALA A 115 5.99 -27.94 25.20
N PRO A 116 5.27 -26.82 24.99
CA PRO A 116 4.01 -26.66 25.70
C PRO A 116 2.98 -27.73 25.24
N THR A 117 2.05 -28.11 26.09
CA THR A 117 0.92 -28.94 25.65
C THR A 117 -0.13 -28.13 24.83
N ALA A 118 -0.82 -28.79 23.93
CA ALA A 118 -2.02 -28.25 23.27
C ALA A 118 -3.16 -28.14 24.30
N VAL A 119 -4.04 -27.15 24.17
CA VAL A 119 -5.16 -27.15 25.11
C VAL A 119 -6.42 -27.58 24.37
N THR A 120 -7.47 -27.92 25.14
CA THR A 120 -8.77 -28.23 24.55
C THR A 120 -9.15 -27.31 23.37
N ALA A 121 -9.57 -27.92 22.25
CA ALA A 121 -10.01 -27.14 21.10
C ALA A 121 -11.38 -26.52 21.41
N GLN A 122 -12.07 -27.08 22.38
CA GLN A 122 -13.42 -26.65 22.69
C GLN A 122 -13.50 -25.64 23.82
N GLY A 123 -12.73 -25.83 24.88
CA GLY A 123 -12.86 -25.00 26.04
C GLY A 123 -14.15 -25.32 26.83
N ALA A 124 -14.78 -24.28 27.36
CA ALA A 124 -15.91 -24.35 28.27
C ALA A 124 -17.25 -24.60 27.56
N VAL A 125 -17.36 -25.69 26.79
CA VAL A 125 -18.58 -26.09 26.11
C VAL A 125 -19.29 -27.15 26.97
N ALA A 126 -20.49 -26.83 27.46
CA ALA A 126 -21.28 -27.65 28.36
C ALA A 126 -21.56 -29.07 27.80
N GLY A 127 -21.15 -30.06 28.54
CA GLY A 127 -21.27 -31.44 28.12
C GLY A 127 -20.24 -32.05 27.18
N ALA A 128 -19.26 -31.26 26.71
CA ALA A 128 -18.33 -31.73 25.66
C ALA A 128 -17.51 -32.93 26.09
N TYR A 129 -17.18 -32.99 27.39
CA TYR A 129 -16.20 -33.94 27.95
C TYR A 129 -16.90 -35.21 28.44
N LEU A 130 -18.16 -35.36 28.04
CA LEU A 130 -18.88 -36.57 28.26
C LEU A 130 -18.93 -37.39 26.96
N ASP A 131 -18.71 -36.79 25.80
CA ASP A 131 -18.69 -37.50 24.51
C ASP A 131 -17.48 -38.44 24.46
N LYS A 132 -17.67 -39.72 24.84
CA LYS A 132 -16.61 -40.72 24.69
C LYS A 132 -16.07 -40.94 23.30
N GLU A 133 -16.89 -40.70 22.29
CA GLU A 133 -16.40 -40.79 20.94
C GLU A 133 -15.25 -39.78 20.71
N ARG A 134 -15.45 -38.50 21.08
CA ARG A 134 -14.39 -37.48 20.93
C ARG A 134 -13.27 -37.69 21.97
N TYR A 135 -13.64 -37.96 23.22
CA TYR A 135 -12.69 -38.12 24.27
C TYR A 135 -12.90 -39.43 24.99
N PRO A 136 -12.26 -40.48 24.48
CA PRO A 136 -12.32 -41.82 25.05
C PRO A 136 -11.67 -41.94 26.42
N VAL A 137 -10.62 -41.16 26.66
CA VAL A 137 -9.86 -41.28 27.89
C VAL A 137 -9.30 -39.98 28.45
N PHE A 138 -9.15 -39.93 29.77
CA PHE A 138 -8.64 -38.78 30.53
C PHE A 138 -7.61 -39.30 31.49
N TYR A 139 -6.42 -38.69 31.44
CA TYR A 139 -5.32 -38.97 32.39
C TYR A 139 -5.01 -37.75 33.18
N ARG A 140 -4.51 -37.98 34.40
CA ARG A 140 -4.06 -36.93 35.29
C ARG A 140 -2.81 -37.35 36.09
N LEU A 141 -2.14 -36.39 36.70
CA LEU A 141 -0.99 -36.62 37.55
C LEU A 141 -0.92 -35.40 38.40
N GLY A 142 -0.33 -35.59 39.55
CA GLY A 142 -0.29 -34.52 40.51
C GLY A 142 0.58 -35.01 41.64
N SER A 143 0.88 -34.14 42.55
CA SER A 143 1.63 -34.53 43.75
C SER A 143 0.93 -34.17 45.06
N GLY A 144 -0.42 -34.15 45.08
CA GLY A 144 -1.11 -33.88 46.31
C GLY A 144 -0.85 -34.96 47.39
N THR A 145 -1.34 -34.72 48.60
CA THR A 145 -1.31 -35.67 49.75
C THR A 145 -1.62 -37.05 49.29
N GLN A 146 -0.77 -38.00 49.60
CA GLN A 146 -0.84 -39.33 48.90
C GLN A 146 -1.40 -40.41 49.85
N TYR A 147 -2.50 -41.05 49.46
CA TYR A 147 -3.03 -42.14 50.25
C TYR A 147 -3.23 -43.34 49.37
N ILE A 148 -3.41 -44.47 50.06
CA ILE A 148 -4.04 -45.68 49.51
C ILE A 148 -5.34 -45.99 50.29
N LYS A 149 -6.36 -46.41 49.53
CA LYS A 149 -7.67 -46.78 50.09
C LYS A 149 -7.87 -48.28 49.97
N ASP A 150 -8.31 -48.92 51.06
CA ASP A 150 -8.73 -50.32 50.92
C ASP A 150 -10.19 -50.48 50.48
N SER A 151 -10.56 -51.74 50.20
CA SER A 151 -11.94 -52.25 50.02
C SER A 151 -13.05 -51.61 50.84
N ASN A 152 -12.82 -51.51 52.15
CA ASN A 152 -13.76 -50.94 53.09
C ASN A 152 -13.63 -49.43 53.29
N GLY A 153 -13.11 -48.73 52.27
CA GLY A 153 -12.90 -47.29 52.34
C GLY A 153 -11.91 -46.74 53.39
N GLN A 154 -11.08 -47.59 54.00
CA GLN A 154 -10.06 -47.09 54.96
C GLN A 154 -8.82 -46.46 54.28
N LEU A 155 -8.38 -45.35 54.85
CA LEU A 155 -7.32 -44.52 54.28
C LEU A 155 -6.03 -44.58 55.10
N THR A 156 -4.94 -44.89 54.41
CA THR A 156 -3.60 -44.86 54.95
C THR A 156 -2.78 -43.85 54.14
N LYS A 157 -2.23 -42.88 54.87
CA LYS A 157 -1.50 -41.78 54.34
C LYS A 157 -0.05 -42.18 54.16
N MET A 158 0.42 -42.09 52.95
CA MET A 158 1.77 -42.48 52.72
C MET A 158 2.72 -41.28 52.77
N GLY A 159 2.21 -40.09 52.45
CA GLY A 159 3.05 -38.91 52.41
C GLY A 159 2.25 -37.63 52.24
N GLY A 160 2.85 -36.52 52.64
CA GLY A 160 2.34 -35.19 52.35
C GLY A 160 2.42 -34.70 50.92
N ALA A 161 1.82 -33.54 50.70
CA ALA A 161 1.71 -33.00 49.40
C ALA A 161 3.12 -32.58 48.97
N TYR A 162 3.38 -32.57 47.69
CA TYR A 162 4.63 -31.93 47.20
C TYR A 162 5.87 -32.80 47.51
N SER A 163 5.66 -34.10 47.78
CA SER A 163 6.71 -35.08 48.01
C SER A 163 7.06 -35.90 46.74
N TRP A 164 6.08 -36.40 46.01
CA TRP A 164 6.31 -37.14 44.79
C TRP A 164 5.08 -37.14 43.89
N LEU A 165 5.24 -37.49 42.63
CA LEU A 165 4.09 -37.43 41.73
C LEU A 165 3.31 -38.77 41.59
N THR A 166 1.96 -38.75 41.53
CA THR A 166 1.26 -39.94 41.18
C THR A 166 0.28 -39.63 40.06
N GLY A 167 0.04 -40.60 39.19
CA GLY A 167 -0.79 -40.36 38.06
C GLY A 167 -1.67 -41.56 37.77
N GLY A 168 -2.69 -41.32 36.96
CA GLY A 168 -3.63 -42.38 36.76
C GLY A 168 -4.74 -41.91 35.91
N THR A 169 -5.80 -42.73 35.85
CA THR A 169 -6.90 -42.44 34.96
C THR A 169 -8.05 -41.86 35.72
N VAL A 170 -8.95 -41.24 34.96
CA VAL A 170 -10.12 -40.59 35.50
C VAL A 170 -11.29 -40.87 34.60
N GLY A 171 -12.49 -41.09 35.16
CA GLY A 171 -13.69 -41.21 34.32
C GLY A 171 -14.18 -39.95 33.57
N SER A 172 -14.96 -40.19 32.50
CA SER A 172 -15.70 -39.16 31.80
C SER A 172 -16.36 -38.08 32.68
N LEU A 173 -16.41 -36.85 32.19
CA LEU A 173 -16.80 -35.76 33.10
C LEU A 173 -17.99 -34.94 32.69
N SER A 174 -18.90 -34.71 33.62
CA SER A 174 -20.09 -33.91 33.39
C SER A 174 -19.75 -32.44 33.57
N SER A 175 -20.47 -31.52 32.92
CA SER A 175 -20.16 -30.09 33.12
C SER A 175 -21.08 -29.48 34.16
N TYR A 176 -20.66 -28.42 34.82
CA TYR A 176 -21.60 -27.53 35.51
C TYR A 176 -21.14 -26.09 35.31
N GLN A 177 -21.83 -25.12 35.95
CA GLN A 177 -21.52 -23.72 35.87
C GLN A 177 -21.35 -23.31 34.42
N ASN A 178 -22.37 -23.60 33.62
CA ASN A 178 -22.39 -23.23 32.16
C ASN A 178 -21.25 -23.71 31.33
N GLY A 179 -20.62 -24.79 31.77
CA GLY A 179 -19.57 -25.44 30.96
C GLY A 179 -18.17 -24.97 31.39
N GLU A 180 -18.14 -24.09 32.39
CA GLU A 180 -16.92 -23.54 32.85
C GLU A 180 -16.12 -24.50 33.74
N MET A 181 -16.84 -25.43 34.35
CA MET A 181 -16.34 -26.37 35.35
C MET A 181 -16.78 -27.72 34.91
N ILE A 182 -16.02 -28.75 35.26
CA ILE A 182 -16.39 -30.11 34.98
C ILE A 182 -16.09 -30.92 36.23
N SER A 183 -16.69 -32.11 36.32
CA SER A 183 -16.49 -32.98 37.49
C SER A 183 -16.84 -34.46 37.22
N THR A 184 -16.44 -35.34 38.13
CA THR A 184 -16.61 -36.80 37.95
C THR A 184 -16.37 -37.49 39.27
N SER A 185 -16.85 -38.71 39.41
CA SER A 185 -16.69 -39.43 40.67
C SER A 185 -15.42 -40.27 40.51
N SER A 186 -14.31 -39.53 40.51
CA SER A 186 -12.97 -40.05 40.39
C SER A 186 -12.54 -40.73 41.69
N GLY A 187 -13.25 -40.47 42.78
CA GLY A 187 -12.89 -41.08 44.07
C GLY A 187 -13.29 -42.55 44.20
N LEU A 188 -14.08 -43.03 43.25
CA LEU A 188 -14.49 -44.45 43.22
C LEU A 188 -13.31 -45.24 42.67
N VAL A 189 -12.30 -45.38 43.48
CA VAL A 189 -11.01 -45.83 42.95
C VAL A 189 -10.91 -47.31 42.59
N PHE A 190 -11.89 -48.11 43.00
CA PHE A 190 -11.91 -49.51 42.62
C PHE A 190 -12.75 -49.78 41.39
N ASP A 191 -13.51 -48.79 40.92
CA ASP A 191 -14.40 -48.99 39.78
C ASP A 191 -13.70 -48.71 38.43
N TYR A 192 -13.07 -49.75 37.91
CA TYR A 192 -12.27 -49.68 36.69
C TYR A 192 -13.11 -49.41 35.50
N LYS A 193 -14.37 -49.86 35.49
CA LYS A 193 -15.14 -49.70 34.26
C LYS A 193 -15.53 -48.22 34.12
N LEU A 194 -15.69 -47.57 35.25
CA LEU A 194 -16.10 -46.17 35.25
C LEU A 194 -14.91 -45.17 35.07
N ASN A 195 -13.82 -45.49 35.76
CA ASN A 195 -12.68 -44.59 35.99
C ASN A 195 -11.36 -44.93 35.26
N GLY A 196 -11.37 -45.99 34.45
CA GLY A 196 -10.24 -46.41 33.68
C GLY A 196 -9.36 -47.40 34.44
N ALA A 197 -8.31 -47.87 33.75
CA ALA A 197 -7.39 -48.91 34.30
C ALA A 197 -6.62 -48.60 35.59
N MET A 198 -6.40 -47.32 35.90
CA MET A 198 -5.63 -46.94 37.09
C MET A 198 -6.30 -45.75 37.74
N PRO A 199 -7.44 -46.01 38.44
CA PRO A 199 -8.19 -44.86 38.99
C PRO A 199 -7.37 -44.06 40.01
N ILE A 200 -7.50 -42.72 39.99
CA ILE A 200 -6.83 -41.90 41.02
C ILE A 200 -7.70 -40.69 41.33
N TYR A 201 -7.69 -40.30 42.58
CA TYR A 201 -8.52 -39.24 43.05
C TYR A 201 -7.60 -38.15 43.56
N GLY A 202 -7.91 -36.88 43.29
CA GLY A 202 -7.06 -35.80 43.76
C GLY A 202 -7.36 -35.29 45.14
N GLU A 203 -6.31 -34.96 45.88
CA GLU A 203 -6.41 -34.60 47.27
C GLU A 203 -5.83 -33.20 47.44
N ALA A 204 -5.80 -32.72 48.65
CA ALA A 204 -5.21 -31.44 48.96
C ALA A 204 -3.78 -31.41 48.39
N GLY A 205 -3.37 -30.30 47.76
CA GLY A 205 -2.08 -30.25 47.03
C GLY A 205 -2.18 -30.67 45.57
N ASP A 206 -3.15 -31.46 45.20
CA ASP A 206 -3.39 -31.71 43.78
C ASP A 206 -4.08 -30.54 43.04
N SER A 207 -4.47 -29.51 43.77
CA SER A 207 -4.94 -28.23 43.17
C SER A 207 -4.09 -27.69 42.05
N GLY A 208 -4.70 -27.48 40.89
CA GLY A 208 -3.99 -26.87 39.77
C GLY A 208 -3.45 -27.96 38.87
N SER A 209 -3.40 -29.18 39.38
CA SER A 209 -2.84 -30.33 38.68
C SER A 209 -3.64 -30.60 37.41
N PRO A 210 -2.97 -31.03 36.35
CA PRO A 210 -3.70 -31.02 35.09
C PRO A 210 -4.58 -32.24 34.87
N LEU A 211 -5.58 -32.08 33.97
CA LEU A 211 -6.35 -33.16 33.44
C LEU A 211 -6.10 -33.20 31.92
N PHE A 212 -5.67 -34.33 31.36
CA PHE A 212 -5.50 -34.40 29.90
C PHE A 212 -6.51 -35.33 29.34
N ALA A 213 -6.86 -35.12 28.07
CA ALA A 213 -7.83 -35.98 27.41
C ALA A 213 -7.31 -36.27 26.03
N PHE A 214 -7.59 -37.46 25.51
CA PHE A 214 -7.27 -37.73 24.13
C PHE A 214 -8.45 -37.35 23.28
N ASP A 215 -8.17 -36.53 22.25
CA ASP A 215 -9.12 -35.91 21.38
C ASP A 215 -9.00 -36.57 20.01
N THR A 216 -9.96 -37.44 19.73
CA THR A 216 -9.90 -38.25 18.53
C THR A 216 -10.22 -37.44 17.30
N VAL A 217 -10.76 -36.22 17.44
CA VAL A 217 -11.01 -35.41 16.23
C VAL A 217 -9.67 -34.92 15.64
N GLN A 218 -8.73 -34.64 16.54
CA GLN A 218 -7.46 -34.04 16.24
C GLN A 218 -6.41 -35.14 16.29
N ASN A 219 -6.81 -36.30 16.77
CA ASN A 219 -5.84 -37.41 16.99
C ASN A 219 -4.66 -37.00 17.93
N LYS A 220 -4.97 -36.24 18.97
CA LYS A 220 -3.90 -35.90 19.90
C LYS A 220 -4.38 -35.64 21.30
N TRP A 221 -3.43 -35.65 22.23
CA TRP A 221 -3.73 -35.35 23.61
C TRP A 221 -3.80 -33.86 23.82
N VAL A 222 -4.56 -33.46 24.82
CA VAL A 222 -5.02 -32.08 24.94
C VAL A 222 -5.16 -31.80 26.42
N LEU A 223 -4.65 -30.67 26.91
CA LEU A 223 -5.00 -30.27 28.28
C LEU A 223 -6.45 -29.68 28.37
N VAL A 224 -7.30 -30.27 29.26
CA VAL A 224 -8.68 -29.81 29.27
C VAL A 224 -8.90 -28.90 30.37
N GLY A 225 -8.26 -29.19 31.52
CA GLY A 225 -8.53 -28.36 32.64
C GLY A 225 -7.56 -28.56 33.78
N VAL A 226 -7.80 -27.92 34.93
CA VAL A 226 -6.85 -27.93 36.08
C VAL A 226 -7.67 -28.08 37.34
N LEU A 227 -7.11 -28.76 38.34
CA LEU A 227 -7.97 -29.33 39.41
C LEU A 227 -8.25 -28.34 40.53
N THR A 228 -9.53 -28.18 40.87
CA THR A 228 -9.85 -27.13 41.85
C THR A 228 -10.16 -27.60 43.22
N ALA A 229 -10.81 -28.76 43.30
CA ALA A 229 -11.31 -29.27 44.58
C ALA A 229 -11.73 -30.76 44.54
N GLY A 230 -12.11 -31.26 45.71
CA GLY A 230 -12.79 -32.53 45.87
C GLY A 230 -13.60 -32.61 47.16
N ASN A 231 -14.14 -33.79 47.44
CA ASN A 231 -15.00 -33.97 48.59
C ASN A 231 -14.21 -34.45 49.77
N GLY A 232 -13.05 -33.82 50.05
CA GLY A 232 -12.18 -34.23 51.16
C GLY A 232 -11.46 -35.57 50.97
N ALA A 233 -10.62 -35.94 51.94
CA ALA A 233 -9.82 -37.18 51.92
C ALA A 233 -10.64 -38.47 51.70
N GLY A 234 -10.34 -39.16 50.61
CA GLY A 234 -11.07 -40.37 50.28
C GLY A 234 -12.48 -40.10 49.80
N GLY A 235 -12.75 -38.86 49.33
CA GLY A 235 -14.07 -38.37 48.96
C GLY A 235 -14.51 -38.92 47.63
N ARG A 236 -15.69 -38.55 47.17
CA ARG A 236 -16.30 -39.20 46.03
C ARG A 236 -15.79 -38.61 44.71
N GLY A 237 -15.48 -37.32 44.67
CA GLY A 237 -15.18 -36.76 43.36
C GLY A 237 -14.39 -35.47 43.33
N ASN A 238 -13.96 -35.08 42.14
CA ASN A 238 -13.20 -33.85 41.98
C ASN A 238 -13.87 -32.92 41.00
N ASN A 239 -13.51 -31.64 41.09
CA ASN A 239 -13.90 -30.63 40.08
C ASN A 239 -12.67 -30.07 39.41
N TRP A 240 -12.83 -29.68 38.16
CA TRP A 240 -11.75 -29.01 37.47
C TRP A 240 -12.31 -27.78 36.82
N ALA A 241 -11.47 -26.78 36.63
CA ALA A 241 -11.79 -25.66 35.76
C ALA A 241 -11.28 -25.91 34.35
N VAL A 242 -12.13 -25.72 33.37
CA VAL A 242 -11.78 -25.97 32.01
C VAL A 242 -10.92 -24.84 31.53
N ILE A 243 -9.87 -25.14 30.78
CA ILE A 243 -8.98 -24.07 30.39
C ILE A 243 -9.82 -23.00 29.72
N PRO A 244 -9.77 -21.75 30.21
CA PRO A 244 -10.65 -20.75 29.54
C PRO A 244 -10.05 -20.13 28.29
N LEU A 245 -10.54 -20.48 27.10
CA LEU A 245 -9.87 -20.01 25.86
C LEU A 245 -9.86 -18.50 25.64
N ASP A 246 -10.97 -17.84 25.93
CA ASP A 246 -10.99 -16.38 25.75
C ASP A 246 -10.00 -15.80 26.77
N PHE A 247 -9.97 -16.32 28.00
CA PHE A 247 -9.08 -15.72 28.97
C PHE A 247 -7.57 -15.88 28.61
N ILE A 248 -7.14 -17.09 28.26
CA ILE A 248 -5.71 -17.25 27.98
C ILE A 248 -5.34 -16.45 26.72
N GLY A 249 -6.22 -16.44 25.70
CA GLY A 249 -6.11 -15.50 24.56
C GLY A 249 -5.87 -14.08 25.03
N GLN A 250 -6.69 -13.52 25.93
CA GLN A 250 -6.40 -12.14 26.43
C GLN A 250 -5.02 -12.02 27.12
N LYS A 251 -4.71 -12.90 28.05
CA LYS A 251 -3.37 -12.95 28.67
C LYS A 251 -2.17 -12.95 27.67
N PHE A 252 -2.20 -13.79 26.65
CA PHE A 252 -1.12 -13.75 25.67
C PHE A 252 -1.12 -12.39 24.95
N ASN A 253 -2.29 -11.99 24.52
CA ASN A 253 -2.34 -10.90 23.57
C ASN A 253 -1.92 -9.61 24.23
N GLU A 254 -2.16 -9.49 25.52
CA GLU A 254 -1.99 -8.17 26.13
C GLU A 254 -0.48 -7.87 26.35
N ASP A 255 0.37 -8.87 26.16
CA ASP A 255 1.79 -8.73 26.31
C ASP A 255 2.51 -8.29 25.02
N ASN A 256 1.79 -8.22 23.90
CA ASN A 256 2.41 -7.99 22.61
C ASN A 256 2.32 -6.49 22.28
N ASP A 257 3.42 -5.87 21.87
CA ASP A 257 3.28 -4.51 21.30
C ASP A 257 2.75 -4.66 19.91
N ALA A 258 2.44 -3.55 19.29
CA ALA A 258 1.95 -3.63 17.92
C ALA A 258 3.04 -4.26 17.05
N PRO A 259 2.62 -4.99 16.04
CA PRO A 259 3.50 -5.75 15.19
C PRO A 259 4.36 -4.84 14.27
N VAL A 260 5.68 -4.99 14.42
CA VAL A 260 6.70 -4.23 13.67
C VAL A 260 7.02 -4.73 12.19
N THR A 261 6.52 -4.03 11.15
CA THR A 261 6.89 -4.36 9.77
C THR A 261 7.97 -3.45 9.16
N PHE A 262 9.09 -4.05 8.72
CA PHE A 262 10.10 -3.41 7.83
C PHE A 262 9.57 -3.31 6.38
N ARG A 263 9.74 -2.13 5.79
CA ARG A 263 9.62 -1.94 4.31
C ARG A 263 10.95 -1.31 3.85
N THR A 264 11.51 -1.76 2.72
CA THR A 264 12.86 -1.27 2.29
C THR A 264 12.70 0.20 1.86
N SER A 265 11.51 0.48 1.28
CA SER A 265 11.15 1.80 0.78
C SER A 265 11.40 2.90 1.79
N GLU A 266 10.83 2.77 2.99
CA GLU A 266 11.18 3.69 4.11
C GLU A 266 12.71 3.84 4.43
N GLY A 267 13.54 3.08 3.71
CA GLY A 267 14.91 3.48 3.71
C GLY A 267 15.83 2.54 4.37
N GLY A 268 16.69 3.13 5.20
CA GLY A 268 17.77 2.42 5.84
C GLY A 268 17.16 1.40 6.79
N ALA A 269 17.63 1.41 8.04
CA ALA A 269 17.31 0.36 8.98
C ALA A 269 16.17 0.78 9.97
N LEU A 270 15.84 -0.10 10.94
CA LEU A 270 14.98 0.23 12.08
C LEU A 270 15.96 0.55 13.16
N GLU A 271 15.86 1.75 13.74
CA GLU A 271 16.80 2.15 14.78
C GLU A 271 16.14 2.05 16.13
N TRP A 272 16.90 1.51 17.07
CA TRP A 272 16.26 1.03 18.23
C TRP A 272 16.89 1.83 19.29
N SER A 273 16.11 2.81 19.72
CA SER A 273 16.49 3.57 20.90
C SER A 273 15.67 3.01 22.05
N PHE A 274 16.31 3.05 23.20
CA PHE A 274 15.73 2.63 24.40
C PHE A 274 16.27 3.52 25.50
N ASN A 275 15.34 4.11 26.23
CA ASN A 275 15.66 4.84 27.41
C ASN A 275 15.61 3.87 28.54
N SER A 276 16.74 3.69 29.18
CA SER A 276 16.89 2.88 30.35
C SER A 276 15.81 3.14 31.38
N SER A 277 15.87 4.30 32.06
CA SER A 277 15.17 4.52 33.36
C SER A 277 13.65 4.57 33.29
N THR A 278 13.10 5.02 32.15
CA THR A 278 11.68 4.91 31.91
C THR A 278 11.27 3.48 31.49
N GLY A 279 12.18 2.74 30.84
CA GLY A 279 11.92 1.39 30.38
C GLY A 279 11.17 1.48 29.09
N ALA A 280 11.29 2.58 28.37
CA ALA A 280 10.63 2.67 27.05
C ALA A 280 11.62 2.90 25.91
N GLY A 281 11.17 2.69 24.66
CA GLY A 281 12.05 2.60 23.53
C GLY A 281 11.17 2.74 22.32
N ALA A 282 11.81 2.89 21.16
CA ALA A 282 11.05 2.95 19.92
C ALA A 282 11.87 2.31 18.84
N LEU A 283 11.22 2.01 17.72
CA LEU A 283 11.87 1.42 16.61
C LEU A 283 11.46 2.24 15.46
N THR A 284 12.44 3.00 14.99
CA THR A 284 12.26 4.03 13.96
C THR A 284 13.08 3.78 12.70
N GLN A 285 12.33 3.60 11.61
CA GLN A 285 12.84 3.56 10.27
C GLN A 285 12.48 4.95 9.71
N GLY A 286 13.43 5.89 9.90
CA GLY A 286 13.29 7.35 9.60
C GLY A 286 11.93 8.01 9.87
N THR A 287 10.99 7.86 8.93
CA THR A 287 9.64 8.43 9.10
C THR A 287 8.76 7.72 10.19
N THR A 288 8.22 6.53 9.85
CA THR A 288 7.52 5.60 10.76
C THR A 288 8.20 5.31 12.12
N THR A 289 7.38 5.02 13.13
CA THR A 289 7.94 4.62 14.46
C THR A 289 7.05 3.57 15.22
N TYR A 290 7.70 2.82 16.12
CA TYR A 290 7.07 1.60 16.72
C TYR A 290 7.34 1.61 18.17
N ALA A 291 6.28 1.41 18.97
CA ALA A 291 6.50 1.49 20.40
C ALA A 291 7.14 0.20 20.88
N MET A 292 7.92 0.30 21.93
CA MET A 292 8.53 -0.84 22.50
C MET A 292 8.69 -0.61 24.00
N HIS A 293 8.40 -1.62 24.83
CA HIS A 293 8.52 -1.40 26.26
C HIS A 293 9.46 -2.42 26.81
N GLY A 294 10.26 -2.06 27.79
CA GLY A 294 11.10 -3.06 28.41
C GLY A 294 10.91 -3.05 29.89
N GLN A 295 11.90 -3.55 30.62
CA GLN A 295 11.95 -3.63 32.05
C GLN A 295 11.97 -2.21 32.65
N GLN A 296 11.56 -2.10 33.93
CA GLN A 296 11.43 -0.81 34.66
C GLN A 296 11.83 -1.12 36.09
N GLY A 297 12.99 -0.70 36.54
CA GLY A 297 13.34 -1.09 37.92
C GLY A 297 13.52 -2.60 37.96
N ASN A 298 13.20 -3.23 39.09
CA ASN A 298 13.15 -4.68 39.14
C ASN A 298 11.86 -5.33 38.53
N ASP A 299 11.04 -4.58 37.79
CA ASP A 299 9.76 -5.08 37.26
C ASP A 299 9.85 -5.65 35.83
N LEU A 300 10.03 -6.97 35.69
CA LEU A 300 10.18 -7.54 34.35
C LEU A 300 8.87 -7.52 33.59
N ASN A 301 7.73 -7.50 34.32
CA ASN A 301 6.40 -7.47 33.65
C ASN A 301 6.15 -6.20 32.79
N ALA A 302 6.92 -5.13 33.04
CA ALA A 302 6.73 -3.96 32.19
C ALA A 302 7.13 -4.13 30.72
N GLY A 303 7.96 -5.12 30.39
CA GLY A 303 8.38 -5.36 28.99
C GLY A 303 7.26 -5.86 28.09
N LYS A 304 7.22 -5.46 26.84
CA LYS A 304 6.24 -6.13 25.99
C LYS A 304 6.94 -6.86 24.88
N ASN A 305 6.26 -7.77 24.22
CA ASN A 305 6.88 -8.57 23.19
C ASN A 305 6.90 -7.80 21.85
N LEU A 306 7.88 -8.09 21.01
CA LEU A 306 7.86 -7.60 19.67
C LEU A 306 7.79 -8.74 18.72
N ILE A 307 7.05 -8.52 17.65
CA ILE A 307 6.90 -9.46 16.61
C ILE A 307 7.38 -8.71 15.32
N PHE A 308 8.50 -9.16 14.75
CA PHE A 308 9.12 -8.51 13.58
C PHE A 308 8.82 -9.23 12.29
N GLN A 309 8.41 -8.48 11.28
CA GLN A 309 8.04 -9.08 10.02
C GLN A 309 8.41 -8.16 8.87
N GLY A 310 7.98 -8.52 7.66
CA GLY A 310 8.50 -7.84 6.47
C GLY A 310 9.86 -8.40 5.96
N GLN A 311 9.84 -8.61 4.65
CA GLN A 311 10.94 -9.12 3.88
C GLN A 311 12.33 -8.51 4.12
N ASN A 312 13.24 -9.34 4.65
CA ASN A 312 14.63 -8.92 4.82
C ASN A 312 14.70 -7.64 5.58
N GLY A 313 14.17 -7.71 6.80
CA GLY A 313 14.31 -6.63 7.72
C GLY A 313 15.77 -6.46 8.07
N GLN A 314 16.02 -5.46 8.90
CA GLN A 314 17.32 -4.96 9.25
C GLN A 314 16.99 -4.07 10.43
N ILE A 315 17.70 -4.18 11.56
CA ILE A 315 17.41 -3.40 12.74
C ILE A 315 18.75 -3.00 13.36
N ASN A 316 18.97 -1.73 13.78
CA ASN A 316 20.25 -1.41 14.52
C ASN A 316 19.93 -0.87 15.84
N LEU A 317 20.70 -1.27 16.81
CA LEU A 317 20.49 -0.85 18.17
C LEU A 317 21.33 0.34 18.40
N LYS A 318 20.72 1.50 18.79
CA LYS A 318 21.48 2.63 19.41
C LYS A 318 21.75 2.47 20.93
N ASP A 319 20.81 1.92 21.70
CA ASP A 319 21.09 1.80 23.17
C ASP A 319 21.08 0.34 23.60
N SER A 320 21.75 0.00 24.70
CA SER A 320 21.55 -1.33 25.29
C SER A 320 20.03 -1.44 25.59
N VAL A 321 19.34 -2.46 25.09
CA VAL A 321 17.90 -2.65 25.43
C VAL A 321 17.78 -3.71 26.52
N SER A 322 17.00 -3.45 27.56
CA SER A 322 16.70 -4.47 28.63
C SER A 322 15.23 -4.84 28.57
N GLN A 323 14.92 -5.93 27.89
CA GLN A 323 13.53 -6.02 27.46
C GLN A 323 12.63 -6.60 28.57
N GLY A 324 13.23 -6.96 29.70
CA GLY A 324 12.41 -7.63 30.71
C GLY A 324 11.83 -8.95 30.24
N ALA A 325 10.53 -9.15 30.40
CA ALA A 325 9.95 -10.45 30.01
C ALA A 325 9.35 -10.30 28.57
N GLY A 326 9.63 -9.20 27.87
CA GLY A 326 9.24 -9.15 26.46
C GLY A 326 10.11 -10.10 25.59
N SER A 327 9.53 -10.74 24.60
CA SER A 327 10.31 -11.68 23.85
C SER A 327 10.35 -11.11 22.42
N LEU A 328 11.27 -11.61 21.61
CA LEU A 328 11.22 -11.30 20.18
C LEU A 328 10.79 -12.49 19.37
N THR A 329 10.09 -12.26 18.28
CA THR A 329 9.62 -13.33 17.45
C THR A 329 9.88 -12.85 16.03
N PHE A 330 10.58 -13.64 15.23
CA PHE A 330 10.82 -13.22 13.85
C PHE A 330 10.11 -14.08 12.90
N ARG A 331 9.23 -13.46 12.14
CA ARG A 331 8.42 -14.19 11.20
C ARG A 331 9.07 -14.06 9.82
N ASP A 332 10.10 -13.25 9.73
CA ASP A 332 10.80 -13.06 8.45
C ASP A 332 12.25 -12.81 8.80
N ASN A 333 13.10 -13.00 7.79
CA ASN A 333 14.56 -12.94 7.96
C ASN A 333 14.93 -11.52 8.28
N TYR A 334 15.86 -11.36 9.22
CA TYR A 334 16.22 -10.06 9.68
C TYR A 334 17.69 -10.17 10.02
N THR A 335 18.37 -9.03 10.15
CA THR A 335 19.76 -8.98 10.59
C THR A 335 19.72 -7.88 11.59
N VAL A 336 20.30 -8.12 12.75
CA VAL A 336 20.25 -7.17 13.81
C VAL A 336 21.69 -6.80 14.15
N THR A 337 22.09 -5.55 13.77
CA THR A 337 23.47 -4.94 13.93
C THR A 337 23.63 -3.98 15.10
N THR A 338 24.90 -3.71 15.53
CA THR A 338 25.30 -2.76 16.65
C THR A 338 26.80 -2.24 16.89
N SER A 339 27.07 -0.93 16.67
CA SER A 339 28.50 -0.46 16.58
C SER A 339 28.94 0.18 17.92
N ASN A 340 27.91 0.38 18.75
CA ASN A 340 28.03 1.09 20.01
C ASN A 340 28.38 0.08 21.06
N GLY A 341 28.32 -1.21 20.68
CA GLY A 341 28.35 -2.32 21.72
C GLY A 341 27.07 -2.29 22.57
N SER A 342 25.95 -1.89 21.94
CA SER A 342 24.56 -1.98 22.52
C SER A 342 24.37 -3.52 22.72
N THR A 343 24.09 -3.97 23.96
CA THR A 343 23.58 -5.30 24.26
C THR A 343 22.01 -5.44 24.05
N TRP A 344 21.50 -6.69 24.23
CA TRP A 344 20.05 -6.97 24.37
C TRP A 344 19.84 -8.14 25.25
N THR A 345 18.86 -8.03 26.13
CA THR A 345 18.41 -9.17 26.94
C THR A 345 16.91 -9.02 27.07
N GLY A 346 16.27 -10.13 27.47
CA GLY A 346 14.83 -10.25 27.41
C GLY A 346 14.45 -11.69 27.72
N ALA A 347 13.15 -12.00 27.51
CA ALA A 347 12.67 -13.35 27.77
C ALA A 347 13.30 -14.38 26.76
N GLY A 348 13.45 -14.02 25.46
CA GLY A 348 14.06 -14.88 24.54
C GLY A 348 13.81 -14.48 23.11
N ILE A 349 14.38 -15.26 22.20
CA ILE A 349 13.98 -15.09 20.81
C ILE A 349 13.32 -16.32 20.23
N VAL A 350 12.28 -16.15 19.41
CA VAL A 350 11.68 -17.24 18.69
C VAL A 350 11.94 -16.98 17.21
N VAL A 351 12.45 -17.98 16.50
CA VAL A 351 12.62 -17.76 15.08
C VAL A 351 11.67 -18.73 14.42
N ASP A 352 10.68 -18.20 13.74
CA ASP A 352 9.72 -19.08 13.09
C ASP A 352 10.42 -20.06 12.10
N ASN A 353 9.81 -21.22 11.94
CA ASN A 353 10.30 -22.20 11.03
C ASN A 353 10.54 -21.64 9.59
N GLY A 354 11.73 -21.89 9.06
CA GLY A 354 12.04 -21.46 7.71
C GLY A 354 12.49 -20.01 7.69
N VAL A 355 12.84 -19.47 8.86
CA VAL A 355 13.26 -18.10 9.03
C VAL A 355 14.70 -18.11 9.56
N SER A 356 15.54 -17.17 9.10
CA SER A 356 16.94 -17.05 9.64
C SER A 356 17.19 -15.63 10.03
N VAL A 357 17.85 -15.47 11.16
CA VAL A 357 18.02 -14.20 11.74
C VAL A 357 19.49 -14.14 12.03
N ASN A 358 20.12 -13.14 11.45
CA ASN A 358 21.53 -12.92 11.75
C ASN A 358 21.61 -11.98 12.92
N TRP A 359 22.15 -12.43 14.02
CA TRP A 359 22.05 -11.67 15.25
C TRP A 359 23.41 -11.22 15.72
N GLN A 360 23.70 -9.94 15.64
CA GLN A 360 25.06 -9.53 15.88
C GLN A 360 25.19 -8.67 17.11
N VAL A 361 24.47 -9.03 18.18
CA VAL A 361 24.31 -8.21 19.40
C VAL A 361 24.64 -9.11 20.58
N ASN A 362 25.60 -8.67 21.36
CA ASN A 362 25.98 -9.44 22.50
C ASN A 362 24.98 -9.41 23.62
N GLY A 363 25.24 -10.28 24.60
CA GLY A 363 24.36 -10.44 25.72
C GLY A 363 25.00 -9.58 26.73
N VAL A 364 25.01 -10.04 27.99
CA VAL A 364 25.32 -9.37 29.21
C VAL A 364 25.67 -10.45 30.27
N LYS A 365 26.74 -10.25 31.02
CA LYS A 365 27.16 -11.18 32.08
C LYS A 365 26.05 -11.58 33.02
N GLY A 366 25.92 -12.87 33.30
CA GLY A 366 24.98 -13.37 34.33
C GLY A 366 23.58 -13.59 33.72
N ASP A 367 23.38 -13.18 32.47
CA ASP A 367 22.12 -13.46 31.75
C ASP A 367 22.34 -14.66 30.82
N ASN A 368 21.26 -15.15 30.17
CA ASN A 368 21.26 -16.27 29.28
C ASN A 368 20.28 -15.89 28.24
N LEU A 369 20.67 -15.91 26.99
CA LEU A 369 19.77 -15.71 25.86
C LEU A 369 19.02 -17.04 25.66
N HIS A 370 17.68 -17.00 25.59
CA HIS A 370 16.93 -18.23 25.30
C HIS A 370 16.44 -18.20 23.84
N LYS A 371 16.76 -19.28 23.09
CA LYS A 371 16.38 -19.37 21.68
C LYS A 371 15.46 -20.59 21.44
N ILE A 372 14.38 -20.40 20.67
CA ILE A 372 13.40 -21.43 20.37
C ILE A 372 12.79 -21.07 19.01
N GLY A 373 11.69 -21.73 18.63
CA GLY A 373 11.23 -21.72 17.29
C GLY A 373 12.15 -22.62 16.47
N GLU A 374 11.67 -22.99 15.33
CA GLU A 374 12.34 -23.99 14.50
C GLU A 374 13.29 -23.38 13.47
N GLY A 375 13.29 -22.08 13.32
CA GLY A 375 14.27 -21.43 12.44
C GLY A 375 15.64 -21.29 13.03
N THR A 376 16.46 -20.50 12.37
CA THR A 376 17.90 -20.50 12.63
C THR A 376 18.30 -19.14 13.15
N LEU A 377 19.07 -19.13 14.23
CA LEU A 377 19.62 -17.89 14.74
C LEU A 377 21.12 -17.96 14.49
N THR A 378 21.63 -17.10 13.58
CA THR A 378 23.07 -17.04 13.33
C THR A 378 23.68 -16.04 14.30
N VAL A 379 24.44 -16.50 15.25
CA VAL A 379 25.01 -15.55 16.18
C VAL A 379 26.38 -15.03 15.67
N GLN A 380 26.37 -13.72 15.35
CA GLN A 380 27.53 -13.04 14.72
C GLN A 380 27.87 -11.69 15.42
N GLY A 381 28.11 -11.71 16.71
CA GLY A 381 28.54 -10.50 17.37
C GLY A 381 30.03 -10.38 17.18
N THR A 382 30.60 -9.29 17.71
CA THR A 382 32.06 -9.11 17.71
C THR A 382 32.59 -9.11 19.11
N GLY A 383 33.73 -9.70 19.36
CA GLY A 383 34.29 -9.67 20.73
C GLY A 383 33.87 -10.80 21.64
N ILE A 384 34.28 -10.73 22.91
CA ILE A 384 33.77 -11.62 23.95
C ILE A 384 32.33 -11.25 24.33
N ASN A 385 31.35 -12.11 24.03
CA ASN A 385 29.97 -11.97 24.60
C ASN A 385 30.00 -12.61 25.92
N GLU A 386 29.54 -11.96 26.96
CA GLU A 386 29.68 -12.61 28.31
C GLU A 386 28.35 -13.28 28.77
N GLY A 387 27.25 -12.96 28.06
CA GLY A 387 25.99 -13.74 28.08
C GLY A 387 26.13 -15.26 27.95
N GLY A 388 25.04 -15.97 28.23
CA GLY A 388 25.01 -17.43 28.12
C GLY A 388 24.00 -17.78 27.07
N LEU A 389 23.91 -19.07 26.76
CA LEU A 389 22.92 -19.51 25.75
C LEU A 389 22.11 -20.73 26.18
N LYS A 390 20.79 -20.67 26.05
CA LYS A 390 20.00 -21.86 26.33
C LYS A 390 19.24 -22.01 25.04
N VAL A 391 19.48 -23.11 24.34
CA VAL A 391 18.69 -23.32 23.13
C VAL A 391 17.72 -24.53 23.32
N GLY A 392 16.59 -24.46 22.61
CA GLY A 392 15.56 -25.44 22.79
C GLY A 392 14.89 -25.81 21.52
N ASP A 393 15.08 -25.08 20.41
CA ASP A 393 14.50 -25.53 19.16
C ASP A 393 15.28 -24.99 17.92
N GLY A 394 15.13 -25.63 16.79
CA GLY A 394 15.75 -25.16 15.58
C GLY A 394 17.26 -25.14 15.67
N LYS A 395 17.85 -24.23 14.90
CA LYS A 395 19.30 -24.14 14.80
C LYS A 395 19.88 -22.85 15.36
N VAL A 396 21.01 -22.96 16.03
CA VAL A 396 21.82 -21.81 16.31
C VAL A 396 23.22 -21.96 15.67
N VAL A 397 23.57 -21.10 14.73
CA VAL A 397 24.94 -21.10 14.14
C VAL A 397 25.89 -20.13 14.90
N LEU A 398 26.89 -20.62 15.63
CA LEU A 398 27.84 -19.71 16.32
C LEU A 398 28.94 -19.22 15.36
N ASN A 399 28.87 -17.93 14.99
CA ASN A 399 29.77 -17.28 14.02
C ASN A 399 30.22 -15.99 14.63
N GLN A 400 30.69 -16.00 15.86
CA GLN A 400 31.09 -14.75 16.51
C GLN A 400 32.42 -14.30 15.88
N GLN A 401 32.55 -12.99 15.67
CA GLN A 401 33.73 -12.36 15.07
C GLN A 401 34.75 -11.84 16.12
N ALA A 402 36.02 -11.62 15.70
CA ALA A 402 37.04 -11.15 16.66
C ALA A 402 37.01 -9.62 16.77
N ASP A 403 37.33 -9.13 17.95
CA ASP A 403 37.41 -7.68 18.17
C ASP A 403 38.85 -7.21 17.73
N ASN A 404 39.19 -5.95 18.04
CA ASN A 404 40.52 -5.38 17.74
C ASN A 404 41.59 -5.89 18.68
N LYS A 405 41.23 -6.77 19.59
CA LYS A 405 42.26 -7.40 20.37
C LYS A 405 42.36 -8.87 19.94
N GLY A 406 41.76 -9.17 18.79
CA GLY A 406 41.55 -10.57 18.42
C GLY A 406 40.75 -11.53 19.35
N GLN A 407 40.21 -11.08 20.49
CA GLN A 407 39.41 -11.99 21.33
C GLN A 407 38.01 -12.22 20.74
N VAL A 408 37.52 -13.44 20.93
CA VAL A 408 36.22 -13.87 20.40
C VAL A 408 35.56 -14.81 21.37
N GLN A 409 34.27 -14.56 21.56
CA GLN A 409 33.46 -15.53 22.25
C GLN A 409 31.97 -15.27 21.97
N ALA A 410 31.35 -16.28 21.35
CA ALA A 410 29.94 -16.30 21.10
C ALA A 410 29.07 -16.23 22.41
N PHE A 411 29.49 -16.95 23.48
CA PHE A 411 28.73 -17.16 24.69
C PHE A 411 29.62 -17.76 25.71
N SER A 412 29.30 -17.58 26.99
CA SER A 412 30.07 -18.11 28.14
C SER A 412 29.72 -19.53 28.52
N SER A 413 28.58 -19.98 28.00
CA SER A 413 28.13 -21.37 28.16
C SER A 413 27.00 -21.60 27.16
N VAL A 414 26.80 -22.86 26.80
CA VAL A 414 25.72 -23.16 25.88
C VAL A 414 24.96 -24.34 26.42
N ASN A 415 23.66 -24.25 26.58
CA ASN A 415 22.90 -25.44 27.05
C ASN A 415 21.92 -25.85 25.99
N ILE A 416 21.95 -27.15 25.71
CA ILE A 416 21.19 -27.74 24.61
C ILE A 416 20.19 -28.67 25.21
N ALA A 417 18.87 -28.44 25.01
CA ALA A 417 17.79 -29.18 25.66
C ALA A 417 16.50 -29.38 24.84
N SER A 418 15.76 -30.41 25.27
CA SER A 418 14.48 -30.81 24.68
C SER A 418 14.51 -31.80 23.54
N GLY A 419 15.68 -31.99 22.92
CA GLY A 419 15.83 -33.00 21.84
C GLY A 419 15.60 -32.40 20.48
N ARG A 420 15.18 -31.14 20.43
CA ARG A 420 14.82 -30.54 19.15
C ARG A 420 15.98 -29.75 18.50
N PRO A 421 16.89 -29.18 19.32
CA PRO A 421 17.77 -28.22 18.68
C PRO A 421 19.16 -28.72 18.25
N THR A 422 19.78 -27.98 17.35
CA THR A 422 21.17 -28.16 16.96
C THR A 422 22.00 -26.87 17.09
N VAL A 423 23.21 -27.00 17.60
CA VAL A 423 24.15 -25.86 17.70
C VAL A 423 25.33 -26.13 16.79
N VAL A 424 25.57 -25.25 15.84
CA VAL A 424 26.61 -25.42 14.82
C VAL A 424 27.83 -24.49 15.13
N LEU A 425 29.03 -25.06 15.25
CA LEU A 425 30.28 -24.25 15.37
C LEU A 425 30.95 -23.91 14.03
N THR A 426 30.92 -22.64 13.62
CA THR A 426 31.63 -22.29 12.36
C THR A 426 33.18 -22.54 12.51
N ASP A 427 33.73 -22.25 13.69
CA ASP A 427 35.13 -22.51 13.93
C ASP A 427 35.32 -22.87 15.39
N GLU A 428 36.55 -22.93 15.86
CA GLU A 428 36.86 -23.42 17.23
C GLU A 428 37.01 -22.32 18.25
N ARG A 429 36.76 -21.09 17.84
CA ARG A 429 36.86 -19.95 18.77
C ARG A 429 35.53 -19.40 19.38
N GLN A 430 34.41 -20.01 18.98
CA GLN A 430 33.08 -19.55 19.36
C GLN A 430 32.89 -19.84 20.85
N VAL A 431 33.37 -20.96 21.32
CA VAL A 431 32.94 -21.33 22.69
C VAL A 431 33.98 -22.19 23.32
N ASN A 432 34.15 -22.06 24.63
CA ASN A 432 34.90 -23.06 25.35
C ASN A 432 34.13 -24.38 25.44
N PRO A 433 34.62 -25.46 24.77
CA PRO A 433 33.93 -26.80 24.76
C PRO A 433 33.40 -27.33 26.06
N ASP A 434 34.14 -27.14 27.13
CA ASP A 434 33.72 -27.55 28.47
C ASP A 434 32.52 -26.72 29.01
N THR A 435 32.20 -25.59 28.35
CA THR A 435 31.04 -24.85 28.87
C THR A 435 29.72 -25.21 28.13
N VAL A 436 29.76 -26.21 27.22
CA VAL A 436 28.59 -26.70 26.50
C VAL A 436 27.99 -27.80 27.32
N SER A 437 26.71 -27.74 27.65
CA SER A 437 26.08 -28.87 28.38
C SER A 437 24.81 -29.29 27.63
N TRP A 438 24.35 -30.52 27.83
CA TRP A 438 23.10 -30.93 27.15
C TRP A 438 22.13 -31.17 28.25
N GLY A 439 20.98 -30.49 28.27
CA GLY A 439 19.95 -30.81 29.32
C GLY A 439 18.98 -31.93 28.95
N TYR A 440 17.81 -31.95 29.62
CA TYR A 440 16.67 -32.82 29.32
C TYR A 440 16.42 -33.03 27.84
N ARG A 441 16.61 -34.29 27.48
CA ARG A 441 16.48 -34.81 26.15
C ARG A 441 17.46 -34.25 25.13
N GLY A 442 18.38 -33.40 25.56
CA GLY A 442 19.49 -33.00 24.66
C GLY A 442 19.14 -32.27 23.39
N GLY A 443 19.83 -32.72 22.31
CA GLY A 443 19.96 -31.99 21.07
C GLY A 443 21.38 -32.19 20.53
N THR A 444 21.70 -31.56 19.41
CA THR A 444 22.96 -31.90 18.77
C THR A 444 23.96 -30.76 18.85
N LEU A 445 25.20 -31.07 19.16
CA LEU A 445 26.25 -30.10 18.90
C LEU A 445 26.98 -30.49 17.60
N ASP A 446 26.84 -29.75 16.53
CA ASP A 446 27.51 -30.11 15.29
C ASP A 446 28.89 -29.38 15.18
N VAL A 447 30.00 -30.10 15.41
CA VAL A 447 31.35 -29.48 15.36
C VAL A 447 31.77 -28.99 13.94
N ASN A 448 31.02 -29.34 12.91
CA ASN A 448 31.13 -28.66 11.57
C ASN A 448 32.61 -28.58 11.11
N GLY A 449 33.25 -29.73 11.12
CA GLY A 449 34.63 -29.86 10.69
C GLY A 449 35.69 -29.44 11.67
N ASN A 450 35.34 -28.87 12.80
CA ASN A 450 36.40 -28.42 13.70
C ASN A 450 36.66 -29.46 14.68
N SER A 451 37.95 -29.71 14.95
CA SER A 451 38.44 -30.69 15.89
C SER A 451 38.57 -30.03 17.24
N LEU A 452 38.27 -30.72 18.34
CA LEU A 452 38.16 -30.05 19.65
C LEU A 452 38.54 -30.96 20.76
N THR A 453 38.73 -30.35 21.92
CA THR A 453 39.13 -31.08 23.09
C THR A 453 38.10 -30.75 24.18
N PHE A 454 37.62 -31.78 24.87
CA PHE A 454 36.59 -31.70 25.89
C PHE A 454 37.25 -32.31 27.06
N HIS A 455 37.13 -31.72 28.25
CA HIS A 455 37.55 -32.31 29.53
C HIS A 455 36.38 -32.86 30.25
N GLN A 456 35.20 -32.61 29.68
CA GLN A 456 33.94 -33.15 30.17
C GLN A 456 32.91 -33.15 29.08
N LEU A 457 31.95 -34.07 29.26
CA LEU A 457 30.74 -34.07 28.46
C LEU A 457 29.49 -33.99 29.38
N LYS A 458 29.14 -32.77 29.82
CA LYS A 458 27.96 -32.41 30.66
C LYS A 458 26.60 -32.71 30.00
N ALA A 459 26.22 -33.98 30.08
CA ALA A 459 25.09 -34.47 29.30
C ALA A 459 24.15 -35.23 30.18
N ALA A 460 22.91 -34.79 30.20
CA ALA A 460 21.87 -35.37 31.06
C ALA A 460 21.50 -36.84 30.67
N ASP A 461 21.42 -37.14 29.36
CA ASP A 461 20.82 -38.39 28.91
C ASP A 461 21.20 -38.71 27.44
N TYR A 462 20.54 -39.73 26.90
CA TYR A 462 20.67 -40.26 25.57
C TYR A 462 20.35 -39.28 24.45
N GLY A 463 19.56 -38.24 24.71
CA GLY A 463 19.35 -37.28 23.65
C GLY A 463 20.48 -36.31 23.29
N ALA A 464 21.51 -36.32 24.14
CA ALA A 464 22.77 -35.57 23.99
C ALA A 464 23.61 -36.16 22.89
N VAL A 465 23.69 -35.45 21.78
CA VAL A 465 24.40 -35.92 20.63
C VAL A 465 25.57 -34.98 20.38
N LEU A 466 26.79 -35.55 20.34
CA LEU A 466 27.95 -34.85 19.75
C LEU A 466 28.26 -35.31 18.28
N ALA A 467 28.32 -34.38 17.34
CA ALA A 467 28.34 -34.80 15.96
C ALA A 467 29.21 -33.97 15.01
N ASN A 468 29.44 -34.53 13.83
CA ASN A 468 30.03 -33.82 12.75
C ASN A 468 29.34 -34.16 11.43
N ASN A 469 28.68 -33.17 10.86
CA ASN A 469 27.85 -33.40 9.68
C ASN A 469 28.41 -32.90 8.35
N VAL A 470 29.71 -32.57 8.30
CA VAL A 470 30.35 -32.17 7.02
C VAL A 470 31.50 -33.10 6.63
N ASP A 471 31.91 -33.10 5.37
CA ASP A 471 32.95 -34.08 5.01
C ASP A 471 34.40 -33.76 5.38
N LYS A 472 34.63 -32.61 5.97
CA LYS A 472 35.89 -32.37 6.63
C LYS A 472 35.85 -33.11 7.91
N ARG A 473 36.60 -34.20 8.00
CA ARG A 473 36.62 -35.02 9.24
C ARG A 473 37.20 -34.19 10.34
N ALA A 474 36.85 -34.54 11.58
CA ALA A 474 37.26 -33.80 12.76
C ALA A 474 37.43 -34.79 13.82
N THR A 475 38.30 -34.50 14.77
CA THR A 475 38.60 -35.38 15.82
C THR A 475 38.12 -34.75 17.12
N ILE A 476 37.67 -35.60 18.05
CA ILE A 476 37.24 -35.16 19.34
C ILE A 476 38.19 -35.76 20.30
N THR A 477 38.95 -34.94 20.97
CA THR A 477 39.94 -35.42 21.90
C THR A 477 39.34 -35.20 23.23
N LEU A 478 39.25 -36.28 23.97
CA LEU A 478 38.72 -36.31 25.29
C LEU A 478 39.89 -36.42 26.23
N ASP A 479 39.70 -36.15 27.53
CA ASP A 479 40.78 -35.98 28.53
C ASP A 479 40.24 -35.63 29.93
N TYR A 480 39.42 -36.48 30.56
CA TYR A 480 38.89 -36.12 31.88
C TYR A 480 40.08 -36.22 32.84
N GLY A 486 35.78 -43.09 37.45
CA GLY A 486 35.98 -42.97 35.99
C GLY A 486 35.23 -41.83 35.30
N TYR A 487 34.39 -42.13 34.33
CA TYR A 487 33.59 -41.10 33.65
C TYR A 487 32.45 -41.76 32.86
N LEU A 488 31.27 -41.12 32.84
CA LEU A 488 30.13 -41.72 32.17
C LEU A 488 29.66 -40.78 31.08
N PHE A 489 29.45 -41.30 29.88
CA PHE A 489 28.72 -40.55 28.86
C PHE A 489 27.41 -41.29 28.38
N HIS A 490 26.29 -40.56 28.49
CA HIS A 490 24.96 -41.10 28.32
C HIS A 490 24.58 -40.84 26.91
N GLY A 491 25.36 -39.99 26.22
CA GLY A 491 24.98 -39.41 24.95
C GLY A 491 25.38 -40.26 23.77
N GLN A 492 25.30 -39.69 22.60
CA GLN A 492 25.60 -40.39 21.40
C GLN A 492 26.71 -39.64 20.68
N LEU A 493 27.51 -40.34 19.91
CA LEU A 493 28.56 -39.74 19.07
C LEU A 493 28.22 -40.05 17.63
N LYS A 494 28.12 -39.04 16.77
CA LYS A 494 27.53 -39.29 15.48
C LYS A 494 28.35 -38.70 14.34
N GLY A 495 28.53 -39.49 13.29
CA GLY A 495 28.87 -38.90 11.99
C GLY A 495 30.38 -38.85 11.78
N ASN A 496 30.84 -37.82 11.06
CA ASN A 496 32.26 -37.73 10.56
C ASN A 496 33.37 -37.39 11.60
N LEU A 497 33.59 -38.29 12.54
CA LEU A 497 34.49 -38.08 13.63
C LEU A 497 35.47 -39.23 13.88
N ASN A 498 36.57 -38.89 14.55
CA ASN A 498 37.41 -39.79 15.34
C ASN A 498 37.22 -39.38 16.73
N VAL A 499 37.55 -40.24 17.66
CA VAL A 499 37.48 -39.91 19.07
C VAL A 499 38.75 -40.43 19.72
N ASP A 500 39.50 -39.55 20.38
CA ASP A 500 40.73 -40.01 21.07
C ASP A 500 40.53 -39.96 22.57
N ASN A 501 40.66 -41.11 23.21
CA ASN A 501 40.71 -41.18 24.66
C ASN A 501 42.08 -41.71 25.12
N ARG A 502 43.12 -40.90 24.90
CA ARG A 502 44.52 -41.32 25.25
C ARG A 502 44.84 -40.90 26.66
N LEU A 503 44.71 -41.81 27.60
CA LEU A 503 45.01 -41.47 28.97
C LEU A 503 46.53 -41.46 29.19
N PRO A 504 46.99 -40.63 30.13
CA PRO A 504 48.36 -40.86 30.63
C PRO A 504 48.46 -42.15 31.45
N GLU A 505 49.69 -42.71 31.49
CA GLU A 505 50.02 -44.06 32.04
C GLU A 505 49.61 -44.33 33.47
N GLY A 506 49.25 -45.58 33.75
CA GLY A 506 48.97 -46.06 35.12
C GLY A 506 47.62 -45.70 35.71
N VAL A 507 46.75 -45.05 34.91
CA VAL A 507 45.34 -44.73 35.34
C VAL A 507 44.41 -46.01 35.37
N THR A 508 43.48 -46.10 36.31
CA THR A 508 42.55 -47.23 36.24
C THR A 508 41.08 -46.84 36.32
N GLY A 509 40.80 -45.66 35.79
CA GLY A 509 39.43 -45.15 35.64
C GLY A 509 38.77 -45.49 34.30
N ALA A 510 37.71 -46.31 34.35
CA ALA A 510 36.85 -46.63 33.20
C ALA A 510 36.09 -45.46 32.59
N LEU A 511 36.24 -45.25 31.31
CA LEU A 511 35.34 -44.42 30.50
C LEU A 511 34.19 -45.36 30.13
N VAL A 512 32.95 -44.98 30.55
CA VAL A 512 31.74 -45.81 30.35
C VAL A 512 30.74 -45.11 29.46
N MET A 513 30.27 -45.85 28.44
CA MET A 513 29.28 -45.35 27.48
C MET A 513 28.09 -46.27 27.46
N ASP A 514 26.93 -45.77 27.89
CA ASP A 514 25.65 -46.51 27.90
C ASP A 514 24.67 -45.80 26.95
N GLY A 515 25.26 -44.92 26.14
CA GLY A 515 24.60 -44.20 25.04
C GLY A 515 24.80 -44.95 23.72
N ALA A 516 25.29 -44.27 22.64
CA ALA A 516 25.50 -45.00 21.40
C ALA A 516 26.49 -44.29 20.53
N ALA A 517 26.90 -44.92 19.44
CA ALA A 517 27.90 -44.28 18.62
C ALA A 517 27.70 -44.75 17.20
N ASP A 518 27.79 -43.86 16.25
CA ASP A 518 27.78 -44.27 14.88
C ASP A 518 28.63 -43.29 14.15
N ILE A 519 29.91 -43.60 14.08
CA ILE A 519 30.90 -42.70 13.49
C ILE A 519 31.71 -43.35 12.33
N SER A 520 32.19 -42.52 11.40
CA SER A 520 32.88 -42.99 10.24
C SER A 520 34.38 -43.19 10.45
N GLY A 521 34.90 -42.65 11.56
CA GLY A 521 36.31 -42.76 11.84
C GLY A 521 36.69 -43.64 13.00
N THR A 522 37.80 -43.31 13.64
CA THR A 522 38.35 -44.22 14.59
C THR A 522 38.15 -43.75 15.98
N PHE A 523 37.91 -44.70 16.89
CA PHE A 523 37.89 -44.49 18.30
C PHE A 523 39.18 -45.06 18.89
N THR A 524 40.00 -44.24 19.56
CA THR A 524 41.31 -44.69 20.13
C THR A 524 41.28 -44.60 21.65
N GLN A 525 41.47 -45.70 22.35
CA GLN A 525 41.79 -45.69 23.78
C GLN A 525 43.20 -46.19 24.03
N GLU A 526 43.90 -45.47 24.91
CA GLU A 526 45.24 -45.84 25.32
C GLU A 526 45.28 -45.76 26.81
N ASN A 527 45.59 -46.89 27.45
CA ASN A 527 45.56 -47.06 28.91
C ASN A 527 44.15 -46.97 29.40
N GLY A 528 43.95 -47.43 30.66
CA GLY A 528 42.69 -47.33 31.36
C GLY A 528 41.72 -48.48 31.10
N ARG A 529 40.41 -48.14 31.12
CA ARG A 529 39.29 -49.00 30.71
C ARG A 529 38.37 -48.27 29.77
N LEU A 530 37.74 -49.06 28.89
CA LEU A 530 36.62 -48.64 28.09
C LEU A 530 35.50 -49.68 28.18
N THR A 531 34.28 -49.23 28.43
CA THR A 531 33.15 -50.16 28.56
C THR A 531 32.03 -49.57 27.73
N LEU A 532 31.67 -50.27 26.67
CA LEU A 532 30.52 -49.90 25.86
C LEU A 532 29.40 -50.85 26.30
N GLN A 533 28.17 -50.36 26.56
CA GLN A 533 27.09 -51.24 27.10
C GLN A 533 25.68 -50.67 26.83
N GLY A 534 24.66 -51.48 27.16
CA GLY A 534 23.25 -51.11 27.03
C GLY A 534 22.86 -50.33 28.29
N HIS A 535 21.59 -49.94 28.38
CA HIS A 535 21.22 -49.01 29.41
C HIS A 535 19.92 -49.44 30.00
N PRO A 536 19.92 -49.82 31.26
CA PRO A 536 18.68 -50.21 31.91
C PRO A 536 17.61 -49.08 31.83
N VAL A 537 16.34 -49.44 31.63
CA VAL A 537 15.21 -48.49 31.63
C VAL A 537 15.16 -47.72 32.95
N ILE A 538 15.17 -46.39 32.88
CA ILE A 538 14.95 -45.57 34.08
C ILE A 538 13.49 -45.68 34.60
N HIS A 539 13.35 -45.94 35.90
CA HIS A 539 12.08 -46.03 36.61
C HIS A 539 11.98 -44.95 37.71
N ALA A 540 10.75 -44.65 38.16
CA ALA A 540 10.61 -43.72 39.31
C ALA A 540 11.09 -44.39 40.55
N TYR A 541 11.46 -43.62 41.54
CA TYR A 541 11.79 -44.17 42.89
C TYR A 541 11.46 -43.21 44.00
N ASN A 542 11.53 -43.72 45.22
CA ASN A 542 11.19 -43.00 46.42
C ASN A 542 12.30 -43.16 47.47
N THR A 543 12.11 -42.54 48.63
CA THR A 543 13.11 -42.74 49.71
C THR A 543 12.94 -44.14 50.30
N GLN A 544 13.83 -44.51 51.19
CA GLN A 544 13.83 -45.85 51.71
C GLN A 544 12.67 -46.01 52.70
N SER A 545 12.37 -44.92 53.45
CA SER A 545 11.20 -44.86 54.33
C SER A 545 9.93 -45.06 53.57
N VAL A 546 9.74 -44.36 52.44
CA VAL A 546 8.47 -44.60 51.76
C VAL A 546 8.41 -46.02 51.19
N ALA A 547 9.52 -46.53 50.69
CA ALA A 547 9.52 -47.92 50.19
C ALA A 547 9.22 -48.95 51.29
N ASP A 548 9.74 -48.70 52.50
CA ASP A 548 9.46 -49.55 53.67
C ASP A 548 7.99 -49.51 54.17
N LYS A 549 7.44 -48.31 54.33
CA LYS A 549 6.03 -48.14 54.67
C LYS A 549 5.16 -49.00 53.76
N LEU A 550 5.31 -48.81 52.45
CA LEU A 550 4.67 -49.69 51.48
C LEU A 550 5.04 -51.16 51.56
N ALA A 551 6.27 -51.50 51.92
CA ALA A 551 6.60 -52.91 52.16
C ALA A 551 5.85 -53.37 53.41
N ALA A 552 5.88 -52.55 54.46
CA ALA A 552 5.08 -52.76 55.65
C ALA A 552 3.63 -53.13 55.32
N SER A 553 3.04 -52.48 54.31
CA SER A 553 1.64 -52.76 53.96
C SER A 553 1.55 -53.86 52.90
N GLY A 554 2.68 -54.52 52.64
CA GLY A 554 2.70 -55.69 51.75
C GLY A 554 2.88 -55.41 50.26
N ASP A 555 3.18 -54.15 49.89
CA ASP A 555 3.48 -53.79 48.51
C ASP A 555 5.02 -53.63 48.39
N HIS A 556 5.66 -54.49 47.58
CA HIS A 556 7.11 -54.48 47.45
C HIS A 556 7.54 -53.84 46.15
N SER A 557 6.63 -53.15 45.50
CA SER A 557 6.95 -52.60 44.21
C SER A 557 7.81 -51.34 44.25
N VAL A 558 8.02 -50.71 45.41
CA VAL A 558 8.59 -49.36 45.40
C VAL A 558 10.11 -49.36 45.30
N LEU A 559 10.61 -48.71 44.27
CA LEU A 559 12.02 -48.63 44.04
C LEU A 559 12.72 -47.54 44.83
N THR A 560 14.01 -47.75 45.11
CA THR A 560 14.85 -46.74 45.76
C THR A 560 16.01 -46.20 44.93
N GLN A 561 16.16 -46.60 43.67
CA GLN A 561 17.12 -45.97 42.73
C GLN A 561 16.53 -46.02 41.29
N PRO A 562 16.98 -45.12 40.39
CA PRO A 562 16.38 -45.07 39.04
C PRO A 562 16.61 -46.35 38.22
N THR A 563 17.82 -46.92 38.32
CA THR A 563 18.23 -48.12 37.58
C THR A 563 18.99 -49.10 38.48
N SER A 564 18.94 -50.39 38.16
CA SER A 564 19.64 -51.41 38.91
C SER A 564 20.17 -52.54 38.01
N PHE A 565 21.12 -53.30 38.56
CA PHE A 565 21.78 -54.39 37.90
C PHE A 565 20.88 -55.57 37.62
N SER A 566 19.97 -55.89 38.52
CA SER A 566 19.06 -57.02 38.33
C SER A 566 17.71 -56.75 37.58
N GLN A 567 17.38 -55.53 37.16
CA GLN A 567 16.11 -55.33 36.44
C GLN A 567 16.17 -56.01 35.07
N GLU A 568 15.00 -56.46 34.58
CA GLU A 568 14.87 -57.16 33.26
C GLU A 568 14.84 -56.24 32.06
N ASP A 569 14.44 -54.96 32.26
CA ASP A 569 14.26 -54.08 31.11
C ASP A 569 15.47 -53.19 30.84
N TRP A 570 16.15 -53.50 29.74
CA TRP A 570 17.30 -52.73 29.34
C TRP A 570 17.07 -52.19 27.93
N GLU A 571 17.65 -51.05 27.59
CA GLU A 571 17.53 -50.55 26.22
C GLU A 571 18.75 -51.08 25.42
N ASN A 572 18.52 -51.49 24.18
CA ASN A 572 19.65 -51.92 23.36
C ASN A 572 20.33 -50.71 22.79
N ARG A 573 21.67 -50.79 22.77
CA ARG A 573 22.50 -49.75 22.28
C ARG A 573 23.39 -50.29 21.18
N SER A 574 23.75 -49.42 20.26
CA SER A 574 24.53 -49.89 19.21
C SER A 574 25.74 -48.97 18.96
N PHE A 575 26.93 -49.56 18.82
CA PHE A 575 28.18 -48.80 18.63
C PHE A 575 28.84 -49.15 17.31
N THR A 576 29.05 -48.18 16.44
CA THR A 576 29.64 -48.46 15.14
C THR A 576 30.78 -47.48 14.87
N PHE A 577 31.95 -48.03 14.61
CA PHE A 577 33.18 -47.26 14.24
C PHE A 577 33.86 -47.89 13.05
N ASP A 578 34.48 -47.08 12.20
CA ASP A 578 35.42 -47.68 11.25
C ASP A 578 36.44 -48.58 12.00
N ARG A 579 36.95 -48.09 13.12
CA ARG A 579 37.97 -48.83 13.78
C ARG A 579 38.00 -48.47 15.24
N LEU A 580 38.16 -49.51 16.06
CA LEU A 580 38.35 -49.38 17.49
C LEU A 580 39.78 -49.77 17.91
N SER A 581 40.65 -48.78 17.98
CA SER A 581 42.09 -48.95 18.31
C SER A 581 42.35 -48.89 19.80
N LEU A 582 42.91 -49.97 20.34
CA LEU A 582 43.05 -50.20 21.80
C LEU A 582 44.50 -50.53 22.17
N LYS A 583 45.14 -49.67 22.96
CA LYS A 583 46.54 -49.89 23.39
C LYS A 583 46.68 -49.83 24.88
N ASN A 584 47.08 -50.92 25.49
CA ASN A 584 47.26 -51.01 26.96
C ASN A 584 45.96 -50.83 27.75
N THR A 585 44.82 -51.05 27.09
CA THR A 585 43.54 -50.97 27.78
C THR A 585 42.94 -52.26 28.24
N ASP A 586 41.90 -52.10 29.05
CA ASP A 586 40.96 -53.16 29.36
C ASP A 586 39.62 -52.73 28.72
N PHE A 587 39.08 -53.53 27.79
CA PHE A 587 37.94 -53.12 26.99
C PHE A 587 36.85 -54.10 27.19
N GLY A 588 35.61 -53.66 27.33
CA GLY A 588 34.49 -54.54 27.70
C GLY A 588 33.24 -54.09 26.93
N LEU A 589 32.43 -55.05 26.46
CA LEU A 589 31.22 -54.76 25.76
C LEU A 589 30.28 -55.52 26.64
N GLY A 590 29.43 -54.81 27.39
CA GLY A 590 28.46 -55.46 28.26
C GLY A 590 27.13 -55.75 27.59
N ARG A 591 26.22 -56.28 28.37
CA ARG A 591 24.89 -56.66 27.89
C ARG A 591 24.17 -55.52 27.23
N ASN A 592 23.31 -55.90 26.27
CA ASN A 592 22.37 -55.06 25.54
C ASN A 592 23.05 -54.09 24.62
N ALA A 593 24.24 -54.45 24.20
CA ALA A 593 25.02 -53.62 23.22
C ALA A 593 25.47 -54.42 22.00
N THR A 594 25.53 -53.74 20.86
CA THR A 594 25.98 -54.32 19.64
C THR A 594 27.15 -53.45 19.20
N LEU A 595 28.21 -54.11 18.78
CA LEU A 595 29.40 -53.40 18.31
C LEU A 595 29.73 -53.80 16.87
N ASN A 596 29.95 -52.82 16.00
CA ASN A 596 30.27 -53.10 14.62
C ASN A 596 31.52 -52.38 14.32
N THR A 597 32.62 -53.12 14.39
CA THR A 597 33.91 -52.51 14.12
C THR A 597 35.00 -53.54 13.72
N THR A 598 36.09 -53.00 13.24
CA THR A 598 37.39 -53.64 13.30
C THR A 598 38.10 -53.18 14.61
N ILE A 599 38.26 -54.13 15.54
CA ILE A 599 39.14 -53.98 16.70
C ILE A 599 40.63 -54.26 16.38
N GLN A 600 41.47 -53.32 16.74
CA GLN A 600 42.92 -53.32 16.51
C GLN A 600 43.51 -53.17 17.87
N ALA A 601 43.88 -54.27 18.50
CA ALA A 601 44.32 -54.29 19.89
C ALA A 601 45.80 -54.63 20.00
N ASP A 602 46.43 -53.95 20.95
CA ASP A 602 47.84 -54.02 21.29
C ASP A 602 47.93 -54.05 22.82
N ASN A 603 48.36 -55.17 23.38
CA ASN A 603 48.55 -55.37 24.81
C ASN A 603 47.29 -55.07 25.69
N SER A 604 46.12 -55.25 25.05
CA SER A 604 44.84 -54.91 25.65
C SER A 604 44.06 -56.18 25.85
N SER A 605 43.18 -56.24 26.85
CA SER A 605 42.16 -57.31 26.90
C SER A 605 40.88 -56.77 26.23
N VAL A 606 40.08 -57.68 25.66
CA VAL A 606 38.81 -57.33 25.03
C VAL A 606 37.86 -58.42 25.35
N THR A 607 36.86 -58.09 26.15
CA THR A 607 35.92 -59.07 26.69
C THR A 607 34.57 -58.77 26.02
N LEU A 608 34.19 -59.61 25.07
CA LEU A 608 32.93 -59.42 24.36
C LEU A 608 31.83 -60.16 25.11
N GLY A 609 30.95 -59.42 25.80
CA GLY A 609 30.04 -60.03 26.74
C GLY A 609 30.66 -59.99 28.11
N ASP A 610 31.09 -58.82 28.51
CA ASP A 610 31.72 -58.59 29.81
C ASP A 610 30.63 -58.50 30.86
N SER A 611 30.77 -59.21 31.97
CA SER A 611 29.69 -59.14 32.95
C SER A 611 29.79 -57.95 33.90
N ARG A 612 30.88 -57.20 33.81
CA ARG A 612 31.04 -56.02 34.63
C ARG A 612 30.37 -54.84 33.89
N VAL A 613 29.32 -54.28 34.50
CA VAL A 613 28.59 -53.17 33.84
C VAL A 613 28.30 -52.10 34.89
N PHE A 614 27.70 -50.99 34.46
CA PHE A 614 27.62 -49.83 35.35
C PHE A 614 26.25 -49.20 35.36
N ILE A 615 25.86 -48.63 36.51
CA ILE A 615 24.66 -47.79 36.62
C ILE A 615 25.01 -46.43 37.13
N ASP A 616 24.17 -45.45 36.82
CA ASP A 616 24.26 -44.11 37.31
C ASP A 616 23.15 -43.93 38.36
N LYS A 617 23.56 -43.79 39.61
CA LYS A 617 22.63 -43.50 40.67
C LYS A 617 21.83 -42.20 40.49
N ASN A 618 22.29 -41.29 39.64
CA ASN A 618 21.59 -40.05 39.39
C ASN A 618 20.91 -40.09 38.01
N ASP A 619 20.88 -41.27 37.40
CA ASP A 619 20.37 -41.37 36.02
C ASP A 619 18.96 -40.76 35.93
N GLY A 620 18.78 -39.76 35.07
CA GLY A 620 17.49 -39.09 34.92
C GLY A 620 17.30 -37.84 35.78
N GLN A 621 18.19 -37.59 36.74
CA GLN A 621 18.21 -36.31 37.50
C GLN A 621 19.07 -35.20 36.94
N GLY A 622 19.52 -35.28 35.70
CA GLY A 622 20.37 -34.22 35.18
C GLY A 622 21.79 -34.66 34.84
N THR A 623 22.70 -33.68 34.69
CA THR A 623 24.03 -33.93 34.13
C THR A 623 24.99 -34.50 35.15
N ALA A 624 24.71 -34.33 36.44
CA ALA A 624 25.56 -34.94 37.46
C ALA A 624 25.27 -36.41 37.44
N PHE A 625 26.30 -37.24 37.62
CA PHE A 625 26.14 -38.70 37.63
C PHE A 625 26.90 -39.32 38.78
N THR A 626 26.46 -40.49 39.26
CA THR A 626 27.20 -41.29 40.23
C THR A 626 27.35 -42.75 39.74
N LEU A 627 28.49 -43.03 39.11
CA LEU A 627 28.85 -44.37 38.67
C LEU A 627 28.89 -45.40 39.74
N GLU A 628 28.22 -46.49 39.53
CA GLU A 628 28.54 -47.63 40.32
C GLU A 628 28.76 -48.84 39.37
N GLU A 629 29.82 -49.60 39.61
CA GLU A 629 30.10 -50.89 38.94
C GLU A 629 29.43 -52.10 39.62
N GLY A 630 28.87 -53.00 38.83
CA GLY A 630 28.25 -54.22 39.38
C GLY A 630 28.32 -55.35 38.37
N THR A 631 27.50 -56.36 38.55
CA THR A 631 27.50 -57.53 37.71
C THR A 631 26.11 -57.71 37.10
N SER A 632 26.04 -57.83 35.78
CA SER A 632 24.73 -58.20 35.17
C SER A 632 24.94 -59.06 33.94
N VAL A 633 24.50 -60.30 34.03
CA VAL A 633 24.75 -61.26 32.96
C VAL A 633 23.47 -61.44 32.12
N ALA A 634 23.59 -61.22 30.81
CA ALA A 634 22.48 -61.47 29.89
C ALA A 634 22.15 -62.94 29.79
N THR A 635 20.94 -63.38 30.12
CA THR A 635 20.61 -64.78 29.96
C THR A 635 19.71 -65.06 28.76
N LYS A 636 19.06 -64.04 28.22
CA LYS A 636 18.09 -64.20 27.18
C LYS A 636 18.72 -63.64 25.95
N ASP A 637 18.53 -64.29 24.83
CA ASP A 637 19.20 -63.89 23.60
C ASP A 637 19.00 -62.44 23.28
N ALA A 638 17.80 -61.94 23.56
CA ALA A 638 17.49 -60.53 23.28
C ALA A 638 18.40 -59.51 24.04
N ASP A 639 18.93 -59.89 25.21
CA ASP A 639 19.74 -58.99 26.00
C ASP A 639 21.24 -59.20 25.81
N LYS A 640 21.60 -60.19 24.98
CA LYS A 640 23.01 -60.58 24.87
C LYS A 640 23.76 -59.65 23.98
N SER A 641 24.99 -59.26 24.38
CA SER A 641 25.85 -58.47 23.45
C SER A 641 26.10 -59.12 22.09
N VAL A 642 26.27 -58.27 21.08
CA VAL A 642 26.56 -58.75 19.74
C VAL A 642 27.84 -58.09 19.24
N PHE A 643 28.70 -58.88 18.63
CA PHE A 643 29.84 -58.31 17.96
C PHE A 643 29.96 -58.76 16.51
N ASN A 644 30.11 -57.81 15.58
CA ASN A 644 30.37 -58.09 14.20
C ASN A 644 31.57 -57.37 13.70
N GLY A 645 32.52 -58.15 13.18
CA GLY A 645 33.64 -57.56 12.47
C GLY A 645 34.89 -58.38 12.70
N THR A 646 36.03 -57.72 12.75
CA THR A 646 37.34 -58.38 12.75
C THR A 646 38.06 -57.98 14.01
N VAL A 647 38.69 -58.94 14.69
CA VAL A 647 39.57 -58.67 15.83
C VAL A 647 41.04 -58.97 15.43
N ASN A 648 41.80 -57.94 15.05
CA ASN A 648 43.27 -57.95 15.08
C ASN A 648 43.84 -57.84 16.49
N LEU A 649 44.52 -58.89 16.93
CA LEU A 649 45.21 -58.91 18.21
C LEU A 649 46.72 -58.94 18.04
N ASP A 650 47.43 -58.15 18.82
CA ASP A 650 48.91 -58.10 18.77
C ASP A 650 49.48 -57.97 20.16
N ASN A 651 50.71 -58.45 20.34
CA ASN A 651 51.58 -58.05 21.43
C ASN A 651 50.98 -58.22 22.83
N GLN A 652 50.61 -59.45 23.17
CA GLN A 652 50.08 -59.81 24.51
C GLN A 652 48.58 -59.51 24.72
N SER A 653 47.88 -59.07 23.66
CA SER A 653 46.40 -58.94 23.72
C SER A 653 45.68 -60.22 24.12
N VAL A 654 44.53 -60.09 24.79
CA VAL A 654 43.63 -61.22 25.15
C VAL A 654 42.22 -60.89 24.65
N LEU A 655 41.55 -61.85 24.01
CA LEU A 655 40.19 -61.70 23.48
C LEU A 655 39.36 -62.72 24.17
N ASN A 656 38.28 -62.33 24.83
CA ASN A 656 37.41 -63.30 25.53
C ASN A 656 36.07 -63.24 24.82
N ILE A 657 35.67 -64.32 24.17
CA ILE A 657 34.42 -64.27 23.44
C ILE A 657 33.35 -64.90 24.32
N ASN A 658 32.52 -64.08 24.96
CA ASN A 658 31.31 -64.60 25.67
C ASN A 658 29.96 -64.16 25.13
N ASP A 659 29.90 -63.66 23.91
CA ASP A 659 28.64 -63.11 23.44
C ASP A 659 28.30 -63.67 22.04
N ILE A 660 27.37 -63.02 21.34
CA ILE A 660 27.06 -63.43 20.01
C ILE A 660 28.10 -62.81 19.08
N PHE A 661 29.02 -63.67 18.63
CA PHE A 661 30.21 -63.19 17.98
C PHE A 661 30.19 -63.63 16.56
N ASN A 662 30.52 -62.73 15.64
CA ASN A 662 30.68 -63.03 14.20
C ASN A 662 31.87 -62.27 13.62
N GLY A 663 33.02 -62.91 13.50
CA GLY A 663 34.19 -62.21 13.08
C GLY A 663 35.38 -63.07 12.70
N GLY A 664 36.26 -62.50 11.86
CA GLY A 664 37.56 -63.11 11.61
C GLY A 664 38.55 -62.61 12.65
N ILE A 665 39.51 -63.46 13.03
CA ILE A 665 40.58 -63.12 14.02
C ILE A 665 41.97 -63.13 13.35
N GLN A 666 42.69 -62.02 13.41
CA GLN A 666 44.09 -61.97 13.02
C GLN A 666 44.92 -61.69 14.27
N ALA A 667 45.62 -62.72 14.75
CA ALA A 667 46.30 -62.66 16.04
C ALA A 667 47.82 -62.96 15.94
N ASN A 668 48.60 -62.19 16.67
CA ASN A 668 50.02 -62.47 16.88
C ASN A 668 50.41 -62.36 18.37
N ASN A 669 51.06 -63.38 18.91
CA ASN A 669 51.56 -63.36 20.29
C ASN A 669 50.50 -62.94 21.28
N SER A 670 49.36 -63.62 21.26
CA SER A 670 48.26 -63.25 22.16
C SER A 670 47.55 -64.52 22.52
N THR A 671 46.27 -64.43 22.90
CA THR A 671 45.42 -65.54 23.33
C THR A 671 44.00 -65.22 22.98
N VAL A 672 43.22 -66.27 22.67
CA VAL A 672 41.78 -66.09 22.56
C VAL A 672 41.09 -67.15 23.36
N ASN A 673 40.16 -66.72 24.19
CA ASN A 673 39.41 -67.65 25.04
C ASN A 673 37.99 -67.51 24.64
N ILE A 674 37.33 -68.62 24.41
CA ILE A 674 35.96 -68.56 24.03
C ILE A 674 35.13 -69.29 25.06
N SER A 675 34.14 -68.63 25.65
CA SER A 675 33.19 -69.42 26.38
C SER A 675 31.77 -69.27 25.85
N SER A 676 31.59 -68.40 24.86
CA SER A 676 30.28 -68.27 24.23
C SER A 676 29.80 -69.53 23.52
N ASP A 677 28.50 -69.83 23.62
CA ASP A 677 27.90 -70.93 22.89
C ASP A 677 27.30 -70.50 21.56
N SER A 678 27.65 -69.31 21.03
CA SER A 678 27.25 -68.89 19.67
C SER A 678 28.33 -68.03 19.09
N ALA A 679 29.54 -68.55 18.90
CA ALA A 679 30.56 -67.83 18.19
C ALA A 679 30.73 -68.42 16.79
N VAL A 680 30.96 -67.54 15.82
CA VAL A 680 31.17 -67.92 14.44
C VAL A 680 32.43 -67.21 14.05
N LEU A 681 33.47 -67.98 13.79
CA LEU A 681 34.75 -67.36 13.44
C LEU A 681 34.89 -67.41 11.94
N GLY A 682 35.12 -66.29 11.28
CA GLY A 682 35.39 -66.33 9.86
C GLY A 682 36.88 -66.56 9.62
N ASN A 683 37.31 -66.28 8.41
CA ASN A 683 38.70 -66.42 8.06
C ASN A 683 39.71 -65.92 9.11
N SER A 684 40.46 -66.85 9.74
CA SER A 684 41.36 -66.52 10.84
C SER A 684 42.79 -67.03 10.75
N THR A 685 43.73 -66.24 11.25
CA THR A 685 45.13 -66.61 11.34
C THR A 685 45.77 -66.28 12.68
N LEU A 686 46.20 -67.28 13.42
CA LEU A 686 46.83 -67.14 14.71
C LEU A 686 48.31 -67.59 14.69
N THR A 687 49.23 -66.71 15.08
CA THR A 687 50.67 -66.93 15.13
C THR A 687 51.08 -66.69 16.57
N SER A 688 51.70 -67.67 17.22
CA SER A 688 51.93 -67.70 18.69
C SER A 688 50.73 -67.26 19.54
N THR A 689 49.62 -67.98 19.37
CA THR A 689 48.36 -67.59 20.00
C THR A 689 47.58 -68.84 20.25
N ALA A 690 47.49 -69.21 21.52
CA ALA A 690 46.61 -70.31 21.91
C ALA A 690 45.13 -69.91 21.66
N LEU A 691 44.30 -70.88 21.31
CA LEU A 691 42.89 -70.65 21.15
C LEU A 691 42.18 -71.63 22.09
N ASN A 692 41.64 -71.08 23.19
CA ASN A 692 40.94 -71.86 24.24
C ASN A 692 39.44 -71.76 24.15
N LEU A 693 38.79 -72.90 24.02
CA LEU A 693 37.36 -72.99 24.10
C LEU A 693 37.13 -73.68 25.39
N ASN A 694 36.45 -73.02 26.33
CA ASN A 694 36.26 -73.58 27.66
C ASN A 694 34.87 -74.07 27.85
N LYS A 695 34.55 -74.49 29.06
CA LYS A 695 33.40 -75.37 29.28
C LYS A 695 32.08 -74.73 28.88
N GLY A 696 31.37 -75.37 27.96
CA GLY A 696 29.98 -74.98 27.65
C GLY A 696 29.99 -74.23 26.33
N ALA A 697 31.21 -73.88 25.86
CA ALA A 697 31.38 -73.09 24.63
C ALA A 697 31.05 -73.93 23.40
N ASN A 698 30.71 -73.26 22.30
CA ASN A 698 30.26 -73.87 21.08
C ASN A 698 30.54 -72.90 19.95
N ALA A 699 31.55 -73.24 19.16
CA ALA A 699 32.04 -72.39 18.14
C ALA A 699 32.09 -73.05 16.73
N LEU A 700 31.85 -72.23 15.72
CA LEU A 700 31.98 -72.66 14.34
C LEU A 700 33.13 -71.90 13.70
N ALA A 701 34.08 -72.60 13.09
CA ALA A 701 35.05 -71.96 12.19
C ALA A 701 34.44 -72.08 10.79
N SER A 702 33.93 -70.96 10.31
CA SER A 702 33.00 -71.05 9.20
C SER A 702 33.78 -70.90 7.91
N GLN A 703 35.03 -70.46 8.00
CA GLN A 703 35.84 -70.33 6.82
C GLN A 703 37.21 -70.99 7.07
N SER A 704 38.29 -70.51 6.46
CA SER A 704 39.57 -71.08 6.75
C SER A 704 40.10 -70.63 8.11
N PHE A 705 40.89 -71.52 8.71
CA PHE A 705 41.43 -71.34 10.04
C PHE A 705 42.81 -71.92 10.06
N VAL A 706 43.79 -71.03 10.28
CA VAL A 706 45.19 -71.41 10.29
C VAL A 706 45.93 -70.95 11.56
N SER A 707 46.32 -71.89 12.40
CA SER A 707 47.19 -71.55 13.53
C SER A 707 48.47 -72.41 13.54
N ASP A 708 49.59 -71.78 13.91
CA ASP A 708 50.84 -72.51 14.19
C ASP A 708 50.88 -73.04 15.62
N GLY A 709 49.71 -73.10 16.28
CA GLY A 709 49.65 -73.25 17.74
C GLY A 709 48.57 -74.20 18.18
N PRO A 710 48.34 -74.33 19.50
CA PRO A 710 47.33 -75.22 20.05
C PRO A 710 45.91 -74.62 19.99
N VAL A 711 44.92 -75.51 19.95
CA VAL A 711 43.53 -75.18 19.90
C VAL A 711 43.06 -76.14 20.93
N ASN A 712 42.66 -75.59 22.08
CA ASN A 712 42.34 -76.38 23.25
C ASN A 712 40.86 -76.42 23.53
N ILE A 713 40.33 -77.61 23.50
CA ILE A 713 38.95 -77.73 23.67
C ILE A 713 38.70 -78.50 24.97
N SER A 714 38.27 -77.80 26.04
CA SER A 714 37.91 -78.43 27.30
C SER A 714 36.42 -78.33 27.51
N ASP A 715 35.78 -79.48 27.56
CA ASP A 715 34.34 -79.59 27.60
C ASP A 715 33.55 -78.65 26.67
N ALA A 716 34.17 -78.19 25.60
CA ALA A 716 33.48 -77.38 24.60
C ALA A 716 33.37 -78.09 23.25
N THR A 717 32.76 -77.39 22.29
CA THR A 717 32.47 -77.95 20.97
C THR A 717 32.98 -77.04 19.89
N LEU A 718 33.82 -77.56 19.01
CA LEU A 718 34.31 -76.76 17.87
C LEU A 718 33.92 -77.51 16.60
N SER A 719 33.25 -76.83 15.70
CA SER A 719 32.88 -77.42 14.42
C SER A 719 33.65 -76.66 13.36
N LEU A 720 34.22 -77.38 12.39
CA LEU A 720 34.88 -76.74 11.26
C LEU A 720 34.01 -76.90 10.03
N ASN A 721 33.87 -75.80 9.30
CA ASN A 721 33.07 -75.70 8.09
C ASN A 721 31.55 -75.89 8.23
N SER A 722 31.14 -76.84 9.03
CA SER A 722 29.72 -77.09 9.20
C SER A 722 29.45 -77.66 10.55
N ARG A 723 28.25 -77.38 11.05
CA ARG A 723 27.75 -77.90 12.29
C ARG A 723 27.08 -79.23 12.07
N PRO A 724 27.02 -80.06 13.14
CA PRO A 724 26.52 -81.40 13.01
C PRO A 724 25.03 -81.51 13.30
N ASP A 725 24.35 -80.37 13.38
CA ASP A 725 22.90 -80.39 13.50
C ASP A 725 22.26 -79.75 12.25
N GLU A 726 23.09 -79.44 11.25
CA GLU A 726 22.58 -78.83 10.00
C GLU A 726 23.27 -79.43 8.78
N VAL A 727 22.51 -79.60 7.70
CA VAL A 727 23.07 -79.92 6.39
C VAL A 727 23.16 -78.71 5.45
N SER A 728 24.35 -78.34 4.99
CA SER A 728 24.47 -77.15 4.12
C SER A 728 24.73 -77.48 2.67
N HIS A 729 24.19 -76.66 1.75
CA HIS A 729 24.37 -76.87 0.34
C HIS A 729 25.15 -75.75 -0.26
N THR A 730 25.81 -74.97 0.59
CA THR A 730 26.61 -73.85 0.10
C THR A 730 28.07 -73.88 0.60
N LEU A 731 28.55 -75.04 1.05
CA LEU A 731 29.94 -75.16 1.56
C LEU A 731 30.97 -74.79 0.54
N LEU A 732 32.08 -74.29 1.02
CA LEU A 732 33.27 -73.96 0.28
C LEU A 732 34.36 -74.88 0.85
N PRO A 733 35.32 -75.31 0.02
CA PRO A 733 36.45 -75.99 0.61
C PRO A 733 37.24 -75.04 1.52
N VAL A 734 37.62 -75.51 2.71
CA VAL A 734 38.44 -74.70 3.65
C VAL A 734 39.73 -75.35 4.13
N TYR A 735 40.70 -74.56 4.57
CA TYR A 735 41.80 -75.06 5.39
C TYR A 735 41.48 -75.02 6.86
N ASP A 736 42.07 -75.95 7.62
CA ASP A 736 42.02 -76.00 9.07
C ASP A 736 43.31 -76.57 9.67
N TYR A 737 44.20 -75.68 10.07
CA TYR A 737 45.55 -76.06 10.48
C TYR A 737 45.79 -75.56 11.86
N ALA A 738 46.31 -76.43 12.73
CA ALA A 738 46.68 -76.08 14.09
C ALA A 738 48.04 -76.68 14.32
N GLY A 739 48.81 -76.15 15.24
CA GLY A 739 49.95 -76.90 15.75
C GLY A 739 49.43 -78.16 16.42
N SER A 740 48.29 -78.05 17.10
CA SER A 740 47.67 -79.23 17.71
C SER A 740 46.21 -78.96 18.00
N TRP A 741 45.38 -79.96 17.86
CA TRP A 741 44.01 -79.91 18.30
C TRP A 741 44.01 -80.71 19.59
N ASN A 742 43.71 -80.11 20.74
CA ASN A 742 43.85 -80.78 22.07
C ASN A 742 42.57 -80.82 22.90
N LEU A 743 41.82 -81.92 22.85
CA LEU A 743 40.59 -82.02 23.60
C LEU A 743 40.84 -82.53 25.00
N LYS A 744 40.14 -81.91 25.96
CA LYS A 744 39.96 -82.54 27.22
C LYS A 744 38.57 -82.47 27.83
N GLY A 745 38.34 -83.44 28.71
CA GLY A 745 37.08 -83.63 29.41
C GLY A 745 36.16 -84.43 28.55
N ASP A 746 35.27 -85.18 29.20
CA ASP A 746 34.31 -86.05 28.55
C ASP A 746 33.41 -85.38 27.53
N ASP A 747 33.05 -84.12 27.74
CA ASP A 747 32.09 -83.49 26.84
C ASP A 747 32.73 -82.76 25.67
N ALA A 748 34.05 -82.78 25.53
CA ALA A 748 34.68 -82.11 24.36
C ALA A 748 34.27 -82.72 23.03
N ARG A 749 34.19 -81.89 21.98
CA ARG A 749 33.74 -82.34 20.63
C ARG A 749 34.48 -81.59 19.56
N LEU A 750 35.04 -82.31 18.60
CA LEU A 750 35.65 -81.65 17.46
C LEU A 750 34.95 -82.20 16.24
N ASN A 751 34.09 -81.38 15.62
CA ASN A 751 33.25 -81.80 14.51
C ASN A 751 33.84 -81.24 13.23
N VAL A 752 34.39 -82.10 12.37
CA VAL A 752 34.94 -81.51 11.18
C VAL A 752 34.14 -81.90 9.96
N GLY A 753 33.53 -80.85 9.43
CA GLY A 753 32.61 -80.99 8.33
C GLY A 753 33.30 -81.32 7.03
N PRO A 754 32.49 -81.76 6.06
CA PRO A 754 32.95 -82.04 4.73
C PRO A 754 33.66 -80.84 4.16
N TYR A 755 34.63 -81.14 3.30
CA TYR A 755 35.40 -80.19 2.52
C TYR A 755 36.34 -79.37 3.39
N SER A 756 36.67 -79.99 4.52
CA SER A 756 37.75 -79.51 5.34
C SER A 756 39.07 -80.29 5.13
N MET A 757 40.11 -79.55 4.80
CA MET A 757 41.41 -80.07 4.74
C MET A 757 42.03 -79.85 6.10
N LEU A 758 42.11 -80.92 6.90
CA LEU A 758 42.59 -80.85 8.27
C LEU A 758 44.08 -81.17 8.39
N SER A 759 44.82 -80.44 9.20
CA SER A 759 46.21 -80.73 9.44
C SER A 759 46.57 -80.42 10.89
N GLY A 760 47.45 -81.24 11.47
CA GLY A 760 47.86 -81.14 12.87
C GLY A 760 47.51 -82.36 13.69
N ASN A 761 48.34 -82.68 14.67
CA ASN A 761 48.03 -83.80 15.56
C ASN A 761 46.81 -83.56 16.36
N ILE A 762 46.01 -84.61 16.57
CA ILE A 762 44.83 -84.53 17.44
C ILE A 762 45.08 -85.29 18.78
N ASN A 763 44.93 -84.61 19.91
CA ASN A 763 45.22 -85.23 21.22
C ASN A 763 43.99 -85.17 22.08
N VAL A 764 43.57 -86.30 22.61
CA VAL A 764 42.38 -86.33 23.42
C VAL A 764 42.70 -86.95 24.80
N GLN A 765 42.36 -86.19 25.83
CA GLN A 765 42.39 -86.64 27.20
C GLN A 765 40.95 -86.79 27.58
N ASP A 766 40.64 -87.91 28.23
CA ASP A 766 39.25 -88.28 28.56
C ASP A 766 38.46 -88.83 27.41
N LYS A 767 37.16 -89.02 27.59
CA LYS A 767 36.34 -89.66 26.57
C LYS A 767 35.61 -88.64 25.69
N GLY A 768 36.35 -87.64 25.19
CA GLY A 768 35.80 -86.75 24.17
C GLY A 768 35.53 -87.44 22.84
N THR A 769 34.99 -86.70 21.87
CA THR A 769 34.55 -87.27 20.61
C THR A 769 35.06 -86.42 19.46
N VAL A 770 35.82 -87.05 18.56
CA VAL A 770 36.24 -86.43 17.28
C VAL A 770 35.54 -87.12 16.11
N THR A 771 34.92 -86.31 15.23
CA THR A 771 34.12 -86.79 14.08
C THR A 771 34.63 -86.13 12.81
N LEU A 772 35.18 -86.92 11.90
CA LEU A 772 35.58 -86.43 10.58
C LEU A 772 34.55 -86.87 9.58
N GLY A 773 33.98 -85.85 8.91
CA GLY A 773 32.92 -85.99 7.90
C GLY A 773 31.48 -85.89 8.34
N GLY A 774 30.63 -85.37 7.47
CA GLY A 774 29.17 -85.40 7.67
C GLY A 774 28.51 -84.92 6.38
N GLU A 775 27.18 -84.85 6.35
CA GLU A 775 26.49 -84.42 5.12
C GLU A 775 26.68 -82.95 4.80
N GLY A 776 26.57 -82.60 3.52
CA GLY A 776 26.74 -81.24 3.05
C GLY A 776 27.31 -81.23 1.64
N GLU A 777 26.83 -80.30 0.83
CA GLU A 777 27.25 -80.20 -0.57
C GLU A 777 27.88 -78.83 -0.84
N LEU A 778 28.81 -78.77 -1.77
CA LEU A 778 29.39 -77.51 -2.17
C LEU A 778 28.40 -76.59 -2.90
N SER A 779 28.71 -75.30 -2.95
CA SER A 779 27.96 -74.35 -3.76
C SER A 779 28.23 -74.61 -5.24
N PRO A 780 27.20 -74.39 -6.08
CA PRO A 780 27.51 -74.41 -7.53
C PRO A 780 28.56 -73.36 -7.94
N ASP A 781 28.77 -72.33 -7.11
CA ASP A 781 29.61 -71.16 -7.49
C ASP A 781 30.96 -71.13 -6.79
N LEU A 782 31.98 -71.58 -7.51
CA LEU A 782 33.26 -71.79 -6.87
C LEU A 782 34.26 -70.93 -7.59
N THR A 783 35.03 -70.15 -6.84
CA THR A 783 36.16 -69.43 -7.42
C THR A 783 37.16 -70.42 -8.03
N LEU A 784 38.20 -69.88 -8.66
CA LEU A 784 39.27 -70.70 -9.16
C LEU A 784 40.07 -71.34 -8.01
N GLN A 785 40.40 -70.56 -6.98
CA GLN A 785 41.07 -71.13 -5.80
C GLN A 785 40.24 -72.20 -5.09
N ASN A 786 38.93 -71.97 -4.97
CA ASN A 786 37.99 -72.98 -4.52
C ASN A 786 38.06 -74.24 -5.38
N GLN A 787 38.22 -74.10 -6.70
CA GLN A 787 38.35 -75.26 -7.59
C GLN A 787 39.69 -75.93 -7.36
N MET A 788 40.76 -75.14 -7.35
CA MET A 788 42.11 -75.68 -7.18
C MET A 788 42.32 -76.38 -5.86
N LEU A 789 41.57 -76.00 -4.83
CA LEU A 789 41.67 -76.64 -3.54
C LEU A 789 40.82 -77.91 -3.48
N TYR A 790 39.62 -77.85 -4.07
CA TYR A 790 38.72 -79.00 -4.13
C TYR A 790 39.33 -80.16 -4.87
N SER A 791 40.24 -79.83 -5.79
CA SER A 791 40.98 -80.81 -6.54
C SER A 791 41.93 -81.56 -5.67
N LEU A 792 42.48 -80.89 -4.65
CA LEU A 792 43.52 -81.51 -3.82
C LEU A 792 42.93 -82.54 -2.84
N PHE A 793 41.60 -82.59 -2.75
CA PHE A 793 40.87 -83.58 -1.96
C PHE A 793 40.78 -84.97 -2.63
N ASN A 794 41.06 -84.97 -3.93
CA ASN A 794 41.19 -86.19 -4.70
C ASN A 794 39.96 -87.10 -4.68
N GLY A 795 38.78 -86.53 -4.67
CA GLY A 795 37.53 -87.29 -4.53
C GLY A 795 37.11 -87.54 -3.09
N TYR A 796 37.97 -87.28 -2.11
CA TYR A 796 37.55 -87.44 -0.70
C TYR A 796 36.82 -86.24 -0.19
N ARG A 797 35.88 -86.46 0.72
CA ARG A 797 35.24 -85.33 1.39
C ARG A 797 36.14 -84.66 2.44
N ASN A 798 36.97 -85.46 3.11
CA ASN A 798 37.85 -84.98 4.17
C ASN A 798 39.22 -85.59 4.05
N ILE A 799 40.22 -84.76 4.19
CA ILE A 799 41.57 -85.21 4.26
C ILE A 799 42.15 -84.73 5.60
N TRP A 800 42.75 -85.65 6.33
CA TRP A 800 43.50 -85.28 7.53
C TRP A 800 44.95 -85.77 7.47
N SER A 801 45.87 -84.92 7.85
CA SER A 801 47.27 -85.32 7.99
C SER A 801 47.72 -84.96 9.40
N GLY A 802 47.98 -85.99 10.21
CA GLY A 802 48.49 -85.80 11.56
C GLY A 802 48.40 -87.11 12.34
N SER A 803 48.87 -87.10 13.58
CA SER A 803 48.69 -88.30 14.36
C SER A 803 47.72 -88.18 15.53
N LEU A 804 47.12 -89.30 15.85
CA LEU A 804 46.01 -89.38 16.76
C LEU A 804 46.45 -89.94 18.14
N ASN A 805 46.48 -89.11 19.18
CA ASN A 805 46.71 -89.64 20.52
C ASN A 805 45.46 -89.52 21.40
N ALA A 806 44.61 -90.52 21.38
CA ALA A 806 43.29 -90.38 21.93
C ALA A 806 42.79 -91.66 22.55
N PRO A 807 43.52 -92.18 23.57
CA PRO A 807 43.24 -93.54 24.08
C PRO A 807 41.85 -93.83 24.59
N ASP A 808 41.12 -92.88 25.15
CA ASP A 808 39.72 -93.18 25.59
C ASP A 808 38.58 -92.53 24.74
N ALA A 809 38.99 -91.76 23.74
CA ALA A 809 38.12 -90.99 22.87
C ALA A 809 37.32 -91.89 21.94
N THR A 810 36.16 -91.42 21.48
CA THR A 810 35.46 -92.02 20.36
C THR A 810 35.85 -91.19 19.11
N VAL A 811 36.35 -91.87 18.08
CA VAL A 811 36.79 -91.21 16.85
C VAL A 811 36.05 -91.80 15.68
N SER A 812 35.66 -90.95 14.74
CA SER A 812 34.80 -91.40 13.69
C SER A 812 35.18 -90.70 12.39
N MET A 813 35.32 -91.46 11.32
CA MET A 813 35.76 -90.90 10.02
C MET A 813 34.94 -91.51 8.90
N THR A 814 34.38 -90.67 8.03
CA THR A 814 33.63 -91.10 6.88
C THR A 814 34.25 -90.42 5.70
N ASP A 815 34.35 -91.15 4.58
CA ASP A 815 34.80 -90.62 3.26
C ASP A 815 36.05 -89.81 3.38
N THR A 816 36.89 -90.27 4.30
CA THR A 816 38.12 -89.59 4.65
C THR A 816 39.38 -90.27 4.12
N GLN A 817 40.40 -89.47 3.87
CA GLN A 817 41.71 -89.94 3.59
C GLN A 817 42.57 -89.49 4.76
N TRP A 818 42.98 -90.45 5.58
CA TRP A 818 43.81 -90.18 6.77
C TRP A 818 45.28 -90.57 6.57
N SER A 819 46.12 -89.56 6.45
CA SER A 819 47.54 -89.76 6.48
C SER A 819 48.08 -89.61 7.88
N MET A 820 48.44 -90.77 8.43
CA MET A 820 48.81 -90.87 9.82
C MET A 820 50.29 -90.78 9.93
N ASN A 821 50.81 -89.90 10.76
CA ASN A 821 52.23 -89.62 10.67
C ASN A 821 53.09 -90.15 11.78
N GLY A 822 52.51 -90.96 12.64
CA GLY A 822 53.26 -91.49 13.76
C GLY A 822 52.29 -92.39 14.44
N ASN A 823 52.75 -93.08 15.50
CA ASN A 823 51.91 -94.06 16.15
C ASN A 823 50.70 -93.35 16.70
N SER A 824 49.57 -94.05 16.73
CA SER A 824 48.30 -93.44 17.05
C SER A 824 47.47 -94.40 17.87
N THR A 825 46.75 -93.86 18.85
CA THR A 825 45.88 -94.68 19.70
C THR A 825 44.48 -94.11 19.70
N ALA A 826 43.49 -94.97 19.75
CA ALA A 826 42.12 -94.54 19.92
C ALA A 826 41.38 -95.53 20.81
N GLY A 827 40.50 -95.03 21.65
CA GLY A 827 39.57 -95.86 22.39
C GLY A 827 38.67 -96.60 21.44
N ASN A 828 37.72 -95.88 20.86
CA ASN A 828 36.69 -96.43 19.98
C ASN A 828 36.81 -95.79 18.60
N MET A 829 37.09 -96.56 17.55
CA MET A 829 37.20 -95.95 16.24
C MET A 829 36.12 -96.49 15.30
N LYS A 830 35.51 -95.60 14.52
CA LYS A 830 34.48 -95.93 13.54
C LYS A 830 35.00 -95.42 12.20
N LEU A 831 35.15 -96.31 11.22
CA LEU A 831 35.56 -95.89 9.90
C LEU A 831 34.45 -96.29 8.99
N ASN A 832 34.16 -95.42 8.03
CA ASN A 832 33.15 -95.70 7.01
C ASN A 832 33.63 -95.09 5.74
N ARG A 833 34.04 -95.93 4.78
CA ARG A 833 34.55 -95.48 3.47
C ARG A 833 35.68 -94.51 3.62
N THR A 834 36.60 -94.89 4.47
CA THR A 834 37.80 -94.14 4.77
C THR A 834 39.09 -94.95 4.52
N ILE A 835 40.14 -94.28 4.10
CA ILE A 835 41.41 -94.95 3.83
C ILE A 835 42.46 -94.36 4.76
N VAL A 836 43.15 -95.25 5.47
CA VAL A 836 44.17 -94.90 6.45
C VAL A 836 45.51 -95.33 5.93
N GLY A 837 46.44 -94.40 5.87
CA GLY A 837 47.75 -94.69 5.34
C GLY A 837 48.85 -94.34 6.31
N PHE A 838 49.74 -95.29 6.57
CA PHE A 838 50.74 -95.04 7.58
C PHE A 838 51.84 -94.29 6.91
N ASN A 839 52.42 -93.40 7.68
CA ASN A 839 53.25 -92.43 7.10
C ASN A 839 54.22 -91.90 8.19
N GLY A 840 54.41 -92.73 9.22
CA GLY A 840 55.48 -92.50 10.20
C GLY A 840 56.87 -92.90 9.74
N GLY A 841 57.62 -93.50 10.66
CA GLY A 841 58.95 -94.01 10.32
C GLY A 841 58.87 -95.36 9.64
N THR A 842 60.01 -95.76 9.04
CA THR A 842 60.22 -97.13 8.60
C THR A 842 61.37 -97.66 9.47
N SER A 843 62.07 -96.69 10.07
CA SER A 843 63.18 -96.85 11.04
C SER A 843 62.82 -97.82 12.19
N PRO A 844 61.65 -97.61 12.82
CA PRO A 844 60.60 -98.62 13.03
C PRO A 844 59.32 -98.16 12.31
N PHE A 845 58.51 -99.09 11.84
CA PHE A 845 57.26 -98.73 11.21
C PHE A 845 56.25 -98.20 12.24
N THR A 846 55.07 -97.89 11.76
CA THR A 846 54.03 -97.17 12.51
C THR A 846 52.98 -98.13 13.03
N THR A 847 52.45 -97.82 14.23
CA THR A 847 51.29 -98.56 14.79
C THR A 847 50.04 -97.69 15.03
N LEU A 848 48.90 -98.26 14.67
CA LEU A 848 47.60 -97.79 15.07
C LEU A 848 47.04 -98.84 16.00
N THR A 849 46.85 -98.48 17.27
CA THR A 849 46.22 -99.32 18.28
C THR A 849 44.86 -98.75 18.68
N THR A 850 43.80 -99.55 18.60
CA THR A 850 42.49 -99.14 19.12
C THR A 850 41.96 -100.23 20.03
N ASP A 851 40.99 -99.88 20.89
CA ASP A 851 40.28 -100.91 21.66
C ASP A 851 39.16 -101.48 20.83
N ASN A 852 38.34 -100.60 20.27
CA ASN A 852 37.16 -101.05 19.53
C ASN A 852 37.21 -100.39 18.20
N LEU A 853 37.15 -101.19 17.14
CA LEU A 853 37.07 -100.66 15.81
C LEU A 853 35.86 -101.21 15.11
N ASP A 854 34.93 -100.34 14.73
CA ASP A 854 33.89 -100.67 13.72
C ASP A 854 34.37 -100.11 12.39
N ALA A 855 34.56 -100.97 11.38
CA ALA A 855 35.08 -100.48 10.09
C ALA A 855 34.28 -100.96 8.90
N VAL A 856 33.85 -100.06 8.01
CA VAL A 856 32.97 -100.42 6.90
C VAL A 856 33.45 -99.75 5.62
N GLN A 857 33.57 -100.60 4.58
CA GLN A 857 34.11 -100.21 3.30
C GLN A 857 35.32 -99.32 3.46
N SER A 858 36.25 -99.75 4.29
CA SER A 858 37.39 -98.93 4.54
C SER A 858 38.68 -99.66 4.24
N ALA A 859 39.79 -98.95 4.17
CA ALA A 859 41.05 -99.58 3.85
C ALA A 859 42.22 -99.06 4.66
N PHE A 860 43.22 -99.94 4.80
CA PHE A 860 44.51 -99.62 5.39
C PHE A 860 45.62 -99.96 4.41
N VAL A 861 46.55 -99.05 4.31
CA VAL A 861 47.62 -99.18 3.40
C VAL A 861 48.86 -99.24 4.26
N MET A 862 49.34 -100.47 4.53
CA MET A 862 50.65 -100.54 5.18
C MET A 862 51.84 -100.84 4.27
N ARG A 863 52.94 -100.25 4.67
CA ARG A 863 54.19 -100.29 3.97
C ARG A 863 55.02 -101.42 4.55
N THR A 864 55.75 -102.12 3.69
CA THR A 864 56.69 -103.17 4.12
C THR A 864 58.11 -103.11 3.53
N ASP A 865 59.06 -103.71 4.23
CA ASP A 865 60.40 -103.89 3.66
C ASP A 865 60.74 -105.38 3.67
N LEU A 866 59.68 -106.19 3.56
CA LEU A 866 59.78 -107.68 3.55
C LEU A 866 60.20 -108.29 4.88
N ASN A 867 60.92 -107.52 5.69
CA ASN A 867 61.30 -107.90 7.03
C ASN A 867 60.25 -107.54 8.09
N LYS A 868 59.69 -106.32 7.97
CA LYS A 868 58.70 -105.72 8.87
C LYS A 868 57.65 -104.84 8.15
N ALA A 869 56.62 -104.41 8.87
CA ALA A 869 55.58 -103.51 8.33
C ALA A 869 54.90 -102.58 9.36
N ASP A 870 54.03 -101.71 8.86
CA ASP A 870 53.05 -101.01 9.71
C ASP A 870 52.05 -102.05 10.19
N LYS A 871 51.30 -101.74 11.25
CA LYS A 871 50.46 -102.68 11.94
C LYS A 871 49.18 -102.03 12.48
N LEU A 872 48.05 -102.65 12.21
CA LEU A 872 46.83 -102.35 12.91
C LEU A 872 46.58 -103.32 14.10
N VAL A 873 46.49 -102.75 15.30
CA VAL A 873 46.18 -103.54 16.48
C VAL A 873 44.81 -103.19 17.00
N ILE A 874 43.90 -104.17 17.00
CA ILE A 874 42.61 -104.07 17.68
C ILE A 874 42.49 -104.93 18.99
N ASN A 875 42.35 -104.30 20.17
CA ASN A 875 42.39 -105.02 21.46
C ASN A 875 41.09 -105.70 21.94
N LYS A 876 39.91 -105.16 21.68
CA LYS A 876 38.72 -105.64 22.40
C LYS A 876 37.57 -106.14 21.54
N SER A 877 37.36 -105.47 20.39
CA SER A 877 36.31 -105.85 19.40
C SER A 877 36.53 -105.19 18.03
N ALA A 878 36.23 -105.93 16.97
CA ALA A 878 36.38 -105.44 15.62
C ALA A 878 35.11 -105.90 14.98
N THR A 879 34.40 -104.99 14.32
CA THR A 879 33.08 -105.26 13.73
C THR A 879 33.01 -104.50 12.41
N GLY A 880 31.95 -104.69 11.64
CA GLY A 880 31.89 -104.10 10.33
C GLY A 880 31.89 -105.12 9.19
N HIS A 881 32.44 -104.71 8.05
CA HIS A 881 32.47 -105.54 6.83
C HIS A 881 33.15 -104.83 5.64
N ASP A 882 33.78 -105.66 4.78
CA ASP A 882 34.33 -105.24 3.49
C ASP A 882 35.42 -104.23 3.62
N ASN A 883 36.45 -104.56 4.41
CA ASN A 883 37.69 -103.76 4.51
C ASN A 883 38.91 -104.39 3.82
N SER A 884 39.83 -103.55 3.36
CA SER A 884 40.94 -104.02 2.53
C SER A 884 42.26 -103.62 3.06
N ILE A 885 43.22 -104.55 3.02
CA ILE A 885 44.59 -104.21 3.35
C ILE A 885 45.40 -104.10 2.08
N TRP A 886 45.94 -102.91 1.87
CA TRP A 886 46.79 -102.63 0.77
C TRP A 886 48.18 -102.72 1.38
N VAL A 887 49.13 -103.21 0.58
CA VAL A 887 50.52 -103.32 0.98
C VAL A 887 51.35 -102.63 -0.07
N ASN A 888 52.08 -101.65 0.42
CA ASN A 888 53.05 -101.02 -0.38
C ASN A 888 54.36 -101.74 -0.07
N PHE A 889 54.73 -102.63 -0.99
CA PHE A 889 56.00 -103.33 -0.93
C PHE A 889 57.08 -102.36 -1.30
N LEU A 890 57.94 -102.01 -0.34
CA LEU A 890 58.99 -101.01 -0.56
C LEU A 890 60.25 -101.67 -1.12
N LYS A 891 60.17 -102.99 -1.28
CA LYS A 891 61.16 -103.81 -1.97
C LYS A 891 60.35 -104.86 -2.69
N LYS A 892 60.69 -105.07 -3.97
CA LYS A 892 60.06 -106.08 -4.82
C LYS A 892 60.33 -107.47 -4.20
N PRO A 893 59.28 -108.14 -3.68
CA PRO A 893 59.53 -109.44 -3.05
C PRO A 893 59.91 -110.49 -4.11
N SER A 894 60.77 -111.44 -3.75
CA SER A 894 61.04 -112.57 -4.67
C SER A 894 60.58 -113.90 -4.05
N ASN A 895 60.04 -114.79 -4.88
CA ASN A 895 59.71 -116.16 -4.42
C ASN A 895 60.92 -117.01 -3.95
N LYS A 896 62.15 -116.57 -4.21
CA LYS A 896 63.33 -117.19 -3.58
C LYS A 896 63.65 -116.47 -2.28
N ASP A 897 62.77 -116.62 -1.29
CA ASP A 897 62.67 -115.74 -0.07
C ASP A 897 61.22 -115.80 0.45
N THR A 898 60.99 -115.71 1.75
CA THR A 898 59.61 -115.90 2.25
C THR A 898 59.05 -114.82 3.20
N LEU A 899 57.74 -114.77 3.33
CA LEU A 899 57.08 -113.67 4.02
C LEU A 899 56.31 -114.09 5.26
N ASP A 900 56.60 -113.48 6.40
CA ASP A 900 55.83 -113.75 7.61
C ASP A 900 55.58 -112.54 8.55
N ILE A 901 54.72 -111.62 8.11
CA ILE A 901 54.49 -110.39 8.88
C ILE A 901 53.02 -110.21 9.29
N PRO A 902 52.76 -110.20 10.62
CA PRO A 902 51.39 -109.92 11.10
C PRO A 902 51.03 -108.44 10.84
N LEU A 903 49.91 -108.20 10.17
CA LEU A 903 49.55 -106.83 9.81
C LEU A 903 48.36 -106.27 10.62
N VAL A 904 47.38 -107.11 10.84
CA VAL A 904 46.28 -106.76 11.68
C VAL A 904 46.21 -107.86 12.72
N SER A 905 45.97 -107.48 13.97
CA SER A 905 45.67 -108.42 15.06
C SER A 905 44.40 -107.95 15.76
N ALA A 906 43.59 -108.90 16.20
CA ALA A 906 42.25 -108.57 16.64
C ALA A 906 41.85 -109.67 17.60
N PRO A 907 40.76 -109.47 18.37
CA PRO A 907 40.22 -110.58 19.16
C PRO A 907 40.09 -111.86 18.36
N GLU A 908 40.18 -113.01 19.03
CA GLU A 908 40.16 -114.28 18.32
C GLU A 908 38.79 -114.57 17.65
N ALA A 909 37.74 -113.98 18.16
CA ALA A 909 36.41 -114.33 17.68
C ALA A 909 36.01 -113.58 16.42
N THR A 910 36.85 -112.63 15.99
CA THR A 910 36.52 -111.80 14.84
C THR A 910 36.39 -112.67 13.57
N ALA A 911 35.39 -112.42 12.74
CA ALA A 911 35.34 -113.02 11.40
C ALA A 911 36.67 -112.88 10.60
N ASP A 912 36.91 -113.87 9.74
CA ASP A 912 38.15 -113.96 8.96
C ASP A 912 38.22 -112.91 7.87
N ASN A 913 37.09 -112.74 7.19
CA ASN A 913 37.01 -111.89 6.01
C ASN A 913 36.63 -110.38 6.32
N LEU A 914 36.56 -110.01 7.59
CA LEU A 914 36.42 -108.60 7.94
C LEU A 914 37.56 -107.76 7.31
N PHE A 915 38.71 -108.40 7.12
CA PHE A 915 39.85 -107.91 6.39
C PHE A 915 40.23 -108.88 5.22
N ARG A 916 40.38 -108.33 4.01
CA ARG A 916 40.88 -109.08 2.82
C ARG A 916 41.99 -108.30 2.15
N ALA A 917 42.85 -109.01 1.40
CA ALA A 917 43.91 -108.33 0.68
C ALA A 917 43.31 -107.47 -0.40
N SER A 918 43.90 -106.30 -0.58
CA SER A 918 43.64 -105.47 -1.74
C SER A 918 43.84 -106.25 -3.04
N THR A 919 42.96 -105.93 -4.00
CA THR A 919 42.95 -106.41 -5.35
C THR A 919 43.89 -105.57 -6.22
N ARG A 920 44.35 -104.44 -5.71
CA ARG A 920 45.13 -103.53 -6.52
C ARG A 920 46.49 -103.22 -5.92
N VAL A 921 47.34 -102.63 -6.71
CA VAL A 921 48.69 -102.35 -6.25
C VAL A 921 48.85 -100.90 -5.77
N VAL A 922 49.65 -100.74 -4.71
CA VAL A 922 50.22 -99.44 -4.39
C VAL A 922 51.73 -99.60 -4.35
N GLY A 923 52.45 -98.65 -4.93
CA GLY A 923 53.93 -98.72 -4.99
C GLY A 923 54.56 -99.16 -6.32
N PHE A 924 55.83 -99.54 -6.26
CA PHE A 924 56.58 -99.85 -7.48
C PHE A 924 56.65 -101.35 -7.82
N SER A 925 56.08 -102.17 -6.97
CA SER A 925 56.42 -103.57 -6.95
C SER A 925 55.67 -104.39 -7.98
N ASP A 926 54.49 -103.94 -8.39
CA ASP A 926 53.66 -104.66 -9.38
C ASP A 926 53.19 -106.03 -8.90
N VAL A 927 53.00 -106.13 -7.58
CA VAL A 927 52.45 -107.32 -6.94
C VAL A 927 51.38 -106.93 -5.91
N THR A 928 50.48 -107.87 -5.65
CA THR A 928 49.37 -107.77 -4.70
C THR A 928 49.69 -108.56 -3.44
N PRO A 929 49.18 -108.17 -2.25
CA PRO A 929 49.39 -109.04 -1.06
C PRO A 929 48.55 -110.32 -0.98
N ILE A 930 49.11 -111.27 -0.24
CA ILE A 930 48.42 -112.51 0.09
C ILE A 930 48.38 -112.58 1.59
N LEU A 931 47.18 -112.80 2.10
CA LEU A 931 46.89 -112.66 3.53
C LEU A 931 46.26 -113.92 4.11
N SER A 932 46.94 -114.47 5.13
CA SER A 932 46.44 -115.66 5.82
C SER A 932 46.05 -115.39 7.26
N VAL A 933 44.96 -116.01 7.66
CA VAL A 933 44.48 -115.94 9.03
C VAL A 933 45.12 -117.06 9.93
N ARG A 934 45.83 -116.68 10.99
CA ARG A 934 46.12 -117.62 12.10
C ARG A 934 45.84 -117.03 13.49
N LYS A 935 45.63 -117.89 14.50
CA LYS A 935 45.48 -117.45 15.88
C LYS A 935 46.79 -117.64 16.58
N GLU A 936 47.07 -116.87 17.63
CA GLU A 936 48.46 -116.68 18.03
C GLU A 936 48.63 -115.68 19.17
N ASP A 937 49.13 -116.19 20.29
CA ASP A 937 49.33 -115.39 21.49
C ASP A 937 48.06 -114.57 21.84
N GLY A 938 46.92 -115.28 21.91
CA GLY A 938 45.65 -114.70 22.35
C GLY A 938 44.92 -113.76 21.40
N LYS A 939 45.23 -113.82 20.10
CA LYS A 939 44.51 -113.02 19.11
C LYS A 939 44.58 -113.52 17.65
N LYS A 940 43.46 -113.41 16.92
CA LYS A 940 43.45 -113.66 15.48
C LYS A 940 44.36 -112.67 14.77
N GLU A 941 45.20 -113.18 13.86
CA GLU A 941 46.09 -112.34 13.06
C GLU A 941 45.88 -112.45 11.54
N TRP A 942 46.03 -111.33 10.84
CA TRP A 942 46.13 -111.31 9.38
C TRP A 942 47.59 -111.13 9.04
N VAL A 943 48.11 -112.15 8.34
CA VAL A 943 49.53 -112.29 8.09
C VAL A 943 49.82 -112.09 6.62
N LEU A 944 50.75 -111.19 6.35
CA LEU A 944 51.33 -111.09 5.04
C LEU A 944 52.30 -112.26 4.90
N ASP A 945 51.88 -113.30 4.16
CA ASP A 945 52.76 -114.45 4.03
C ASP A 945 52.95 -114.88 2.60
N GLY A 946 52.70 -113.96 1.69
CA GLY A 946 52.96 -114.20 0.27
C GLY A 946 52.53 -113.02 -0.55
N TYR A 947 52.78 -113.10 -1.85
CA TYR A 947 52.39 -112.05 -2.77
C TYR A 947 51.88 -112.71 -4.05
N GLN A 948 51.45 -111.91 -4.99
CA GLN A 948 50.72 -112.38 -6.13
C GLN A 948 51.02 -111.37 -7.22
N VAL A 949 51.40 -111.88 -8.38
CA VAL A 949 51.58 -111.08 -9.60
C VAL A 949 50.29 -110.30 -9.86
N ALA A 950 50.44 -108.97 -10.07
CA ALA A 950 49.30 -108.04 -10.09
C ALA A 950 48.40 -108.26 -11.27
N ARG A 951 47.12 -108.40 -11.02
CA ARG A 951 46.16 -108.42 -12.11
C ARG A 951 45.94 -107.02 -12.67
N ASN A 952 46.12 -106.87 -13.98
CA ASN A 952 45.70 -105.64 -14.66
C ASN A 952 44.18 -105.57 -14.90
N ASP A 953 43.43 -104.97 -13.97
CA ASP A 953 41.98 -104.76 -14.15
C ASP A 953 41.59 -103.37 -14.76
N GLY A 954 42.27 -103.01 -15.86
CA GLY A 954 41.90 -101.85 -16.69
C GLY A 954 41.75 -100.51 -15.97
N GLN A 955 42.61 -100.27 -14.99
CA GLN A 955 42.57 -99.07 -14.15
C GLN A 955 43.62 -98.05 -14.55
N GLY A 956 44.56 -98.48 -15.40
CA GLY A 956 45.78 -97.68 -15.68
C GLY A 956 46.84 -98.02 -14.65
N LYS A 957 47.92 -97.23 -14.62
CA LYS A 957 48.99 -97.37 -13.64
C LYS A 957 48.59 -97.37 -12.13
N ALA A 958 49.36 -98.13 -11.37
CA ALA A 958 49.30 -98.21 -9.92
C ALA A 958 49.60 -96.87 -9.27
N ALA A 959 48.93 -96.63 -8.15
CA ALA A 959 49.20 -95.49 -7.30
C ALA A 959 50.65 -95.53 -6.72
N ALA A 960 51.42 -94.46 -6.88
CA ALA A 960 52.82 -94.46 -6.48
C ALA A 960 53.04 -94.51 -4.94
N THR A 961 52.14 -93.86 -4.19
CA THR A 961 51.96 -94.06 -2.75
C THR A 961 50.48 -94.00 -2.45
N PHE A 962 50.16 -94.07 -1.18
CA PHE A 962 48.76 -94.09 -0.81
C PHE A 962 48.08 -92.71 -1.01
N MET A 963 48.87 -91.63 -1.00
CA MET A 963 48.37 -90.28 -1.29
C MET A 963 47.86 -90.17 -2.72
N HIS A 964 48.43 -90.98 -3.60
CA HIS A 964 47.94 -91.06 -4.97
C HIS A 964 46.76 -92.02 -5.16
N ILE A 965 46.30 -92.69 -4.10
CA ILE A 965 45.07 -93.47 -4.21
C ILE A 965 43.86 -92.54 -4.20
N SER A 966 43.34 -92.24 -5.38
CA SER A 966 42.10 -91.49 -5.51
C SER A 966 41.00 -92.20 -4.70
N TYR A 967 39.95 -91.48 -4.37
CA TYR A 967 38.83 -92.07 -3.66
C TYR A 967 38.12 -93.06 -4.54
N ASN A 968 38.03 -92.73 -5.83
CA ASN A 968 37.31 -93.58 -6.77
C ASN A 968 38.07 -94.92 -6.89
N ASN A 969 39.40 -94.84 -6.99
CA ASN A 969 40.29 -96.00 -6.88
C ASN A 969 39.98 -96.87 -5.64
N PHE A 970 40.14 -96.28 -4.45
CA PHE A 970 39.79 -96.90 -3.15
C PHE A 970 38.38 -97.50 -3.08
N ILE A 971 37.37 -96.75 -3.50
CA ILE A 971 36.00 -97.22 -3.36
C ILE A 971 35.62 -98.35 -4.33
N THR A 972 36.17 -98.32 -5.53
CA THR A 972 35.85 -99.34 -6.52
C THR A 972 36.65 -100.60 -6.19
N GLU A 973 37.81 -100.44 -5.53
CA GLU A 973 38.55 -101.61 -5.01
C GLU A 973 37.72 -102.38 -3.99
N VAL A 974 37.11 -101.66 -3.06
CA VAL A 974 36.30 -102.25 -1.98
C VAL A 974 35.07 -103.04 -2.47
N ASN A 975 34.57 -102.68 -3.64
CA ASN A 975 33.24 -103.10 -4.12
C ASN A 975 33.11 -104.35 -5.03
N GLY B 1 58.37 -4.11 41.69
CA GLY B 1 59.32 -3.02 42.04
C GLY B 1 59.21 -2.64 43.52
N THR B 2 60.33 -2.26 44.13
CA THR B 2 60.34 -1.82 45.50
C THR B 2 60.74 -0.38 45.49
N VAL B 3 59.95 0.45 46.18
CA VAL B 3 60.26 1.90 46.39
C VAL B 3 60.35 2.22 47.88
N ASN B 4 60.88 3.40 48.19
CA ASN B 4 60.94 3.85 49.61
C ASN B 4 59.59 4.37 50.09
N ASN B 5 59.38 4.40 51.41
CA ASN B 5 58.09 4.87 51.93
C ASN B 5 58.05 6.37 52.23
N GLU B 6 58.95 7.15 51.66
CA GLU B 6 58.96 8.56 51.88
C GLU B 6 58.26 9.31 50.77
N LEU B 7 58.22 8.73 49.58
CA LEU B 7 57.55 9.39 48.45
C LEU B 7 56.16 8.87 48.30
N GLY B 8 55.28 9.75 47.82
CA GLY B 8 53.91 9.39 47.46
C GLY B 8 53.92 8.33 46.37
N TYR B 9 53.24 7.23 46.64
CA TYR B 9 53.23 6.10 45.72
C TYR B 9 52.71 6.43 44.32
N GLN B 10 51.77 7.40 44.24
CA GLN B 10 51.24 7.90 42.97
C GLN B 10 52.33 8.40 42.02
N LEU B 11 53.43 8.93 42.59
CA LEU B 11 54.46 9.50 41.72
C LEU B 11 55.02 8.40 40.84
N PHE B 12 55.18 7.21 41.42
CA PHE B 12 55.79 6.12 40.71
C PHE B 12 54.81 5.56 39.68
N ARG B 13 53.51 5.64 40.02
CA ARG B 13 52.46 5.17 39.21
C ARG B 13 52.44 6.15 38.01
N ASP B 14 52.31 7.47 38.21
CA ASP B 14 52.32 8.42 37.05
C ASP B 14 53.60 8.49 36.19
N PHE B 15 54.75 8.32 36.82
CA PHE B 15 56.00 8.24 36.10
C PHE B 15 55.97 7.02 35.13
N ALA B 16 55.69 5.84 35.65
CA ALA B 16 55.65 4.66 34.72
C ALA B 16 54.68 4.87 33.54
N GLU B 17 53.48 5.43 33.78
CA GLU B 17 52.48 5.58 32.72
C GLU B 17 52.72 6.87 31.93
N ASN B 18 53.79 7.61 32.22
CA ASN B 18 54.00 8.88 31.49
C ASN B 18 52.84 9.91 31.68
N LYS B 19 52.22 9.94 32.87
CA LYS B 19 51.03 10.77 33.04
C LYS B 19 51.27 11.85 34.08
N GLY B 20 50.26 12.73 34.22
CA GLY B 20 50.34 13.84 35.11
C GLY B 20 51.51 14.72 34.76
N MET B 21 52.33 14.99 35.77
CA MET B 21 53.49 15.83 35.54
C MET B 21 54.65 15.08 34.84
N PHE B 22 54.48 13.77 34.61
CA PHE B 22 55.47 12.95 33.88
C PHE B 22 55.06 12.68 32.41
N ARG B 23 54.38 13.64 31.80
CA ARG B 23 54.13 13.51 30.37
C ARG B 23 55.43 13.67 29.65
N PRO B 24 55.56 13.00 28.49
CA PRO B 24 56.75 13.07 27.63
C PRO B 24 57.08 14.51 27.36
N GLY B 25 58.37 14.87 27.40
CA GLY B 25 58.80 16.27 27.19
C GLY B 25 58.75 17.14 28.46
N ALA B 26 58.06 16.71 29.52
CA ALA B 26 58.08 17.52 30.75
C ALA B 26 59.53 17.84 31.22
N THR B 27 59.78 19.02 31.80
CA THR B 27 61.14 19.34 32.22
C THR B 27 61.22 19.81 33.67
N ASN B 28 62.38 19.59 34.28
CA ASN B 28 62.66 20.10 35.59
C ASN B 28 61.57 19.68 36.55
N ILE B 29 61.30 18.39 36.58
CA ILE B 29 60.21 17.95 37.39
C ILE B 29 60.70 17.84 38.82
N ALA B 30 60.26 18.79 39.65
CA ALA B 30 60.68 18.87 41.02
C ALA B 30 59.99 17.82 41.83
N ILE B 31 60.74 17.08 42.63
CA ILE B 31 60.06 16.09 43.37
C ILE B 31 60.17 16.31 44.91
N TYR B 32 59.09 15.99 45.63
CA TYR B 32 58.96 16.14 47.06
C TYR B 32 58.44 14.95 47.84
N ASN B 33 59.05 14.86 49.02
CA ASN B 33 58.70 14.08 50.21
C ASN B 33 57.22 14.04 50.64
N LYS B 34 56.83 13.04 51.41
CA LYS B 34 55.55 13.10 52.08
C LYS B 34 55.49 14.30 53.03
N GLN B 35 56.52 14.46 53.87
CA GLN B 35 56.64 15.66 54.72
C GLN B 35 56.84 16.96 53.92
N GLY B 36 56.71 16.86 52.60
CA GLY B 36 56.85 18.01 51.72
C GLY B 36 58.24 18.62 51.49
N GLU B 37 59.31 17.91 51.86
CA GLU B 37 60.67 18.39 51.59
C GLU B 37 61.17 18.16 50.16
N PHE B 38 62.05 19.04 49.68
CA PHE B 38 62.68 18.86 48.36
C PHE B 38 63.63 17.69 48.37
N VAL B 39 63.61 16.89 47.30
CA VAL B 39 64.33 15.64 47.31
C VAL B 39 65.27 15.52 46.12
N GLY B 40 64.97 16.27 45.06
CA GLY B 40 65.67 16.14 43.79
C GLY B 40 64.78 16.62 42.66
N THR B 41 65.42 16.83 41.53
CA THR B 41 64.73 17.31 40.37
C THR B 41 65.10 16.44 39.14
N LEU B 42 64.13 16.16 38.26
CA LEU B 42 64.41 15.52 36.98
C LEU B 42 64.78 16.56 35.97
N ASP B 43 66.05 16.93 35.95
CA ASP B 43 66.46 18.09 35.14
C ASP B 43 67.55 17.85 34.14
N LYS B 44 67.95 16.61 33.94
CA LYS B 44 69.04 16.37 33.01
C LYS B 44 68.57 16.20 31.59
N ALA B 45 67.27 15.97 31.39
CA ALA B 45 66.70 15.76 30.06
C ALA B 45 65.19 15.86 30.20
N ALA B 46 64.50 16.31 29.14
CA ALA B 46 63.06 16.22 29.15
C ALA B 46 62.60 14.78 29.33
N MET B 47 61.44 14.64 29.99
CA MET B 47 60.85 13.34 30.24
C MET B 47 60.79 12.48 28.96
N PRO B 48 61.20 11.18 29.07
CA PRO B 48 61.22 10.33 27.88
C PRO B 48 59.83 9.85 27.49
N ASP B 49 59.66 9.58 26.22
CA ASP B 49 58.48 8.89 25.81
C ASP B 49 58.60 7.36 26.13
N PHE B 50 57.84 6.81 27.06
CA PHE B 50 57.92 5.39 27.28
C PHE B 50 57.05 4.50 26.33
N SER B 51 56.47 5.04 25.28
CA SER B 51 55.35 4.28 24.73
C SER B 51 55.76 3.00 24.00
N ALA B 52 57.08 2.79 23.82
CA ALA B 52 57.58 1.56 23.18
C ALA B 52 57.48 0.36 24.11
N VAL B 53 57.17 0.61 25.37
CA VAL B 53 57.08 -0.44 26.35
C VAL B 53 55.72 -1.08 26.40
N ASP B 54 55.65 -2.38 26.34
CA ASP B 54 54.33 -2.95 26.35
C ASP B 54 53.44 -2.39 27.48
N SER B 55 52.25 -1.98 27.09
CA SER B 55 51.41 -1.18 28.00
C SER B 55 50.75 -1.95 29.19
N GLU B 56 50.73 -3.28 29.14
CA GLU B 56 50.07 -4.07 30.18
C GLU B 56 51.00 -4.40 31.37
N ILE B 57 52.18 -4.97 31.08
CA ILE B 57 53.07 -5.49 32.12
C ILE B 57 54.54 -5.00 32.06
N GLY B 58 54.89 -4.25 31.03
CA GLY B 58 56.18 -3.67 30.97
C GLY B 58 57.31 -4.71 30.91
N VAL B 59 57.09 -5.91 30.35
CA VAL B 59 58.18 -6.89 30.28
C VAL B 59 58.94 -6.84 28.98
N ALA B 60 58.42 -6.10 28.00
CA ALA B 60 59.01 -6.03 26.63
C ALA B 60 58.92 -4.69 26.00
N THR B 61 59.87 -4.42 25.11
CA THR B 61 59.97 -3.07 24.56
C THR B 61 60.15 -3.14 23.05
N LEU B 62 59.30 -2.42 22.28
CA LEU B 62 59.44 -2.32 20.83
C LEU B 62 60.75 -1.68 20.40
N ILE B 63 61.56 -2.41 19.66
CA ILE B 63 62.86 -1.84 19.11
C ILE B 63 62.93 -1.81 17.61
N ASN B 64 61.84 -2.22 16.96
CA ASN B 64 61.70 -2.27 15.51
C ASN B 64 60.22 -2.47 15.28
N PRO B 65 59.69 -2.03 14.14
CA PRO B 65 58.21 -2.03 14.16
C PRO B 65 57.59 -3.42 14.24
N GLN B 66 58.45 -4.43 14.03
CA GLN B 66 58.08 -5.87 14.04
C GLN B 66 58.79 -6.75 15.14
N TYR B 67 59.51 -6.12 16.08
CA TYR B 67 60.39 -6.81 17.06
C TYR B 67 60.43 -6.13 18.42
N ILE B 68 60.18 -6.90 19.47
CA ILE B 68 60.29 -6.46 20.86
C ILE B 68 61.59 -6.97 21.55
N ALA B 69 61.97 -6.39 22.70
CA ALA B 69 63.21 -6.82 23.38
C ALA B 69 62.84 -7.14 24.79
N SER B 70 63.30 -8.30 25.26
CA SER B 70 63.02 -8.74 26.62
C SER B 70 64.05 -9.78 27.09
N VAL B 71 63.74 -10.56 28.15
CA VAL B 71 64.67 -11.64 28.55
C VAL B 71 64.16 -12.97 28.14
N LYS B 72 65.09 -13.84 27.74
CA LYS B 72 64.69 -15.12 27.24
C LYS B 72 64.07 -15.99 28.29
N HIS B 73 64.37 -15.71 29.56
CA HIS B 73 63.77 -16.49 30.63
C HIS B 73 62.31 -16.04 30.85
N ASN B 74 61.87 -15.01 30.12
CA ASN B 74 60.39 -14.83 29.99
C ASN B 74 59.83 -15.76 28.86
N GLY B 75 59.53 -17.02 29.19
CA GLY B 75 59.18 -17.95 28.15
C GLY B 75 57.69 -18.11 27.95
N GLY B 76 56.87 -17.47 28.76
CA GLY B 76 55.45 -17.70 28.69
C GLY B 76 54.66 -16.78 27.75
N TYR B 77 54.85 -15.47 27.92
CA TYR B 77 53.99 -14.51 27.24
C TYR B 77 54.04 -14.79 25.77
N THR B 78 52.89 -14.75 25.10
CA THR B 78 52.86 -15.02 23.70
C THR B 78 52.35 -13.83 22.94
N ASN B 79 51.97 -12.73 23.62
CA ASN B 79 51.52 -11.54 22.93
C ASN B 79 51.74 -10.25 23.74
N VAL B 80 51.80 -9.11 23.07
CA VAL B 80 51.92 -7.82 23.76
C VAL B 80 50.99 -6.80 23.11
N SER B 81 50.66 -5.75 23.85
CA SER B 81 49.81 -4.63 23.46
C SER B 81 50.61 -3.33 23.66
N PHE B 82 50.32 -2.29 22.87
CA PHE B 82 50.89 -0.96 23.06
C PHE B 82 49.92 0.19 23.18
N GLY B 83 50.37 1.23 23.85
CA GLY B 83 49.68 2.54 23.89
C GLY B 83 48.61 2.49 24.93
N ASP B 84 47.34 2.39 24.53
CA ASP B 84 46.26 2.31 25.52
C ASP B 84 45.88 0.84 25.71
N GLY B 85 46.63 -0.09 25.11
CA GLY B 85 46.25 -1.52 25.18
C GLY B 85 45.21 -2.12 24.19
N GLU B 86 44.63 -1.29 23.32
CA GLU B 86 43.55 -1.71 22.38
C GLU B 86 44.14 -2.29 21.14
N ASN B 87 44.87 -3.39 21.29
CA ASN B 87 45.52 -3.99 20.10
C ASN B 87 46.18 -5.27 20.58
N ARG B 88 46.66 -6.09 19.68
CA ARG B 88 47.39 -7.21 20.19
C ARG B 88 48.31 -7.69 19.14
N TYR B 89 49.54 -7.94 19.54
CA TYR B 89 50.57 -8.37 18.65
C TYR B 89 51.11 -9.72 19.13
N ASN B 90 51.17 -10.69 18.24
CA ASN B 90 51.47 -12.05 18.73
C ASN B 90 52.86 -12.46 18.34
N ILE B 91 53.52 -13.19 19.25
CA ILE B 91 54.90 -13.60 18.98
C ILE B 91 54.88 -14.83 18.12
N VAL B 92 55.62 -14.72 17.04
CA VAL B 92 55.74 -15.71 16.01
C VAL B 92 57.12 -16.52 16.03
N ASP B 93 58.16 -15.90 16.61
CA ASP B 93 59.46 -16.52 16.82
C ASP B 93 59.99 -15.83 18.07
N ARG B 94 60.20 -16.59 19.15
CA ARG B 94 60.74 -16.01 20.39
C ARG B 94 62.10 -15.35 20.15
N ASN B 95 62.82 -15.81 19.13
CA ASN B 95 64.21 -15.43 18.87
C ASN B 95 65.12 -15.40 20.11
N ASN B 96 65.10 -16.47 20.93
CA ASN B 96 65.94 -16.52 22.13
C ASN B 96 67.41 -16.32 21.75
N ALA B 97 68.20 -15.52 22.47
CA ALA B 97 69.67 -15.63 22.32
C ALA B 97 70.20 -16.89 23.01
N PRO B 98 71.13 -17.60 22.34
CA PRO B 98 71.59 -18.89 22.84
C PRO B 98 72.54 -18.82 24.10
N SER B 99 73.37 -17.76 24.26
CA SER B 99 74.16 -17.57 25.55
C SER B 99 73.74 -16.41 26.51
N LEU B 100 72.99 -15.43 26.03
CA LEU B 100 72.59 -14.32 26.88
C LEU B 100 71.16 -14.49 27.36
N ASP B 101 70.80 -14.06 28.57
CA ASP B 101 69.39 -14.09 29.01
C ASP B 101 68.63 -13.01 28.24
N PHE B 102 68.26 -13.26 26.98
CA PHE B 102 67.79 -12.18 26.13
C PHE B 102 67.00 -12.74 24.94
N HIS B 103 66.03 -11.99 24.41
CA HIS B 103 65.37 -12.39 23.20
C HIS B 103 64.84 -11.20 22.48
N ALA B 104 64.66 -11.34 21.15
CA ALA B 104 64.14 -10.31 20.29
C ALA B 104 63.00 -10.81 19.43
N PRO B 105 61.87 -11.18 20.09
CA PRO B 105 60.72 -11.74 19.43
C PRO B 105 60.17 -10.96 18.23
N ARG B 106 59.99 -11.68 17.12
CA ARG B 106 59.32 -11.23 15.93
C ARG B 106 57.82 -11.39 16.10
N LEU B 107 57.06 -10.30 15.88
CA LEU B 107 55.57 -10.27 15.96
C LEU B 107 54.83 -10.61 14.65
N ASP B 108 53.52 -10.90 14.75
CA ASP B 108 52.70 -11.25 13.54
C ASP B 108 52.48 -10.11 12.57
N LYS B 109 52.42 -8.87 13.10
CA LYS B 109 52.09 -7.68 12.29
C LYS B 109 53.05 -6.53 12.59
N LEU B 110 53.20 -5.60 11.65
CA LEU B 110 53.83 -4.29 11.88
C LEU B 110 53.05 -3.39 12.83
N VAL B 111 53.71 -2.92 13.90
CA VAL B 111 52.99 -2.20 14.96
C VAL B 111 52.73 -0.75 14.47
N THR B 112 51.51 -0.25 14.67
CA THR B 112 51.10 1.00 14.15
C THR B 112 50.98 2.03 15.22
N GLU B 113 50.53 1.66 16.45
CA GLU B 113 50.22 2.62 17.53
C GLU B 113 51.41 3.43 18.14
N VAL B 114 52.64 2.90 18.09
CA VAL B 114 53.77 3.53 18.78
C VAL B 114 54.97 3.40 17.91
N ALA B 115 55.90 4.35 18.00
CA ALA B 115 57.20 4.20 17.30
C ALA B 115 58.15 3.40 18.18
N PRO B 116 59.06 2.65 17.57
CA PRO B 116 60.07 1.93 18.39
C PRO B 116 61.11 2.86 19.08
N THR B 117 61.63 2.45 20.22
CA THR B 117 62.70 3.22 20.89
C THR B 117 64.04 2.98 20.24
N ALA B 118 64.88 3.99 20.19
CA ALA B 118 66.29 3.78 19.82
C ALA B 118 66.98 2.93 20.88
N VAL B 119 67.90 2.11 20.45
CA VAL B 119 68.67 1.33 21.41
C VAL B 119 70.07 1.94 21.60
N THR B 120 70.73 1.65 22.74
CA THR B 120 72.12 2.12 22.99
C THR B 120 73.00 2.12 21.70
N ALA B 121 73.73 3.18 21.45
CA ALA B 121 74.55 3.25 20.25
C ALA B 121 75.85 2.47 20.48
N GLN B 122 76.12 2.10 21.72
CA GLN B 122 77.39 1.45 22.00
C GLN B 122 77.25 -0.06 22.20
N GLY B 123 76.10 -0.51 22.66
CA GLY B 123 75.91 -1.91 22.99
C GLY B 123 76.79 -2.34 24.17
N ALA B 124 77.27 -3.59 24.17
CA ALA B 124 78.05 -4.23 25.28
C ALA B 124 79.51 -3.72 25.34
N VAL B 125 79.73 -2.43 25.63
CA VAL B 125 81.07 -1.90 25.86
C VAL B 125 81.29 -1.76 27.37
N ALA B 126 82.41 -2.35 27.83
CA ALA B 126 82.74 -2.44 29.26
C ALA B 126 82.90 -1.05 29.89
N GLY B 127 82.15 -0.76 30.94
CA GLY B 127 82.23 0.57 31.55
C GLY B 127 81.58 1.76 30.85
N ALA B 128 80.91 1.57 29.72
CA ALA B 128 80.28 2.74 29.06
C ALA B 128 79.21 3.41 29.88
N TYR B 129 78.49 2.67 30.72
CA TYR B 129 77.33 3.21 31.38
C TYR B 129 77.72 3.80 32.80
N LEU B 130 79.02 3.95 33.03
CA LEU B 130 79.54 4.56 34.25
C LEU B 130 79.83 5.99 33.99
N ASP B 131 80.06 6.33 32.74
CA ASP B 131 80.34 7.67 32.35
C ASP B 131 79.13 8.63 32.47
N LYS B 132 79.04 9.35 33.60
CA LYS B 132 78.02 10.38 33.82
C LYS B 132 77.92 11.47 32.76
N GLU B 133 79.03 11.81 32.12
CA GLU B 133 79.01 12.81 31.09
C GLU B 133 78.09 12.37 29.93
N ARG B 134 78.34 11.19 29.33
CA ARG B 134 77.50 10.70 28.23
C ARG B 134 76.09 10.29 28.73
N TYR B 135 76.02 9.62 29.86
CA TYR B 135 74.77 9.17 30.33
C TYR B 135 74.52 9.70 31.70
N PRO B 136 73.92 10.91 31.77
CA PRO B 136 73.68 11.52 33.05
C PRO B 136 72.67 10.82 33.93
N VAL B 137 71.71 10.13 33.35
CA VAL B 137 70.55 9.63 34.10
C VAL B 137 70.00 8.32 33.51
N PHE B 138 69.48 7.44 34.38
CA PHE B 138 68.81 6.21 33.98
C PHE B 138 67.42 6.07 34.58
N TYR B 139 66.45 5.66 33.74
CA TYR B 139 65.07 5.48 34.15
C TYR B 139 64.57 4.08 33.82
N ARG B 140 63.68 3.55 34.66
CA ARG B 140 63.06 2.25 34.42
C ARG B 140 61.58 2.17 34.82
N LEU B 141 60.88 1.12 34.38
CA LEU B 141 59.50 0.86 34.73
C LEU B 141 59.29 -0.61 34.53
N GLY B 142 58.28 -1.18 35.23
CA GLY B 142 58.05 -2.59 35.24
C GLY B 142 56.84 -2.85 36.16
N SER B 143 56.37 -4.07 36.16
CA SER B 143 55.23 -4.49 36.93
C SER B 143 55.58 -5.64 37.90
N GLY B 144 56.84 -5.76 38.28
CA GLY B 144 57.20 -6.81 39.23
C GLY B 144 56.53 -6.64 40.60
N THR B 145 56.44 -7.74 41.34
CA THR B 145 55.98 -7.75 42.71
C THR B 145 56.25 -6.42 43.40
N GLN B 146 55.19 -5.79 43.83
CA GLN B 146 55.26 -4.34 44.22
C GLN B 146 55.41 -4.12 45.73
N TYR B 147 56.53 -3.57 46.18
CA TYR B 147 56.72 -3.45 47.62
C TYR B 147 56.94 -2.01 47.98
N ILE B 148 56.62 -1.66 49.23
CA ILE B 148 57.21 -0.45 49.82
C ILE B 148 58.20 -0.86 50.93
N LYS B 149 59.33 -0.16 50.97
CA LYS B 149 60.35 -0.39 52.03
C LYS B 149 60.51 0.80 53.00
N ASP B 150 60.46 0.53 54.31
CA ASP B 150 60.78 1.60 55.29
C ASP B 150 62.26 1.79 55.58
N SER B 151 62.60 2.96 56.16
CA SER B 151 63.84 3.24 56.95
C SER B 151 64.64 2.07 57.51
N ASN B 152 64.01 1.20 58.28
CA ASN B 152 64.68 0.02 58.82
C ASN B 152 64.60 -1.24 57.91
N GLY B 153 64.43 -1.04 56.60
CA GLY B 153 64.46 -2.15 55.65
C GLY B 153 63.29 -3.11 55.70
N GLN B 154 62.19 -2.75 56.37
CA GLN B 154 60.98 -3.61 56.41
C GLN B 154 60.17 -3.45 55.10
N LEU B 155 59.73 -4.57 54.56
CA LEU B 155 58.99 -4.59 53.31
C LEU B 155 57.55 -4.94 53.52
N THR B 156 56.66 -4.16 52.89
CA THR B 156 55.21 -4.46 52.82
C THR B 156 54.86 -4.73 51.38
N LYS B 157 54.28 -5.91 51.10
CA LYS B 157 53.82 -6.22 49.73
C LYS B 157 52.55 -5.45 49.42
N MET B 158 52.56 -4.62 48.38
CA MET B 158 51.35 -3.95 47.95
C MET B 158 50.48 -4.75 46.92
N GLY B 159 51.10 -5.57 46.09
CA GLY B 159 50.42 -6.42 45.13
C GLY B 159 51.43 -7.32 44.37
N GLY B 160 50.93 -8.34 43.69
CA GLY B 160 51.76 -9.21 42.84
C GLY B 160 52.24 -8.67 41.50
N ALA B 161 53.02 -9.49 40.80
CA ALA B 161 53.62 -9.06 39.53
C ALA B 161 52.53 -8.84 38.54
N TYR B 162 52.73 -7.96 37.58
CA TYR B 162 51.79 -7.87 36.46
C TYR B 162 50.38 -7.34 36.86
N SER B 163 50.28 -6.58 37.97
CA SER B 163 49.08 -5.90 38.32
C SER B 163 49.08 -4.45 37.86
N TRP B 164 50.18 -3.75 38.07
CA TRP B 164 50.26 -2.39 37.67
C TRP B 164 51.71 -2.03 37.48
N LEU B 165 51.98 -0.93 36.78
CA LEU B 165 53.35 -0.51 36.50
C LEU B 165 53.91 0.51 37.56
N THR B 166 55.21 0.42 37.88
CA THR B 166 55.86 1.40 38.71
C THR B 166 57.17 1.70 38.05
N GLY B 167 57.59 2.96 38.15
CA GLY B 167 58.81 3.36 37.56
C GLY B 167 59.48 4.49 38.32
N GLY B 168 60.72 4.75 37.97
CA GLY B 168 61.46 5.77 38.65
C GLY B 168 62.90 5.64 38.25
N THR B 169 63.81 6.00 39.15
CA THR B 169 65.22 6.20 38.70
C THR B 169 66.16 5.18 39.24
N VAL B 170 67.33 5.13 38.64
CA VAL B 170 68.35 4.13 38.96
C VAL B 170 69.75 4.77 38.83
N GLY B 171 70.68 4.45 39.75
CA GLY B 171 72.04 4.93 39.61
C GLY B 171 72.88 4.38 38.43
N SER B 172 73.92 5.14 38.06
CA SER B 172 74.96 4.71 37.15
C SER B 172 75.42 3.26 37.33
N LEU B 173 75.72 2.62 36.21
CA LEU B 173 75.97 1.19 36.27
C LEU B 173 77.33 0.79 35.70
N SER B 174 77.97 -0.09 36.44
CA SER B 174 79.21 -0.71 36.05
C SER B 174 78.90 -1.96 35.23
N SER B 175 79.88 -2.37 34.43
CA SER B 175 79.77 -3.60 33.62
C SER B 175 80.43 -4.80 34.26
N TYR B 176 79.98 -5.99 33.88
CA TYR B 176 80.68 -7.25 34.16
C TYR B 176 80.42 -8.13 32.93
N GLN B 177 80.95 -9.37 32.92
CA GLN B 177 80.89 -10.29 31.80
C GLN B 177 81.24 -9.61 30.50
N ASN B 178 82.42 -9.00 30.46
CA ASN B 178 82.94 -8.39 29.22
C ASN B 178 82.05 -7.36 28.62
N GLY B 179 81.27 -6.69 29.46
CA GLY B 179 80.41 -5.62 28.95
C GLY B 179 79.01 -6.10 28.62
N GLU B 180 78.85 -7.39 28.53
CA GLU B 180 77.54 -7.91 28.22
C GLU B 180 76.42 -7.61 29.24
N MET B 181 76.81 -7.39 30.48
CA MET B 181 75.90 -7.31 31.62
C MET B 181 76.27 -6.06 32.37
N ILE B 182 75.32 -5.58 33.19
CA ILE B 182 75.35 -4.29 33.83
C ILE B 182 74.71 -4.44 35.21
N SER B 183 75.21 -3.71 36.19
CA SER B 183 74.51 -3.62 37.50
C SER B 183 74.77 -2.36 38.29
N THR B 184 74.04 -2.24 39.39
CA THR B 184 74.10 -1.11 40.27
C THR B 184 73.33 -1.41 41.50
N SER B 185 73.61 -0.65 42.55
CA SER B 185 72.95 -0.85 43.86
C SER B 185 71.63 -0.04 43.90
N SER B 186 70.74 -0.43 43.00
CA SER B 186 69.41 0.17 42.85
C SER B 186 68.46 -0.15 44.05
N GLY B 187 68.80 -1.15 44.87
CA GLY B 187 68.05 -1.51 46.06
C GLY B 187 68.15 -0.46 47.19
N LEU B 188 69.15 0.43 47.07
CA LEU B 188 69.34 1.53 47.99
C LEU B 188 68.31 2.63 47.74
N VAL B 189 67.05 2.31 48.01
CA VAL B 189 65.90 3.15 47.58
C VAL B 189 65.79 4.48 48.34
N PHE B 190 66.39 4.56 49.52
CA PHE B 190 66.39 5.83 50.25
C PHE B 190 67.52 6.73 49.82
N ASP B 191 68.48 6.18 49.11
CA ASP B 191 69.67 7.00 48.79
C ASP B 191 69.53 7.80 47.49
N TYR B 192 69.02 9.02 47.57
CA TYR B 192 68.85 9.91 46.35
C TYR B 192 70.07 10.38 45.61
N LYS B 193 71.17 10.64 46.30
CA LYS B 193 72.33 11.21 45.63
C LYS B 193 72.86 10.12 44.67
N LEU B 194 72.64 8.87 45.07
CA LEU B 194 73.20 7.76 44.32
C LEU B 194 72.32 7.28 43.14
N ASN B 195 71.01 7.21 43.39
CA ASN B 195 70.04 6.51 42.57
C ASN B 195 69.02 7.42 41.86
N GLY B 196 69.17 8.74 42.01
CA GLY B 196 68.25 9.74 41.44
C GLY B 196 67.08 10.08 42.34
N ALA B 197 66.17 10.94 41.88
CA ALA B 197 65.10 11.48 42.72
C ALA B 197 63.96 10.52 43.09
N MET B 198 63.87 9.41 42.34
CA MET B 198 62.79 8.45 42.52
C MET B 198 63.29 7.02 42.43
N PRO B 199 64.17 6.62 43.36
CA PRO B 199 64.80 5.30 43.30
C PRO B 199 63.80 4.17 43.28
N ILE B 200 64.08 3.15 42.46
CA ILE B 200 63.26 1.95 42.39
C ILE B 200 64.17 0.76 42.14
N TYR B 201 63.79 -0.39 42.69
CA TYR B 201 64.54 -1.59 42.62
C TYR B 201 63.65 -2.63 41.97
N GLY B 202 64.20 -3.39 40.99
CA GLY B 202 63.43 -4.44 40.31
C GLY B 202 63.30 -5.74 41.08
N GLU B 203 62.08 -6.26 41.18
CA GLU B 203 61.73 -7.51 41.87
C GLU B 203 61.30 -8.61 40.90
N ALA B 204 60.90 -9.74 41.42
CA ALA B 204 60.42 -10.83 40.59
C ALA B 204 59.28 -10.30 39.69
N GLY B 205 59.35 -10.60 38.40
CA GLY B 205 58.32 -10.13 37.48
C GLY B 205 58.78 -8.88 36.76
N ASP B 206 59.77 -8.20 37.28
CA ASP B 206 60.38 -7.09 36.59
C ASP B 206 61.39 -7.56 35.54
N SER B 207 61.64 -8.88 35.45
CA SER B 207 62.55 -9.44 34.42
C SER B 207 62.01 -9.04 33.08
N GLY B 208 62.90 -8.53 32.27
CA GLY B 208 62.61 -8.19 30.93
C GLY B 208 62.39 -6.69 30.88
N SER B 209 61.92 -6.09 31.99
CA SER B 209 61.73 -4.63 32.01
C SER B 209 62.92 -3.75 31.52
N PRO B 210 62.59 -2.71 30.76
CA PRO B 210 63.55 -1.89 30.07
C PRO B 210 64.38 -1.04 31.02
N LEU B 211 65.59 -0.66 30.58
CA LEU B 211 66.39 0.40 31.18
C LEU B 211 66.71 1.44 30.13
N PHE B 212 66.27 2.67 30.36
CA PHE B 212 66.61 3.74 29.42
C PHE B 212 67.64 4.64 30.02
N ALA B 213 68.45 5.27 29.17
CA ALA B 213 69.44 6.20 29.62
C ALA B 213 69.35 7.39 28.70
N PHE B 214 69.57 8.61 29.20
CA PHE B 214 69.71 9.73 28.27
C PHE B 214 71.12 9.81 27.75
N ASP B 215 71.29 9.87 26.42
CA ASP B 215 72.59 9.84 25.76
C ASP B 215 72.89 11.22 25.24
N THR B 216 73.88 11.89 25.84
CA THR B 216 74.09 13.33 25.53
C THR B 216 74.86 13.52 24.25
N VAL B 217 75.57 12.50 23.82
CA VAL B 217 76.23 12.52 22.52
C VAL B 217 75.18 12.68 21.39
N GLN B 218 74.04 12.02 21.57
CA GLN B 218 73.00 11.96 20.57
C GLN B 218 71.92 12.94 20.92
N ASN B 219 71.88 13.36 22.18
CA ASN B 219 70.80 14.21 22.65
C ASN B 219 69.42 13.50 22.68
N LYS B 220 69.39 12.18 22.91
CA LYS B 220 68.13 11.49 22.98
C LYS B 220 68.18 10.34 23.95
N TRP B 221 66.99 9.84 24.30
CA TRP B 221 66.85 8.71 25.20
C TRP B 221 67.09 7.40 24.42
N VAL B 222 67.46 6.35 25.11
CA VAL B 222 68.03 5.16 24.45
C VAL B 222 67.72 3.98 25.36
N LEU B 223 67.33 2.85 24.78
CA LEU B 223 67.21 1.64 25.56
C LEU B 223 68.57 0.98 25.76
N VAL B 224 68.98 0.77 27.02
CA VAL B 224 70.29 0.17 27.21
C VAL B 224 70.25 -1.29 27.49
N GLY B 225 69.18 -1.80 28.13
CA GLY B 225 69.18 -3.18 28.58
C GLY B 225 67.88 -3.65 29.22
N VAL B 226 67.83 -4.93 29.57
CA VAL B 226 66.58 -5.49 30.06
C VAL B 226 66.90 -6.21 31.35
N LEU B 227 66.03 -6.11 32.32
CA LEU B 227 66.38 -6.52 33.68
C LEU B 227 66.41 -8.06 33.77
N THR B 228 67.50 -8.61 34.27
CA THR B 228 67.64 -10.06 34.39
C THR B 228 67.50 -10.66 35.76
N ALA B 229 67.93 -9.94 36.80
CA ALA B 229 67.89 -10.50 38.18
C ALA B 229 68.00 -9.46 39.29
N GLY B 230 67.82 -9.92 40.54
CA GLY B 230 68.06 -9.08 41.70
C GLY B 230 68.75 -9.83 42.83
N ASN B 231 68.95 -9.15 43.98
CA ASN B 231 69.51 -9.79 45.16
C ASN B 231 68.38 -10.14 46.09
N GLY B 232 67.24 -10.56 45.52
CA GLY B 232 66.04 -10.97 46.31
C GLY B 232 65.14 -9.83 46.72
N ALA B 233 63.98 -10.14 47.29
CA ALA B 233 63.02 -9.13 47.77
C ALA B 233 63.69 -8.13 48.73
N GLY B 234 63.73 -6.87 48.35
CA GLY B 234 64.30 -5.83 49.21
C GLY B 234 65.82 -5.87 49.23
N GLY B 235 66.37 -6.62 48.27
CA GLY B 235 67.81 -6.85 48.02
C GLY B 235 68.51 -5.57 47.65
N ARG B 236 69.82 -5.66 47.40
CA ARG B 236 70.71 -4.52 47.21
C ARG B 236 70.83 -4.04 45.77
N GLY B 237 70.74 -4.94 44.81
CA GLY B 237 70.98 -4.49 43.42
C GLY B 237 70.40 -5.38 42.36
N ASN B 238 70.39 -4.87 41.13
CA ASN B 238 69.84 -5.56 39.97
C ASN B 238 70.93 -5.69 38.90
N ASN B 239 70.72 -6.65 37.98
CA ASN B 239 71.53 -6.81 36.75
C ASN B 239 70.65 -6.60 35.51
N TRP B 240 71.22 -6.05 34.46
CA TRP B 240 70.51 -5.93 33.17
C TRP B 240 71.36 -6.58 32.15
N ALA B 241 70.76 -7.33 31.23
CA ALA B 241 71.48 -7.62 29.97
C ALA B 241 71.58 -6.39 29.08
N VAL B 242 72.74 -6.03 28.60
CA VAL B 242 72.81 -4.90 27.66
C VAL B 242 72.27 -5.33 26.33
N ILE B 243 71.70 -4.40 25.54
CA ILE B 243 71.05 -4.83 24.30
C ILE B 243 72.16 -5.37 23.41
N PRO B 244 72.09 -6.65 22.99
CA PRO B 244 73.22 -7.09 22.15
C PRO B 244 73.09 -6.69 20.70
N LEU B 245 73.91 -5.73 20.23
CA LEU B 245 73.71 -5.18 18.87
C LEU B 245 73.91 -6.14 17.72
N ASP B 246 74.83 -7.07 17.92
CA ASP B 246 75.08 -8.04 16.86
C ASP B 246 73.93 -9.00 16.85
N PHE B 247 73.43 -9.43 18.01
CA PHE B 247 72.41 -10.44 17.97
C PHE B 247 71.12 -9.82 17.33
N ILE B 248 70.75 -8.59 17.71
CA ILE B 248 69.54 -7.94 17.12
C ILE B 248 69.66 -7.72 15.57
N GLY B 249 70.83 -7.30 15.09
CA GLY B 249 71.08 -7.21 13.65
C GLY B 249 70.90 -8.54 12.91
N GLN B 250 71.35 -9.67 13.50
CA GLN B 250 71.15 -10.98 12.86
C GLN B 250 69.66 -11.34 12.83
N LYS B 251 68.94 -11.14 13.94
CA LYS B 251 67.51 -11.44 14.02
C LYS B 251 66.65 -10.74 12.92
N PHE B 252 67.00 -9.49 12.61
CA PHE B 252 66.29 -8.67 11.65
C PHE B 252 66.71 -9.15 10.27
N ASN B 253 68.01 -9.21 10.03
CA ASN B 253 68.51 -9.72 8.75
C ASN B 253 68.02 -11.08 8.29
N GLU B 254 67.95 -12.02 9.22
CA GLU B 254 67.64 -13.41 8.91
C GLU B 254 66.23 -13.47 8.29
N ASP B 255 65.30 -12.55 8.70
CA ASP B 255 63.94 -12.54 8.15
C ASP B 255 63.78 -11.91 6.68
N ASN B 256 64.82 -11.30 6.16
CA ASN B 256 64.69 -10.62 4.86
C ASN B 256 65.01 -11.53 3.70
N ASP B 257 64.11 -11.72 2.71
CA ASP B 257 64.61 -12.39 1.45
C ASP B 257 65.50 -11.36 0.81
N ALA B 258 66.12 -11.69 -0.29
CA ALA B 258 67.13 -10.82 -0.90
C ALA B 258 66.45 -9.67 -1.61
N PRO B 259 67.13 -8.54 -1.73
CA PRO B 259 66.41 -7.35 -2.23
C PRO B 259 65.82 -7.49 -3.69
N VAL B 260 64.54 -7.11 -3.90
CA VAL B 260 63.89 -7.18 -5.21
C VAL B 260 64.01 -5.83 -5.96
N THR B 261 64.60 -5.84 -7.16
CA THR B 261 64.80 -4.62 -7.98
C THR B 261 64.09 -4.76 -9.33
N PHE B 262 63.04 -3.94 -9.55
CA PHE B 262 62.42 -3.74 -10.89
C PHE B 262 63.36 -2.98 -11.85
N ARG B 263 63.60 -3.50 -13.04
CA ARG B 263 64.19 -2.65 -14.13
C ARG B 263 63.25 -2.59 -15.31
N THR B 264 62.89 -1.36 -15.72
CA THR B 264 62.11 -1.09 -16.98
C THR B 264 62.60 -1.95 -18.17
N SER B 265 63.92 -1.90 -18.44
CA SER B 265 64.58 -2.62 -19.54
C SER B 265 64.24 -4.11 -19.59
N GLU B 266 64.58 -4.85 -18.54
CA GLU B 266 64.07 -6.23 -18.34
C GLU B 266 62.54 -6.49 -18.67
N GLY B 267 61.72 -5.44 -18.81
CA GLY B 267 60.41 -5.66 -19.39
C GLY B 267 59.26 -5.03 -18.64
N GLY B 268 58.11 -5.71 -18.77
CA GLY B 268 56.91 -5.35 -18.02
C GLY B 268 56.94 -5.79 -16.57
N ALA B 269 55.77 -6.03 -16.02
CA ALA B 269 55.54 -6.37 -14.59
C ALA B 269 56.36 -7.56 -13.95
N LEU B 270 56.59 -7.47 -12.63
CA LEU B 270 57.07 -8.58 -11.86
C LEU B 270 55.88 -9.48 -11.51
N GLU B 271 55.99 -10.76 -11.87
CA GLU B 271 54.80 -11.59 -11.80
C GLU B 271 54.89 -12.41 -10.52
N TRP B 272 53.81 -12.47 -9.79
CA TRP B 272 53.96 -12.95 -8.49
C TRP B 272 53.09 -14.18 -8.39
N SER B 273 53.80 -15.30 -8.36
CA SER B 273 53.18 -16.59 -8.21
C SER B 273 53.46 -17.10 -6.78
N PHE B 274 52.60 -18.02 -6.33
CA PHE B 274 52.62 -18.44 -4.99
C PHE B 274 51.85 -19.77 -4.84
N ASN B 275 52.50 -20.73 -4.20
CA ASN B 275 51.90 -21.98 -3.96
C ASN B 275 51.42 -22.01 -2.50
N SER B 276 50.15 -21.77 -2.24
CA SER B 276 49.73 -21.73 -0.84
C SER B 276 49.92 -23.05 -0.04
N SER B 277 50.27 -24.15 -0.71
CA SER B 277 50.41 -25.41 0.04
C SER B 277 51.89 -25.63 0.52
N THR B 278 52.86 -25.04 -0.17
CA THR B 278 54.26 -25.08 0.26
C THR B 278 54.77 -23.77 0.89
N GLY B 279 54.02 -22.67 0.74
CA GLY B 279 54.45 -21.34 1.21
C GLY B 279 55.53 -20.78 0.31
N ALA B 280 55.63 -21.28 -0.90
CA ALA B 280 56.70 -20.72 -1.71
C ALA B 280 56.13 -20.03 -2.91
N GLY B 281 56.96 -19.14 -3.43
CA GLY B 281 56.57 -18.25 -4.47
C GLY B 281 57.77 -17.48 -4.99
N ALA B 282 57.46 -16.60 -5.94
CA ALA B 282 58.51 -16.09 -6.81
C ALA B 282 57.94 -14.86 -7.51
N LEU B 283 58.82 -13.96 -7.91
CA LEU B 283 58.44 -12.72 -8.56
C LEU B 283 59.45 -12.64 -9.66
N THR B 284 58.89 -12.58 -10.89
CA THR B 284 59.63 -12.79 -12.15
C THR B 284 59.30 -11.65 -13.09
N GLN B 285 60.34 -11.00 -13.58
CA GLN B 285 60.17 -10.16 -14.72
C GLN B 285 61.21 -10.61 -15.75
N GLY B 286 60.73 -11.05 -16.91
CA GLY B 286 61.60 -11.45 -18.03
C GLY B 286 62.43 -12.68 -17.71
N THR B 287 63.75 -12.51 -17.77
CA THR B 287 64.73 -13.51 -17.41
C THR B 287 64.84 -13.80 -15.88
N THR B 288 64.61 -12.77 -15.05
CA THR B 288 65.09 -12.77 -13.65
C THR B 288 63.99 -13.15 -12.70
N THR B 289 64.30 -14.02 -11.75
CA THR B 289 63.31 -14.36 -10.76
C THR B 289 63.83 -14.05 -9.35
N TYR B 290 62.94 -13.69 -8.43
CA TYR B 290 63.26 -13.48 -7.03
C TYR B 290 62.39 -14.41 -6.22
N ALA B 291 63.01 -14.91 -5.17
CA ALA B 291 62.47 -15.85 -4.26
C ALA B 291 61.53 -15.20 -3.25
N MET B 292 60.52 -15.91 -2.80
CA MET B 292 59.59 -15.29 -1.83
C MET B 292 59.05 -16.38 -0.97
N HIS B 293 58.87 -16.09 0.31
CA HIS B 293 58.41 -17.11 1.19
C HIS B 293 57.26 -16.58 2.01
N GLY B 294 56.28 -17.43 2.35
CA GLY B 294 55.11 -16.98 3.05
C GLY B 294 54.70 -17.99 4.09
N GLN B 295 53.51 -17.82 4.62
CA GLN B 295 52.90 -18.77 5.53
C GLN B 295 52.97 -20.22 4.99
N GLN B 296 53.34 -21.18 5.86
CA GLN B 296 53.27 -22.62 5.59
C GLN B 296 52.41 -23.19 6.64
N GLY B 297 51.19 -23.56 6.32
CA GLY B 297 50.28 -24.07 7.40
C GLY B 297 49.79 -23.00 8.37
N ASN B 298 49.71 -23.33 9.67
CA ASN B 298 49.50 -22.31 10.71
C ASN B 298 50.79 -21.59 11.17
N ASP B 299 51.88 -21.76 10.42
CA ASP B 299 53.22 -21.23 10.79
C ASP B 299 53.58 -19.90 10.09
N LEU B 300 53.28 -18.77 10.73
CA LEU B 300 53.48 -17.49 10.03
C LEU B 300 54.99 -17.18 9.89
N ASN B 301 55.79 -17.75 10.80
CA ASN B 301 57.25 -17.44 10.87
C ASN B 301 58.02 -17.90 9.71
N ALA B 302 57.46 -18.88 9.00
CA ALA B 302 57.97 -19.27 7.68
C ALA B 302 57.98 -18.18 6.60
N GLY B 303 57.13 -17.17 6.68
CA GLY B 303 57.25 -16.12 5.64
C GLY B 303 58.46 -15.21 5.83
N LYS B 304 59.08 -14.72 4.76
CA LYS B 304 60.16 -13.80 4.91
C LYS B 304 59.75 -12.45 4.33
N ASN B 305 60.51 -11.40 4.68
CA ASN B 305 60.09 -10.03 4.31
C ASN B 305 60.59 -9.84 2.92
N LEU B 306 60.07 -8.84 2.20
CA LEU B 306 60.61 -8.45 0.87
C LEU B 306 60.75 -6.96 0.89
N ILE B 307 61.82 -6.52 0.27
CA ILE B 307 62.17 -5.16 0.17
C ILE B 307 62.18 -4.84 -1.36
N PHE B 308 61.42 -3.85 -1.80
CA PHE B 308 61.22 -3.60 -3.22
C PHE B 308 61.82 -2.29 -3.60
N GLN B 309 62.75 -2.30 -4.53
CA GLN B 309 63.32 -1.04 -5.09
C GLN B 309 63.35 -1.05 -6.62
N GLY B 310 64.09 -0.10 -7.20
CA GLY B 310 63.93 0.34 -8.60
C GLY B 310 62.69 1.23 -8.84
N GLN B 311 62.85 2.38 -9.52
CA GLN B 311 61.70 3.36 -9.64
C GLN B 311 60.56 3.02 -10.66
N ASN B 312 59.33 3.31 -10.23
CA ASN B 312 58.10 2.98 -11.01
C ASN B 312 58.06 1.44 -11.29
N GLY B 313 58.29 0.65 -10.25
CA GLY B 313 58.13 -0.76 -10.36
C GLY B 313 56.68 -1.12 -10.58
N GLN B 314 56.48 -2.30 -11.13
CA GLN B 314 55.15 -2.87 -11.25
C GLN B 314 55.24 -4.25 -10.66
N ILE B 315 54.14 -4.74 -10.13
CA ILE B 315 54.11 -6.13 -9.72
C ILE B 315 52.71 -6.71 -10.03
N ASN B 316 52.64 -7.96 -10.50
CA ASN B 316 51.32 -8.54 -10.69
C ASN B 316 50.98 -9.84 -9.95
N LEU B 317 50.03 -9.78 -9.03
CA LEU B 317 49.60 -10.98 -8.29
C LEU B 317 48.87 -12.06 -9.16
N LYS B 318 49.60 -13.08 -9.64
CA LYS B 318 48.97 -14.20 -10.36
C LYS B 318 48.22 -15.08 -9.34
N ASP B 319 48.76 -15.27 -8.13
CA ASP B 319 47.99 -15.95 -7.06
C ASP B 319 47.77 -15.12 -5.76
N SER B 320 46.70 -15.42 -5.06
CA SER B 320 46.43 -14.96 -3.71
C SER B 320 47.64 -15.35 -2.77
N VAL B 321 48.30 -14.32 -2.21
CA VAL B 321 49.47 -14.55 -1.36
C VAL B 321 49.15 -14.47 0.17
N SER B 322 49.61 -15.48 0.93
CA SER B 322 49.60 -15.38 2.38
C SER B 322 51.03 -15.27 2.87
N GLN B 323 51.50 -14.07 3.17
CA GLN B 323 52.95 -13.91 3.48
C GLN B 323 53.21 -14.23 4.96
N GLY B 324 52.16 -14.53 5.71
CA GLY B 324 52.38 -14.91 7.12
C GLY B 324 53.02 -13.71 7.85
N ALA B 325 54.19 -13.89 8.44
CA ALA B 325 54.83 -12.73 9.16
C ALA B 325 55.78 -11.89 8.26
N GLY B 326 55.84 -12.18 6.97
CA GLY B 326 56.72 -11.35 6.10
C GLY B 326 56.13 -9.95 5.85
N SER B 327 56.99 -8.93 5.69
CA SER B 327 56.44 -7.61 5.50
C SER B 327 56.99 -7.18 4.19
N LEU B 328 56.47 -6.11 3.63
CA LEU B 328 56.92 -5.53 2.35
C LEU B 328 57.34 -4.13 2.68
N THR B 329 58.48 -3.70 2.16
CA THR B 329 59.00 -2.37 2.34
C THR B 329 59.22 -1.84 0.94
N PHE B 330 58.80 -0.62 0.61
CA PHE B 330 58.95 -0.07 -0.76
C PHE B 330 59.85 1.13 -0.64
N ARG B 331 61.04 1.06 -1.20
CA ARG B 331 61.96 2.17 -1.12
C ARG B 331 61.86 3.06 -2.37
N ASP B 332 61.14 2.63 -3.42
CA ASP B 332 60.78 3.55 -4.53
C ASP B 332 59.35 3.28 -4.98
N ASN B 333 58.83 4.15 -5.86
CA ASN B 333 57.39 4.15 -6.16
C ASN B 333 57.00 2.89 -6.91
N TYR B 334 55.77 2.43 -6.72
CA TYR B 334 55.41 1.19 -7.31
C TYR B 334 53.90 1.06 -7.45
N THR B 335 53.51 0.21 -8.41
CA THR B 335 52.11 -0.07 -8.63
C THR B 335 51.97 -1.54 -8.52
N VAL B 336 50.92 -2.00 -7.87
CA VAL B 336 50.78 -3.40 -7.67
C VAL B 336 49.38 -3.69 -8.20
N THR B 337 49.28 -4.65 -9.16
CA THR B 337 47.98 -5.11 -9.75
C THR B 337 47.59 -6.59 -9.41
N THR B 338 46.31 -6.99 -9.57
CA THR B 338 45.84 -8.40 -9.79
C THR B 338 44.67 -8.29 -10.82
N SER B 339 44.50 -9.24 -11.75
CA SER B 339 43.23 -9.19 -12.55
C SER B 339 42.35 -10.46 -12.32
N ASN B 340 42.86 -11.26 -11.37
CA ASN B 340 42.44 -12.60 -11.10
C ASN B 340 41.64 -12.53 -9.76
N GLY B 341 41.48 -11.33 -9.22
CA GLY B 341 41.04 -11.11 -7.82
C GLY B 341 41.94 -11.72 -6.72
N SER B 342 43.25 -11.74 -7.00
CA SER B 342 44.31 -12.27 -6.13
C SER B 342 44.44 -11.30 -4.99
N THR B 343 44.36 -11.81 -3.76
CA THR B 343 44.43 -10.97 -2.60
C THR B 343 45.80 -11.13 -1.89
N TRP B 344 46.09 -10.24 -0.93
CA TRP B 344 47.38 -10.24 -0.17
C TRP B 344 47.12 -9.98 1.33
N THR B 345 47.75 -10.83 2.17
CA THR B 345 47.88 -10.58 3.57
C THR B 345 49.36 -10.84 3.92
N GLY B 346 49.78 -10.18 5.02
CA GLY B 346 51.17 -10.12 5.48
C GLY B 346 51.30 -9.34 6.79
N ALA B 347 52.54 -9.12 7.19
CA ALA B 347 52.74 -8.45 8.48
C ALA B 347 52.38 -6.92 8.31
N GLY B 348 52.42 -6.43 7.08
CA GLY B 348 51.82 -5.16 6.75
C GLY B 348 52.86 -4.60 5.83
N ILE B 349 52.73 -3.32 5.47
CA ILE B 349 53.63 -2.72 4.47
C ILE B 349 54.22 -1.41 5.01
N VAL B 350 55.45 -1.16 4.62
CA VAL B 350 56.18 0.07 4.96
C VAL B 350 56.44 0.83 3.70
N VAL B 351 55.98 2.08 3.61
CA VAL B 351 56.40 2.90 2.50
C VAL B 351 57.29 3.98 3.04
N ASP B 352 58.55 3.94 2.66
CA ASP B 352 59.55 4.87 3.12
C ASP B 352 59.18 6.32 2.81
N ASN B 353 59.68 7.23 3.62
CA ASN B 353 59.47 8.67 3.39
C ASN B 353 59.69 9.06 1.90
N GLY B 354 58.85 9.93 1.35
CA GLY B 354 59.10 10.42 0.00
C GLY B 354 58.80 9.39 -1.07
N VAL B 355 58.10 8.30 -0.72
CA VAL B 355 57.77 7.26 -1.65
C VAL B 355 56.25 7.13 -1.81
N SER B 356 55.75 6.79 -3.01
CA SER B 356 54.27 6.50 -3.16
C SER B 356 54.01 5.17 -3.77
N VAL B 357 53.01 4.46 -3.27
CA VAL B 357 52.79 3.19 -3.83
C VAL B 357 51.31 3.11 -4.16
N ASN B 358 51.02 2.59 -5.33
CA ASN B 358 49.64 2.42 -5.72
C ASN B 358 49.26 0.97 -5.49
N TRP B 359 48.30 0.67 -4.67
CA TRP B 359 48.20 -0.71 -4.24
C TRP B 359 46.85 -1.21 -4.69
N GLN B 360 46.80 -2.08 -5.70
CA GLN B 360 45.48 -2.49 -6.21
C GLN B 360 44.95 -3.86 -5.83
N VAL B 361 45.39 -4.38 -4.66
CA VAL B 361 45.03 -5.73 -4.22
C VAL B 361 44.09 -5.75 -2.98
N ASN B 362 42.99 -6.47 -2.99
CA ASN B 362 42.27 -6.62 -1.72
C ASN B 362 42.90 -7.53 -0.60
N GLY B 363 42.40 -7.45 0.61
CA GLY B 363 42.82 -8.41 1.64
C GLY B 363 41.75 -9.45 1.87
N VAL B 364 41.42 -9.77 3.14
CA VAL B 364 40.69 -10.94 3.45
C VAL B 364 39.85 -10.73 4.72
N LYS B 365 38.60 -11.17 4.60
CA LYS B 365 37.69 -11.08 5.69
C LYS B 365 38.46 -11.57 6.94
N GLY B 366 38.49 -10.76 7.98
CA GLY B 366 39.14 -11.16 9.23
C GLY B 366 40.63 -10.83 9.40
N ASP B 367 41.24 -10.18 8.41
CA ASP B 367 42.58 -9.70 8.46
C ASP B 367 42.73 -8.20 8.21
N ASN B 368 43.58 -7.55 9.04
CA ASN B 368 43.95 -6.14 8.82
C ASN B 368 45.26 -5.99 8.11
N LEU B 369 45.24 -5.15 7.10
CA LEU B 369 46.49 -4.69 6.50
C LEU B 369 46.99 -3.61 7.46
N HIS B 370 48.31 -3.68 7.77
CA HIS B 370 48.98 -2.68 8.59
C HIS B 370 49.93 -1.92 7.73
N LYS B 371 49.78 -0.60 7.79
CA LYS B 371 50.57 0.29 6.97
C LYS B 371 51.32 1.32 7.82
N ILE B 372 52.61 1.50 7.56
CA ILE B 372 53.50 2.38 8.32
C ILE B 372 54.57 2.93 7.35
N GLY B 373 55.64 3.57 7.84
CA GLY B 373 56.54 4.32 6.97
C GLY B 373 55.96 5.74 6.74
N GLU B 374 56.80 6.70 6.40
CA GLU B 374 56.26 8.04 6.21
C GLU B 374 55.70 8.38 4.83
N GLY B 375 55.72 7.44 3.89
CA GLY B 375 55.34 7.79 2.52
C GLY B 375 53.88 7.43 2.29
N THR B 376 53.46 7.40 1.03
CA THR B 376 52.04 7.37 0.77
C THR B 376 51.58 6.03 0.21
N LEU B 377 50.52 5.46 0.77
CA LEU B 377 49.95 4.28 0.12
C LEU B 377 48.63 4.71 -0.50
N THR B 378 48.50 4.51 -1.83
CA THR B 378 47.20 4.75 -2.54
C THR B 378 46.43 3.45 -2.77
N VAL B 379 45.40 3.24 -2.01
CA VAL B 379 44.61 2.01 -2.11
C VAL B 379 43.51 2.16 -3.19
N GLN B 380 43.58 1.24 -4.15
CA GLN B 380 42.87 1.34 -5.42
C GLN B 380 42.49 -0.08 -5.92
N GLY B 381 41.84 -0.85 -5.05
CA GLY B 381 41.30 -2.17 -5.49
C GLY B 381 39.93 -1.96 -6.11
N THR B 382 39.37 -3.01 -6.71
CA THR B 382 38.05 -2.95 -7.26
C THR B 382 37.16 -3.81 -6.36
N GLY B 383 35.99 -3.31 -6.00
CA GLY B 383 35.01 -4.17 -5.37
C GLY B 383 35.01 -3.98 -3.87
N ILE B 384 34.34 -4.91 -3.18
CA ILE B 384 34.25 -4.87 -1.74
C ILE B 384 35.52 -5.53 -1.20
N ASN B 385 36.48 -4.75 -0.71
CA ASN B 385 37.60 -5.38 0.05
C ASN B 385 37.02 -5.77 1.41
N GLU B 386 37.07 -7.03 1.73
CA GLU B 386 36.50 -7.40 3.00
C GLU B 386 37.49 -7.22 4.17
N GLY B 387 38.76 -6.98 3.84
CA GLY B 387 39.78 -6.78 4.86
C GLY B 387 39.67 -5.45 5.60
N GLY B 388 40.47 -5.29 6.67
CA GLY B 388 40.57 -4.03 7.41
C GLY B 388 41.85 -3.27 7.08
N LEU B 389 41.94 -2.09 7.67
CA LEU B 389 43.15 -1.24 7.63
C LEU B 389 43.50 -0.73 9.05
N LYS B 390 44.80 -0.77 9.36
CA LYS B 390 45.35 -0.14 10.54
C LYS B 390 46.50 0.66 10.03
N VAL B 391 46.47 1.95 10.27
CA VAL B 391 47.54 2.76 9.69
C VAL B 391 48.14 3.46 10.89
N GLY B 392 49.45 3.60 10.84
CA GLY B 392 50.17 4.06 11.98
C GLY B 392 51.18 5.12 11.57
N ASP B 393 51.46 5.33 10.29
CA ASP B 393 52.40 6.42 9.91
C ASP B 393 52.23 6.85 8.41
N GLY B 394 52.71 8.04 8.03
CA GLY B 394 52.60 8.59 6.70
C GLY B 394 51.17 8.87 6.26
N LYS B 395 50.89 8.63 4.98
CA LYS B 395 49.59 8.88 4.36
C LYS B 395 49.00 7.65 3.66
N VAL B 396 47.69 7.45 3.76
CA VAL B 396 46.99 6.42 2.98
C VAL B 396 45.85 7.12 2.17
N VAL B 397 45.83 7.02 0.85
CA VAL B 397 44.73 7.61 0.10
C VAL B 397 43.77 6.47 -0.30
N LEU B 398 42.52 6.52 0.17
CA LEU B 398 41.44 5.55 -0.18
C LEU B 398 40.75 5.96 -1.45
N ASN B 399 40.95 5.14 -2.48
CA ASN B 399 40.53 5.36 -3.84
C ASN B 399 40.11 4.03 -4.47
N GLN B 400 39.43 3.16 -3.72
CA GLN B 400 38.91 1.87 -4.19
C GLN B 400 37.92 2.19 -5.42
N GLN B 401 38.08 1.44 -6.53
CA GLN B 401 37.22 1.54 -7.73
C GLN B 401 35.98 0.62 -7.72
N ALA B 402 35.00 0.90 -8.60
CA ALA B 402 33.78 0.08 -8.53
C ALA B 402 33.90 -1.21 -9.37
N ASP B 403 33.21 -2.26 -8.92
CA ASP B 403 33.17 -3.48 -9.72
C ASP B 403 32.02 -3.34 -10.75
N ASN B 404 31.93 -4.27 -11.69
CA ASN B 404 30.89 -4.20 -12.70
C ASN B 404 29.48 -4.39 -12.11
N LYS B 405 29.38 -4.59 -10.81
CA LYS B 405 28.08 -4.52 -10.17
C LYS B 405 27.91 -3.18 -9.44
N GLY B 406 28.73 -2.21 -9.83
CA GLY B 406 28.92 -0.95 -9.08
C GLY B 406 29.21 -0.99 -7.57
N GLN B 407 29.74 -2.09 -7.04
CA GLN B 407 30.11 -2.11 -5.62
C GLN B 407 31.54 -1.59 -5.34
N VAL B 408 31.73 -1.00 -4.17
CA VAL B 408 33.04 -0.46 -3.79
C VAL B 408 33.20 -0.44 -2.27
N GLN B 409 34.38 -0.86 -1.82
CA GLN B 409 34.73 -0.74 -0.41
C GLN B 409 36.21 -0.91 -0.30
N ALA B 410 36.88 0.15 0.15
CA ALA B 410 38.31 0.12 0.39
C ALA B 410 38.68 -0.75 1.64
N PHE B 411 37.84 -0.73 2.71
CA PHE B 411 38.08 -1.51 3.90
C PHE B 411 36.83 -1.64 4.71
N SER B 412 36.72 -2.78 5.32
CA SER B 412 35.64 -3.02 6.27
C SER B 412 35.74 -2.20 7.54
N SER B 413 36.93 -1.72 7.84
CA SER B 413 37.14 -0.79 8.95
C SER B 413 38.49 -0.16 8.78
N VAL B 414 38.69 0.97 9.43
CA VAL B 414 39.98 1.64 9.38
C VAL B 414 40.31 2.11 10.79
N ASN B 415 41.61 2.00 11.15
CA ASN B 415 42.10 2.49 12.43
C ASN B 415 43.31 3.38 12.25
N ILE B 416 43.26 4.54 12.90
CA ILE B 416 44.26 5.59 12.75
C ILE B 416 44.84 5.81 14.15
N ALA B 417 46.16 5.60 14.29
CA ALA B 417 46.81 5.59 15.61
C ALA B 417 48.27 6.08 15.55
N SER B 418 48.75 6.52 16.72
CA SER B 418 50.13 6.96 16.99
C SER B 418 50.36 8.43 16.82
N GLY B 419 49.38 9.14 16.28
CA GLY B 419 49.52 10.59 16.17
C GLY B 419 50.24 10.94 14.88
N ARG B 420 50.71 9.95 14.13
CA ARG B 420 51.54 10.25 12.92
C ARG B 420 50.83 10.30 11.53
N PRO B 421 49.81 9.47 11.32
CA PRO B 421 49.35 9.30 9.94
C PRO B 421 48.13 10.17 9.54
N THR B 422 47.98 10.38 8.23
CA THR B 422 46.73 10.88 7.67
C THR B 422 46.04 9.89 6.71
N VAL B 423 44.71 9.77 6.82
CA VAL B 423 43.96 8.97 5.86
C VAL B 423 43.08 9.91 5.02
N VAL B 424 43.20 9.81 3.71
CA VAL B 424 42.46 10.68 2.82
C VAL B 424 41.36 9.94 2.07
N LEU B 425 40.10 10.34 2.29
CA LEU B 425 38.92 9.85 1.55
C LEU B 425 38.77 10.54 0.19
N THR B 426 38.98 9.83 -0.92
CA THR B 426 38.77 10.54 -2.24
C THR B 426 37.28 10.74 -2.58
N ASP B 427 36.41 9.89 -2.04
CA ASP B 427 34.97 10.08 -2.15
C ASP B 427 34.27 9.46 -0.97
N GLU B 428 32.95 9.46 -1.04
CA GLU B 428 32.08 8.98 -0.01
C GLU B 428 31.83 7.47 0.03
N ARG B 429 32.31 6.76 -0.97
CA ARG B 429 32.12 5.27 -1.06
C ARG B 429 33.27 4.33 -0.54
N GLN B 430 34.38 4.95 -0.12
CA GLN B 430 35.53 4.23 0.42
C GLN B 430 35.24 3.50 1.70
N VAL B 431 34.52 4.10 2.66
CA VAL B 431 34.39 3.46 3.96
C VAL B 431 33.10 3.82 4.68
N ASN B 432 32.42 2.87 5.31
CA ASN B 432 31.44 3.24 6.27
C ASN B 432 32.11 4.01 7.44
N PRO B 433 31.74 5.31 7.60
CA PRO B 433 32.42 6.21 8.51
C PRO B 433 32.28 5.70 9.91
N ASP B 434 31.19 4.98 10.24
CA ASP B 434 31.07 4.40 11.58
C ASP B 434 32.14 3.34 11.88
N THR B 435 32.86 2.95 10.84
CA THR B 435 33.92 1.95 11.05
C THR B 435 35.35 2.53 11.08
N VAL B 436 35.52 3.88 11.00
CA VAL B 436 36.83 4.45 11.28
C VAL B 436 37.00 4.72 12.76
N SER B 437 38.10 4.28 13.31
CA SER B 437 38.35 4.62 14.69
C SER B 437 39.70 5.27 14.74
N TRP B 438 39.91 6.06 15.81
CA TRP B 438 41.20 6.62 16.08
C TRP B 438 41.71 5.96 17.34
N GLY B 439 42.88 5.31 17.27
CA GLY B 439 43.49 4.62 18.43
C GLY B 439 44.41 5.54 19.23
N TYR B 440 45.22 4.96 20.13
CA TYR B 440 46.20 5.70 20.89
C TYR B 440 46.91 6.76 20.03
N ARG B 441 46.79 8.01 20.45
CA ARG B 441 47.35 9.19 19.81
C ARG B 441 46.79 9.60 18.48
N GLY B 442 45.89 8.81 17.89
CA GLY B 442 45.19 9.25 16.66
C GLY B 442 45.94 9.59 15.41
N GLY B 443 45.60 10.74 14.83
CA GLY B 443 46.06 11.14 13.47
C GLY B 443 44.84 11.72 12.73
N THR B 444 44.96 11.92 11.43
CA THR B 444 43.93 12.66 10.74
C THR B 444 43.11 11.85 9.73
N LEU B 445 41.80 12.01 9.73
CA LEU B 445 40.95 11.48 8.64
C LEU B 445 40.63 12.73 7.89
N ASP B 446 41.36 13.00 6.80
CA ASP B 446 41.06 14.11 5.95
C ASP B 446 39.81 13.76 5.08
N VAL B 447 38.61 14.22 5.46
CA VAL B 447 37.43 13.96 4.59
C VAL B 447 37.55 14.49 3.16
N ASN B 448 38.51 15.32 2.85
CA ASN B 448 38.77 15.72 1.43
C ASN B 448 37.53 16.14 0.57
N GLY B 449 36.81 17.13 1.04
CA GLY B 449 35.81 17.71 0.20
C GLY B 449 34.49 17.00 0.23
N ASN B 450 34.42 15.84 0.91
CA ASN B 450 33.22 15.06 0.92
C ASN B 450 32.49 15.20 2.19
N SER B 451 31.18 15.45 2.12
CA SER B 451 30.35 15.51 3.32
C SER B 451 29.96 14.12 3.81
N LEU B 452 29.76 13.94 5.14
CA LEU B 452 29.54 12.60 5.64
C LEU B 452 28.77 12.57 6.92
N THR B 453 28.18 11.41 7.20
CA THR B 453 27.40 11.26 8.41
C THR B 453 28.08 10.30 9.35
N PHE B 454 28.24 10.66 10.63
CA PHE B 454 28.82 9.75 11.57
C PHE B 454 27.79 9.44 12.63
N HIS B 455 27.60 8.15 12.87
CA HIS B 455 26.73 7.76 13.96
C HIS B 455 27.55 7.61 15.20
N GLN B 456 28.89 7.58 15.01
CA GLN B 456 29.81 7.63 16.16
C GLN B 456 31.10 8.20 15.75
N LEU B 457 31.85 8.67 16.77
CA LEU B 457 33.25 9.09 16.59
C LEU B 457 34.08 8.30 17.61
N LYS B 458 34.50 7.07 17.20
CA LYS B 458 35.28 6.09 18.04
C LYS B 458 36.71 6.62 18.11
N ALA B 459 36.98 7.42 19.11
CA ALA B 459 38.25 8.13 19.17
C ALA B 459 38.76 8.01 20.58
N ALA B 460 39.99 7.58 20.72
CA ALA B 460 40.55 7.37 22.08
C ALA B 460 40.94 8.63 22.81
N ASP B 461 41.45 9.61 22.08
CA ASP B 461 42.07 10.75 22.71
C ASP B 461 42.07 11.98 21.86
N TYR B 462 42.66 13.02 22.43
CA TYR B 462 42.91 14.31 21.81
C TYR B 462 43.60 14.26 20.44
N GLY B 463 44.35 13.20 20.16
CA GLY B 463 45.07 13.13 18.86
C GLY B 463 44.21 12.77 17.67
N ALA B 464 42.97 12.35 17.97
CA ALA B 464 41.96 12.02 16.96
C ALA B 464 41.49 13.32 16.32
N VAL B 465 41.87 13.52 15.08
CA VAL B 465 41.51 14.70 14.34
C VAL B 465 40.58 14.25 13.18
N LEU B 466 39.44 14.93 13.05
CA LEU B 466 38.65 14.89 11.82
C LEU B 466 38.74 16.21 11.10
N ALA B 467 39.16 16.15 9.84
CA ALA B 467 39.49 17.36 9.14
C ALA B 467 39.03 17.40 7.64
N ASN B 468 39.16 18.59 7.05
CA ASN B 468 38.95 18.81 5.66
C ASN B 468 40.00 19.80 5.19
N ASN B 469 40.94 19.38 4.33
CA ASN B 469 42.14 20.22 3.97
C ASN B 469 42.17 20.76 2.54
N VAL B 470 40.98 20.85 1.98
CA VAL B 470 40.78 21.22 0.62
C VAL B 470 39.78 22.42 0.53
N ASP B 471 39.87 23.23 -0.53
CA ASP B 471 38.90 24.34 -0.81
C ASP B 471 37.43 24.03 -0.75
N LYS B 472 37.05 22.82 -1.11
CA LYS B 472 35.67 22.46 -1.19
C LYS B 472 35.14 22.15 0.21
N ARG B 473 34.24 22.98 0.69
CA ARG B 473 33.83 22.88 2.06
C ARG B 473 33.05 21.59 2.15
N ALA B 474 32.94 21.00 3.37
CA ALA B 474 32.23 19.77 3.55
C ALA B 474 31.59 19.80 4.87
N THR B 475 30.46 19.14 4.97
CA THR B 475 29.70 19.14 6.20
C THR B 475 29.81 17.77 6.85
N ILE B 476 29.78 17.73 8.18
CA ILE B 476 29.96 16.50 8.88
C ILE B 476 28.70 16.42 9.68
N THR B 477 27.87 15.42 9.39
CA THR B 477 26.63 15.31 10.12
C THR B 477 26.70 14.29 11.25
N LEU B 478 26.28 14.67 12.44
CA LEU B 478 26.29 13.71 13.50
C LEU B 478 24.88 13.22 13.81
N ASP B 479 24.82 11.99 14.36
CA ASP B 479 23.60 11.26 14.63
C ASP B 479 23.75 10.19 15.75
N TYR B 480 24.28 10.52 16.90
CA TYR B 480 24.42 9.50 17.93
C TYR B 480 23.07 9.24 18.67
N GLY B 486 24.73 10.99 27.14
CA GLY B 486 24.49 11.38 25.73
C GLY B 486 25.63 11.04 24.78
N TYR B 487 26.66 11.89 24.71
CA TYR B 487 27.80 11.53 23.84
C TYR B 487 29.04 12.37 24.09
N LEU B 488 30.17 11.68 24.16
CA LEU B 488 31.45 12.36 24.37
C LEU B 488 32.37 12.20 23.18
N PHE B 489 33.02 13.29 22.80
CA PHE B 489 34.11 13.26 21.83
C PHE B 489 35.42 14.00 22.37
N HIS B 490 36.56 13.30 22.26
CA HIS B 490 37.80 13.68 22.90
C HIS B 490 38.70 14.38 21.91
N GLY B 491 38.30 14.24 20.65
CA GLY B 491 39.13 14.68 19.50
C GLY B 491 39.02 16.10 19.05
N GLN B 492 39.48 16.35 17.81
CA GLN B 492 39.55 17.67 17.21
C GLN B 492 38.90 17.76 15.85
N LEU B 493 38.35 18.92 15.54
CA LEU B 493 37.69 19.16 14.27
C LEU B 493 38.46 20.29 13.65
N LYS B 494 38.89 20.14 12.40
CA LYS B 494 39.86 21.06 11.83
C LYS B 494 39.56 21.40 10.41
N GLY B 495 39.77 22.70 10.06
CA GLY B 495 39.81 23.13 8.67
C GLY B 495 38.44 23.43 8.06
N ASN B 496 38.31 23.15 6.76
CA ASN B 496 37.15 23.56 5.96
C ASN B 496 35.81 22.78 6.19
N LEU B 497 35.21 22.96 7.37
CA LEU B 497 34.08 22.16 7.74
C LEU B 497 32.90 22.94 8.31
N ASN B 498 31.71 22.37 8.15
CA ASN B 498 30.57 22.61 9.02
C ASN B 498 30.35 21.38 9.76
N VAL B 499 29.69 21.50 10.89
CA VAL B 499 29.32 20.36 11.63
C VAL B 499 27.81 20.56 11.95
N ASP B 500 27.00 19.53 11.69
CA ASP B 500 25.59 19.57 12.08
C ASP B 500 25.29 18.55 13.20
N ASN B 501 24.86 19.02 14.35
CA ASN B 501 24.29 18.15 15.32
C ASN B 501 22.77 18.47 15.45
N ARG B 502 21.99 18.05 14.45
CA ARG B 502 20.54 18.30 14.49
C ARG B 502 19.80 17.19 15.17
N LEU B 503 19.58 17.35 16.45
CA LEU B 503 18.92 16.28 17.16
C LEU B 503 17.38 16.31 16.99
N PRO B 504 16.81 15.18 16.58
CA PRO B 504 15.40 14.86 16.90
C PRO B 504 14.92 15.37 18.28
N GLU B 505 13.83 16.16 18.23
CA GLU B 505 13.10 16.81 19.38
C GLU B 505 12.93 16.08 20.72
N GLY B 506 12.81 16.84 21.80
CA GLY B 506 12.54 16.28 23.13
C GLY B 506 13.60 15.35 23.72
N VAL B 507 14.87 15.80 23.68
CA VAL B 507 16.09 15.08 24.17
C VAL B 507 16.71 15.79 25.38
N THR B 508 17.20 15.03 26.37
CA THR B 508 18.23 15.62 27.30
C THR B 508 19.69 15.04 27.06
N GLY B 509 19.90 14.41 25.88
CA GLY B 509 21.23 13.88 25.42
C GLY B 509 22.33 14.89 25.01
N ALA B 510 23.14 15.32 26.02
CA ALA B 510 24.34 16.20 25.87
C ALA B 510 25.50 15.70 25.01
N LEU B 511 25.88 16.49 24.03
CA LEU B 511 27.15 16.32 23.33
C LEU B 511 28.18 17.06 24.16
N VAL B 512 29.19 16.30 24.60
CA VAL B 512 30.33 16.85 25.32
C VAL B 512 31.56 16.79 24.44
N MET B 513 32.26 17.93 24.31
CA MET B 513 33.52 18.00 23.51
C MET B 513 34.57 18.54 24.46
N ASP B 514 35.49 17.70 24.91
CA ASP B 514 36.59 18.17 25.79
C ASP B 514 37.95 18.15 25.08
N GLY B 515 37.89 18.15 23.76
CA GLY B 515 39.07 18.23 22.90
C GLY B 515 39.20 19.64 22.32
N ALA B 516 39.23 19.80 20.98
CA ALA B 516 39.33 21.17 20.43
C ALA B 516 38.70 21.27 19.04
N ALA B 517 38.55 22.47 18.52
CA ALA B 517 37.96 22.67 17.21
C ALA B 517 38.50 23.93 16.68
N ASP B 518 38.79 23.93 15.38
CA ASP B 518 39.22 25.12 14.66
C ASP B 518 38.79 25.00 13.20
N ILE B 519 37.54 25.36 12.92
CA ILE B 519 36.96 25.27 11.58
C ILE B 519 36.53 26.64 10.99
N SER B 520 36.58 26.73 9.67
CA SER B 520 36.20 27.89 8.96
C SER B 520 34.67 28.05 8.76
N GLY B 521 33.89 26.99 8.97
CA GLY B 521 32.43 27.04 8.77
C GLY B 521 31.57 27.07 10.02
N THR B 522 30.34 26.60 9.92
CA THR B 522 29.41 26.72 11.05
C THR B 522 29.28 25.42 11.81
N PHE B 523 29.20 25.52 13.15
CA PHE B 523 28.75 24.43 13.99
C PHE B 523 27.24 24.65 14.31
N THR B 524 26.37 23.75 13.82
CA THR B 524 24.93 23.86 14.12
C THR B 524 24.47 22.79 15.08
N GLN B 525 23.77 23.18 16.13
CA GLN B 525 23.10 22.23 17.01
C GLN B 525 21.62 22.63 17.11
N GLU B 526 20.71 21.66 16.96
CA GLU B 526 19.30 21.81 17.31
C GLU B 526 18.93 20.86 18.44
N ASN B 527 18.27 21.40 19.43
CA ASN B 527 17.81 20.61 20.57
C ASN B 527 18.97 20.05 21.42
N GLY B 528 18.56 19.37 22.50
CA GLY B 528 19.45 18.68 23.38
C GLY B 528 20.34 19.69 24.04
N ARG B 529 21.61 19.27 24.18
CA ARG B 529 22.55 19.96 25.04
C ARG B 529 23.92 19.92 24.36
N LEU B 530 24.66 21.00 24.48
CA LEU B 530 26.02 21.10 23.93
C LEU B 530 26.94 21.71 25.00
N THR B 531 28.06 21.02 25.22
CA THR B 531 29.06 21.49 26.16
C THR B 531 30.43 21.44 25.51
N LEU B 532 31.11 22.59 25.52
CA LEU B 532 32.52 22.66 25.17
C LEU B 532 33.32 22.96 26.46
N GLN B 533 34.34 22.15 26.75
CA GLN B 533 35.10 22.38 27.99
C GLN B 533 36.58 22.07 27.79
N GLY B 534 37.37 22.43 28.78
CA GLY B 534 38.76 21.94 28.94
C GLY B 534 38.78 20.48 29.39
N HIS B 535 40.00 19.96 29.57
CA HIS B 535 40.22 18.58 29.83
C HIS B 535 41.13 18.32 31.02
N PRO B 536 40.60 17.71 32.03
CA PRO B 536 41.39 17.36 33.22
C PRO B 536 42.51 16.41 32.80
N VAL B 537 43.67 16.61 33.41
CA VAL B 537 44.87 15.89 33.02
C VAL B 537 44.68 14.44 33.42
N ILE B 538 44.85 13.51 32.50
CA ILE B 538 44.75 12.07 32.85
C ILE B 538 45.81 11.59 33.85
N HIS B 539 45.41 10.91 34.94
CA HIS B 539 46.38 10.31 35.87
C HIS B 539 46.25 8.76 35.97
N ALA B 540 47.30 8.11 36.51
CA ALA B 540 47.27 6.66 36.71
C ALA B 540 46.33 6.41 37.86
N TYR B 541 45.79 5.21 37.99
CA TYR B 541 45.00 4.88 39.18
C TYR B 541 45.01 3.39 39.40
N ASN B 542 44.54 2.97 40.57
CA ASN B 542 44.52 1.59 40.99
C ASN B 542 43.13 1.23 41.48
N THR B 543 42.96 -0.03 41.84
CA THR B 543 41.68 -0.43 42.41
C THR B 543 41.44 0.25 43.75
N GLN B 544 40.19 0.22 44.18
CA GLN B 544 39.83 0.86 45.42
C GLN B 544 40.58 0.18 46.53
N SER B 545 40.69 -1.17 46.47
CA SER B 545 41.40 -1.85 47.59
C SER B 545 42.91 -1.65 47.64
N VAL B 546 43.58 -1.33 46.54
CA VAL B 546 44.99 -0.96 46.72
C VAL B 546 45.12 0.45 47.24
N ALA B 547 44.29 1.37 46.76
CA ALA B 547 44.28 2.71 47.33
C ALA B 547 44.05 2.69 48.84
N ASP B 548 43.24 1.76 49.32
CA ASP B 548 42.99 1.68 50.77
C ASP B 548 44.18 1.15 51.58
N LYS B 549 44.87 0.15 51.03
CA LYS B 549 46.11 -0.39 51.63
C LYS B 549 47.12 0.73 51.82
N LEU B 550 47.36 1.50 50.76
CA LEU B 550 48.21 2.67 50.88
C LEU B 550 47.66 3.72 51.84
N ALA B 551 46.35 3.91 51.87
CA ALA B 551 45.79 4.87 52.81
C ALA B 551 45.94 4.32 54.23
N ALA B 552 45.72 3.01 54.39
CA ALA B 552 46.03 2.31 55.64
C ALA B 552 47.44 2.65 56.14
N SER B 553 48.43 2.63 55.27
CA SER B 553 49.79 2.88 55.73
C SER B 553 50.09 4.37 55.64
N GLY B 554 49.05 5.19 55.56
CA GLY B 554 49.21 6.63 55.64
C GLY B 554 49.45 7.42 54.35
N ASP B 555 49.54 6.73 53.21
CA ASP B 555 49.66 7.38 51.91
C ASP B 555 48.31 7.54 51.21
N HIS B 556 47.90 8.79 50.97
CA HIS B 556 46.58 9.11 50.44
C HIS B 556 46.65 9.57 49.02
N SER B 557 47.76 9.31 48.35
CA SER B 557 47.97 9.83 47.04
C SER B 557 47.40 8.92 45.92
N VAL B 558 47.01 7.69 46.22
CA VAL B 558 46.59 6.78 45.17
C VAL B 558 45.19 7.07 44.68
N LEU B 559 45.07 7.34 43.38
CA LEU B 559 43.82 7.55 42.70
C LEU B 559 43.09 6.26 42.33
N THR B 560 41.76 6.37 42.14
CA THR B 560 40.84 5.27 41.79
C THR B 560 40.09 5.50 40.49
N GLN B 561 40.41 6.60 39.85
CA GLN B 561 39.86 6.95 38.55
C GLN B 561 40.88 7.90 37.92
N PRO B 562 40.88 7.98 36.57
CA PRO B 562 41.92 8.72 35.87
C PRO B 562 41.79 10.27 35.92
N THR B 563 40.56 10.77 36.04
CA THR B 563 40.28 12.22 36.04
C THR B 563 39.21 12.50 37.03
N SER B 564 39.10 13.76 37.42
CA SER B 564 38.30 14.10 38.57
C SER B 564 37.95 15.57 38.54
N PHE B 565 36.74 15.86 39.03
CA PHE B 565 36.21 17.21 39.01
C PHE B 565 37.00 18.15 39.87
N SER B 566 37.51 17.67 40.99
CA SER B 566 38.23 18.50 41.96
C SER B 566 39.72 18.63 41.70
N GLN B 567 40.30 17.89 40.77
CA GLN B 567 41.74 18.01 40.49
C GLN B 567 42.17 19.41 40.05
N GLU B 568 43.34 19.84 40.52
CA GLU B 568 43.80 21.19 40.15
C GLU B 568 44.34 21.36 38.73
N ASP B 569 44.72 20.27 38.08
CA ASP B 569 45.42 20.37 36.79
C ASP B 569 44.56 19.96 35.57
N TRP B 570 44.35 20.90 34.63
CA TRP B 570 43.41 20.78 33.50
C TRP B 570 44.12 21.31 32.23
N GLU B 571 43.87 20.76 31.05
CA GLU B 571 44.42 21.32 29.82
C GLU B 571 43.49 22.38 29.21
N ASN B 572 44.05 23.49 28.77
CA ASN B 572 43.23 24.47 28.07
C ASN B 572 42.94 24.01 26.70
N ARG B 573 41.70 24.22 26.28
CA ARG B 573 41.23 23.89 24.98
C ARG B 573 40.68 25.16 24.29
N SER B 574 40.65 25.10 22.97
CA SER B 574 40.27 26.21 22.19
C SER B 574 39.24 25.70 21.20
N PHE B 575 38.09 26.36 21.18
CA PHE B 575 37.07 26.11 20.18
C PHE B 575 36.92 27.35 19.35
N THR B 576 37.17 27.23 18.06
CA THR B 576 36.96 28.30 17.09
C THR B 576 36.13 27.89 15.86
N PHE B 577 35.10 28.67 15.52
CA PHE B 577 34.18 28.43 14.41
C PHE B 577 33.77 29.76 13.76
N ASP B 578 33.52 29.77 12.46
CA ASP B 578 32.90 30.97 11.87
C ASP B 578 31.63 31.37 12.65
N ARG B 579 30.80 30.40 13.01
CA ARG B 579 29.49 30.65 13.57
C ARG B 579 29.06 29.43 14.42
N LEU B 580 28.57 29.68 15.64
CA LEU B 580 27.94 28.68 16.45
C LEU B 580 26.42 28.96 16.47
N SER B 581 25.67 28.14 15.76
CA SER B 581 24.24 28.34 15.63
C SER B 581 23.47 27.36 16.53
N LEU B 582 22.77 27.93 17.54
CA LEU B 582 21.93 27.20 18.48
C LEU B 582 20.42 27.45 18.27
N LYS B 583 19.63 26.38 18.47
CA LYS B 583 18.19 26.39 18.33
C LYS B 583 17.65 25.41 19.35
N ASN B 584 16.91 25.90 20.32
CA ASN B 584 16.24 25.00 21.27
C ASN B 584 17.23 24.19 22.13
N THR B 585 18.45 24.74 22.31
CA THR B 585 19.56 24.08 23.01
C THR B 585 19.97 24.65 24.38
N ASP B 586 20.56 23.78 25.21
CA ASP B 586 21.18 24.22 26.46
C ASP B 586 22.70 24.21 26.21
N PHE B 587 23.31 25.37 25.94
CA PHE B 587 24.71 25.39 25.53
C PHE B 587 25.56 25.89 26.63
N GLY B 588 26.73 25.25 26.79
CA GLY B 588 27.64 25.56 27.92
C GLY B 588 29.13 25.57 27.52
N LEU B 589 29.90 26.52 28.05
CA LEU B 589 31.33 26.60 27.78
C LEU B 589 31.89 26.51 29.13
N GLY B 590 32.47 25.34 29.42
CA GLY B 590 32.97 25.02 30.72
C GLY B 590 34.36 25.54 30.97
N ARG B 591 34.87 25.31 32.17
CA ARG B 591 36.20 25.74 32.54
C ARG B 591 37.23 25.26 31.57
N ASN B 592 38.25 26.10 31.45
CA ASN B 592 39.50 25.78 30.81
C ASN B 592 39.39 25.72 29.33
N ALA B 593 38.35 26.37 28.80
CA ALA B 593 38.05 26.45 27.32
C ALA B 593 37.93 27.90 26.84
N THR B 594 38.41 28.12 25.63
CA THR B 594 38.25 29.39 24.96
C THR B 594 37.34 29.16 23.78
N LEU B 595 36.42 30.09 23.61
CA LEU B 595 35.55 30.06 22.45
C LEU B 595 35.66 31.37 21.67
N ASN B 596 35.99 31.28 20.39
CA ASN B 596 36.07 32.42 19.48
C ASN B 596 35.12 32.19 18.35
N THR B 597 34.03 32.93 18.35
CA THR B 597 32.96 32.73 17.36
C THR B 597 31.90 33.87 17.35
N THR B 598 31.09 33.89 16.30
CA THR B 598 29.77 34.49 16.37
C THR B 598 28.74 33.43 16.86
N ILE B 599 28.11 33.66 18.00
CA ILE B 599 26.98 32.85 18.43
C ILE B 599 25.63 33.42 17.88
N GLN B 600 24.78 32.51 17.44
CA GLN B 600 23.47 32.82 16.84
C GLN B 600 22.47 31.91 17.52
N ALA B 601 21.73 32.43 18.49
CA ALA B 601 20.85 31.61 19.30
C ALA B 601 19.41 31.97 19.07
N ASP B 602 18.59 30.91 19.06
CA ASP B 602 17.18 30.98 18.84
C ASP B 602 16.52 30.08 19.93
N ASN B 603 15.97 30.70 20.95
CA ASN B 603 15.30 29.99 22.05
C ASN B 603 16.24 28.97 22.70
N SER B 604 17.50 29.42 22.90
CA SER B 604 18.53 28.59 23.51
C SER B 604 19.06 29.25 24.73
N SER B 605 19.57 28.47 25.69
CA SER B 605 20.31 29.09 26.76
C SER B 605 21.78 28.95 26.43
N VAL B 606 22.61 29.87 26.96
CA VAL B 606 24.08 29.91 26.66
C VAL B 606 24.79 30.43 27.87
N THR B 607 25.39 29.48 28.60
CA THR B 607 26.06 29.74 29.84
C THR B 607 27.60 29.84 29.58
N LEU B 608 28.17 31.05 29.64
CA LEU B 608 29.60 31.16 29.35
C LEU B 608 30.32 31.14 30.67
N GLY B 609 30.98 30.01 30.95
CA GLY B 609 31.42 29.73 32.31
C GLY B 609 30.38 28.86 33.01
N ASP B 610 30.08 27.74 32.39
CA ASP B 610 29.10 26.77 32.92
C ASP B 610 29.78 25.90 33.94
N SER B 611 29.23 25.83 35.15
CA SER B 611 29.82 25.04 36.19
C SER B 611 29.65 23.53 35.94
N ARG B 612 28.85 23.18 34.94
CA ARG B 612 28.50 21.79 34.72
C ARG B 612 29.45 21.24 33.70
N VAL B 613 30.23 20.26 34.13
CA VAL B 613 31.17 19.68 33.21
C VAL B 613 31.21 18.18 33.35
N PHE B 614 31.91 17.54 32.44
CA PHE B 614 31.95 16.11 32.31
C PHE B 614 33.37 15.49 32.42
N ILE B 615 33.44 14.26 32.99
CA ILE B 615 34.62 13.40 32.90
C ILE B 615 34.28 12.10 32.21
N ASP B 616 35.30 11.47 31.64
CA ASP B 616 35.27 10.10 31.14
C ASP B 616 35.92 9.16 32.20
N LYS B 617 35.17 8.20 32.71
CA LYS B 617 35.70 7.33 33.75
C LYS B 617 36.67 6.32 33.14
N ASN B 618 36.72 6.31 31.80
CA ASN B 618 37.50 5.42 31.01
C ASN B 618 38.56 6.22 30.19
N ASP B 619 38.69 7.52 30.47
CA ASP B 619 39.64 8.37 29.77
C ASP B 619 41.04 7.81 29.86
N GLY B 620 41.67 7.61 28.72
CA GLY B 620 42.98 7.02 28.68
C GLY B 620 43.01 5.52 28.36
N GLN B 621 41.89 4.79 28.48
CA GLN B 621 41.86 3.35 28.15
C GLN B 621 41.37 2.99 26.76
N GLY B 622 41.41 3.89 25.79
CA GLY B 622 40.84 3.58 24.46
C GLY B 622 39.54 4.26 24.09
N THR B 623 38.89 3.81 23.04
CA THR B 623 37.70 4.46 22.52
C THR B 623 36.44 4.35 23.40
N ALA B 624 36.25 3.28 24.18
CA ALA B 624 35.09 3.21 25.08
C ALA B 624 35.14 4.34 26.12
N PHE B 625 33.98 4.94 26.44
CA PHE B 625 33.90 6.02 27.41
C PHE B 625 32.67 5.84 28.31
N THR B 626 32.73 6.44 29.49
CA THR B 626 31.62 6.49 30.42
C THR B 626 31.55 7.93 30.91
N LEU B 627 30.59 8.69 30.40
CA LEU B 627 30.36 10.06 30.79
C LEU B 627 29.85 10.14 32.17
N GLU B 628 30.48 10.95 32.99
CA GLU B 628 29.86 11.38 34.22
C GLU B 628 29.80 12.93 34.24
N GLU B 629 28.62 13.45 34.61
CA GLU B 629 28.42 14.90 34.83
C GLU B 629 28.69 15.26 36.29
N GLY B 630 29.35 16.40 36.47
CA GLY B 630 29.60 16.94 37.78
C GLY B 630 29.74 18.45 37.69
N THR B 631 30.35 19.01 38.72
CA THR B 631 30.49 20.43 38.93
C THR B 631 31.98 20.75 39.13
N SER B 632 32.49 21.66 38.32
CA SER B 632 33.83 22.19 38.58
C SER B 632 33.91 23.67 38.21
N VAL B 633 34.27 24.50 39.18
CA VAL B 633 34.24 25.96 39.07
C VAL B 633 35.69 26.45 38.97
N ALA B 634 36.05 27.11 37.86
CA ALA B 634 37.34 27.78 37.74
C ALA B 634 37.49 28.91 38.75
N THR B 635 38.46 28.89 39.66
CA THR B 635 38.62 29.97 40.63
C THR B 635 39.85 30.80 40.32
N LYS B 636 40.87 30.19 39.73
CA LYS B 636 42.02 30.94 39.21
C LYS B 636 41.77 31.39 37.79
N ASP B 637 42.29 32.55 37.47
CA ASP B 637 42.11 33.17 36.17
C ASP B 637 42.56 32.29 35.03
N ALA B 638 43.63 31.55 35.27
CA ALA B 638 44.25 30.67 34.25
C ALA B 638 43.28 29.57 33.77
N ASP B 639 42.45 29.09 34.69
CA ASP B 639 41.49 28.06 34.36
C ASP B 639 40.17 28.56 33.79
N LYS B 640 40.01 29.91 33.76
CA LYS B 640 38.71 30.54 33.50
C LYS B 640 38.31 30.45 32.05
N SER B 641 37.07 30.03 31.74
CA SER B 641 36.61 30.05 30.33
C SER B 641 36.75 31.46 29.69
N VAL B 642 36.90 31.50 28.38
CA VAL B 642 37.14 32.78 27.72
C VAL B 642 36.29 32.81 26.48
N PHE B 643 35.52 33.88 26.33
CA PHE B 643 34.74 34.06 25.12
C PHE B 643 35.09 35.38 24.46
N ASN B 644 35.45 35.35 23.17
CA ASN B 644 35.55 36.51 22.34
C ASN B 644 34.63 36.44 21.12
N GLY B 645 33.97 37.55 20.78
CA GLY B 645 33.17 37.65 19.57
C GLY B 645 31.79 38.22 19.86
N THR B 646 30.84 38.04 18.94
CA THR B 646 29.47 38.59 19.06
C THR B 646 28.50 37.52 19.52
N VAL B 647 27.56 37.89 20.40
CA VAL B 647 26.36 37.06 20.69
C VAL B 647 25.03 37.69 20.12
N ASN B 648 24.43 37.04 19.13
CA ASN B 648 23.09 37.31 18.62
C ASN B 648 22.03 36.44 19.30
N LEU B 649 21.16 37.08 20.05
CA LEU B 649 20.20 36.38 20.84
C LEU B 649 18.79 36.63 20.31
N ASP B 650 18.01 35.60 20.06
CA ASP B 650 16.60 35.76 19.62
C ASP B 650 15.64 34.83 20.32
N ASN B 651 14.39 35.29 20.43
CA ASN B 651 13.27 34.37 20.54
C ASN B 651 13.32 33.57 21.86
N GLN B 652 13.38 34.28 22.97
CA GLN B 652 13.36 33.64 24.29
C GLN B 652 14.75 33.11 24.74
N SER B 653 15.82 33.57 24.07
CA SER B 653 17.19 33.18 24.46
C SER B 653 17.65 33.76 25.79
N VAL B 654 18.58 33.04 26.43
CA VAL B 654 19.19 33.46 27.69
C VAL B 654 20.72 33.40 27.59
N LEU B 655 21.43 34.45 27.98
CA LEU B 655 22.87 34.49 27.93
C LEU B 655 23.36 34.70 29.37
N ASN B 656 24.13 33.76 29.88
CA ASN B 656 24.62 33.89 31.23
C ASN B 656 26.11 34.13 31.16
N ILE B 657 26.59 35.30 31.55
CA ILE B 657 28.02 35.54 31.45
C ILE B 657 28.65 35.37 32.83
N ASN B 658 29.23 34.19 33.08
CA ASN B 658 30.07 34.06 34.28
C ASN B 658 31.55 33.81 33.99
N ASP B 659 32.07 34.38 32.90
CA ASP B 659 33.52 34.18 32.63
C ASP B 659 34.23 35.44 32.07
N ILE B 660 35.35 35.21 31.39
CA ILE B 660 36.10 36.29 30.78
C ILE B 660 35.51 36.54 29.44
N PHE B 661 34.71 37.60 29.37
CA PHE B 661 33.89 37.88 28.21
C PHE B 661 34.35 39.13 27.51
N ASN B 662 34.41 39.05 26.21
CA ASN B 662 34.70 40.20 25.39
C ASN B 662 33.90 40.14 24.10
N GLY B 663 32.79 40.83 24.03
CA GLY B 663 32.04 40.84 22.78
C GLY B 663 30.89 41.82 22.85
N GLY B 664 30.21 41.99 21.71
CA GLY B 664 29.00 42.78 21.65
C GLY B 664 27.80 41.86 21.66
N ILE B 665 26.64 42.43 22.01
CA ILE B 665 25.39 41.66 22.13
C ILE B 665 24.34 42.28 21.18
N GLN B 666 23.83 41.48 20.24
CA GLN B 666 22.68 41.88 19.45
C GLN B 666 21.50 41.01 19.88
N ALA B 667 20.56 41.59 20.61
CA ALA B 667 19.58 40.80 21.34
C ALA B 667 18.15 41.23 21.02
N ASN B 668 17.31 40.26 20.67
CA ASN B 668 15.87 40.49 20.59
C ASN B 668 14.99 39.55 21.47
N ASN B 669 14.13 40.10 22.32
CA ASN B 669 13.18 39.25 23.01
C ASN B 669 13.83 38.14 23.81
N SER B 670 14.79 38.50 24.66
CA SER B 670 15.62 37.54 25.36
C SER B 670 16.04 38.16 26.67
N THR B 671 17.06 37.59 27.32
CA THR B 671 17.57 38.07 28.61
C THR B 671 19.04 37.90 28.56
N VAL B 672 19.78 38.79 29.21
CA VAL B 672 21.18 38.55 29.46
C VAL B 672 21.45 38.76 30.90
N ASN B 673 22.12 37.79 31.51
CA ASN B 673 22.44 37.88 32.92
C ASN B 673 23.93 37.88 33.06
N ILE B 674 24.49 38.73 33.90
CA ILE B 674 25.92 38.71 34.16
C ILE B 674 26.26 38.47 35.62
N SER B 675 27.05 37.45 35.91
CA SER B 675 27.58 37.43 37.25
C SER B 675 29.09 37.50 37.29
N SER B 676 29.64 37.62 36.09
CA SER B 676 31.07 37.71 35.92
C SER B 676 31.69 39.01 36.33
N ASP B 677 32.88 38.96 36.90
CA ASP B 677 33.52 40.19 37.22
C ASP B 677 34.52 40.66 36.16
N SER B 678 34.46 40.14 34.93
CA SER B 678 35.38 40.58 33.86
C SER B 678 34.67 40.48 32.55
N ALA B 679 33.69 41.33 32.36
CA ALA B 679 32.93 41.32 31.15
C ALA B 679 33.12 42.71 30.54
N VAL B 680 33.49 42.72 29.26
CA VAL B 680 33.64 43.90 28.51
C VAL B 680 32.61 43.77 27.38
N LEU B 681 31.53 44.57 27.38
CA LEU B 681 30.58 44.50 26.25
C LEU B 681 31.02 45.45 25.17
N GLY B 682 31.00 45.04 23.92
CA GLY B 682 31.27 45.94 22.81
C GLY B 682 29.97 46.59 22.40
N ASN B 683 29.97 47.20 21.23
CA ASN B 683 28.77 47.78 20.67
C ASN B 683 27.59 46.82 20.76
N SER B 684 26.55 47.19 21.52
CA SER B 684 25.39 46.31 21.79
C SER B 684 24.02 46.98 21.65
N THR B 685 23.02 46.20 21.25
CA THR B 685 21.65 46.62 21.02
C THR B 685 20.67 45.56 21.55
N LEU B 686 19.78 45.95 22.44
CA LEU B 686 18.92 45.04 23.11
C LEU B 686 17.50 45.56 22.93
N THR B 687 16.69 44.78 22.25
CA THR B 687 15.25 45.04 22.13
C THR B 687 14.47 44.06 22.99
N SER B 688 13.58 44.57 23.84
CA SER B 688 12.85 43.77 24.91
C SER B 688 13.70 42.64 25.43
N THR B 689 14.84 43.06 25.96
CA THR B 689 15.80 42.19 26.51
C THR B 689 16.27 42.92 27.74
N ALA B 690 15.90 42.40 28.89
CA ALA B 690 16.47 42.84 30.16
C ALA B 690 17.99 42.51 30.24
N LEU B 691 18.75 43.31 30.95
CA LEU B 691 20.15 43.06 31.21
C LEU B 691 20.34 43.03 32.72
N ASN B 692 20.66 41.85 33.26
CA ASN B 692 20.80 41.70 34.71
C ASN B 692 22.23 41.55 35.22
N LEU B 693 22.67 42.42 36.11
CA LEU B 693 23.93 42.20 36.74
C LEU B 693 23.64 41.80 38.15
N ASN B 694 24.06 40.58 38.51
CA ASN B 694 23.78 40.09 39.80
C ASN B 694 24.96 40.17 40.74
N LYS B 695 24.73 39.77 41.98
CA LYS B 695 25.66 40.08 43.03
C LYS B 695 27.07 39.67 42.62
N GLY B 696 27.99 40.62 42.70
CA GLY B 696 29.42 40.34 42.61
C GLY B 696 29.93 40.68 41.23
N ALA B 697 29.00 40.92 40.30
CA ALA B 697 29.37 41.15 38.89
C ALA B 697 29.97 42.55 38.65
N ASN B 698 30.68 42.68 37.53
CA ASN B 698 31.49 43.86 37.23
C ASN B 698 31.78 43.92 35.72
N ALA B 699 31.04 44.81 35.04
CA ALA B 699 31.06 44.93 33.61
C ALA B 699 31.40 46.33 33.12
N LEU B 700 32.03 46.38 31.95
CA LEU B 700 32.37 47.64 31.32
C LEU B 700 31.72 47.63 29.98
N ALA B 701 30.77 48.54 29.72
CA ALA B 701 30.20 48.70 28.37
C ALA B 701 31.23 49.65 27.69
N SER B 702 32.09 49.05 26.87
CA SER B 702 33.24 49.74 26.32
C SER B 702 32.95 50.61 25.11
N GLN B 703 31.86 50.35 24.42
CA GLN B 703 31.47 51.13 23.24
C GLN B 703 30.03 51.65 23.43
N SER B 704 29.24 51.71 22.35
CA SER B 704 27.89 52.18 22.49
C SER B 704 27.01 51.07 23.09
N PHE B 705 25.96 51.50 23.77
CA PHE B 705 25.01 50.59 24.36
C PHE B 705 23.63 51.19 24.27
N VAL B 706 22.75 50.51 23.53
CA VAL B 706 21.40 50.97 23.30
C VAL B 706 20.40 49.88 23.70
N SER B 707 19.46 50.20 24.57
CA SER B 707 18.43 49.26 24.93
C SER B 707 17.13 50.04 25.09
N ASP B 708 16.04 49.43 24.64
CA ASP B 708 14.71 49.96 24.94
C ASP B 708 14.14 49.41 26.25
N GLY B 709 14.97 48.77 27.08
CA GLY B 709 14.49 47.98 28.22
C GLY B 709 15.28 48.30 29.46
N PRO B 710 15.03 47.57 30.56
CA PRO B 710 15.70 47.79 31.84
C PRO B 710 17.14 47.26 31.87
N VAL B 711 17.99 47.89 32.66
CA VAL B 711 19.29 47.40 32.95
C VAL B 711 19.28 47.31 34.45
N ASN B 712 19.19 46.08 34.99
CA ASN B 712 19.12 45.91 36.45
C ASN B 712 20.45 45.57 37.11
N ILE B 713 20.81 46.36 38.08
CA ILE B 713 22.10 46.26 38.67
C ILE B 713 21.97 45.99 40.18
N SER B 714 22.11 44.73 40.60
CA SER B 714 21.94 44.35 42.01
C SER B 714 23.24 43.94 42.64
N ASP B 715 23.64 44.66 43.68
CA ASP B 715 24.96 44.54 44.29
C ASP B 715 26.10 44.29 43.27
N ALA B 716 26.01 44.87 42.07
CA ALA B 716 27.01 44.72 41.01
C ALA B 716 27.53 46.10 40.57
N THR B 717 28.59 46.11 39.75
CA THR B 717 29.17 47.36 39.20
C THR B 717 29.07 47.40 37.68
N LEU B 718 28.54 48.46 37.13
CA LEU B 718 28.58 48.65 35.68
C LEU B 718 29.21 50.01 35.46
N SER B 719 30.16 50.03 34.51
CA SER B 719 30.90 51.22 34.13
C SER B 719 30.65 51.42 32.67
N LEU B 720 30.40 52.66 32.25
CA LEU B 720 30.15 52.93 30.83
C LEU B 720 31.31 53.76 30.35
N ASN B 721 31.79 53.43 29.15
CA ASN B 721 32.96 54.05 28.57
C ASN B 721 34.29 53.86 29.26
N SER B 722 34.35 53.97 30.59
CA SER B 722 35.61 53.85 31.29
C SER B 722 35.35 53.36 32.71
N ARG B 723 36.35 52.69 33.27
CA ARG B 723 36.28 52.21 34.63
C ARG B 723 36.75 53.32 35.59
N PRO B 724 36.33 53.28 36.86
CA PRO B 724 36.69 54.32 37.84
C PRO B 724 38.03 53.98 38.48
N ASP B 725 38.69 53.08 37.78
CA ASP B 725 39.90 52.43 38.11
C ASP B 725 41.06 53.05 37.35
N GLU B 726 40.73 53.56 36.16
CA GLU B 726 41.71 53.82 35.12
C GLU B 726 41.34 55.05 34.37
N VAL B 727 42.37 55.80 34.02
CA VAL B 727 42.27 56.99 33.19
C VAL B 727 42.67 56.65 31.74
N SER B 728 41.76 56.76 30.80
CA SER B 728 42.09 56.46 29.42
C SER B 728 42.29 57.70 28.57
N HIS B 729 43.30 57.67 27.69
CA HIS B 729 43.53 58.79 26.77
C HIS B 729 43.12 58.43 25.39
N THR B 730 42.36 57.35 25.25
CA THR B 730 41.87 56.92 23.92
C THR B 730 40.36 56.90 23.69
N LEU B 731 39.56 57.26 24.70
CA LEU B 731 38.08 57.36 24.61
C LEU B 731 37.48 57.85 23.31
N LEU B 732 36.36 57.28 22.93
CA LEU B 732 35.56 57.75 21.82
C LEU B 732 34.27 58.22 22.47
N PRO B 733 33.61 59.25 21.92
CA PRO B 733 32.27 59.51 22.43
C PRO B 733 31.35 58.31 22.16
N VAL B 734 30.50 57.97 23.14
CA VAL B 734 29.53 56.84 23.00
C VAL B 734 28.09 57.15 23.42
N TYR B 735 27.10 56.45 22.85
CA TYR B 735 25.75 56.36 23.39
C TYR B 735 25.55 55.30 24.48
N ASP B 736 24.75 55.65 25.50
CA ASP B 736 24.24 54.71 26.48
C ASP B 736 22.78 54.96 26.80
N TYR B 737 21.90 54.25 26.10
CA TYR B 737 20.46 54.44 26.26
C TYR B 737 19.88 53.21 26.91
N ALA B 738 18.86 53.40 27.75
CA ALA B 738 18.09 52.31 28.40
C ALA B 738 16.68 52.81 28.66
N GLY B 739 15.68 51.94 28.59
CA GLY B 739 14.37 52.23 29.18
C GLY B 739 14.56 52.63 30.63
N SER B 740 15.42 51.93 31.37
CA SER B 740 15.75 52.34 32.72
C SER B 740 17.08 51.79 33.23
N TRP B 741 17.71 52.51 34.15
CA TRP B 741 18.84 52.03 34.87
C TRP B 741 18.43 51.77 36.32
N ASN B 742 18.32 50.51 36.75
CA ASN B 742 17.76 50.19 38.07
C ASN B 742 18.70 49.54 39.09
N LEU B 743 19.08 50.25 40.13
CA LEU B 743 20.02 49.71 41.06
C LEU B 743 19.33 49.24 42.33
N LYS B 744 19.66 48.00 42.72
CA LYS B 744 19.35 47.43 44.02
C LYS B 744 20.61 47.10 44.84
N GLY B 745 20.51 47.35 46.13
CA GLY B 745 21.44 46.87 47.10
C GLY B 745 22.48 47.90 47.35
N ASP B 746 23.00 47.91 48.56
CA ASP B 746 23.96 48.87 48.98
C ASP B 746 25.18 48.89 48.08
N ASP B 747 25.49 47.75 47.45
CA ASP B 747 26.75 47.64 46.76
C ASP B 747 26.63 47.95 45.28
N ALA B 748 25.43 48.21 44.78
CA ALA B 748 25.28 48.54 43.35
C ALA B 748 25.99 49.85 43.05
N ARG B 749 26.68 49.85 41.91
CA ARG B 749 27.46 51.00 41.43
C ARG B 749 27.24 51.15 39.95
N LEU B 750 26.91 52.35 39.52
CA LEU B 750 26.85 52.68 38.13
C LEU B 750 27.87 53.81 37.91
N ASN B 751 28.89 53.54 37.06
CA ASN B 751 29.93 54.52 36.78
C ASN B 751 29.88 54.97 35.33
N VAL B 752 29.62 56.25 35.12
CA VAL B 752 29.41 56.72 33.76
C VAL B 752 30.61 57.58 33.51
N GLY B 753 31.53 56.97 32.79
CA GLY B 753 32.75 57.61 32.36
C GLY B 753 32.42 58.78 31.45
N PRO B 754 33.41 59.64 31.24
CA PRO B 754 33.21 60.81 30.45
C PRO B 754 32.98 60.44 29.01
N TYR B 755 32.46 61.40 28.25
CA TYR B 755 32.09 61.26 26.83
C TYR B 755 30.99 60.23 26.57
N SER B 756 30.17 60.05 27.60
CA SER B 756 28.97 59.26 27.43
C SER B 756 27.70 60.13 27.34
N MET B 757 26.90 59.96 26.28
CA MET B 757 25.55 60.50 26.18
C MET B 757 24.65 59.53 26.85
N LEU B 758 24.25 59.84 28.07
CA LEU B 758 23.41 58.96 28.84
C LEU B 758 21.97 59.38 28.67
N SER B 759 21.12 58.40 28.47
CA SER B 759 19.71 58.60 28.41
C SER B 759 18.98 57.50 29.27
N GLY B 760 17.89 57.89 29.93
CA GLY B 760 16.98 56.98 30.62
C GLY B 760 16.90 57.29 32.10
N ASN B 761 15.76 56.91 32.70
CA ASN B 761 15.56 57.19 34.12
C ASN B 761 16.42 56.29 34.92
N ILE B 762 16.96 56.84 36.00
CA ILE B 762 17.82 56.09 36.88
C ILE B 762 17.06 55.85 38.22
N ASN B 763 16.88 54.59 38.60
CA ASN B 763 16.19 54.24 39.86
C ASN B 763 17.15 53.55 40.82
N VAL B 764 17.30 54.07 42.04
CA VAL B 764 18.15 53.43 43.01
C VAL B 764 17.38 53.07 44.28
N GLN B 765 17.39 51.76 44.56
CA GLN B 765 16.77 51.18 45.70
C GLN B 765 17.94 50.78 46.55
N ASP B 766 17.95 51.28 47.78
CA ASP B 766 19.03 51.09 48.73
C ASP B 766 20.10 52.14 48.53
N LYS B 767 21.22 52.01 49.24
CA LYS B 767 22.22 53.02 49.17
C LYS B 767 23.28 52.75 48.07
N GLY B 768 22.83 52.47 46.85
CA GLY B 768 23.71 52.46 45.70
C GLY B 768 24.47 53.78 45.45
N THR B 769 25.45 53.72 44.55
CA THR B 769 26.14 54.88 44.11
C THR B 769 25.99 55.02 42.62
N VAL B 770 25.60 56.21 42.18
CA VAL B 770 25.71 56.58 40.77
C VAL B 770 26.71 57.74 40.65
N THR B 771 27.62 57.66 39.67
CA THR B 771 28.71 58.61 39.49
C THR B 771 28.77 59.02 38.02
N LEU B 772 28.44 60.28 37.71
CA LEU B 772 28.49 60.81 36.34
C LEU B 772 29.73 61.66 36.18
N GLY B 773 30.62 61.15 35.32
CA GLY B 773 31.90 61.79 35.02
C GLY B 773 33.14 61.29 35.73
N GLY B 774 34.23 61.25 35.02
CA GLY B 774 35.52 61.03 35.64
C GLY B 774 36.59 61.45 34.65
N GLU B 775 37.85 61.28 35.03
CA GLU B 775 38.99 61.68 34.19
C GLU B 775 39.17 60.77 32.99
N GLY B 776 39.74 61.33 31.93
CA GLY B 776 39.89 60.61 30.67
C GLY B 776 39.84 61.61 29.54
N GLU B 777 40.64 61.35 28.53
CA GLU B 777 40.72 62.23 27.34
C GLU B 777 40.36 61.44 26.08
N LEU B 778 39.77 62.12 25.10
CA LEU B 778 39.46 61.53 23.81
C LEU B 778 40.71 61.15 23.03
N SER B 779 40.55 60.25 22.07
CA SER B 779 41.59 59.96 21.10
C SER B 779 41.88 61.14 20.19
N PRO B 780 43.16 61.33 19.80
CA PRO B 780 43.41 62.31 18.73
C PRO B 780 42.76 61.95 17.40
N ASP B 781 42.40 60.68 17.18
CA ASP B 781 41.86 60.26 15.88
C ASP B 781 40.37 59.91 15.94
N LEU B 782 39.56 60.82 15.42
CA LEU B 782 38.13 60.70 15.58
C LEU B 782 37.53 60.64 14.23
N THR B 783 36.63 59.70 14.00
CA THR B 783 35.89 59.66 12.75
C THR B 783 35.01 60.92 12.63
N LEU B 784 34.42 61.11 11.47
CA LEU B 784 33.41 62.12 11.28
C LEU B 784 32.21 61.90 12.21
N GLN B 785 31.68 60.67 12.26
CA GLN B 785 30.56 60.37 13.17
C GLN B 785 30.89 60.69 14.64
N ASN B 786 32.07 60.25 15.09
CA ASN B 786 32.65 60.61 16.38
C ASN B 786 32.72 62.13 16.56
N GLN B 787 33.03 62.84 15.48
CA GLN B 787 33.12 64.29 15.51
C GLN B 787 31.75 64.90 15.71
N MET B 788 30.78 64.47 14.91
CA MET B 788 29.42 64.99 14.97
C MET B 788 28.79 64.78 16.35
N LEU B 789 29.04 63.62 16.92
CA LEU B 789 28.55 63.29 18.23
C LEU B 789 29.20 64.13 19.34
N TYR B 790 30.51 64.30 19.29
CA TYR B 790 31.24 65.11 20.27
C TYR B 790 30.80 66.57 20.32
N SER B 791 30.39 67.10 19.17
CA SER B 791 29.75 68.40 19.05
C SER B 791 28.49 68.45 19.88
N LEU B 792 27.70 67.37 19.87
CA LEU B 792 26.41 67.40 20.55
C LEU B 792 26.52 67.49 22.08
N PHE B 793 27.73 67.36 22.61
CA PHE B 793 27.98 67.48 24.05
C PHE B 793 28.05 68.94 24.53
N ASN B 794 28.26 69.83 23.55
CA ASN B 794 28.27 71.28 23.75
C ASN B 794 29.26 71.71 24.80
N GLY B 795 30.38 71.02 24.82
CA GLY B 795 31.45 71.34 25.74
C GLY B 795 31.41 70.62 27.08
N TYR B 796 30.34 69.89 27.37
CA TYR B 796 30.29 69.11 28.61
C TYR B 796 30.94 67.78 28.39
N ARG B 797 31.57 67.26 29.45
CA ARG B 797 32.05 65.88 29.47
C ARG B 797 30.95 64.80 29.48
N ASN B 798 29.75 65.10 30.00
CA ASN B 798 28.63 64.16 30.10
C ASN B 798 27.29 64.89 29.93
N ILE B 799 26.41 64.38 29.08
CA ILE B 799 25.04 64.83 29.05
C ILE B 799 24.19 63.66 29.57
N TRP B 800 23.31 63.93 30.54
CA TRP B 800 22.26 62.96 30.89
C TRP B 800 20.87 63.54 30.68
N SER B 801 20.05 62.78 29.97
CA SER B 801 18.64 63.04 29.92
C SER B 801 17.79 61.98 30.68
N GLY B 802 17.29 62.35 31.87
CA GLY B 802 16.23 61.58 32.55
C GLY B 802 15.90 62.00 33.99
N SER B 803 14.95 61.29 34.61
CA SER B 803 14.58 61.48 36.04
C SER B 803 15.37 60.59 37.00
N LEU B 804 15.68 61.10 38.17
CA LEU B 804 16.42 60.38 39.17
C LEU B 804 15.52 60.06 40.37
N ASN B 805 15.25 58.76 40.58
CA ASN B 805 14.54 58.29 41.75
C ASN B 805 15.46 57.51 42.71
N ALA B 806 16.22 58.22 43.53
CA ALA B 806 17.27 57.58 44.28
C ALA B 806 17.25 57.99 45.70
N PRO B 807 16.13 57.75 46.41
CA PRO B 807 15.99 58.39 47.74
C PRO B 807 17.08 58.12 48.74
N ASP B 808 17.74 56.96 48.74
CA ASP B 808 18.83 56.72 49.74
C ASP B 808 20.27 56.61 49.15
N ALA B 809 20.36 56.86 47.83
CA ALA B 809 21.58 56.72 47.02
C ALA B 809 22.53 57.87 47.28
N THR B 810 23.79 57.71 46.87
CA THR B 810 24.75 58.78 46.75
C THR B 810 24.94 59.00 45.25
N VAL B 811 24.84 60.26 44.79
CA VAL B 811 24.79 60.54 43.34
C VAL B 811 25.69 61.72 43.04
N SER B 812 26.71 61.51 42.20
CA SER B 812 27.76 62.44 41.94
C SER B 812 27.78 62.77 40.44
N MET B 813 27.95 64.05 40.12
CA MET B 813 27.99 64.52 38.69
C MET B 813 29.04 65.61 38.61
N THR B 814 29.78 65.61 37.50
CA THR B 814 30.89 66.50 37.32
C THR B 814 30.93 66.80 35.84
N ASP B 815 31.09 68.07 35.50
CA ASP B 815 31.15 68.57 34.12
C ASP B 815 30.01 68.04 33.31
N THR B 816 28.87 67.97 33.95
CA THR B 816 27.70 67.34 33.40
C THR B 816 26.60 68.34 33.05
N GLN B 817 25.89 68.09 31.97
CA GLN B 817 24.69 68.83 31.68
C GLN B 817 23.57 67.85 31.95
N TRP B 818 22.81 68.10 33.00
CA TRP B 818 21.69 67.23 33.38
C TRP B 818 20.32 67.82 33.04
N SER B 819 19.64 67.15 32.13
CA SER B 819 18.32 67.52 31.74
C SER B 819 17.33 66.59 32.41
N MET B 820 16.64 67.13 33.41
CA MET B 820 15.79 66.29 34.22
C MET B 820 14.37 66.36 33.76
N ASN B 821 13.76 65.25 33.38
CA ASN B 821 12.43 65.37 32.78
C ASN B 821 11.31 65.07 33.73
N GLY B 822 11.60 65.12 35.03
CA GLY B 822 10.56 64.76 35.99
C GLY B 822 10.98 64.96 37.42
N ASN B 823 10.00 64.86 38.32
CA ASN B 823 10.31 65.01 39.73
C ASN B 823 11.41 64.04 40.13
N SER B 824 12.32 64.46 41.00
CA SER B 824 13.55 63.76 41.26
C SER B 824 14.02 63.85 42.71
N THR B 825 14.61 62.76 43.20
CA THR B 825 15.05 62.67 44.59
C THR B 825 16.38 61.97 44.74
N ALA B 826 17.19 62.41 45.69
CA ALA B 826 18.52 61.87 45.99
C ALA B 826 18.78 61.89 47.49
N GLY B 827 19.50 60.90 47.99
CA GLY B 827 19.86 60.90 49.37
C GLY B 827 20.93 61.95 49.52
N ASN B 828 22.10 61.64 48.95
CA ASN B 828 23.27 62.50 49.01
C ASN B 828 23.64 62.87 47.59
N MET B 829 23.62 64.15 47.24
CA MET B 829 24.01 64.53 45.89
C MET B 829 25.21 65.45 45.91
N LYS B 830 26.10 65.26 44.91
CA LYS B 830 27.38 65.93 44.81
C LYS B 830 27.49 66.47 43.39
N LEU B 831 27.70 67.77 43.26
CA LEU B 831 27.75 68.39 41.96
C LEU B 831 28.99 69.17 41.90
N ASN B 832 29.75 68.98 40.83
CA ASN B 832 30.98 69.76 40.61
C ASN B 832 31.00 70.21 39.18
N ARG B 833 30.89 71.52 39.00
CA ARG B 833 30.84 72.16 37.67
C ARG B 833 29.86 71.50 36.78
N THR B 834 28.64 71.35 37.27
CA THR B 834 27.56 70.73 36.55
C THR B 834 26.35 71.66 36.55
N ILE B 835 25.55 71.58 35.49
CA ILE B 835 24.35 72.37 35.33
C ILE B 835 23.16 71.45 35.20
N VAL B 836 22.11 71.78 35.95
CA VAL B 836 20.86 71.02 36.02
C VAL B 836 19.69 71.86 35.51
N GLY B 837 18.95 71.35 34.54
CA GLY B 837 17.81 72.06 34.04
C GLY B 837 16.56 71.22 34.07
N PHE B 838 15.40 71.83 34.18
CA PHE B 838 14.18 71.03 34.29
C PHE B 838 13.45 71.00 32.97
N ASN B 839 13.12 69.80 32.49
CA ASN B 839 11.89 69.59 31.72
C ASN B 839 10.83 68.98 32.60
N GLY B 840 9.92 68.29 31.95
CA GLY B 840 8.75 67.77 32.65
C GLY B 840 7.68 68.85 32.70
N GLY B 841 6.69 68.63 33.56
CA GLY B 841 5.48 69.43 33.65
C GLY B 841 5.68 70.94 33.73
N THR B 842 4.81 71.63 33.03
CA THR B 842 4.70 73.06 33.14
C THR B 842 3.60 73.35 34.17
N SER B 843 2.71 72.36 34.28
CA SER B 843 1.54 72.43 35.15
C SER B 843 1.30 71.08 35.81
N PRO B 844 1.94 70.86 36.98
CA PRO B 844 2.85 71.75 37.69
C PRO B 844 4.28 71.64 37.19
N PHE B 845 5.11 72.58 37.65
CA PHE B 845 6.54 72.58 37.47
C PHE B 845 7.16 71.37 38.14
N THR B 846 8.48 71.27 38.08
CA THR B 846 9.10 70.07 38.56
C THR B 846 10.03 70.32 39.73
N THR B 847 10.15 69.31 40.58
CA THR B 847 10.95 69.41 41.78
C THR B 847 12.15 68.40 41.92
N LEU B 848 13.26 68.90 42.44
CA LEU B 848 14.37 68.08 42.80
C LEU B 848 14.50 68.14 44.32
N THR B 849 14.27 66.99 44.95
CA THR B 849 14.36 66.90 46.42
C THR B 849 15.60 66.15 46.89
N THR B 850 16.28 66.70 47.87
CA THR B 850 17.49 66.03 48.26
C THR B 850 17.77 66.19 49.74
N ASP B 851 18.43 65.20 50.36
CA ASP B 851 18.73 65.31 51.78
C ASP B 851 20.00 66.09 51.96
N ASN B 852 21.04 65.65 51.25
CA ASN B 852 22.33 66.28 51.37
C ASN B 852 22.80 66.71 50.00
N LEU B 853 23.10 67.99 49.86
CA LEU B 853 23.65 68.49 48.62
C LEU B 853 24.97 69.14 48.89
N ASP B 854 25.99 68.66 48.18
CA ASP B 854 27.28 69.33 48.08
C ASP B 854 27.44 69.86 46.65
N ALA B 855 27.36 71.18 46.50
CA ALA B 855 27.34 71.77 45.16
C ALA B 855 28.51 72.74 44.95
N VAL B 856 29.33 72.50 43.95
CA VAL B 856 30.48 73.38 43.73
C VAL B 856 30.56 73.78 42.27
N GLN B 857 30.81 75.08 42.05
CA GLN B 857 30.84 75.70 40.74
C GLN B 857 29.75 75.18 39.81
N SER B 858 28.51 75.02 40.31
CA SER B 858 27.45 74.37 39.57
C SER B 858 26.24 75.31 39.50
N ALA B 859 25.26 74.94 38.69
CA ALA B 859 24.11 75.79 38.52
C ALA B 859 22.80 75.05 38.27
N PHE B 860 21.70 75.72 38.65
CA PHE B 860 20.36 75.23 38.38
C PHE B 860 19.63 76.26 37.55
N VAL B 861 18.89 75.77 36.57
CA VAL B 861 18.14 76.62 35.71
C VAL B 861 16.70 76.27 35.93
N MET B 862 15.98 77.11 36.66
CA MET B 862 14.53 76.87 36.71
C MET B 862 13.65 77.79 35.85
N ARG B 863 12.46 77.30 35.55
CA ARG B 863 11.53 78.00 34.70
C ARG B 863 10.41 78.57 35.58
N THR B 864 9.89 79.77 35.25
CA THR B 864 8.67 80.39 35.88
C THR B 864 7.63 80.82 34.90
N ASP B 865 6.38 80.79 35.34
CA ASP B 865 5.31 81.47 34.60
C ASP B 865 4.87 82.70 35.42
N LEU B 866 5.81 83.18 36.24
CA LEU B 866 5.60 84.36 37.13
C LEU B 866 4.72 84.10 38.36
N ASN B 867 3.83 83.10 38.24
CA ASN B 867 3.03 82.58 39.33
C ASN B 867 3.77 81.49 40.13
N LYS B 868 4.22 80.44 39.44
CA LYS B 868 4.98 79.34 40.05
C LYS B 868 6.31 79.04 39.32
N ALA B 869 7.10 78.13 39.91
CA ALA B 869 8.39 77.72 39.33
C ALA B 869 8.82 76.26 39.65
N ASP B 870 9.88 75.80 38.97
CA ASP B 870 10.61 74.61 39.37
C ASP B 870 11.30 74.95 40.68
N LYS B 871 11.61 73.95 41.49
CA LYS B 871 12.10 74.16 42.84
C LYS B 871 13.19 73.14 43.20
N LEU B 872 14.24 73.60 43.86
CA LEU B 872 15.22 72.73 44.50
C LEU B 872 14.95 72.70 46.03
N VAL B 873 14.74 71.48 46.54
CA VAL B 873 14.51 71.25 47.96
C VAL B 873 15.69 70.47 48.53
N ILE B 874 16.39 71.09 49.45
CA ILE B 874 17.41 70.46 50.30
C ILE B 874 16.88 70.28 51.78
N ASN B 875 16.74 69.03 52.24
CA ASN B 875 16.21 68.72 53.58
C ASN B 875 17.20 68.75 54.75
N LYS B 876 18.43 68.28 54.59
CA LYS B 876 19.24 68.15 55.79
C LYS B 876 20.55 68.91 55.82
N SER B 877 21.15 69.18 54.65
CA SER B 877 22.47 69.90 54.56
C SER B 877 22.88 70.35 53.16
N ALA B 878 23.39 71.56 53.06
CA ALA B 878 23.74 72.14 51.81
C ALA B 878 25.13 72.66 51.99
N THR B 879 26.01 72.34 51.06
CA THR B 879 27.42 72.48 51.27
C THR B 879 28.11 72.86 49.99
N GLY B 880 29.28 73.44 50.08
CA GLY B 880 30.00 73.82 48.86
C GLY B 880 30.18 75.32 48.67
N HIS B 881 30.19 75.77 47.42
CA HIS B 881 30.45 77.17 47.04
C HIS B 881 30.21 77.55 45.57
N ASP B 882 29.87 78.82 45.36
CA ASP B 882 29.78 79.46 44.02
C ASP B 882 28.77 78.76 43.13
N ASN B 883 27.53 78.65 43.57
CA ASN B 883 26.45 78.15 42.71
C ASN B 883 25.51 79.26 42.25
N SER B 884 24.98 79.07 41.04
CA SER B 884 24.12 80.04 40.37
C SER B 884 22.75 79.51 40.12
N ILE B 885 21.74 80.36 40.21
CA ILE B 885 20.37 80.00 39.86
C ILE B 885 19.99 80.85 38.66
N TRP B 886 19.67 80.15 37.58
CA TRP B 886 19.30 80.79 36.36
C TRP B 886 17.82 80.66 36.40
N VAL B 887 17.17 81.70 35.85
CA VAL B 887 15.73 81.68 35.72
C VAL B 887 15.35 81.93 34.28
N ASN B 888 14.59 80.99 33.76
CA ASN B 888 13.95 81.15 32.51
C ASN B 888 12.55 81.65 32.77
N PHE B 889 12.37 82.96 32.57
CA PHE B 889 11.05 83.60 32.60
C PHE B 889 10.34 83.26 31.31
N LEU B 890 9.28 82.47 31.43
CA LEU B 890 8.53 81.92 30.28
C LEU B 890 7.44 82.90 29.82
N LYS B 891 7.45 84.07 30.45
CA LYS B 891 6.76 85.27 29.98
C LYS B 891 7.43 86.46 30.67
N LYS B 892 7.36 87.61 30.00
CA LYS B 892 8.11 88.79 30.40
C LYS B 892 7.42 89.40 31.62
N PRO B 893 8.17 89.55 32.73
CA PRO B 893 7.70 90.19 33.95
C PRO B 893 7.74 91.73 33.87
N SER B 894 6.72 92.41 34.43
CA SER B 894 6.64 93.90 34.44
C SER B 894 6.70 94.54 35.85
N ASN B 895 6.37 95.84 35.96
CA ASN B 895 6.13 96.48 37.24
C ASN B 895 4.69 96.19 37.67
N LYS B 896 3.83 96.03 36.68
CA LYS B 896 2.43 95.63 36.91
C LYS B 896 2.21 94.29 37.61
N ASP B 897 3.28 93.56 37.93
CA ASP B 897 3.11 92.43 38.85
C ASP B 897 4.24 92.25 39.88
N THR B 898 4.02 91.31 40.78
CA THR B 898 4.76 91.18 42.01
C THR B 898 5.36 89.76 42.02
N LEU B 899 6.63 89.64 42.35
CA LEU B 899 7.29 88.34 42.30
C LEU B 899 7.58 87.77 43.66
N ASP B 900 6.94 86.64 43.98
CA ASP B 900 7.18 85.95 45.25
C ASP B 900 7.26 84.40 45.15
N ILE B 901 8.39 83.89 44.69
CA ILE B 901 8.52 82.43 44.47
C ILE B 901 9.78 81.84 45.10
N PRO B 902 9.60 80.97 46.10
CA PRO B 902 10.77 80.27 46.67
C PRO B 902 11.34 79.28 45.63
N LEU B 903 12.63 79.40 45.39
CA LEU B 903 13.26 78.56 44.37
C LEU B 903 14.16 77.45 44.97
N VAL B 904 14.84 77.79 46.06
CA VAL B 904 15.65 76.84 46.78
C VAL B 904 15.32 76.96 48.29
N SER B 905 15.22 75.82 48.98
CA SER B 905 15.08 75.79 50.44
C SER B 905 16.09 74.83 51.06
N ALA B 906 16.56 75.20 52.24
CA ALA B 906 17.68 74.55 52.84
C ALA B 906 17.61 74.73 54.34
N PRO B 907 18.31 73.86 55.08
CA PRO B 907 18.38 74.05 56.52
C PRO B 907 18.65 75.50 56.76
N GLU B 908 18.11 76.02 57.85
CA GLU B 908 18.21 77.45 58.12
C GLU B 908 19.68 77.89 58.21
N ALA B 909 20.58 77.03 58.66
CA ALA B 909 21.95 77.52 58.90
C ALA B 909 22.84 77.60 57.68
N THR B 910 22.32 77.19 56.53
CA THR B 910 23.10 77.28 55.29
C THR B 910 23.48 78.72 54.96
N ALA B 911 24.77 78.94 54.68
CA ALA B 911 25.28 80.26 54.21
C ALA B 911 24.41 80.90 53.09
N ASP B 912 24.25 82.23 53.12
CA ASP B 912 23.36 82.98 52.18
C ASP B 912 23.80 82.90 50.72
N ASN B 913 25.11 83.04 50.52
CA ASN B 913 25.64 83.09 49.17
C ASN B 913 26.10 81.73 48.62
N LEU B 914 25.62 80.62 49.17
CA LEU B 914 25.92 79.35 48.56
C LEU B 914 25.18 79.27 47.23
N PHE B 915 24.07 80.00 47.14
CA PHE B 915 23.30 80.24 45.92
C PHE B 915 23.22 81.77 45.65
N ARG B 916 23.11 82.14 44.37
CA ARG B 916 23.40 83.49 43.90
C ARG B 916 22.74 83.57 42.51
N ALA B 917 22.07 84.68 42.18
CA ALA B 917 21.33 84.77 40.93
C ALA B 917 22.30 84.71 39.77
N SER B 918 21.87 84.07 38.68
CA SER B 918 22.65 84.17 37.44
C SER B 918 22.80 85.63 37.04
N THR B 919 23.93 85.88 36.43
CA THR B 919 24.32 87.11 35.84
C THR B 919 23.93 87.16 34.36
N ARG B 920 23.46 86.03 33.82
CA ARG B 920 23.11 85.97 32.41
C ARG B 920 21.69 85.50 32.20
N VAL B 921 21.12 85.77 31.05
CA VAL B 921 19.74 85.39 30.85
C VAL B 921 19.65 84.09 30.11
N VAL B 922 18.54 83.38 30.33
CA VAL B 922 18.15 82.23 29.54
C VAL B 922 16.71 82.46 29.19
N GLY B 923 16.29 82.12 27.97
CA GLY B 923 14.91 82.41 27.51
C GLY B 923 14.72 83.74 26.74
N PHE B 924 13.47 84.12 26.51
CA PHE B 924 13.18 85.29 25.65
C PHE B 924 13.04 86.64 26.39
N SER B 925 13.22 86.62 27.70
CA SER B 925 12.78 87.71 28.55
C SER B 925 13.70 88.92 28.55
N ASP B 926 14.98 88.73 28.23
CA ASP B 926 15.99 89.78 28.37
C ASP B 926 16.11 90.42 29.78
N VAL B 927 15.77 89.64 30.81
CA VAL B 927 16.02 89.99 32.23
C VAL B 927 16.62 88.83 33.03
N THR B 928 17.26 89.20 34.13
CA THR B 928 18.08 88.40 35.03
C THR B 928 17.33 88.37 36.34
N PRO B 929 17.36 87.24 37.10
CA PRO B 929 16.56 87.25 38.34
C PRO B 929 17.19 88.04 39.47
N ILE B 930 16.36 88.44 40.42
CA ILE B 930 16.86 88.95 41.67
C ILE B 930 16.45 87.95 42.72
N LEU B 931 17.44 87.55 43.53
CA LEU B 931 17.24 86.55 44.57
C LEU B 931 17.46 87.13 45.94
N SER B 932 16.44 87.04 46.80
CA SER B 932 16.70 87.38 48.20
C SER B 932 16.36 86.27 49.19
N VAL B 933 17.16 86.21 50.24
CA VAL B 933 17.09 85.19 51.24
C VAL B 933 16.10 85.61 52.36
N ARG B 934 15.17 84.72 52.71
CA ARG B 934 14.37 84.83 53.93
C ARG B 934 14.43 83.48 54.71
N LYS B 935 13.89 83.43 55.93
CA LYS B 935 13.63 82.15 56.61
C LYS B 935 12.15 81.96 56.86
N GLU B 936 11.69 80.73 56.87
CA GLU B 936 10.28 80.49 56.62
C GLU B 936 9.99 79.00 56.76
N ASP B 937 9.08 78.67 57.67
CA ASP B 937 8.59 77.28 57.86
C ASP B 937 9.71 76.27 58.12
N GLY B 938 10.68 76.66 58.97
CA GLY B 938 11.80 75.80 59.33
C GLY B 938 12.83 75.54 58.24
N LYS B 939 13.00 76.52 57.34
CA LYS B 939 13.87 76.44 56.16
C LYS B 939 14.36 77.81 55.65
N LYS B 940 15.65 77.96 55.36
CA LYS B 940 16.10 79.12 54.58
C LYS B 940 15.59 79.01 53.15
N GLU B 941 14.99 80.07 52.61
CA GLU B 941 14.54 80.09 51.22
C GLU B 941 15.31 81.11 50.34
N TRP B 942 15.61 80.75 49.09
CA TRP B 942 16.12 81.71 48.12
C TRP B 942 14.91 82.06 47.28
N VAL B 943 14.51 83.33 47.34
CA VAL B 943 13.22 83.74 46.77
C VAL B 943 13.36 84.59 45.50
N LEU B 944 12.65 84.15 44.45
CA LEU B 944 12.51 84.95 43.24
C LEU B 944 11.58 86.14 43.48
N ASP B 945 12.21 87.30 43.47
CA ASP B 945 11.80 88.45 44.24
C ASP B 945 11.66 89.68 43.41
N GLY B 946 12.12 89.56 42.18
CA GLY B 946 12.22 90.66 41.23
C GLY B 946 13.15 90.26 40.11
N TYR B 947 13.36 91.17 39.17
CA TYR B 947 14.19 90.92 38.01
C TYR B 947 15.04 92.18 37.74
N GLN B 948 16.11 92.06 36.94
CA GLN B 948 16.89 93.21 36.48
C GLN B 948 16.91 93.19 34.99
N VAL B 949 16.91 94.39 34.40
CA VAL B 949 17.27 94.57 33.01
C VAL B 949 18.66 93.94 32.81
N ALA B 950 18.78 93.15 31.75
CA ALA B 950 19.93 92.31 31.48
C ALA B 950 21.15 93.07 31.08
N ARG B 951 22.22 92.93 31.83
CA ARG B 951 23.49 93.49 31.42
C ARG B 951 24.02 92.77 30.20
N ASN B 952 24.29 93.49 29.11
CA ASN B 952 24.96 92.90 27.95
C ASN B 952 26.47 92.78 28.22
N ASP B 953 26.95 91.59 28.57
CA ASP B 953 28.36 91.41 28.93
C ASP B 953 29.24 90.75 27.82
N GLY B 954 28.95 91.15 26.58
CA GLY B 954 29.81 90.92 25.44
C GLY B 954 29.92 89.46 25.08
N GLN B 955 28.80 88.74 25.24
CA GLN B 955 28.71 87.28 25.06
C GLN B 955 27.88 86.97 23.84
N GLY B 956 27.29 88.03 23.24
CA GLY B 956 26.32 87.90 22.14
C GLY B 956 25.00 87.46 22.73
N LYS B 957 24.15 86.84 21.89
CA LYS B 957 22.79 86.46 22.25
C LYS B 957 22.64 85.47 23.42
N ALA B 958 21.48 85.51 24.06
CA ALA B 958 21.22 84.66 25.17
C ALA B 958 20.70 83.31 24.72
N ALA B 959 21.11 82.29 25.46
CA ALA B 959 20.62 80.92 25.34
C ALA B 959 19.08 80.86 25.33
N ALA B 960 18.49 80.20 24.34
CA ALA B 960 17.03 80.12 24.20
C ALA B 960 16.36 79.22 25.21
N THR B 961 17.01 78.09 25.52
CA THR B 961 16.67 77.23 26.66
C THR B 961 17.94 76.81 27.35
N PHE B 962 17.77 76.04 28.41
CA PHE B 962 18.89 75.61 29.18
C PHE B 962 19.77 74.64 28.36
N MET B 963 19.14 73.94 27.42
CA MET B 963 19.84 73.05 26.51
C MET B 963 20.85 73.79 25.61
N HIS B 964 20.66 75.09 25.39
CA HIS B 964 21.55 75.90 24.57
C HIS B 964 22.63 76.60 25.39
N ILE B 965 22.63 76.38 26.70
CA ILE B 965 23.67 76.93 27.56
C ILE B 965 24.93 76.07 27.38
N SER B 966 25.92 76.62 26.69
CA SER B 966 27.14 75.88 26.42
C SER B 966 27.86 75.69 27.73
N TYR B 967 28.78 74.75 27.79
CA TYR B 967 29.51 74.60 29.01
C TYR B 967 30.32 75.87 29.30
N ASN B 968 30.84 76.46 28.22
CA ASN B 968 31.68 77.65 28.35
C ASN B 968 30.79 78.82 28.87
N ASN B 969 29.56 78.93 28.34
CA ASN B 969 28.60 79.90 28.84
C ASN B 969 28.37 79.72 30.36
N PHE B 970 27.99 78.49 30.75
CA PHE B 970 27.72 78.11 32.13
C PHE B 970 28.91 78.39 33.06
N ILE B 971 30.10 77.98 32.66
CA ILE B 971 31.24 78.01 33.58
C ILE B 971 31.86 79.39 33.75
N THR B 972 31.83 80.18 32.68
CA THR B 972 32.32 81.56 32.76
C THR B 972 31.31 82.39 33.58
N GLU B 973 30.03 82.01 33.58
CA GLU B 973 29.06 82.67 34.42
C GLU B 973 29.35 82.42 35.89
N VAL B 974 29.65 81.18 36.25
CA VAL B 974 29.97 80.82 37.64
C VAL B 974 31.19 81.58 38.17
N ASN B 975 32.16 81.79 37.28
CA ASN B 975 33.50 82.28 37.65
C ASN B 975 33.63 83.81 37.81
N GLY C 1 -74.88 -14.80 -42.62
CA GLY C 1 -74.44 -14.75 -44.05
C GLY C 1 -75.12 -15.80 -44.91
N THR C 2 -75.37 -15.42 -46.14
CA THR C 2 -76.02 -16.31 -47.07
C THR C 2 -75.05 -16.51 -48.22
N VAL C 3 -74.79 -17.78 -48.54
CA VAL C 3 -73.96 -18.17 -49.71
C VAL C 3 -74.71 -19.19 -50.58
N ASN C 4 -74.19 -19.40 -51.78
CA ASN C 4 -74.76 -20.37 -52.74
C ASN C 4 -74.41 -21.82 -52.34
N ASN C 5 -75.20 -22.80 -52.82
CA ASN C 5 -74.93 -24.20 -52.48
C ASN C 5 -73.99 -24.93 -53.44
N GLU C 6 -73.47 -24.22 -54.43
CA GLU C 6 -72.57 -24.75 -55.44
C GLU C 6 -71.12 -24.84 -54.97
N LEU C 7 -70.74 -24.02 -53.96
CA LEU C 7 -69.33 -23.97 -53.43
C LEU C 7 -69.15 -24.64 -52.08
N GLY C 8 -67.98 -25.27 -51.87
CA GLY C 8 -67.74 -26.03 -50.66
C GLY C 8 -67.84 -25.03 -49.54
N TYR C 9 -68.70 -25.34 -48.56
CA TYR C 9 -68.85 -24.45 -47.43
C TYR C 9 -67.54 -24.01 -46.74
N GLN C 10 -66.56 -24.92 -46.62
CA GLN C 10 -65.32 -24.67 -45.84
C GLN C 10 -64.53 -23.52 -46.52
N LEU C 11 -64.78 -23.25 -47.80
CA LEU C 11 -64.08 -22.19 -48.46
C LEU C 11 -64.40 -20.82 -47.82
N PHE C 12 -65.69 -20.55 -47.66
CA PHE C 12 -66.13 -19.32 -47.01
C PHE C 12 -65.61 -19.21 -45.55
N ARG C 13 -65.54 -20.36 -44.85
CA ARG C 13 -65.03 -20.39 -43.45
C ARG C 13 -63.53 -20.07 -43.40
N ASP C 14 -62.73 -20.76 -44.18
CA ASP C 14 -61.31 -20.42 -44.24
C ASP C 14 -61.08 -19.03 -44.70
N PHE C 15 -61.91 -18.54 -45.61
CA PHE C 15 -61.72 -17.21 -46.19
C PHE C 15 -61.87 -16.17 -45.10
N ALA C 16 -62.94 -16.29 -44.33
CA ALA C 16 -63.18 -15.27 -43.30
C ALA C 16 -62.06 -15.35 -42.23
N GLU C 17 -61.58 -16.55 -41.95
CA GLU C 17 -60.65 -16.71 -40.82
C GLU C 17 -59.20 -16.52 -41.27
N ASN C 18 -58.98 -16.14 -42.54
CA ASN C 18 -57.62 -16.00 -43.08
C ASN C 18 -56.82 -17.35 -42.99
N LYS C 19 -57.53 -18.47 -43.21
CA LYS C 19 -56.90 -19.77 -43.04
C LYS C 19 -56.77 -20.56 -44.32
N GLY C 20 -55.89 -21.59 -44.28
CA GLY C 20 -55.71 -22.47 -45.41
C GLY C 20 -55.14 -21.76 -46.63
N MET C 21 -55.84 -21.81 -47.76
CA MET C 21 -55.24 -21.20 -48.98
C MET C 21 -55.54 -19.69 -48.96
N PHE C 22 -56.30 -19.23 -47.95
CA PHE C 22 -56.66 -17.81 -47.88
C PHE C 22 -55.85 -17.05 -46.82
N ARG C 23 -54.72 -17.58 -46.35
CA ARG C 23 -54.00 -16.80 -45.39
C ARG C 23 -53.46 -15.53 -46.08
N PRO C 24 -53.15 -14.47 -45.30
CA PRO C 24 -52.77 -13.14 -45.84
C PRO C 24 -51.58 -13.22 -46.73
N GLY C 25 -51.57 -12.40 -47.80
CA GLY C 25 -50.49 -12.45 -48.82
C GLY C 25 -50.67 -13.49 -49.96
N ALA C 26 -51.60 -14.43 -49.81
CA ALA C 26 -51.77 -15.46 -50.84
C ALA C 26 -52.28 -14.89 -52.17
N THR C 27 -51.75 -15.41 -53.28
CA THR C 27 -52.07 -14.87 -54.63
C THR C 27 -52.68 -15.87 -55.57
N ASN C 28 -53.49 -15.36 -56.49
CA ASN C 28 -54.09 -16.17 -57.52
C ASN C 28 -54.77 -17.37 -56.89
N ILE C 29 -55.77 -17.10 -56.07
CA ILE C 29 -56.45 -18.18 -55.43
C ILE C 29 -57.62 -18.71 -56.24
N ALA C 30 -57.45 -19.91 -56.81
CA ALA C 30 -58.44 -20.36 -57.77
C ALA C 30 -59.51 -21.13 -57.07
N ILE C 31 -60.74 -20.84 -57.44
CA ILE C 31 -61.91 -21.37 -56.76
C ILE C 31 -62.64 -22.40 -57.62
N TYR C 32 -62.99 -23.54 -57.03
CA TYR C 32 -63.74 -24.56 -57.77
C TYR C 32 -65.02 -25.03 -57.10
N ASN C 33 -66.02 -25.20 -57.94
CA ASN C 33 -67.20 -26.00 -57.70
C ASN C 33 -67.09 -27.22 -56.83
N LYS C 34 -68.21 -27.65 -56.26
CA LYS C 34 -68.30 -29.01 -55.73
C LYS C 34 -68.15 -30.02 -56.86
N GLN C 35 -68.17 -29.53 -58.10
CA GLN C 35 -67.90 -30.34 -59.27
C GLN C 35 -66.49 -30.16 -59.79
N GLY C 36 -65.55 -29.78 -58.93
CA GLY C 36 -64.17 -29.52 -59.40
C GLY C 36 -64.13 -28.67 -60.68
N GLU C 37 -65.13 -27.80 -60.83
CA GLU C 37 -65.30 -26.94 -61.99
C GLU C 37 -64.96 -25.46 -61.65
N PHE C 38 -64.00 -24.91 -62.39
CA PHE C 38 -63.49 -23.56 -62.21
C PHE C 38 -64.51 -22.44 -62.29
N VAL C 39 -64.49 -21.57 -61.28
CA VAL C 39 -65.49 -20.49 -61.15
C VAL C 39 -64.91 -19.09 -61.33
N GLY C 40 -63.75 -18.87 -60.72
CA GLY C 40 -63.02 -17.61 -60.84
C GLY C 40 -61.77 -17.72 -59.99
N THR C 41 -60.92 -16.72 -60.13
CA THR C 41 -59.75 -16.64 -59.28
C THR C 41 -59.68 -15.29 -58.50
N LEU C 42 -59.12 -15.32 -57.28
CA LEU C 42 -58.89 -14.07 -56.52
C LEU C 42 -57.52 -13.51 -56.94
N ASP C 43 -57.51 -12.82 -58.06
CA ASP C 43 -56.25 -12.51 -58.65
C ASP C 43 -55.96 -11.04 -58.80
N LYS C 44 -56.78 -10.19 -58.21
CA LYS C 44 -56.62 -8.74 -58.38
C LYS C 44 -55.61 -8.10 -57.42
N ALA C 45 -55.44 -8.72 -56.24
CA ALA C 45 -54.39 -8.35 -55.26
C ALA C 45 -54.19 -9.54 -54.36
N ALA C 46 -53.14 -9.52 -53.55
CA ALA C 46 -52.98 -10.55 -52.50
C ALA C 46 -54.16 -10.59 -51.52
N MET C 47 -54.41 -11.75 -50.94
CA MET C 47 -55.45 -11.86 -49.95
C MET C 47 -55.06 -10.85 -48.86
N PRO C 48 -56.05 -10.08 -48.38
CA PRO C 48 -55.82 -9.13 -47.28
C PRO C 48 -55.68 -9.83 -45.99
N ASP C 49 -55.10 -9.09 -45.05
CA ASP C 49 -55.12 -9.44 -43.64
C ASP C 49 -56.41 -8.99 -42.92
N PHE C 50 -57.26 -9.88 -42.46
CA PHE C 50 -58.44 -9.43 -41.77
C PHE C 50 -58.28 -9.23 -40.31
N SER C 51 -57.08 -9.10 -39.80
CA SER C 51 -57.00 -9.30 -38.36
C SER C 51 -57.41 -8.05 -37.53
N ALA C 52 -57.68 -6.90 -38.15
CA ALA C 52 -58.35 -5.78 -37.43
C ALA C 52 -59.80 -6.09 -37.07
N VAL C 53 -60.39 -7.10 -37.70
CA VAL C 53 -61.78 -7.39 -37.48
C VAL C 53 -61.96 -8.17 -36.17
N ASP C 54 -62.82 -7.71 -35.31
CA ASP C 54 -62.95 -8.48 -34.07
C ASP C 54 -63.15 -9.98 -34.40
N SER C 55 -62.49 -10.85 -33.67
CA SER C 55 -62.37 -12.25 -34.06
C SER C 55 -63.52 -13.11 -33.58
N GLU C 56 -64.42 -12.58 -32.78
CA GLU C 56 -65.42 -13.44 -32.15
C GLU C 56 -66.65 -13.45 -33.04
N ILE C 57 -67.22 -12.28 -33.30
CA ILE C 57 -68.45 -12.16 -34.02
C ILE C 57 -68.35 -11.27 -35.29
N GLY C 58 -67.22 -10.62 -35.51
CA GLY C 58 -66.99 -9.95 -36.75
C GLY C 58 -67.88 -8.76 -37.00
N VAL C 59 -68.42 -8.16 -35.94
CA VAL C 59 -69.22 -6.94 -36.13
C VAL C 59 -68.45 -5.63 -36.07
N ALA C 60 -67.18 -5.66 -35.68
CA ALA C 60 -66.49 -4.40 -35.38
C ALA C 60 -65.04 -4.53 -35.75
N THR C 61 -64.48 -3.45 -36.32
CA THR C 61 -63.18 -3.47 -36.91
C THR C 61 -62.31 -2.35 -36.35
N LEU C 62 -61.08 -2.66 -35.95
CA LEU C 62 -60.14 -1.70 -35.36
C LEU C 62 -59.69 -0.73 -36.42
N ILE C 63 -59.89 0.57 -36.20
CA ILE C 63 -59.36 1.60 -37.15
C ILE C 63 -58.31 2.48 -36.60
N ASN C 64 -57.95 2.24 -35.34
CA ASN C 64 -56.92 3.04 -34.66
C ASN C 64 -56.60 2.17 -33.46
N PRO C 65 -55.43 2.31 -32.85
CA PRO C 65 -55.15 1.34 -31.78
C PRO C 65 -56.13 1.37 -30.63
N GLN C 66 -56.94 2.46 -30.50
CA GLN C 66 -57.83 2.62 -29.38
C GLN C 66 -59.32 2.73 -29.81
N TYR C 67 -59.57 2.62 -31.14
CA TYR C 67 -60.94 2.69 -31.66
C TYR C 67 -61.39 1.66 -32.71
N ILE C 68 -62.64 1.20 -32.56
CA ILE C 68 -63.26 0.31 -33.51
C ILE C 68 -64.31 1.07 -34.32
N ALA C 69 -64.77 0.47 -35.43
CA ALA C 69 -65.80 1.05 -36.28
C ALA C 69 -66.87 0.00 -36.44
N SER C 70 -68.13 0.36 -36.28
CA SER C 70 -69.24 -0.58 -36.49
C SER C 70 -70.46 0.33 -36.75
N VAL C 71 -71.63 -0.20 -36.44
CA VAL C 71 -72.89 0.42 -36.73
C VAL C 71 -73.55 0.84 -35.39
N LYS C 72 -74.05 2.08 -35.32
CA LYS C 72 -74.64 2.52 -34.06
C LYS C 72 -75.84 1.68 -33.66
N HIS C 73 -76.50 1.03 -34.60
CA HIS C 73 -77.64 0.25 -34.13
C HIS C 73 -77.16 -1.03 -33.41
N ASN C 74 -75.84 -1.28 -33.35
CA ASN C 74 -75.28 -2.39 -32.56
C ASN C 74 -75.08 -1.82 -31.17
N GLY C 75 -76.12 -1.80 -30.34
CA GLY C 75 -76.00 -1.07 -29.08
C GLY C 75 -75.77 -1.93 -27.85
N GLY C 76 -75.72 -3.23 -28.01
CA GLY C 76 -75.68 -4.13 -26.86
C GLY C 76 -74.25 -4.52 -26.45
N TYR C 77 -73.36 -4.69 -27.45
CA TYR C 77 -72.06 -5.32 -27.20
C TYR C 77 -71.22 -4.26 -26.52
N THR C 78 -70.37 -4.70 -25.58
CA THR C 78 -69.63 -3.76 -24.72
C THR C 78 -68.11 -4.00 -24.72
N ASN C 79 -67.62 -4.99 -25.47
CA ASN C 79 -66.22 -5.41 -25.45
C ASN C 79 -65.88 -6.13 -26.74
N VAL C 80 -64.64 -6.04 -27.22
CA VAL C 80 -64.17 -6.87 -28.34
C VAL C 80 -62.84 -7.65 -28.08
N SER C 81 -62.50 -8.55 -29.00
CA SER C 81 -61.34 -9.42 -28.94
C SER C 81 -60.73 -9.48 -30.28
N PHE C 82 -59.42 -9.62 -30.37
CA PHE C 82 -58.70 -9.69 -31.63
C PHE C 82 -57.80 -10.91 -31.78
N GLY C 83 -57.41 -11.20 -33.04
CA GLY C 83 -56.55 -12.37 -33.35
C GLY C 83 -57.09 -13.76 -32.98
N ASP C 84 -56.61 -14.29 -31.87
CA ASP C 84 -57.06 -15.62 -31.44
C ASP C 84 -58.08 -15.51 -30.35
N GLY C 85 -58.43 -14.28 -29.98
CA GLY C 85 -59.53 -14.12 -29.05
C GLY C 85 -59.08 -14.13 -27.62
N GLU C 86 -57.76 -14.30 -27.38
CA GLU C 86 -57.24 -14.35 -26.01
C GLU C 86 -56.93 -12.96 -25.47
N ASN C 87 -57.96 -12.13 -25.36
CA ASN C 87 -57.79 -10.73 -25.01
C ASN C 87 -59.19 -10.14 -24.83
N ARG C 88 -59.32 -8.88 -24.44
CA ARG C 88 -60.61 -8.30 -24.15
C ARG C 88 -60.46 -6.83 -24.03
N TYR C 89 -61.18 -6.11 -24.87
CA TYR C 89 -61.12 -4.65 -24.85
C TYR C 89 -62.53 -4.15 -24.64
N ASN C 90 -62.68 -3.25 -23.67
CA ASN C 90 -64.03 -2.83 -23.29
C ASN C 90 -64.37 -1.47 -23.84
N ILE C 91 -65.62 -1.29 -24.22
CA ILE C 91 -66.07 0.01 -24.73
C ILE C 91 -66.23 0.95 -23.58
N VAL C 92 -65.74 2.16 -23.79
CA VAL C 92 -65.75 3.17 -22.77
C VAL C 92 -66.59 4.42 -23.24
N ASP C 93 -66.74 4.59 -24.54
CA ASP C 93 -67.67 5.59 -25.07
C ASP C 93 -68.08 5.01 -26.38
N ARG C 94 -69.37 4.78 -26.57
CA ARG C 94 -69.84 4.21 -27.82
C ARG C 94 -69.60 5.12 -29.01
N ASN C 95 -69.39 6.40 -28.82
CA ASN C 95 -69.20 7.32 -29.97
C ASN C 95 -70.19 7.22 -31.18
N ASN C 96 -71.46 7.07 -30.87
CA ASN C 96 -72.48 7.04 -31.90
C ASN C 96 -72.37 8.30 -32.76
N ALA C 97 -72.49 8.20 -34.07
CA ALA C 97 -72.67 9.43 -34.94
C ALA C 97 -74.13 9.89 -34.82
N PRO C 98 -74.38 11.19 -34.84
CA PRO C 98 -75.77 11.61 -34.57
C PRO C 98 -76.74 11.47 -35.75
N SER C 99 -76.24 11.52 -36.99
CA SER C 99 -77.11 11.44 -38.15
C SER C 99 -76.76 10.27 -39.08
N LEU C 100 -75.92 9.35 -38.62
CA LEU C 100 -75.49 8.21 -39.45
C LEU C 100 -75.57 6.88 -38.70
N ASP C 101 -75.74 5.77 -39.43
CA ASP C 101 -75.88 4.50 -38.71
C ASP C 101 -74.51 3.93 -38.46
N PHE C 102 -73.83 4.56 -37.52
CA PHE C 102 -72.41 4.37 -37.37
C PHE C 102 -71.89 4.74 -35.98
N HIS C 103 -70.88 4.03 -35.49
CA HIS C 103 -70.21 4.52 -34.31
C HIS C 103 -68.74 4.17 -34.36
N ALA C 104 -67.92 4.93 -33.64
CA ALA C 104 -66.49 4.63 -33.64
C ALA C 104 -65.97 4.54 -32.21
N PRO C 105 -66.40 3.50 -31.49
CA PRO C 105 -66.20 3.44 -30.06
C PRO C 105 -64.75 3.49 -29.61
N ARG C 106 -64.54 4.11 -28.44
CA ARG C 106 -63.26 4.17 -27.76
C ARG C 106 -63.13 3.01 -26.76
N LEU C 107 -62.01 2.31 -26.91
CA LEU C 107 -61.62 1.18 -26.05
C LEU C 107 -60.90 1.58 -24.73
N ASP C 108 -60.97 0.74 -23.71
CA ASP C 108 -60.32 1.07 -22.45
C ASP C 108 -58.78 1.00 -22.55
N LYS C 109 -58.26 0.13 -23.43
CA LYS C 109 -56.80 -0.06 -23.63
C LYS C 109 -56.41 0.01 -25.11
N LEU C 110 -55.15 0.35 -25.36
CA LEU C 110 -54.50 0.24 -26.66
C LEU C 110 -54.35 -1.22 -27.03
N VAL C 111 -54.84 -1.59 -28.22
CA VAL C 111 -54.81 -2.95 -28.69
C VAL C 111 -53.41 -3.29 -29.07
N THR C 112 -52.90 -4.39 -28.50
CA THR C 112 -51.52 -4.83 -28.81
C THR C 112 -51.39 -5.88 -29.90
N GLU C 113 -52.43 -6.75 -30.03
CA GLU C 113 -52.36 -8.01 -30.82
C GLU C 113 -52.41 -7.88 -32.35
N VAL C 114 -52.88 -6.74 -32.89
CA VAL C 114 -53.15 -6.57 -34.32
C VAL C 114 -53.03 -5.11 -34.61
N ALA C 115 -52.51 -4.77 -35.80
CA ALA C 115 -52.52 -3.40 -36.35
C ALA C 115 -53.93 -2.94 -36.77
N PRO C 116 -54.18 -1.62 -36.68
CA PRO C 116 -55.44 -1.14 -37.26
C PRO C 116 -55.44 -1.20 -38.74
N THR C 117 -56.61 -1.33 -39.32
CA THR C 117 -56.74 -1.30 -40.82
C THR C 117 -56.75 0.13 -41.32
N ALA C 118 -56.09 0.36 -42.44
CA ALA C 118 -56.29 1.66 -43.12
C ALA C 118 -57.76 1.81 -43.51
N VAL C 119 -58.23 3.06 -43.63
CA VAL C 119 -59.63 3.30 -44.04
C VAL C 119 -59.70 3.95 -45.41
N THR C 120 -60.85 3.80 -46.08
CA THR C 120 -60.97 4.41 -47.40
C THR C 120 -60.41 5.80 -47.33
N ALA C 121 -59.71 6.20 -48.38
CA ALA C 121 -59.03 7.51 -48.37
C ALA C 121 -59.97 8.59 -48.96
N GLN C 122 -61.24 8.24 -49.19
CA GLN C 122 -62.17 9.12 -49.87
C GLN C 122 -63.45 9.25 -49.08
N GLY C 123 -63.71 8.24 -48.26
CA GLY C 123 -64.92 8.21 -47.50
C GLY C 123 -66.15 8.44 -48.35
N ALA C 124 -66.96 9.44 -47.98
CA ALA C 124 -68.34 9.52 -48.45
C ALA C 124 -68.50 10.19 -49.84
N VAL C 125 -67.55 9.97 -50.75
CA VAL C 125 -67.60 10.48 -52.09
C VAL C 125 -68.58 9.69 -53.01
N ALA C 126 -69.53 10.42 -53.59
CA ALA C 126 -70.60 9.88 -54.45
C ALA C 126 -70.02 9.14 -55.65
N GLY C 127 -70.47 7.90 -55.81
CA GLY C 127 -70.02 7.02 -56.91
C GLY C 127 -68.56 6.51 -56.88
N ALA C 128 -67.84 6.75 -55.78
CA ALA C 128 -66.43 6.42 -55.83
C ALA C 128 -66.20 4.91 -55.92
N TYR C 129 -67.17 4.13 -55.47
CA TYR C 129 -66.95 2.67 -55.34
C TYR C 129 -67.46 1.86 -56.49
N LEU C 130 -68.04 2.55 -57.47
CA LEU C 130 -68.19 2.00 -58.84
C LEU C 130 -66.92 2.09 -59.66
N ASP C 131 -65.96 2.94 -59.30
CA ASP C 131 -64.78 2.96 -60.14
C ASP C 131 -64.03 1.66 -59.99
N LYS C 132 -64.19 0.76 -60.98
CA LYS C 132 -63.48 -0.55 -60.94
C LYS C 132 -61.97 -0.48 -61.11
N GLU C 133 -61.44 0.64 -61.62
CA GLU C 133 -60.00 0.74 -61.82
C GLU C 133 -59.37 0.93 -60.47
N ARG C 134 -59.97 1.79 -59.63
CA ARG C 134 -59.33 2.21 -58.34
C ARG C 134 -59.50 1.07 -57.41
N TYR C 135 -60.72 0.56 -57.41
CA TYR C 135 -61.16 -0.53 -56.56
C TYR C 135 -61.75 -1.69 -57.40
N PRO C 136 -60.89 -2.60 -57.92
CA PRO C 136 -61.28 -3.86 -58.62
C PRO C 136 -62.10 -4.83 -57.79
N VAL C 137 -61.85 -4.91 -56.49
CA VAL C 137 -62.39 -6.03 -55.74
C VAL C 137 -62.95 -5.67 -54.30
N PHE C 138 -64.06 -6.28 -53.90
CA PHE C 138 -64.60 -6.04 -52.57
C PHE C 138 -64.75 -7.36 -51.83
N TYR C 139 -64.18 -7.44 -50.60
CA TYR C 139 -64.37 -8.60 -49.69
C TYR C 139 -65.08 -8.27 -48.37
N ARG C 140 -65.81 -9.23 -47.79
CA ARG C 140 -66.45 -8.97 -46.50
C ARG C 140 -66.44 -10.22 -45.66
N LEU C 141 -66.75 -10.11 -44.35
CA LEU C 141 -66.94 -11.27 -43.45
C LEU C 141 -67.83 -10.83 -42.28
N GLY C 142 -68.56 -11.75 -41.65
CA GLY C 142 -69.47 -11.36 -40.56
C GLY C 142 -69.97 -12.65 -39.94
N SER C 143 -70.72 -12.59 -38.87
CA SER C 143 -71.28 -13.80 -38.37
C SER C 143 -72.81 -13.84 -38.44
N GLY C 144 -73.37 -13.14 -39.40
CA GLY C 144 -74.83 -13.15 -39.62
C GLY C 144 -75.48 -14.53 -39.59
N THR C 145 -76.74 -14.61 -39.16
CA THR C 145 -77.54 -15.86 -39.36
C THR C 145 -77.13 -16.58 -40.67
N GLN C 146 -76.69 -17.83 -40.55
CA GLN C 146 -76.01 -18.50 -41.67
C GLN C 146 -76.88 -19.43 -42.54
N TYR C 147 -76.95 -19.13 -43.85
CA TYR C 147 -77.79 -19.86 -44.77
C TYR C 147 -76.98 -20.37 -46.00
N ILE C 148 -77.42 -21.48 -46.62
CA ILE C 148 -77.12 -21.64 -48.08
C ILE C 148 -78.41 -21.45 -48.88
N LYS C 149 -78.28 -20.77 -50.03
CA LYS C 149 -79.35 -20.55 -51.00
C LYS C 149 -79.12 -21.55 -52.16
N ASP C 150 -80.05 -22.50 -52.37
CA ASP C 150 -80.01 -23.31 -53.61
C ASP C 150 -80.45 -22.54 -54.88
N SER C 151 -80.26 -23.20 -56.02
CA SER C 151 -80.38 -22.59 -57.38
C SER C 151 -81.76 -21.95 -57.68
N ASN C 152 -82.80 -22.62 -57.20
CA ASN C 152 -84.17 -22.16 -57.38
C ASN C 152 -84.67 -21.29 -56.18
N GLY C 153 -83.75 -20.90 -55.29
CA GLY C 153 -83.99 -19.86 -54.30
C GLY C 153 -84.39 -20.33 -52.91
N GLN C 154 -84.38 -21.64 -52.66
CA GLN C 154 -84.67 -22.11 -51.30
C GLN C 154 -83.42 -21.91 -50.38
N LEU C 155 -83.66 -21.63 -49.10
CA LEU C 155 -82.60 -21.41 -48.12
C LEU C 155 -82.59 -22.53 -47.13
N THR C 156 -81.41 -22.85 -46.61
CA THR C 156 -81.41 -23.64 -45.38
C THR C 156 -80.53 -22.98 -44.34
N LYS C 157 -81.05 -23.00 -43.12
CA LYS C 157 -80.46 -22.28 -42.04
C LYS C 157 -79.44 -23.25 -41.49
N MET C 158 -78.16 -22.90 -41.69
CA MET C 158 -77.05 -23.70 -41.10
C MET C 158 -76.78 -23.31 -39.66
N GLY C 159 -77.12 -22.07 -39.26
CA GLY C 159 -77.00 -21.68 -37.82
C GLY C 159 -77.39 -20.25 -37.49
N GLY C 160 -77.63 -20.00 -36.20
CA GLY C 160 -77.93 -18.62 -35.76
C GLY C 160 -76.75 -17.63 -35.92
N ALA C 161 -77.04 -16.34 -35.83
CA ALA C 161 -76.04 -15.29 -35.83
C ALA C 161 -74.96 -15.41 -34.70
N TYR C 162 -73.77 -14.84 -34.94
CA TYR C 162 -72.72 -14.80 -33.91
C TYR C 162 -72.19 -16.20 -33.54
N SER C 163 -72.27 -17.14 -34.48
CA SER C 163 -71.80 -18.50 -34.21
C SER C 163 -70.47 -18.73 -34.83
N TRP C 164 -70.23 -18.22 -36.03
CA TRP C 164 -68.97 -18.35 -36.69
C TRP C 164 -68.97 -17.35 -37.89
N LEU C 165 -67.79 -17.07 -38.41
CA LEU C 165 -67.66 -16.13 -39.47
C LEU C 165 -67.79 -16.85 -40.78
N THR C 166 -68.34 -16.17 -41.77
CA THR C 166 -68.26 -16.60 -43.15
C THR C 166 -67.86 -15.38 -43.89
N GLY C 167 -67.12 -15.53 -44.98
CA GLY C 167 -66.68 -14.36 -45.75
C GLY C 167 -66.62 -14.66 -47.24
N GLY C 168 -66.52 -13.63 -48.07
CA GLY C 168 -66.39 -13.80 -49.48
C GLY C 168 -66.50 -12.46 -50.17
N THR C 169 -66.91 -12.49 -51.43
CA THR C 169 -66.78 -11.36 -52.34
C THR C 169 -68.12 -10.69 -52.47
N VAL C 170 -68.06 -9.47 -52.90
CA VAL C 170 -69.26 -8.67 -53.12
C VAL C 170 -68.96 -7.77 -54.32
N GLY C 171 -69.95 -7.54 -55.18
CA GLY C 171 -69.68 -6.75 -56.39
C GLY C 171 -69.51 -5.25 -56.09
N SER C 172 -69.16 -4.46 -57.10
CA SER C 172 -69.09 -3.00 -56.94
C SER C 172 -70.35 -2.35 -56.44
N LEU C 173 -70.15 -1.24 -55.71
CA LEU C 173 -71.27 -0.57 -55.02
C LEU C 173 -71.53 0.77 -55.59
N SER C 174 -72.81 1.09 -55.69
CA SER C 174 -73.18 2.45 -56.06
C SER C 174 -73.54 3.20 -54.76
N SER C 175 -73.34 4.52 -54.82
CA SER C 175 -73.70 5.45 -53.76
C SER C 175 -75.13 5.97 -53.81
N TYR C 176 -75.66 6.25 -52.62
CA TYR C 176 -76.85 7.02 -52.46
C TYR C 176 -76.65 7.96 -51.23
N GLN C 177 -77.72 8.69 -50.89
CA GLN C 177 -77.72 9.67 -49.81
C GLN C 177 -76.40 10.45 -49.78
N ASN C 178 -76.05 10.97 -50.95
CA ASN C 178 -74.96 11.91 -51.09
C ASN C 178 -73.62 11.27 -50.94
N GLY C 179 -73.59 9.94 -51.06
CA GLY C 179 -72.32 9.25 -50.91
C GLY C 179 -72.09 8.64 -49.55
N GLU C 180 -72.91 8.98 -48.56
CA GLU C 180 -72.76 8.49 -47.19
C GLU C 180 -73.13 7.00 -47.10
N MET C 181 -73.77 6.50 -48.16
CA MET C 181 -74.24 5.15 -48.11
C MET C 181 -73.92 4.43 -49.41
N ILE C 182 -73.60 3.13 -49.32
CA ILE C 182 -73.50 2.33 -50.51
C ILE C 182 -74.37 1.09 -50.54
N SER C 183 -74.58 0.64 -51.79
CA SER C 183 -75.38 -0.51 -52.06
C SER C 183 -74.84 -1.26 -53.25
N THR C 184 -75.03 -2.55 -53.15
CA THR C 184 -74.87 -3.46 -54.26
C THR C 184 -75.85 -4.61 -54.03
N SER C 185 -76.21 -5.26 -55.14
CA SER C 185 -76.97 -6.51 -55.05
C SER C 185 -75.88 -7.57 -54.92
N SER C 186 -75.94 -8.18 -53.75
CA SER C 186 -74.88 -9.01 -53.26
C SER C 186 -75.65 -10.25 -52.86
N GLY C 187 -76.98 -10.11 -52.76
CA GLY C 187 -77.89 -11.22 -52.59
C GLY C 187 -77.87 -12.20 -53.76
N LEU C 188 -77.30 -11.77 -54.91
CA LEU C 188 -77.23 -12.63 -56.12
C LEU C 188 -76.04 -13.60 -56.03
N VAL C 189 -76.20 -14.63 -55.20
CA VAL C 189 -75.05 -15.41 -54.75
C VAL C 189 -74.58 -16.48 -55.77
N PHE C 190 -75.41 -16.73 -56.78
CA PHE C 190 -75.03 -17.61 -57.86
C PHE C 190 -74.34 -16.81 -58.95
N ASP C 191 -74.44 -15.47 -58.93
CA ASP C 191 -73.86 -14.64 -60.05
C ASP C 191 -72.37 -14.23 -59.97
N TYR C 192 -71.46 -15.16 -60.24
CA TYR C 192 -70.01 -14.85 -60.22
C TYR C 192 -69.50 -13.61 -60.98
N LYS C 193 -70.05 -13.25 -62.14
CA LYS C 193 -69.31 -12.19 -62.88
C LYS C 193 -69.68 -10.81 -62.34
N LEU C 194 -70.86 -10.78 -61.72
CA LEU C 194 -71.29 -9.63 -60.96
C LEU C 194 -70.54 -9.49 -59.59
N ASN C 195 -70.79 -10.45 -58.68
CA ASN C 195 -70.30 -10.42 -57.26
C ASN C 195 -68.96 -11.06 -56.90
N GLY C 196 -68.23 -11.65 -57.87
CA GLY C 196 -66.89 -12.29 -57.67
C GLY C 196 -66.91 -13.80 -57.43
N ALA C 197 -65.72 -14.40 -57.29
CA ALA C 197 -65.55 -15.87 -57.06
C ALA C 197 -66.28 -16.45 -55.87
N MET C 198 -66.52 -15.64 -54.83
CA MET C 198 -67.17 -16.17 -53.63
C MET C 198 -68.33 -15.32 -53.08
N PRO C 199 -69.38 -15.04 -53.90
CA PRO C 199 -70.42 -14.12 -53.43
C PRO C 199 -70.94 -14.48 -52.02
N ILE C 200 -71.10 -13.46 -51.16
CA ILE C 200 -71.79 -13.66 -49.87
C ILE C 200 -72.75 -12.48 -49.65
N TYR C 201 -73.86 -12.73 -48.96
CA TYR C 201 -74.88 -11.70 -48.73
C TYR C 201 -75.08 -11.65 -47.22
N GLY C 202 -75.14 -10.42 -46.70
CA GLY C 202 -75.24 -10.13 -45.26
C GLY C 202 -76.64 -10.31 -44.71
N GLU C 203 -76.72 -10.96 -43.59
CA GLU C 203 -77.98 -11.31 -43.02
C GLU C 203 -78.11 -10.66 -41.65
N ALA C 204 -79.18 -10.99 -40.93
CA ALA C 204 -79.36 -10.39 -39.60
C ALA C 204 -78.18 -10.90 -38.80
N GLY C 205 -77.53 -10.00 -38.07
CA GLY C 205 -76.41 -10.39 -37.23
C GLY C 205 -75.17 -9.81 -37.83
N ASP C 206 -75.21 -9.59 -39.15
CA ASP C 206 -74.09 -9.08 -39.90
C ASP C 206 -73.98 -7.55 -39.96
N SER C 207 -74.88 -6.86 -39.28
CA SER C 207 -74.79 -5.41 -39.08
C SER C 207 -73.51 -5.14 -38.36
N GLY C 208 -72.74 -4.18 -38.91
CA GLY C 208 -71.53 -3.72 -38.33
C GLY C 208 -70.35 -4.31 -39.08
N SER C 209 -70.58 -5.54 -39.60
CA SER C 209 -69.56 -6.30 -40.35
C SER C 209 -68.84 -5.42 -41.40
N PRO C 210 -67.51 -5.55 -41.55
CA PRO C 210 -66.76 -4.60 -42.37
C PRO C 210 -66.84 -4.92 -43.88
N LEU C 211 -66.61 -3.93 -44.72
CA LEU C 211 -66.51 -4.14 -46.14
C LEU C 211 -65.19 -3.57 -46.57
N PHE C 212 -64.36 -4.43 -47.17
CA PHE C 212 -63.01 -4.05 -47.54
C PHE C 212 -62.88 -3.94 -49.04
N ALA C 213 -61.94 -3.13 -49.50
CA ALA C 213 -61.76 -2.99 -50.91
C ALA C 213 -60.29 -2.75 -51.16
N PHE C 214 -59.81 -3.22 -52.32
CA PHE C 214 -58.41 -3.06 -52.63
C PHE C 214 -58.27 -1.79 -53.44
N ASP C 215 -57.41 -0.88 -53.00
CA ASP C 215 -57.39 0.43 -53.60
C ASP C 215 -56.12 0.55 -54.40
N THR C 216 -56.26 0.55 -55.73
CA THR C 216 -55.10 0.47 -56.66
C THR C 216 -54.29 1.74 -56.72
N VAL C 217 -54.84 2.85 -56.22
CA VAL C 217 -54.06 4.10 -56.15
C VAL C 217 -52.98 4.05 -55.08
N GLN C 218 -53.32 3.38 -53.99
CA GLN C 218 -52.45 3.27 -52.84
C GLN C 218 -51.80 1.89 -52.89
N ASN C 219 -52.43 1.00 -53.64
CA ASN C 219 -51.93 -0.37 -53.70
C ASN C 219 -52.03 -1.09 -52.32
N LYS C 220 -53.20 -1.05 -51.66
CA LYS C 220 -53.39 -1.65 -50.31
C LYS C 220 -54.85 -1.69 -50.02
N TRP C 221 -55.25 -2.66 -49.21
CA TRP C 221 -56.61 -2.80 -48.73
C TRP C 221 -57.06 -1.65 -47.82
N VAL C 222 -58.33 -1.24 -47.95
CA VAL C 222 -58.80 -0.21 -47.11
C VAL C 222 -60.17 -0.64 -46.59
N LEU C 223 -60.54 -0.16 -45.38
CA LEU C 223 -61.93 -0.39 -44.95
C LEU C 223 -62.76 0.71 -45.57
N VAL C 224 -63.75 0.32 -46.36
CA VAL C 224 -64.69 1.31 -46.86
C VAL C 224 -65.96 1.47 -46.04
N GLY C 225 -66.50 0.42 -45.41
CA GLY C 225 -67.85 0.56 -44.91
C GLY C 225 -68.23 -0.45 -43.88
N VAL C 226 -69.32 -0.18 -43.18
CA VAL C 226 -69.85 -1.15 -42.28
C VAL C 226 -71.30 -1.46 -42.67
N LEU C 227 -71.72 -2.72 -42.51
CA LEU C 227 -73.02 -3.14 -43.01
C LEU C 227 -74.17 -2.58 -42.17
N THR C 228 -75.19 -2.00 -42.83
CA THR C 228 -76.34 -1.42 -42.12
C THR C 228 -77.67 -2.18 -42.23
N ALA C 229 -77.93 -2.73 -43.40
CA ALA C 229 -79.25 -3.32 -43.75
C ALA C 229 -79.16 -4.33 -44.92
N GLY C 230 -80.17 -5.22 -45.01
CA GLY C 230 -80.36 -6.08 -46.19
C GLY C 230 -81.79 -6.06 -46.70
N ASN C 231 -82.09 -6.88 -47.72
CA ASN C 231 -83.48 -7.06 -48.20
C ASN C 231 -84.22 -8.30 -47.58
N GLY C 232 -84.00 -8.58 -46.29
CA GLY C 232 -84.59 -9.75 -45.61
C GLY C 232 -83.78 -11.05 -45.81
N ALA C 233 -84.21 -12.13 -45.13
CA ALA C 233 -83.62 -13.49 -45.28
C ALA C 233 -83.65 -13.97 -46.74
N GLY C 234 -82.49 -13.88 -47.40
CA GLY C 234 -82.36 -14.36 -48.76
C GLY C 234 -82.67 -13.31 -49.80
N GLY C 235 -82.77 -12.05 -49.37
CA GLY C 235 -83.04 -10.92 -50.30
C GLY C 235 -81.93 -10.60 -51.27
N ARG C 236 -82.05 -9.44 -51.94
CA ARG C 236 -81.23 -9.04 -53.12
C ARG C 236 -79.94 -8.17 -52.95
N GLY C 237 -79.96 -7.26 -51.98
CA GLY C 237 -78.85 -6.32 -51.79
C GLY C 237 -78.66 -5.97 -50.32
N ASN C 238 -77.44 -5.52 -50.01
CA ASN C 238 -77.17 -4.96 -48.69
C ASN C 238 -76.82 -3.54 -48.96
N ASN C 239 -77.03 -2.72 -47.92
CA ASN C 239 -76.42 -1.34 -47.88
C ASN C 239 -75.37 -1.28 -46.78
N TRP C 240 -74.26 -0.54 -47.02
CA TRP C 240 -73.32 -0.22 -45.96
C TRP C 240 -73.19 1.29 -45.72
N ALA C 241 -72.91 1.68 -44.47
CA ALA C 241 -72.47 3.06 -44.22
C ALA C 241 -71.01 3.21 -44.52
N VAL C 242 -70.63 4.18 -45.32
CA VAL C 242 -69.21 4.40 -45.62
C VAL C 242 -68.51 4.99 -44.44
N ILE C 243 -67.25 4.66 -44.18
CA ILE C 243 -66.56 5.30 -43.07
C ILE C 243 -66.64 6.85 -43.21
N PRO C 244 -67.22 7.57 -42.22
CA PRO C 244 -67.26 9.04 -42.29
C PRO C 244 -66.00 9.60 -41.69
N LEU C 245 -65.16 10.20 -42.53
CA LEU C 245 -63.80 10.56 -42.21
C LEU C 245 -63.66 11.72 -41.23
N ASP C 246 -64.65 12.63 -41.30
CA ASP C 246 -64.69 13.81 -40.48
C ASP C 246 -65.11 13.38 -39.10
N PHE C 247 -66.17 12.58 -39.03
CA PHE C 247 -66.63 12.12 -37.75
C PHE C 247 -65.52 11.38 -37.00
N ILE C 248 -64.82 10.52 -37.71
CA ILE C 248 -63.78 9.66 -37.15
C ILE C 248 -62.65 10.57 -36.63
N GLY C 249 -62.27 11.54 -37.46
CA GLY C 249 -61.27 12.49 -37.05
C GLY C 249 -61.70 13.32 -35.82
N GLN C 250 -63.00 13.63 -35.67
CA GLN C 250 -63.44 14.37 -34.47
C GLN C 250 -63.38 13.46 -33.25
N LYS C 251 -63.67 12.17 -33.46
CA LYS C 251 -63.81 11.24 -32.34
C LYS C 251 -62.42 11.08 -31.69
N PHE C 252 -61.40 11.02 -32.54
CA PHE C 252 -59.97 10.91 -32.16
C PHE C 252 -59.46 12.18 -31.49
N ASN C 253 -59.69 13.31 -32.12
CA ASN C 253 -59.20 14.54 -31.55
C ASN C 253 -59.74 15.00 -30.20
N GLU C 254 -61.00 14.74 -29.94
CA GLU C 254 -61.74 15.17 -28.75
C GLU C 254 -61.24 14.47 -27.43
N ASP C 255 -60.65 13.28 -27.55
CA ASP C 255 -60.02 12.61 -26.45
C ASP C 255 -58.56 13.13 -26.15
N ASN C 256 -58.01 14.02 -26.95
CA ASN C 256 -56.68 14.54 -26.67
C ASN C 256 -56.66 15.80 -25.83
N ASP C 257 -55.91 15.84 -24.72
CA ASP C 257 -55.58 17.16 -24.13
C ASP C 257 -54.61 17.88 -25.08
N ALA C 258 -54.41 19.15 -24.86
CA ALA C 258 -53.47 19.92 -25.63
C ALA C 258 -52.00 19.42 -25.43
N PRO C 259 -51.20 19.36 -26.50
CA PRO C 259 -49.83 18.79 -26.46
C PRO C 259 -48.94 19.42 -25.38
N VAL C 260 -48.19 18.59 -24.69
CA VAL C 260 -47.29 19.12 -23.68
C VAL C 260 -45.87 19.17 -24.22
N THR C 261 -45.23 20.30 -24.02
CA THR C 261 -43.89 20.54 -24.53
C THR C 261 -42.95 20.81 -23.37
N PHE C 262 -41.86 20.09 -23.32
CA PHE C 262 -40.78 20.38 -22.39
C PHE C 262 -39.89 21.38 -23.06
N ARG C 263 -39.43 22.39 -22.33
CA ARG C 263 -38.43 23.39 -22.82
C ARG C 263 -37.11 23.09 -22.16
N THR C 264 -36.21 22.56 -22.94
CA THR C 264 -35.08 21.81 -22.37
C THR C 264 -34.02 22.69 -21.70
N SER C 265 -33.88 23.88 -22.25
CA SER C 265 -32.92 24.86 -21.83
C SER C 265 -33.38 25.60 -20.56
N GLU C 266 -34.65 25.42 -20.20
CA GLU C 266 -35.17 26.02 -18.99
C GLU C 266 -34.74 25.06 -17.84
N GLY C 267 -34.53 23.78 -18.15
CA GLY C 267 -34.20 22.81 -17.12
C GLY C 267 -35.36 22.46 -16.20
N GLY C 268 -35.05 21.86 -15.06
CA GLY C 268 -36.08 21.35 -14.16
C GLY C 268 -36.80 20.13 -14.74
N ALA C 269 -38.05 19.95 -14.35
CA ALA C 269 -38.88 18.86 -14.85
C ALA C 269 -40.37 19.27 -14.99
N LEU C 270 -41.13 18.50 -15.73
CA LEU C 270 -42.57 18.59 -15.72
C LEU C 270 -43.05 17.85 -14.47
N GLU C 271 -43.44 18.61 -13.45
CA GLU C 271 -43.94 17.98 -12.25
C GLU C 271 -45.42 17.65 -12.46
N TRP C 272 -45.73 16.39 -12.26
CA TRP C 272 -47.00 15.87 -12.60
C TRP C 272 -47.75 15.68 -11.25
N SER C 273 -48.73 16.54 -11.00
CA SER C 273 -49.59 16.36 -9.82
C SER C 273 -50.97 15.80 -10.26
N PHE C 274 -51.73 15.21 -9.33
CA PHE C 274 -52.95 14.59 -9.71
C PHE C 274 -53.86 14.50 -8.50
N ASN C 275 -55.09 14.92 -8.69
CA ASN C 275 -56.05 14.78 -7.64
C ASN C 275 -56.96 13.59 -7.94
N SER C 276 -56.80 12.48 -7.24
CA SER C 276 -57.53 11.26 -7.67
C SER C 276 -59.05 11.39 -7.46
N SER C 277 -59.40 12.38 -6.66
CA SER C 277 -60.74 12.56 -6.28
C SER C 277 -61.53 13.43 -7.28
N THR C 278 -60.90 14.42 -7.93
CA THR C 278 -61.51 15.09 -9.06
C THR C 278 -61.15 14.47 -10.44
N GLY C 279 -60.25 13.48 -10.42
CA GLY C 279 -59.63 12.91 -11.63
C GLY C 279 -58.97 13.95 -12.56
N ALA C 280 -58.47 15.04 -12.00
CA ALA C 280 -57.79 16.05 -12.82
C ALA C 280 -56.42 16.32 -12.27
N GLY C 281 -55.50 16.76 -13.13
CA GLY C 281 -54.17 17.04 -12.66
C GLY C 281 -53.40 17.98 -13.54
N ALA C 282 -52.10 18.09 -13.31
CA ALA C 282 -51.30 19.18 -13.96
C ALA C 282 -49.89 18.69 -14.20
N LEU C 283 -49.26 19.25 -15.24
CA LEU C 283 -47.85 19.02 -15.51
C LEU C 283 -47.26 20.37 -15.73
N THR C 284 -46.36 20.73 -14.83
CA THR C 284 -45.89 22.10 -14.65
C THR C 284 -44.37 22.08 -14.69
N GLN C 285 -43.81 22.85 -15.58
CA GLN C 285 -42.39 23.05 -15.63
C GLN C 285 -42.21 24.55 -15.48
N GLY C 286 -41.67 24.96 -14.34
CA GLY C 286 -41.46 26.35 -14.06
C GLY C 286 -42.80 27.07 -14.11
N THR C 287 -42.93 27.93 -15.10
CA THR C 287 -44.04 28.81 -15.18
C THR C 287 -45.17 28.30 -16.12
N THR C 288 -44.78 27.44 -17.07
CA THR C 288 -45.74 26.79 -17.95
C THR C 288 -46.41 25.61 -17.29
N THR C 289 -47.72 25.56 -17.37
CA THR C 289 -48.43 24.43 -16.82
C THR C 289 -49.47 23.84 -17.84
N TYR C 290 -49.66 22.51 -17.85
CA TYR C 290 -50.53 21.86 -18.79
C TYR C 290 -51.57 21.08 -18.08
N ALA C 291 -52.79 21.09 -18.62
CA ALA C 291 -53.86 20.36 -18.01
C ALA C 291 -53.76 18.87 -18.28
N MET C 292 -54.32 18.05 -17.38
CA MET C 292 -54.24 16.61 -17.56
C MET C 292 -55.54 16.14 -16.94
N HIS C 293 -56.15 15.11 -17.52
CA HIS C 293 -57.37 14.55 -16.96
C HIS C 293 -57.24 13.05 -16.89
N GLY C 294 -57.86 12.45 -15.88
CA GLY C 294 -57.86 11.06 -15.67
C GLY C 294 -59.20 10.46 -15.34
N GLN C 295 -59.15 9.22 -14.91
CA GLN C 295 -60.36 8.54 -14.43
C GLN C 295 -61.11 9.44 -13.44
N GLN C 296 -62.43 9.51 -13.51
CA GLN C 296 -63.21 10.11 -12.43
C GLN C 296 -64.08 9.03 -11.90
N GLY C 297 -63.94 8.62 -10.63
CA GLY C 297 -64.75 7.51 -10.10
C GLY C 297 -64.55 6.23 -10.91
N ASN C 298 -65.65 5.62 -11.33
CA ASN C 298 -65.50 4.46 -12.18
C ASN C 298 -65.65 4.73 -13.68
N ASP C 299 -65.59 6.01 -14.02
CA ASP C 299 -65.76 6.48 -15.41
C ASP C 299 -64.38 6.69 -16.12
N LEU C 300 -64.00 5.74 -16.95
CA LEU C 300 -62.72 5.81 -17.63
C LEU C 300 -62.70 6.83 -18.74
N ASN C 301 -63.87 7.06 -19.38
CA ASN C 301 -63.96 8.04 -20.45
C ASN C 301 -63.53 9.45 -20.12
N ALA C 302 -63.61 9.78 -18.81
CA ALA C 302 -63.28 11.11 -18.37
C ALA C 302 -61.78 11.39 -18.53
N GLY C 303 -61.01 10.36 -18.71
CA GLY C 303 -59.55 10.53 -18.90
C GLY C 303 -59.18 10.95 -20.32
N LYS C 304 -58.20 11.83 -20.47
CA LYS C 304 -57.87 12.28 -21.76
C LYS C 304 -56.41 11.96 -22.15
N ASN C 305 -56.12 11.85 -23.44
CA ASN C 305 -54.75 11.51 -23.84
C ASN C 305 -53.76 12.68 -23.73
N LEU C 306 -52.51 12.34 -23.34
CA LEU C 306 -51.37 13.26 -23.48
C LEU C 306 -50.40 12.93 -24.63
N ILE C 307 -49.92 13.99 -25.29
CA ILE C 307 -48.97 13.85 -26.36
C ILE C 307 -47.77 14.71 -25.96
N PHE C 308 -46.66 14.06 -25.65
CA PHE C 308 -45.49 14.69 -25.08
C PHE C 308 -44.45 15.05 -26.13
N GLN C 309 -43.89 16.24 -26.07
CA GLN C 309 -42.84 16.57 -27.07
C GLN C 309 -41.81 17.55 -26.53
N GLY C 310 -40.90 18.03 -27.37
CA GLY C 310 -39.73 18.81 -26.93
C GLY C 310 -38.58 17.86 -26.59
N GLN C 311 -37.34 18.31 -26.78
CA GLN C 311 -36.17 17.45 -26.58
C GLN C 311 -35.77 17.13 -25.15
N ASN C 312 -35.39 15.88 -24.91
CA ASN C 312 -34.91 15.34 -23.61
CA ASN C 312 -34.86 15.50 -23.62
C ASN C 312 -35.82 15.72 -22.45
N GLY C 313 -37.11 15.43 -22.66
CA GLY C 313 -38.20 15.71 -21.75
C GLY C 313 -37.85 15.11 -20.42
N GLN C 314 -38.27 15.76 -19.35
CA GLN C 314 -38.22 15.18 -18.02
C GLN C 314 -39.59 15.28 -17.41
N ILE C 315 -40.07 14.18 -16.82
CA ILE C 315 -41.30 14.21 -16.12
C ILE C 315 -41.01 13.57 -14.80
N ASN C 316 -41.52 14.17 -13.73
CA ASN C 316 -41.52 13.62 -12.41
C ASN C 316 -42.95 13.51 -11.81
N LEU C 317 -43.40 12.29 -11.54
CA LEU C 317 -44.66 12.12 -10.89
C LEU C 317 -44.58 12.39 -9.41
N LYS C 318 -45.31 13.42 -8.95
CA LYS C 318 -45.50 13.71 -7.55
C LYS C 318 -46.64 12.93 -6.89
N ASP C 319 -47.64 12.46 -7.64
CA ASP C 319 -48.78 11.72 -7.02
C ASP C 319 -48.98 10.52 -7.92
N SER C 320 -49.56 9.45 -7.39
CA SER C 320 -50.02 8.36 -8.27
C SER C 320 -51.16 8.82 -9.23
N VAL C 321 -51.10 8.39 -10.50
CA VAL C 321 -52.08 8.77 -11.55
C VAL C 321 -52.93 7.58 -12.06
N SER C 322 -54.24 7.73 -12.01
CA SER C 322 -55.17 6.85 -12.69
C SER C 322 -55.76 7.59 -13.88
N GLN C 323 -55.26 7.31 -15.08
CA GLN C 323 -55.54 8.18 -16.21
C GLN C 323 -56.70 7.64 -17.02
N GLY C 324 -57.23 6.50 -16.58
CA GLY C 324 -58.45 5.99 -17.12
C GLY C 324 -58.18 5.53 -18.53
N ALA C 325 -59.04 5.97 -19.46
CA ALA C 325 -58.86 5.59 -20.88
C ALA C 325 -57.88 6.52 -21.56
N GLY C 326 -57.26 7.40 -20.79
CA GLY C 326 -56.25 8.32 -21.34
C GLY C 326 -54.99 7.59 -21.73
N SER C 327 -54.49 7.79 -22.92
CA SER C 327 -53.15 7.25 -23.25
C SER C 327 -52.05 8.33 -23.34
N LEU C 328 -50.78 7.92 -23.45
CA LEU C 328 -49.65 8.84 -23.55
C LEU C 328 -48.94 8.44 -24.82
N THR C 329 -48.64 9.42 -25.67
CA THR C 329 -47.81 9.23 -26.88
C THR C 329 -46.54 10.04 -26.64
N PHE C 330 -45.35 9.50 -26.96
CA PHE C 330 -44.10 10.24 -26.87
C PHE C 330 -43.57 10.52 -28.28
N ARG C 331 -43.57 11.78 -28.65
CA ARG C 331 -43.04 12.18 -29.97
C ARG C 331 -41.59 12.58 -29.86
N ASP C 332 -41.02 12.49 -28.67
CA ASP C 332 -39.61 12.77 -28.52
C ASP C 332 -39.06 12.09 -27.31
N ASN C 333 -37.75 12.06 -27.12
CA ASN C 333 -37.14 11.19 -26.10
C ASN C 333 -37.33 11.76 -24.72
N TYR C 334 -37.74 10.97 -23.73
CA TYR C 334 -38.18 11.54 -22.44
C TYR C 334 -37.70 10.57 -21.37
N THR C 335 -37.57 11.06 -20.14
CA THR C 335 -37.38 10.27 -18.96
C THR C 335 -38.47 10.57 -17.91
N VAL C 336 -39.00 9.56 -17.26
CA VAL C 336 -40.11 9.76 -16.41
C VAL C 336 -39.80 9.04 -15.10
N THR C 337 -39.82 9.79 -14.02
CA THR C 337 -39.38 9.34 -12.71
C THR C 337 -40.36 9.71 -11.61
N THR C 338 -40.20 9.14 -10.44
CA THR C 338 -40.99 9.53 -9.29
C THR C 338 -39.96 9.49 -8.17
N SER C 339 -40.17 10.29 -7.11
CA SER C 339 -39.21 10.30 -6.04
C SER C 339 -39.88 9.83 -4.78
N ASN C 340 -41.11 9.35 -4.92
CA ASN C 340 -41.94 8.99 -3.78
C ASN C 340 -42.83 7.80 -4.13
N GLY C 341 -42.37 6.97 -5.06
CA GLY C 341 -43.12 5.79 -5.44
C GLY C 341 -44.54 5.97 -6.06
N SER C 342 -44.74 7.09 -6.72
CA SER C 342 -45.96 7.31 -7.49
C SER C 342 -46.03 6.32 -8.67
N THR C 343 -47.23 5.76 -8.90
CA THR C 343 -47.54 4.82 -9.99
C THR C 343 -48.37 5.50 -11.14
N TRP C 344 -48.43 4.82 -12.30
CA TRP C 344 -49.26 5.26 -13.42
C TRP C 344 -49.99 4.09 -14.05
N THR C 345 -51.30 4.23 -14.24
CA THR C 345 -52.06 3.32 -15.11
C THR C 345 -52.84 4.18 -16.08
N GLY C 346 -53.28 3.58 -17.18
CA GLY C 346 -53.95 4.29 -18.27
C GLY C 346 -54.15 3.36 -19.44
N ALA C 347 -54.60 3.90 -20.56
CA ALA C 347 -54.93 3.07 -21.70
C ALA C 347 -53.66 2.34 -22.23
N GLY C 348 -52.54 3.07 -22.24
CA GLY C 348 -51.27 2.50 -22.65
C GLY C 348 -50.31 3.60 -23.05
N ILE C 349 -49.18 3.22 -23.68
CA ILE C 349 -48.19 4.19 -24.14
C ILE C 349 -47.81 3.98 -25.61
N VAL C 350 -47.96 4.98 -26.43
CA VAL C 350 -47.39 4.90 -27.73
C VAL C 350 -46.00 5.59 -27.71
N VAL C 351 -44.92 4.90 -28.10
CA VAL C 351 -43.60 5.57 -28.30
C VAL C 351 -43.40 5.54 -29.80
N ASP C 352 -43.31 6.73 -30.39
CA ASP C 352 -43.15 6.91 -31.84
C ASP C 352 -41.85 6.33 -32.42
N ASN C 353 -41.87 6.02 -33.71
CA ASN C 353 -40.67 5.53 -34.39
C ASN C 353 -39.56 6.53 -34.18
N GLY C 354 -38.38 6.02 -33.86
CA GLY C 354 -37.19 6.85 -33.71
C GLY C 354 -37.00 7.32 -32.29
N VAL C 355 -38.02 7.13 -31.47
CA VAL C 355 -38.06 7.75 -30.16
C VAL C 355 -37.73 6.70 -29.11
N SER C 356 -37.14 7.15 -28.01
CA SER C 356 -36.82 6.26 -26.93
C SER C 356 -37.18 6.93 -25.64
N VAL C 357 -37.97 6.26 -24.77
CA VAL C 357 -38.39 6.84 -23.49
C VAL C 357 -37.88 5.93 -22.41
N ASN C 358 -37.43 6.46 -21.27
CA ASN C 358 -37.01 5.72 -20.08
C ASN C 358 -38.09 5.99 -19.02
N TRP C 359 -38.86 4.95 -18.69
CA TRP C 359 -39.99 4.94 -17.78
C TRP C 359 -39.60 4.38 -16.43
N GLN C 360 -39.59 5.19 -15.37
CA GLN C 360 -39.11 4.68 -14.07
C GLN C 360 -40.17 4.52 -13.01
N VAL C 361 -41.37 4.20 -13.48
CA VAL C 361 -42.57 4.36 -12.67
C VAL C 361 -43.27 3.04 -12.73
N ASN C 362 -43.66 2.48 -11.58
CA ASN C 362 -44.39 1.20 -11.55
C ASN C 362 -45.93 1.25 -11.84
N GLY C 363 -46.56 0.10 -12.11
CA GLY C 363 -48.00 -0.05 -12.31
C GLY C 363 -48.67 -0.45 -11.04
N VAL C 364 -49.73 -1.26 -11.13
CA VAL C 364 -50.59 -1.54 -10.00
C VAL C 364 -51.10 -2.94 -10.19
N LYS C 365 -51.22 -3.65 -9.08
CA LYS C 365 -51.61 -5.01 -9.07
C LYS C 365 -52.97 -5.08 -9.80
N GLY C 366 -53.08 -5.99 -10.77
CA GLY C 366 -54.36 -6.13 -11.49
C GLY C 366 -54.50 -5.29 -12.75
N ASP C 367 -53.58 -4.39 -13.04
CA ASP C 367 -53.61 -3.64 -14.24
C ASP C 367 -52.45 -3.99 -15.13
N ASN C 368 -52.61 -3.91 -16.45
CA ASN C 368 -51.47 -4.15 -17.32
C ASN C 368 -51.13 -2.89 -18.01
N LEU C 369 -49.85 -2.66 -18.22
CA LEU C 369 -49.40 -1.54 -19.01
C LEU C 369 -49.38 -2.05 -20.45
N HIS C 370 -50.02 -1.34 -21.38
CA HIS C 370 -50.04 -1.75 -22.78
C HIS C 370 -49.07 -0.86 -23.53
N LYS C 371 -48.14 -1.41 -24.29
CA LYS C 371 -47.15 -0.59 -24.98
C LYS C 371 -47.15 -0.89 -26.52
N ILE C 372 -47.26 0.15 -27.34
CA ILE C 372 -47.14 0.05 -28.78
C ILE C 372 -46.27 1.17 -29.37
N GLY C 373 -46.44 1.39 -30.67
CA GLY C 373 -45.62 2.29 -31.46
C GLY C 373 -44.31 1.60 -31.71
N GLU C 374 -43.55 2.13 -32.68
CA GLU C 374 -42.31 1.51 -33.15
C GLU C 374 -41.09 1.80 -32.35
N GLY C 375 -41.23 2.71 -31.38
CA GLY C 375 -40.05 3.21 -30.73
C GLY C 375 -39.70 2.43 -29.50
N THR C 376 -38.72 2.89 -28.76
CA THR C 376 -38.31 2.08 -27.63
C THR C 376 -38.76 2.55 -26.26
N LEU C 377 -39.26 1.63 -25.44
CA LEU C 377 -39.53 1.96 -24.05
C LEU C 377 -38.58 1.14 -23.17
N THR C 378 -37.80 1.78 -22.32
CA THR C 378 -37.06 1.06 -21.31
C THR C 378 -37.78 1.16 -20.01
N VAL C 379 -38.04 0.05 -19.35
CA VAL C 379 -38.69 0.06 -18.05
C VAL C 379 -37.60 0.01 -16.98
N GLN C 380 -37.70 0.83 -15.91
CA GLN C 380 -36.58 0.97 -14.98
C GLN C 380 -37.01 1.49 -13.61
N GLY C 381 -38.06 0.93 -13.06
CA GLY C 381 -38.48 1.40 -11.75
C GLY C 381 -37.66 0.65 -10.74
N THR C 382 -38.19 0.61 -9.52
CA THR C 382 -37.48 0.13 -8.38
C THR C 382 -38.36 -0.82 -7.69
N GLY C 383 -37.82 -2.02 -7.44
CA GLY C 383 -38.49 -2.90 -6.55
C GLY C 383 -39.53 -3.66 -7.32
N ILE C 384 -40.53 -4.12 -6.62
CA ILE C 384 -41.50 -4.98 -7.27
C ILE C 384 -42.68 -4.22 -7.94
N ASN C 385 -42.67 -4.16 -9.26
CA ASN C 385 -43.89 -3.81 -9.94
C ASN C 385 -44.89 -4.99 -9.91
N GLU C 386 -46.05 -4.80 -9.28
CA GLU C 386 -47.10 -5.83 -9.26
C GLU C 386 -47.96 -5.89 -10.57
N GLY C 387 -47.74 -4.92 -11.47
CA GLY C 387 -48.54 -4.78 -12.63
C GLY C 387 -47.93 -5.55 -13.77
N GLY C 388 -48.78 -5.92 -14.74
CA GLY C 388 -48.39 -6.63 -15.94
C GLY C 388 -47.92 -5.73 -17.05
N LEU C 389 -47.35 -6.39 -18.06
CA LEU C 389 -47.11 -5.83 -19.35
C LEU C 389 -47.84 -6.63 -20.47
N LYS C 390 -48.47 -5.89 -21.39
CA LYS C 390 -48.78 -6.40 -22.75
C LYS C 390 -48.05 -5.53 -23.74
N VAL C 391 -47.28 -6.13 -24.66
CA VAL C 391 -46.52 -5.33 -25.60
C VAL C 391 -46.91 -5.75 -27.00
N GLY C 392 -47.12 -4.75 -27.86
CA GLY C 392 -47.61 -5.07 -29.17
C GLY C 392 -46.77 -4.52 -30.28
N ASP C 393 -45.81 -3.66 -29.98
CA ASP C 393 -44.99 -3.08 -31.06
C ASP C 393 -43.67 -2.54 -30.52
N GLY C 394 -42.73 -2.26 -31.41
CA GLY C 394 -41.44 -1.65 -31.02
C GLY C 394 -40.61 -2.52 -30.08
N LYS C 395 -39.91 -1.85 -29.15
CA LYS C 395 -39.05 -2.54 -28.22
C LYS C 395 -39.30 -2.23 -26.77
N VAL C 396 -39.18 -3.22 -25.91
CA VAL C 396 -39.22 -2.92 -24.48
C VAL C 396 -37.96 -3.54 -23.84
N VAL C 397 -37.23 -2.73 -23.09
CA VAL C 397 -36.00 -3.18 -22.46
C VAL C 397 -36.40 -3.26 -21.03
N LEU C 398 -36.40 -4.47 -20.49
CA LEU C 398 -36.66 -4.60 -19.08
C LEU C 398 -35.32 -4.30 -18.34
N ASN C 399 -35.29 -3.20 -17.59
CA ASN C 399 -34.13 -2.82 -16.82
C ASN C 399 -34.51 -2.36 -15.44
N GLN C 400 -35.54 -2.99 -14.89
CA GLN C 400 -35.96 -2.73 -13.53
C GLN C 400 -34.71 -2.83 -12.66
N GLN C 401 -34.53 -1.92 -11.70
CA GLN C 401 -33.38 -2.00 -10.81
C GLN C 401 -33.74 -2.36 -9.39
N ALA C 402 -32.87 -3.13 -8.75
CA ALA C 402 -33.07 -3.54 -7.36
C ALA C 402 -33.07 -2.32 -6.47
N ASP C 403 -34.02 -2.28 -5.54
CA ASP C 403 -34.02 -1.20 -4.56
C ASP C 403 -32.83 -1.32 -3.57
N ASN C 404 -32.85 -0.55 -2.47
CA ASN C 404 -31.85 -0.72 -1.39
C ASN C 404 -32.01 -2.03 -0.52
N LYS C 405 -33.09 -2.84 -0.74
CA LYS C 405 -33.30 -4.13 0.01
C LYS C 405 -33.21 -5.39 -0.87
N GLY C 406 -32.42 -5.26 -1.95
CA GLY C 406 -32.27 -6.29 -2.99
C GLY C 406 -33.50 -6.71 -3.83
N GLN C 407 -34.73 -6.32 -3.44
CA GLN C 407 -35.98 -6.66 -4.18
C GLN C 407 -36.04 -6.01 -5.58
N VAL C 408 -36.62 -6.76 -6.53
CA VAL C 408 -36.79 -6.29 -7.93
C VAL C 408 -37.77 -7.17 -8.72
N GLN C 409 -38.48 -6.56 -9.69
CA GLN C 409 -39.44 -7.25 -10.59
C GLN C 409 -40.03 -6.19 -11.58
N ALA C 410 -39.76 -6.37 -12.87
CA ALA C 410 -40.32 -5.49 -13.89
C ALA C 410 -41.84 -5.55 -13.95
N PHE C 411 -42.40 -6.77 -14.00
CA PHE C 411 -43.81 -7.07 -14.23
C PHE C 411 -44.20 -8.44 -13.72
N SER C 412 -45.44 -8.57 -13.31
CA SER C 412 -45.93 -9.77 -12.79
C SER C 412 -46.21 -10.74 -13.91
N SER C 413 -46.31 -10.25 -15.15
CA SER C 413 -46.44 -11.07 -16.32
C SER C 413 -46.23 -10.24 -17.54
N VAL C 414 -45.86 -10.88 -18.64
CA VAL C 414 -45.56 -10.20 -19.92
C VAL C 414 -46.26 -10.96 -21.03
N ASN C 415 -47.06 -10.27 -21.83
CA ASN C 415 -47.63 -10.89 -23.03
C ASN C 415 -47.00 -10.28 -24.22
N ILE C 416 -46.59 -11.09 -25.18
CA ILE C 416 -45.98 -10.55 -26.38
C ILE C 416 -46.87 -10.96 -27.58
N ALA C 417 -47.31 -9.97 -28.36
CA ALA C 417 -48.27 -10.27 -29.42
C ALA C 417 -48.12 -9.40 -30.65
N SER C 418 -48.72 -9.89 -31.76
CA SER C 418 -48.85 -9.17 -33.05
C SER C 418 -47.76 -9.50 -34.00
N GLY C 419 -46.69 -10.04 -33.50
CA GLY C 419 -45.64 -10.38 -34.37
C GLY C 419 -44.68 -9.20 -34.50
N ARG C 420 -45.08 -8.02 -34.02
CA ARG C 420 -44.29 -6.82 -34.17
C ARG C 420 -43.09 -6.59 -33.17
N PRO C 421 -43.25 -6.93 -31.87
CA PRO C 421 -42.33 -6.38 -30.89
C PRO C 421 -41.13 -7.26 -30.48
N THR C 422 -40.14 -6.62 -29.85
CA THR C 422 -39.09 -7.35 -29.16
C THR C 422 -39.09 -6.94 -27.68
N VAL C 423 -38.86 -7.90 -26.80
CA VAL C 423 -38.67 -7.59 -25.37
C VAL C 423 -37.25 -8.05 -24.94
N VAL C 424 -36.45 -7.14 -24.39
CA VAL C 424 -35.04 -7.44 -24.04
C VAL C 424 -34.85 -7.50 -22.54
N LEU C 425 -34.14 -8.53 -22.11
CA LEU C 425 -33.96 -8.78 -20.68
C LEU C 425 -32.53 -8.34 -20.26
N THR C 426 -32.40 -7.33 -19.40
CA THR C 426 -31.04 -6.86 -19.10
C THR C 426 -30.38 -7.79 -18.11
N ASP C 427 -31.20 -8.48 -17.32
CA ASP C 427 -30.73 -9.53 -16.45
C ASP C 427 -31.84 -10.54 -16.11
N GLU C 428 -31.56 -11.45 -15.16
CA GLU C 428 -32.37 -12.64 -14.94
C GLU C 428 -33.39 -12.37 -13.88
N ARG C 429 -33.52 -11.09 -13.52
CA ARG C 429 -34.30 -10.74 -12.32
C ARG C 429 -35.58 -9.99 -12.68
N GLN C 430 -35.60 -9.49 -13.91
CA GLN C 430 -36.71 -8.78 -14.47
C GLN C 430 -38.05 -9.47 -14.32
N VAL C 431 -38.11 -10.78 -14.50
CA VAL C 431 -39.39 -11.44 -14.66
C VAL C 431 -39.36 -12.98 -14.48
N ASN C 432 -40.33 -13.53 -13.79
CA ASN C 432 -40.50 -14.97 -13.78
C ASN C 432 -40.86 -15.53 -15.20
N PRO C 433 -39.91 -16.28 -15.81
CA PRO C 433 -40.07 -16.74 -17.19
C PRO C 433 -41.40 -17.46 -17.42
N ASP C 434 -41.95 -18.14 -16.43
CA ASP C 434 -43.27 -18.74 -16.53
C ASP C 434 -44.43 -17.80 -16.75
N THR C 435 -44.20 -16.52 -16.54
CA THR C 435 -45.28 -15.53 -16.62
C THR C 435 -45.16 -14.77 -17.94
N VAL C 436 -44.26 -15.23 -18.82
CA VAL C 436 -44.12 -14.70 -20.19
C VAL C 436 -45.03 -15.54 -21.03
N SER C 437 -45.74 -14.88 -21.96
CA SER C 437 -46.62 -15.59 -22.86
C SER C 437 -46.49 -14.84 -24.17
N TRP C 438 -46.61 -15.59 -25.27
CA TRP C 438 -46.64 -14.98 -26.58
C TRP C 438 -48.05 -15.17 -27.12
N GLY C 439 -48.73 -14.05 -27.40
CA GLY C 439 -50.11 -14.07 -27.92
C GLY C 439 -50.17 -14.23 -29.44
N TYR C 440 -51.38 -14.06 -29.98
CA TYR C 440 -51.58 -14.10 -31.41
C TYR C 440 -50.40 -13.41 -32.12
N ARG C 441 -49.80 -14.13 -33.07
CA ARG C 441 -48.64 -13.73 -33.91
C ARG C 441 -47.31 -13.45 -33.20
N GLY C 442 -47.31 -13.48 -31.89
CA GLY C 442 -46.10 -13.58 -31.15
C GLY C 442 -45.22 -12.40 -31.16
N GLY C 443 -43.93 -12.65 -31.30
CA GLY C 443 -42.86 -11.63 -31.21
C GLY C 443 -41.66 -12.26 -30.49
N THR C 444 -40.61 -11.49 -30.21
CA THR C 444 -39.35 -12.01 -29.68
C THR C 444 -39.07 -11.61 -28.21
N LEU C 445 -38.84 -12.63 -27.35
CA LEU C 445 -38.22 -12.42 -26.03
C LEU C 445 -36.73 -12.59 -26.21
N ASP C 446 -35.97 -11.51 -26.21
CA ASP C 446 -34.51 -11.64 -26.33
C ASP C 446 -33.87 -11.77 -24.98
N VAL C 447 -33.51 -13.00 -24.59
CA VAL C 447 -32.79 -13.19 -23.28
C VAL C 447 -31.47 -12.41 -23.11
N ASN C 448 -30.85 -11.95 -24.17
CA ASN C 448 -29.83 -10.97 -23.99
C ASN C 448 -28.66 -11.42 -23.08
N GLY C 449 -28.24 -12.68 -23.28
CA GLY C 449 -27.06 -13.21 -22.65
C GLY C 449 -27.35 -13.68 -21.27
N ASN C 450 -28.62 -13.96 -20.98
CA ASN C 450 -29.02 -14.43 -19.65
C ASN C 450 -29.61 -15.82 -19.71
N SER C 451 -29.20 -16.72 -18.80
CA SER C 451 -29.73 -18.09 -18.81
C SER C 451 -31.00 -18.18 -17.97
N LEU C 452 -31.92 -19.07 -18.35
CA LEU C 452 -33.28 -19.06 -17.78
C LEU C 452 -33.91 -20.44 -17.67
N THR C 453 -34.75 -20.62 -16.65
CA THR C 453 -35.51 -21.83 -16.54
C THR C 453 -37.01 -21.62 -16.81
N PHE C 454 -37.55 -22.19 -17.88
CA PHE C 454 -39.01 -22.21 -18.04
C PHE C 454 -39.56 -23.52 -17.59
N HIS C 455 -40.57 -23.51 -16.75
CA HIS C 455 -41.35 -24.70 -16.52
C HIS C 455 -42.51 -24.75 -17.50
N GLN C 456 -42.74 -23.64 -18.23
CA GLN C 456 -43.74 -23.63 -19.33
C GLN C 456 -43.32 -22.66 -20.40
N LEU C 457 -43.79 -22.90 -21.60
CA LEU C 457 -43.62 -21.93 -22.66
C LEU C 457 -45.03 -21.61 -23.24
N LYS C 458 -45.70 -20.60 -22.67
CA LYS C 458 -47.03 -20.22 -23.09
C LYS C 458 -46.97 -19.52 -24.43
N ALA C 459 -46.91 -20.30 -25.50
CA ALA C 459 -46.71 -19.70 -26.80
C ALA C 459 -47.79 -20.10 -27.81
N ALA C 460 -48.47 -19.09 -28.35
CA ALA C 460 -49.67 -19.37 -29.14
C ALA C 460 -49.41 -19.95 -30.52
N ASP C 461 -48.37 -19.51 -31.22
CA ASP C 461 -48.25 -19.93 -32.59
C ASP C 461 -46.80 -19.82 -33.05
N TYR C 462 -46.55 -20.03 -34.34
CA TYR C 462 -45.21 -19.93 -34.93
C TYR C 462 -44.47 -18.64 -34.66
N GLY C 463 -45.17 -17.52 -34.57
CA GLY C 463 -44.49 -16.24 -34.42
C GLY C 463 -43.83 -16.01 -33.07
N ALA C 464 -44.11 -16.87 -32.09
CA ALA C 464 -43.40 -16.87 -30.75
C ALA C 464 -41.95 -17.23 -30.87
N VAL C 465 -41.06 -16.32 -30.49
CA VAL C 465 -39.60 -16.50 -30.61
C VAL C 465 -38.91 -16.28 -29.29
N LEU C 466 -38.06 -17.24 -28.90
CA LEU C 466 -37.21 -17.12 -27.70
C LEU C 466 -35.82 -17.06 -28.26
N ALA C 467 -35.09 -15.99 -27.98
CA ALA C 467 -33.83 -15.73 -28.68
C ALA C 467 -32.75 -15.21 -27.73
N ASN C 468 -31.51 -15.22 -28.17
CA ASN C 468 -30.46 -14.47 -27.53
C ASN C 468 -29.64 -13.81 -28.62
N ASN C 469 -29.73 -12.49 -28.73
CA ASN C 469 -29.10 -11.74 -29.83
C ASN C 469 -27.76 -11.15 -29.51
N VAL C 470 -27.19 -11.57 -28.39
CA VAL C 470 -25.91 -11.02 -28.02
C VAL C 470 -24.78 -12.07 -28.13
N ASP C 471 -23.50 -11.66 -28.09
CA ASP C 471 -22.43 -12.66 -28.22
C ASP C 471 -22.05 -13.45 -26.96
N LYS C 472 -22.74 -13.22 -25.84
CA LYS C 472 -22.53 -14.01 -24.65
C LYS C 472 -23.55 -15.15 -24.56
N ARG C 473 -23.13 -16.40 -24.72
CA ARG C 473 -24.09 -17.52 -24.85
C ARG C 473 -24.98 -17.69 -23.66
N ALA C 474 -26.21 -18.18 -23.90
CA ALA C 474 -27.16 -18.48 -22.80
C ALA C 474 -27.85 -19.78 -23.00
N THR C 475 -28.29 -20.33 -21.88
CA THR C 475 -28.86 -21.64 -21.88
C THR C 475 -30.32 -21.65 -21.37
N ILE C 476 -31.19 -22.25 -22.16
CA ILE C 476 -32.57 -22.32 -21.77
C ILE C 476 -32.75 -23.67 -21.17
N THR C 477 -33.24 -23.72 -19.93
CA THR C 477 -33.54 -24.95 -19.29
C THR C 477 -35.04 -25.17 -19.21
N LEU C 478 -35.48 -26.29 -19.76
CA LEU C 478 -36.87 -26.63 -19.74
C LEU C 478 -37.12 -27.62 -18.65
N ASP C 479 -38.32 -27.57 -18.06
CA ASP C 479 -38.66 -28.28 -16.85
C ASP C 479 -40.17 -28.40 -16.67
N TYR C 480 -40.83 -29.07 -17.59
CA TYR C 480 -42.27 -29.28 -17.49
C TYR C 480 -42.69 -30.54 -16.67
N GLY C 486 -46.83 -35.48 -22.93
CA GLY C 486 -45.56 -34.79 -22.66
C GLY C 486 -45.60 -33.24 -22.73
N TYR C 487 -45.01 -32.64 -23.78
CA TYR C 487 -45.01 -31.15 -23.97
C TYR C 487 -44.86 -30.69 -25.43
N LEU C 488 -45.55 -29.59 -25.78
CA LEU C 488 -45.51 -29.03 -27.15
C LEU C 488 -44.99 -27.61 -27.25
N PHE C 489 -44.20 -27.32 -28.27
CA PHE C 489 -43.84 -25.93 -28.51
C PHE C 489 -43.97 -25.50 -29.99
N HIS C 490 -44.80 -24.46 -30.22
CA HIS C 490 -45.16 -24.07 -31.57
C HIS C 490 -44.17 -23.09 -32.13
N GLY C 491 -43.35 -22.53 -31.22
CA GLY C 491 -42.55 -21.38 -31.52
C GLY C 491 -41.17 -21.68 -32.06
N GLN C 492 -40.32 -20.65 -32.01
CA GLN C 492 -39.00 -20.68 -32.61
C GLN C 492 -37.96 -20.37 -31.53
N LEU C 493 -36.74 -20.87 -31.72
CA LEU C 493 -35.62 -20.63 -30.82
C LEU C 493 -34.52 -20.13 -31.73
N LYS C 494 -34.06 -18.87 -31.58
CA LYS C 494 -32.98 -18.33 -32.47
C LYS C 494 -31.76 -17.93 -31.70
N GLY C 495 -30.66 -17.83 -32.40
CA GLY C 495 -29.45 -17.11 -31.97
C GLY C 495 -28.61 -17.87 -30.96
N ASN C 496 -27.86 -17.12 -30.17
CA ASN C 496 -26.81 -17.69 -29.38
C ASN C 496 -27.26 -18.48 -28.16
N LEU C 497 -27.87 -19.66 -28.36
CA LEU C 497 -28.50 -20.41 -27.25
C LEU C 497 -28.10 -21.90 -27.16
N ASN C 498 -28.04 -22.43 -25.93
CA ASN C 498 -28.13 -23.87 -25.77
C ASN C 498 -29.55 -24.10 -25.32
N VAL C 499 -30.07 -25.31 -25.46
CA VAL C 499 -31.35 -25.65 -24.81
C VAL C 499 -31.19 -26.98 -24.09
N ASP C 500 -31.68 -27.07 -22.85
CA ASP C 500 -31.58 -28.31 -22.09
C ASP C 500 -32.91 -28.87 -21.73
N ASN C 501 -33.10 -30.15 -21.98
CA ASN C 501 -34.32 -30.80 -21.49
C ASN C 501 -33.92 -32.13 -20.83
N ARG C 502 -33.26 -32.02 -19.68
CA ARG C 502 -32.86 -33.19 -18.90
C ARG C 502 -34.03 -33.79 -18.17
N LEU C 503 -34.70 -34.74 -18.80
CA LEU C 503 -35.85 -35.37 -18.15
C LEU C 503 -35.43 -36.33 -17.03
N PRO C 504 -36.36 -36.65 -16.12
CA PRO C 504 -36.04 -37.67 -15.10
C PRO C 504 -36.14 -39.06 -15.69
N GLU C 505 -35.26 -39.97 -15.26
CA GLU C 505 -35.18 -41.34 -15.81
C GLU C 505 -36.52 -42.05 -15.99
N GLY C 506 -36.68 -42.71 -17.13
CA GLY C 506 -37.84 -43.57 -17.35
C GLY C 506 -39.15 -42.88 -17.64
N VAL C 507 -39.10 -41.63 -18.11
CA VAL C 507 -40.34 -40.97 -18.55
C VAL C 507 -40.45 -41.21 -20.02
N THR C 508 -41.65 -41.56 -20.46
CA THR C 508 -41.90 -41.91 -21.86
C THR C 508 -42.51 -40.77 -22.71
N GLY C 509 -42.94 -39.67 -22.06
CA GLY C 509 -43.60 -38.55 -22.76
C GLY C 509 -42.68 -37.78 -23.71
N ALA C 510 -43.25 -37.22 -24.77
CA ALA C 510 -42.44 -36.47 -25.77
C ALA C 510 -42.42 -34.91 -25.64
N LEU C 511 -41.26 -34.30 -25.86
CA LEU C 511 -41.18 -32.90 -26.29
C LEU C 511 -41.39 -32.81 -27.82
N VAL C 512 -42.42 -32.09 -28.25
CA VAL C 512 -42.74 -31.98 -29.65
C VAL C 512 -42.57 -30.55 -30.09
N MET C 513 -41.67 -30.32 -31.05
CA MET C 513 -41.54 -29.01 -31.66
C MET C 513 -42.02 -29.04 -33.09
N ASP C 514 -42.98 -28.16 -33.40
CA ASP C 514 -43.44 -28.07 -34.78
C ASP C 514 -43.32 -26.67 -35.34
N GLY C 515 -42.65 -25.82 -34.57
CA GLY C 515 -42.14 -24.54 -35.09
C GLY C 515 -40.81 -24.69 -35.83
N ALA C 516 -39.77 -24.05 -35.33
CA ALA C 516 -38.46 -24.09 -35.96
C ALA C 516 -37.44 -23.73 -34.91
N ALA C 517 -36.17 -23.74 -35.31
CA ALA C 517 -35.01 -23.37 -34.48
C ALA C 517 -33.78 -23.16 -35.35
N ASP C 518 -32.94 -22.23 -34.92
CA ASP C 518 -31.64 -21.95 -35.58
C ASP C 518 -30.77 -21.34 -34.52
N ILE C 519 -30.14 -22.18 -33.72
CA ILE C 519 -29.34 -21.74 -32.61
C ILE C 519 -27.83 -21.99 -32.80
N SER C 520 -27.01 -21.18 -32.17
CA SER C 520 -25.55 -21.32 -32.21
C SER C 520 -25.04 -22.56 -31.51
N GLY C 521 -25.73 -23.00 -30.47
CA GLY C 521 -25.17 -24.02 -29.55
C GLY C 521 -25.82 -25.39 -29.64
N THR C 522 -26.03 -25.98 -28.46
CA THR C 522 -26.40 -27.36 -28.30
C THR C 522 -27.81 -27.56 -27.71
N PHE C 523 -28.66 -28.25 -28.46
CA PHE C 523 -29.88 -28.81 -27.92
C PHE C 523 -29.64 -30.14 -27.16
N THR C 524 -29.92 -30.24 -25.87
CA THR C 524 -29.70 -31.51 -25.23
C THR C 524 -30.88 -32.10 -24.51
N GLN C 525 -31.13 -33.37 -24.76
CA GLN C 525 -32.18 -34.09 -24.07
C GLN C 525 -31.70 -35.45 -23.50
N GLU C 526 -32.08 -35.72 -22.26
CA GLU C 526 -31.86 -36.98 -21.63
C GLU C 526 -33.23 -37.55 -21.38
N ASN C 527 -33.42 -38.82 -21.71
CA ASN C 527 -34.67 -39.52 -21.51
C ASN C 527 -35.82 -39.04 -22.39
N GLY C 528 -36.97 -39.67 -22.23
CA GLY C 528 -38.19 -39.35 -22.93
C GLY C 528 -38.11 -39.48 -24.43
N ARG C 529 -39.02 -38.79 -25.12
CA ARG C 529 -39.03 -38.72 -26.57
C ARG C 529 -38.79 -37.28 -27.00
N LEU C 530 -38.32 -37.12 -28.22
CA LEU C 530 -38.20 -35.82 -28.77
C LEU C 530 -38.58 -35.96 -30.24
N THR C 531 -39.44 -35.06 -30.71
CA THR C 531 -39.83 -35.03 -32.10
C THR C 531 -39.68 -33.59 -32.63
N LEU C 532 -39.15 -33.48 -33.86
CA LEU C 532 -39.14 -32.27 -34.62
C LEU C 532 -39.88 -32.58 -35.92
N GLN C 533 -40.82 -31.73 -36.30
CA GLN C 533 -41.70 -32.04 -37.42
C GLN C 533 -42.15 -30.74 -38.06
N GLY C 534 -42.73 -30.87 -39.26
CA GLY C 534 -43.33 -29.72 -39.87
C GLY C 534 -44.66 -29.49 -39.22
N HIS C 535 -45.41 -28.51 -39.76
CA HIS C 535 -46.60 -28.05 -39.11
C HIS C 535 -47.75 -28.12 -40.07
N PRO C 536 -48.79 -28.88 -39.71
CA PRO C 536 -49.96 -28.93 -40.64
C PRO C 536 -50.66 -27.56 -40.73
N VAL C 537 -50.99 -27.10 -41.93
CA VAL C 537 -51.61 -25.77 -42.10
C VAL C 537 -52.90 -25.72 -41.28
N ILE C 538 -53.10 -24.67 -40.46
CA ILE C 538 -54.32 -24.55 -39.70
C ILE C 538 -55.48 -24.14 -40.60
N HIS C 539 -56.64 -24.75 -40.37
CA HIS C 539 -57.90 -24.46 -41.06
C HIS C 539 -59.06 -24.13 -40.06
N ALA C 540 -60.12 -23.51 -40.56
CA ALA C 540 -61.29 -23.18 -39.80
C ALA C 540 -62.05 -24.47 -39.44
N TYR C 541 -62.79 -24.49 -38.35
CA TYR C 541 -63.58 -25.67 -38.05
C TYR C 541 -64.83 -25.22 -37.32
N ASN C 542 -65.78 -26.15 -37.17
CA ASN C 542 -67.06 -25.91 -36.53
C ASN C 542 -67.39 -27.11 -35.73
N THR C 543 -68.40 -27.03 -34.88
CA THR C 543 -68.86 -28.21 -34.14
C THR C 543 -69.29 -29.42 -34.98
N GLN C 544 -69.13 -30.59 -34.40
CA GLN C 544 -69.69 -31.83 -34.98
C GLN C 544 -71.17 -31.66 -35.44
N SER C 545 -71.94 -31.01 -34.60
CA SER C 545 -73.29 -30.72 -34.95
C SER C 545 -73.43 -29.92 -36.27
N VAL C 546 -72.66 -28.84 -36.46
CA VAL C 546 -72.80 -28.16 -37.76
C VAL C 546 -72.09 -28.86 -38.89
N ALA C 547 -71.13 -29.72 -38.55
CA ALA C 547 -70.44 -30.48 -39.60
C ALA C 547 -71.51 -31.37 -40.27
N ASP C 548 -72.44 -31.87 -39.45
CA ASP C 548 -73.48 -32.83 -39.87
C ASP C 548 -74.64 -32.15 -40.61
N LYS C 549 -75.12 -31.02 -40.07
CA LYS C 549 -76.07 -30.17 -40.79
C LYS C 549 -75.66 -29.80 -42.24
N LEU C 550 -74.37 -29.58 -42.50
CA LEU C 550 -73.90 -29.41 -43.89
C LEU C 550 -73.80 -30.75 -44.66
N ALA C 551 -73.35 -31.80 -43.98
CA ALA C 551 -73.34 -33.15 -44.50
C ALA C 551 -74.74 -33.53 -45.02
N ALA C 552 -75.76 -33.34 -44.18
CA ALA C 552 -77.15 -33.62 -44.54
C ALA C 552 -77.53 -32.95 -45.89
N SER C 553 -76.83 -31.89 -46.22
CA SER C 553 -77.04 -31.14 -47.45
C SER C 553 -76.20 -31.65 -48.66
N GLY C 554 -75.36 -32.68 -48.44
CA GLY C 554 -74.38 -33.15 -49.44
C GLY C 554 -73.00 -32.45 -49.48
N ASP C 555 -72.64 -31.77 -48.38
CA ASP C 555 -71.35 -31.01 -48.28
C ASP C 555 -70.52 -31.53 -47.12
N HIS C 556 -69.38 -32.18 -47.44
CA HIS C 556 -68.53 -32.86 -46.44
C HIS C 556 -67.17 -32.13 -46.28
N SER C 557 -67.13 -30.87 -46.73
CA SER C 557 -65.93 -30.05 -46.62
C SER C 557 -65.67 -29.52 -45.21
N VAL C 558 -66.71 -29.47 -44.38
CA VAL C 558 -66.60 -28.86 -43.05
C VAL C 558 -65.74 -29.67 -42.06
N LEU C 559 -64.69 -29.03 -41.52
CA LEU C 559 -63.83 -29.63 -40.53
C LEU C 559 -64.32 -29.46 -39.09
N THR C 560 -63.90 -30.39 -38.25
CA THR C 560 -64.20 -30.37 -36.80
C THR C 560 -62.95 -30.23 -35.94
N GLN C 561 -61.80 -29.98 -36.55
CA GLN C 561 -60.60 -29.78 -35.78
C GLN C 561 -59.68 -28.97 -36.66
N PRO C 562 -58.71 -28.22 -36.09
CA PRO C 562 -57.97 -27.33 -37.04
C PRO C 562 -56.90 -27.98 -37.91
N THR C 563 -56.35 -29.12 -37.50
CA THR C 563 -55.23 -29.74 -38.17
C THR C 563 -55.47 -31.24 -38.10
N SER C 564 -54.97 -31.95 -39.10
CA SER C 564 -55.21 -33.37 -39.15
C SER C 564 -54.05 -34.07 -39.84
N PHE C 565 -53.89 -35.34 -39.52
CA PHE C 565 -52.79 -36.16 -40.05
C PHE C 565 -52.87 -36.41 -41.55
N SER C 566 -54.06 -36.30 -42.11
CA SER C 566 -54.23 -36.72 -43.49
C SER C 566 -54.24 -35.57 -44.46
N GLN C 567 -54.37 -34.36 -43.95
CA GLN C 567 -54.43 -33.23 -44.85
C GLN C 567 -53.13 -33.18 -45.67
N GLU C 568 -53.21 -32.74 -46.92
CA GLU C 568 -52.01 -32.60 -47.77
C GLU C 568 -51.15 -31.40 -47.49
N ASP C 569 -51.72 -30.32 -46.93
CA ASP C 569 -51.01 -29.01 -46.88
C ASP C 569 -50.25 -28.84 -45.54
N TRP C 570 -48.93 -28.89 -45.61
CA TRP C 570 -48.05 -28.79 -44.41
C TRP C 570 -47.04 -27.68 -44.61
N GLU C 571 -46.65 -27.02 -43.55
CA GLU C 571 -45.59 -26.01 -43.62
C GLU C 571 -44.22 -26.60 -43.32
N ASN C 572 -43.27 -26.31 -44.19
CA ASN C 572 -41.93 -26.85 -44.06
C ASN C 572 -41.33 -26.14 -42.95
N ARG C 573 -40.66 -26.88 -42.09
CA ARG C 573 -40.08 -26.32 -40.90
C ARG C 573 -38.64 -26.71 -40.88
N SER C 574 -37.81 -25.85 -40.27
CA SER C 574 -36.42 -26.06 -40.36
C SER C 574 -35.72 -25.92 -38.99
N PHE C 575 -34.78 -26.81 -38.65
CA PHE C 575 -34.14 -26.91 -37.33
C PHE C 575 -32.62 -27.10 -37.49
N THR C 576 -31.87 -26.01 -37.30
CA THR C 576 -30.44 -26.00 -37.26
C THR C 576 -29.93 -25.84 -35.80
N PHE C 577 -29.00 -26.70 -35.38
CA PHE C 577 -28.23 -26.49 -34.14
C PHE C 577 -26.77 -26.82 -34.39
N ASP C 578 -25.90 -26.37 -33.49
CA ASP C 578 -24.51 -26.85 -33.53
C ASP C 578 -24.39 -28.37 -33.30
N ARG C 579 -25.19 -28.89 -32.38
CA ARG C 579 -25.01 -30.22 -31.83
C ARG C 579 -26.39 -30.58 -31.25
N LEU C 580 -26.92 -31.76 -31.59
CA LEU C 580 -28.12 -32.31 -30.97
C LEU C 580 -27.67 -33.47 -30.06
N SER C 581 -27.44 -33.21 -28.78
CA SER C 581 -27.01 -34.29 -27.89
C SER C 581 -28.19 -35.12 -27.34
N LEU C 582 -28.09 -36.45 -27.42
CA LEU C 582 -29.17 -37.34 -26.98
C LEU C 582 -28.63 -38.36 -25.96
N LYS C 583 -29.41 -38.67 -24.94
CA LYS C 583 -29.02 -39.69 -23.99
C LYS C 583 -30.26 -40.36 -23.43
N ASN C 584 -30.43 -41.65 -23.74
CA ASN C 584 -31.57 -42.44 -23.31
C ASN C 584 -32.92 -42.02 -23.89
N THR C 585 -32.87 -41.58 -25.15
CA THR C 585 -33.96 -40.83 -25.74
C THR C 585 -34.43 -41.42 -27.08
N ASP C 586 -35.73 -41.38 -27.34
CA ASP C 586 -36.33 -41.92 -28.55
C ASP C 586 -36.62 -40.70 -29.48
N PHE C 587 -35.65 -40.39 -30.33
CA PHE C 587 -35.70 -39.16 -31.12
C PHE C 587 -36.20 -39.38 -32.53
N GLY C 588 -37.14 -38.53 -32.97
CA GLY C 588 -37.71 -38.67 -34.31
C GLY C 588 -37.80 -37.35 -35.05
N LEU C 589 -37.47 -37.39 -36.33
CA LEU C 589 -37.62 -36.30 -37.28
C LEU C 589 -38.79 -36.59 -38.23
N GLY C 590 -39.86 -35.81 -38.10
CA GLY C 590 -41.06 -36.05 -38.83
C GLY C 590 -41.04 -35.35 -40.14
N ARG C 591 -42.12 -35.58 -40.88
CA ARG C 591 -42.34 -35.07 -42.22
C ARG C 591 -42.24 -33.54 -42.25
N ASN C 592 -41.92 -33.00 -43.44
CA ASN C 592 -41.91 -31.54 -43.65
C ASN C 592 -40.97 -30.80 -42.66
N ALA C 593 -40.00 -31.52 -42.14
CA ALA C 593 -38.93 -30.95 -41.31
C ALA C 593 -37.47 -31.21 -41.81
N THR C 594 -36.62 -30.18 -41.81
CA THR C 594 -35.21 -30.33 -42.16
C THR C 594 -34.42 -30.13 -40.91
N LEU C 595 -33.42 -30.99 -40.69
CA LEU C 595 -32.54 -30.91 -39.53
C LEU C 595 -31.07 -30.82 -40.00
N ASN C 596 -30.39 -29.76 -39.56
CA ASN C 596 -28.97 -29.53 -39.88
C ASN C 596 -28.23 -29.53 -38.56
N THR C 597 -27.53 -30.62 -38.27
CA THR C 597 -26.79 -30.68 -37.03
C THR C 597 -25.77 -31.83 -37.00
N THR C 598 -25.08 -31.93 -35.87
CA THR C 598 -24.27 -33.06 -35.51
C THR C 598 -25.02 -33.78 -34.39
N ILE C 599 -25.44 -35.01 -34.62
CA ILE C 599 -26.05 -35.78 -33.57
C ILE C 599 -24.95 -36.47 -32.72
N GLN C 600 -25.11 -36.44 -31.40
CA GLN C 600 -24.27 -37.19 -30.43
C GLN C 600 -25.21 -38.01 -29.59
N ALA C 601 -25.34 -39.26 -30.00
CA ALA C 601 -26.30 -40.17 -29.44
C ALA C 601 -25.62 -41.14 -28.49
N ASP C 602 -26.36 -41.46 -27.42
CA ASP C 602 -25.93 -42.36 -26.36
C ASP C 602 -27.13 -43.15 -25.92
N ASN C 603 -27.03 -44.47 -25.98
CA ASN C 603 -28.18 -45.32 -25.69
C ASN C 603 -29.51 -44.67 -26.20
N SER C 604 -29.53 -44.27 -27.50
CA SER C 604 -30.66 -43.50 -28.08
C SER C 604 -31.14 -43.99 -29.47
N SER C 605 -32.45 -44.03 -29.73
CA SER C 605 -32.86 -44.12 -31.15
C SER C 605 -33.09 -42.80 -31.83
N VAL C 606 -32.55 -42.75 -33.03
CA VAL C 606 -32.67 -41.63 -33.93
C VAL C 606 -33.40 -42.09 -35.21
N THR C 607 -34.70 -41.79 -35.31
CA THR C 607 -35.50 -42.03 -36.52
C THR C 607 -35.56 -40.75 -37.39
N LEU C 608 -34.86 -40.78 -38.52
CA LEU C 608 -34.88 -39.68 -39.43
C LEU C 608 -35.91 -40.00 -40.49
N GLY C 609 -37.08 -39.36 -40.46
CA GLY C 609 -38.18 -39.83 -41.29
C GLY C 609 -39.11 -40.66 -40.45
N ASP C 610 -39.75 -40.00 -39.48
CA ASP C 610 -40.54 -40.67 -38.43
C ASP C 610 -41.99 -40.46 -38.77
N SER C 611 -42.69 -41.53 -39.14
CA SER C 611 -44.13 -41.49 -39.39
C SER C 611 -44.96 -41.04 -38.14
N ARG C 612 -44.34 -40.99 -36.98
CA ARG C 612 -45.10 -40.66 -35.77
C ARG C 612 -45.11 -39.15 -35.57
N VAL C 613 -46.23 -38.51 -35.87
CA VAL C 613 -46.25 -37.06 -35.71
C VAL C 613 -47.34 -36.63 -34.78
N PHE C 614 -47.56 -35.33 -34.68
CA PHE C 614 -48.51 -34.77 -33.72
C PHE C 614 -49.26 -33.55 -34.27
N ILE C 615 -50.48 -33.39 -33.78
CA ILE C 615 -51.28 -32.21 -34.06
C ILE C 615 -51.72 -31.68 -32.69
N ASP C 616 -52.21 -30.43 -32.69
CA ASP C 616 -52.70 -29.74 -31.48
C ASP C 616 -54.22 -29.62 -31.67
N LYS C 617 -55.03 -30.17 -30.77
CA LYS C 617 -56.50 -30.13 -31.05
C LYS C 617 -57.03 -28.65 -31.03
N ASN C 618 -56.12 -27.78 -30.56
CA ASN C 618 -56.31 -26.37 -30.29
C ASN C 618 -55.41 -25.44 -31.07
N ASP C 619 -54.77 -25.92 -32.13
CA ASP C 619 -53.79 -25.08 -32.81
C ASP C 619 -54.55 -23.87 -33.29
N GLY C 620 -54.04 -22.69 -32.99
CA GLY C 620 -54.68 -21.41 -33.32
C GLY C 620 -55.75 -20.91 -32.35
N GLN C 621 -55.96 -21.62 -31.26
CA GLN C 621 -56.89 -21.14 -30.25
C GLN C 621 -56.24 -20.34 -29.16
N GLY C 622 -54.96 -20.04 -29.28
CA GLY C 622 -54.28 -19.35 -28.20
C GLY C 622 -53.26 -20.27 -27.59
N THR C 623 -52.78 -19.94 -26.39
CA THR C 623 -51.62 -20.65 -25.82
C THR C 623 -51.88 -22.11 -25.36
N ALA C 624 -53.13 -22.44 -25.05
CA ALA C 624 -53.51 -23.78 -24.62
C ALA C 624 -53.32 -24.85 -25.73
N PHE C 625 -52.78 -26.04 -25.40
CA PHE C 625 -52.66 -27.08 -26.43
C PHE C 625 -53.20 -28.47 -26.04
N THR C 626 -53.64 -29.26 -27.01
CA THR C 626 -54.04 -30.65 -26.73
C THR C 626 -53.34 -31.61 -27.70
N LEU C 627 -52.30 -32.32 -27.23
CA LEU C 627 -51.50 -33.26 -28.02
C LEU C 627 -52.23 -34.51 -28.43
N GLU C 628 -52.13 -34.87 -29.72
CA GLU C 628 -52.60 -36.17 -30.23
C GLU C 628 -51.47 -36.69 -31.08
N GLU C 629 -51.14 -37.98 -30.93
CA GLU C 629 -50.19 -38.65 -31.81
C GLU C 629 -50.91 -39.40 -32.93
N GLY C 630 -50.21 -39.54 -34.05
CA GLY C 630 -50.83 -40.08 -35.23
C GLY C 630 -49.80 -40.44 -36.23
N THR C 631 -50.27 -41.02 -37.34
CA THR C 631 -49.40 -41.42 -38.42
C THR C 631 -49.54 -40.47 -39.60
N SER C 632 -48.41 -39.93 -40.02
CA SER C 632 -48.49 -39.14 -41.23
C SER C 632 -47.32 -39.44 -42.14
N VAL C 633 -47.53 -40.21 -43.19
CA VAL C 633 -46.34 -40.60 -43.99
C VAL C 633 -46.09 -39.63 -45.13
N ALA C 634 -44.91 -39.07 -45.21
CA ALA C 634 -44.58 -38.21 -46.35
C ALA C 634 -44.40 -39.03 -47.65
N THR C 635 -45.27 -38.85 -48.62
CA THR C 635 -45.07 -39.61 -49.84
C THR C 635 -44.55 -38.77 -51.02
N LYS C 636 -44.82 -37.48 -51.07
CA LYS C 636 -44.22 -36.67 -52.15
C LYS C 636 -42.88 -36.13 -51.65
N ASP C 637 -41.91 -35.97 -52.54
CA ASP C 637 -40.57 -35.48 -52.17
C ASP C 637 -40.59 -34.16 -51.44
N ALA C 638 -41.49 -33.28 -51.84
CA ALA C 638 -41.62 -31.95 -51.19
C ALA C 638 -41.83 -32.09 -49.66
N ASP C 639 -42.51 -33.16 -49.23
CA ASP C 639 -42.92 -33.30 -47.82
C ASP C 639 -41.93 -34.03 -46.96
N LYS C 640 -41.03 -34.78 -47.61
CA LYS C 640 -40.04 -35.61 -46.90
C LYS C 640 -39.04 -34.78 -46.09
N SER C 641 -38.77 -35.26 -44.86
CA SER C 641 -37.72 -34.71 -44.02
C SER C 641 -36.40 -34.93 -44.67
N VAL C 642 -35.46 -34.10 -44.25
CA VAL C 642 -34.16 -33.95 -44.86
C VAL C 642 -33.17 -33.88 -43.71
N PHE C 643 -32.10 -34.69 -43.73
CA PHE C 643 -31.08 -34.48 -42.70
C PHE C 643 -29.76 -34.13 -43.37
N ASN C 644 -28.99 -33.22 -42.75
CA ASN C 644 -27.61 -32.91 -43.22
C ASN C 644 -26.75 -32.72 -41.98
N GLY C 645 -25.67 -33.48 -41.88
CA GLY C 645 -24.71 -33.32 -40.80
C GLY C 645 -23.99 -34.62 -40.50
N THR C 646 -23.82 -34.94 -39.23
CA THR C 646 -23.03 -36.07 -38.84
C THR C 646 -23.81 -36.78 -37.75
N VAL C 647 -23.81 -38.11 -37.77
CA VAL C 647 -24.47 -38.81 -36.69
C VAL C 647 -23.47 -39.66 -35.92
N ASN C 648 -23.19 -39.33 -34.67
CA ASN C 648 -22.26 -40.11 -33.88
C ASN C 648 -23.07 -40.94 -32.96
N LEU C 649 -22.93 -42.26 -33.05
CA LEU C 649 -23.72 -43.16 -32.20
C LEU C 649 -22.80 -43.89 -31.22
N ASP C 650 -23.30 -44.20 -30.04
CA ASP C 650 -22.42 -44.77 -29.00
C ASP C 650 -23.31 -45.54 -28.05
N ASN C 651 -22.71 -46.49 -27.33
CA ASN C 651 -23.36 -47.23 -26.27
C ASN C 651 -24.81 -47.64 -26.57
N GLN C 652 -24.99 -48.43 -27.63
CA GLN C 652 -26.29 -49.05 -27.94
C GLN C 652 -27.32 -48.23 -28.76
N SER C 653 -26.89 -47.17 -29.44
CA SER C 653 -27.82 -46.32 -30.21
C SER C 653 -28.29 -46.99 -31.46
N VAL C 654 -29.48 -46.62 -31.92
CA VAL C 654 -29.98 -47.04 -33.24
C VAL C 654 -30.27 -45.81 -34.14
N LEU C 655 -29.65 -45.76 -35.29
CA LEU C 655 -30.00 -44.81 -36.31
C LEU C 655 -30.89 -45.51 -37.35
N ASN C 656 -32.12 -45.04 -37.49
CA ASN C 656 -32.96 -45.41 -38.61
C ASN C 656 -33.02 -44.30 -39.66
N ILE C 657 -32.55 -44.58 -40.88
CA ILE C 657 -32.63 -43.64 -42.01
C ILE C 657 -33.82 -43.93 -42.95
N ASN C 658 -34.86 -43.10 -42.91
CA ASN C 658 -36.03 -43.35 -43.73
C ASN C 658 -36.37 -42.20 -44.65
N ASP C 659 -35.46 -41.25 -44.82
CA ASP C 659 -35.81 -39.96 -45.43
C ASP C 659 -34.65 -39.50 -46.32
N ILE C 660 -34.61 -38.21 -46.68
CA ILE C 660 -33.55 -37.70 -47.59
C ILE C 660 -32.35 -37.30 -46.78
N PHE C 661 -31.27 -38.09 -46.83
CA PHE C 661 -30.18 -38.05 -45.84
C PHE C 661 -28.83 -37.80 -46.50
N ASN C 662 -28.00 -36.97 -45.88
CA ASN C 662 -26.64 -36.61 -46.34
C ASN C 662 -25.77 -36.48 -45.14
N GLY C 663 -24.92 -37.46 -44.88
CA GLY C 663 -24.03 -37.29 -43.73
C GLY C 663 -23.12 -38.44 -43.42
N GLY C 664 -21.99 -38.11 -42.78
CA GLY C 664 -21.08 -39.07 -42.20
C GLY C 664 -21.66 -39.65 -40.91
N ILE C 665 -21.16 -40.84 -40.54
CA ILE C 665 -21.67 -41.64 -39.41
C ILE C 665 -20.48 -42.23 -38.64
N GLN C 666 -20.31 -41.90 -37.36
CA GLN C 666 -19.22 -42.46 -36.51
C GLN C 666 -19.87 -43.27 -35.44
N ALA C 667 -19.78 -44.59 -35.55
CA ALA C 667 -20.54 -45.42 -34.63
C ALA C 667 -19.68 -46.44 -33.91
N ASN C 668 -20.04 -46.69 -32.67
CA ASN C 668 -19.32 -47.58 -31.79
C ASN C 668 -20.42 -48.22 -30.99
N ASN C 669 -20.58 -49.52 -31.17
CA ASN C 669 -21.55 -50.34 -30.43
C ASN C 669 -23.01 -50.12 -30.70
N SER C 670 -23.30 -49.89 -31.98
CA SER C 670 -24.62 -49.40 -32.34
C SER C 670 -25.14 -50.18 -33.58
N THR C 671 -25.95 -49.55 -34.43
CA THR C 671 -26.80 -50.28 -35.35
C THR C 671 -27.41 -49.23 -36.25
N VAL C 672 -27.19 -49.33 -37.57
CA VAL C 672 -27.76 -48.38 -38.48
C VAL C 672 -28.71 -49.13 -39.38
N ASN C 673 -30.02 -48.87 -39.28
CA ASN C 673 -30.93 -49.36 -40.28
C ASN C 673 -31.19 -48.31 -41.38
N ILE C 674 -31.23 -48.71 -42.65
CA ILE C 674 -31.59 -47.77 -43.73
C ILE C 674 -32.73 -48.32 -44.54
N SER C 675 -33.85 -47.59 -44.65
CA SER C 675 -34.89 -48.04 -45.57
C SER C 675 -35.01 -47.08 -46.74
N SER C 676 -34.31 -45.96 -46.61
CA SER C 676 -34.49 -44.87 -47.50
C SER C 676 -33.90 -45.17 -48.82
N ASP C 677 -34.58 -44.73 -49.86
CA ASP C 677 -34.02 -44.82 -51.18
C ASP C 677 -33.23 -43.55 -51.55
N SER C 678 -32.93 -42.66 -50.61
CA SER C 678 -32.10 -41.47 -50.97
C SER C 678 -31.18 -41.09 -49.89
N ALA C 679 -30.33 -42.03 -49.53
CA ALA C 679 -29.36 -41.85 -48.49
C ALA C 679 -27.98 -41.71 -49.11
N VAL C 680 -27.33 -40.59 -48.91
CA VAL C 680 -25.95 -40.43 -49.33
C VAL C 680 -25.09 -40.45 -48.06
N LEU C 681 -24.21 -41.41 -47.91
CA LEU C 681 -23.35 -41.46 -46.69
C LEU C 681 -21.95 -40.92 -46.97
N GLY C 682 -21.47 -40.07 -46.08
CA GLY C 682 -20.18 -39.42 -46.26
C GLY C 682 -19.18 -40.28 -45.54
N ASN C 683 -18.00 -39.71 -45.30
CA ASN C 683 -16.90 -40.42 -44.66
C ASN C 683 -17.44 -41.04 -43.39
N SER C 684 -17.31 -42.36 -43.28
CA SER C 684 -17.86 -43.05 -42.11
C SER C 684 -16.95 -44.11 -41.50
N THR C 685 -17.13 -44.37 -40.20
CA THR C 685 -16.41 -45.41 -39.42
C THR C 685 -17.37 -46.16 -38.48
N LEU C 686 -17.59 -47.47 -38.69
CA LEU C 686 -18.44 -48.24 -37.78
C LEU C 686 -17.65 -49.26 -37.01
N THR C 687 -17.69 -49.17 -35.69
CA THR C 687 -16.98 -50.10 -34.84
C THR C 687 -18.05 -50.89 -34.17
N SER C 688 -18.03 -52.20 -34.36
CA SER C 688 -19.01 -53.06 -33.68
C SER C 688 -20.44 -52.59 -33.93
N THR C 689 -20.71 -52.20 -35.17
CA THR C 689 -21.98 -51.66 -35.55
C THR C 689 -22.37 -52.21 -36.95
N ALA C 690 -23.37 -53.10 -37.01
CA ALA C 690 -24.00 -53.53 -38.27
C ALA C 690 -24.60 -52.34 -39.06
N LEU C 691 -24.49 -52.35 -40.39
CA LEU C 691 -25.23 -51.47 -41.28
C LEU C 691 -26.22 -52.36 -41.97
N ASN C 692 -27.52 -52.09 -41.85
CA ASN C 692 -28.53 -52.91 -42.55
C ASN C 692 -29.29 -52.08 -43.53
N LEU C 693 -29.30 -52.50 -44.79
CA LEU C 693 -30.17 -51.88 -45.81
C LEU C 693 -31.31 -52.82 -46.15
N ASN C 694 -32.54 -52.31 -46.06
CA ASN C 694 -33.65 -53.23 -46.13
C ASN C 694 -34.42 -52.96 -47.33
N LYS C 695 -35.38 -53.82 -47.55
CA LYS C 695 -36.07 -53.87 -48.83
C LYS C 695 -36.33 -52.46 -49.33
N GLY C 696 -35.92 -52.22 -50.56
CA GLY C 696 -36.25 -50.95 -51.17
C GLY C 696 -35.23 -49.86 -50.96
N ALA C 697 -34.31 -50.00 -50.00
CA ALA C 697 -33.37 -48.91 -49.69
C ALA C 697 -32.41 -48.75 -50.82
N ASN C 698 -31.74 -47.62 -50.84
CA ASN C 698 -30.87 -47.30 -51.98
C ASN C 698 -29.97 -46.21 -51.59
N ALA C 699 -28.69 -46.51 -51.60
CA ALA C 699 -27.76 -45.72 -50.82
C ALA C 699 -26.43 -45.62 -51.50
N LEU C 700 -25.74 -44.53 -51.25
CA LEU C 700 -24.47 -44.28 -51.87
C LEU C 700 -23.48 -43.91 -50.80
N ALA C 701 -22.45 -44.72 -50.55
CA ALA C 701 -21.27 -44.26 -49.80
C ALA C 701 -20.43 -43.43 -50.75
N SER C 702 -20.41 -42.11 -50.52
CA SER C 702 -19.81 -41.16 -51.46
C SER C 702 -18.37 -40.84 -51.22
N GLN C 703 -17.84 -41.25 -50.07
CA GLN C 703 -16.47 -40.96 -49.69
C GLN C 703 -15.99 -42.26 -49.07
N SER C 704 -14.99 -42.24 -48.20
CA SER C 704 -14.50 -43.50 -47.64
C SER C 704 -15.54 -44.05 -46.72
N PHE C 705 -15.49 -45.37 -46.50
CA PHE C 705 -16.35 -46.10 -45.56
C PHE C 705 -15.59 -47.26 -44.99
N VAL C 706 -15.49 -47.33 -43.66
CA VAL C 706 -14.72 -48.38 -42.95
C VAL C 706 -15.53 -49.04 -41.78
N SER C 707 -15.72 -50.35 -41.81
CA SER C 707 -16.43 -51.02 -40.75
C SER C 707 -15.65 -52.28 -40.45
N ASP C 708 -15.73 -52.73 -39.20
CA ASP C 708 -15.11 -53.98 -38.79
C ASP C 708 -16.22 -55.03 -38.66
N GLY C 709 -17.41 -54.72 -39.14
CA GLY C 709 -18.59 -55.57 -38.87
C GLY C 709 -19.29 -55.84 -40.18
N PRO C 710 -20.52 -56.38 -40.12
CA PRO C 710 -21.33 -56.68 -41.33
C PRO C 710 -22.11 -55.52 -41.97
N VAL C 711 -22.00 -55.38 -43.28
CA VAL C 711 -22.91 -54.59 -44.08
C VAL C 711 -23.95 -55.54 -44.68
N ASN C 712 -25.21 -55.42 -44.30
CA ASN C 712 -26.25 -56.37 -44.72
C ASN C 712 -27.26 -55.78 -45.69
N ILE C 713 -27.19 -56.16 -46.97
CA ILE C 713 -28.02 -55.62 -48.02
C ILE C 713 -29.15 -56.60 -48.38
N SER C 714 -30.35 -56.35 -47.84
CA SER C 714 -31.51 -57.20 -48.09
C SER C 714 -32.49 -56.61 -49.12
N ASP C 715 -32.57 -57.20 -50.31
CA ASP C 715 -33.36 -56.60 -51.38
C ASP C 715 -33.19 -55.07 -51.45
N ALA C 716 -31.96 -54.61 -51.40
CA ALA C 716 -31.71 -53.20 -51.32
C ALA C 716 -30.58 -52.97 -52.27
N THR C 717 -30.30 -51.74 -52.64
CA THR C 717 -29.06 -51.46 -53.35
C THR C 717 -28.14 -50.48 -52.63
N LEU C 718 -26.84 -50.82 -52.67
CA LEU C 718 -25.75 -50.04 -52.14
C LEU C 718 -24.68 -49.79 -53.20
N SER C 719 -24.34 -48.52 -53.38
CA SER C 719 -23.25 -48.11 -54.23
C SER C 719 -22.07 -47.57 -53.42
N LEU C 720 -20.89 -47.78 -53.97
CA LEU C 720 -19.72 -47.30 -53.31
C LEU C 720 -19.04 -46.44 -54.31
N ASN C 721 -18.70 -45.24 -53.84
CA ASN C 721 -18.12 -44.21 -54.66
C ASN C 721 -18.91 -43.69 -55.85
N SER C 722 -19.54 -44.52 -56.65
CA SER C 722 -20.39 -43.93 -57.69
C SER C 722 -21.65 -44.76 -57.84
N ARG C 723 -22.76 -44.10 -58.16
CA ARG C 723 -24.00 -44.84 -58.44
C ARG C 723 -23.86 -45.44 -59.85
N PRO C 724 -24.57 -46.56 -60.14
CA PRO C 724 -24.47 -47.20 -61.47
C PRO C 724 -25.30 -46.55 -62.58
N ASP C 725 -25.86 -45.38 -62.32
CA ASP C 725 -26.72 -44.65 -63.29
C ASP C 725 -26.20 -43.26 -63.67
N GLU C 726 -24.97 -42.97 -63.28
CA GLU C 726 -24.39 -41.63 -63.24
C GLU C 726 -22.92 -41.79 -63.51
N VAL C 727 -22.37 -40.99 -64.43
CA VAL C 727 -20.92 -40.97 -64.67
C VAL C 727 -20.30 -39.68 -64.13
N SER C 728 -19.38 -39.81 -63.21
CA SER C 728 -18.77 -38.65 -62.58
C SER C 728 -17.38 -38.45 -63.10
N HIS C 729 -17.02 -37.18 -63.27
CA HIS C 729 -15.64 -36.86 -63.64
C HIS C 729 -14.94 -36.18 -62.49
N THR C 730 -15.47 -36.36 -61.29
CA THR C 730 -14.99 -35.59 -60.13
C THR C 730 -14.76 -36.53 -58.93
N LEU C 731 -14.41 -37.78 -59.25
CA LEU C 731 -14.20 -38.87 -58.30
C LEU C 731 -12.88 -38.79 -57.55
N LEU C 732 -12.87 -39.34 -56.35
CA LEU C 732 -11.68 -39.44 -55.51
C LEU C 732 -11.41 -40.93 -55.23
N PRO C 733 -10.13 -41.33 -54.99
CA PRO C 733 -9.89 -42.67 -54.46
C PRO C 733 -10.54 -42.80 -53.10
N VAL C 734 -11.12 -43.96 -52.77
CA VAL C 734 -11.73 -44.19 -51.44
C VAL C 734 -11.50 -45.58 -50.86
N TYR C 735 -11.57 -45.68 -49.54
CA TYR C 735 -11.57 -46.96 -48.91
C TYR C 735 -13.00 -47.48 -48.71
N ASP C 736 -13.19 -48.78 -48.93
CA ASP C 736 -14.45 -49.43 -48.61
C ASP C 736 -14.17 -50.77 -47.93
N TYR C 737 -14.17 -50.76 -46.60
CA TYR C 737 -13.77 -51.91 -45.79
C TYR C 737 -14.95 -52.37 -44.99
N ALA C 738 -15.15 -53.68 -44.93
CA ALA C 738 -16.13 -54.29 -44.01
C ALA C 738 -15.65 -55.67 -43.50
N GLY C 739 -16.02 -56.00 -42.27
CA GLY C 739 -15.92 -57.37 -41.82
C GLY C 739 -16.59 -58.32 -42.80
N SER C 740 -17.72 -57.93 -43.40
CA SER C 740 -18.29 -58.67 -44.51
C SER C 740 -19.44 -57.93 -45.24
N TRP C 741 -19.54 -58.14 -46.54
CA TRP C 741 -20.63 -57.62 -47.33
C TRP C 741 -21.65 -58.74 -47.63
N ASN C 742 -22.86 -58.64 -47.08
CA ASN C 742 -23.82 -59.74 -47.17
C ASN C 742 -25.13 -59.44 -47.81
N LEU C 743 -25.32 -59.94 -49.04
CA LEU C 743 -26.53 -59.75 -49.83
C LEU C 743 -27.54 -60.87 -49.68
N LYS C 744 -28.81 -60.52 -49.49
CA LYS C 744 -29.91 -61.51 -49.63
C LYS C 744 -31.02 -60.93 -50.47
N GLY C 745 -31.59 -61.77 -51.32
CA GLY C 745 -32.81 -61.49 -52.00
C GLY C 745 -32.46 -61.28 -53.45
N ASP C 746 -33.38 -61.70 -54.29
CA ASP C 746 -33.13 -61.62 -55.71
C ASP C 746 -32.85 -60.16 -56.10
N ASP C 747 -33.32 -59.21 -55.28
CA ASP C 747 -33.15 -57.80 -55.65
C ASP C 747 -31.94 -57.12 -54.98
N ALA C 748 -31.17 -57.83 -54.15
CA ALA C 748 -30.01 -57.17 -53.49
C ALA C 748 -28.92 -56.86 -54.52
N ARG C 749 -28.30 -55.69 -54.44
CA ARG C 749 -27.30 -55.27 -55.42
C ARG C 749 -26.26 -54.46 -54.75
N LEU C 750 -25.00 -54.74 -55.05
CA LEU C 750 -23.87 -53.98 -54.53
C LEU C 750 -23.09 -53.52 -55.76
N ASN C 751 -23.05 -52.21 -55.93
CA ASN C 751 -22.37 -51.62 -57.06
C ASN C 751 -21.13 -50.95 -56.47
N VAL C 752 -19.97 -51.48 -56.77
CA VAL C 752 -18.74 -50.83 -56.36
C VAL C 752 -18.27 -50.05 -57.57
N GLY C 753 -18.20 -48.73 -57.43
CA GLY C 753 -17.71 -47.86 -58.53
C GLY C 753 -16.18 -47.84 -58.57
N PRO C 754 -15.62 -47.22 -59.62
CA PRO C 754 -14.18 -47.06 -59.87
C PRO C 754 -13.47 -46.39 -58.73
N TYR C 755 -12.17 -46.56 -58.66
CA TYR C 755 -11.33 -45.93 -57.67
C TYR C 755 -11.76 -46.20 -56.24
N SER C 756 -12.36 -47.37 -56.09
CA SER C 756 -12.61 -47.90 -54.76
C SER C 756 -11.69 -49.08 -54.40
N MET C 757 -11.10 -49.00 -53.20
CA MET C 757 -10.25 -50.04 -52.67
C MET C 757 -11.09 -50.88 -51.73
N LEU C 758 -11.71 -51.93 -52.26
CA LEU C 758 -12.63 -52.75 -51.48
C LEU C 758 -11.93 -53.79 -50.62
N SER C 759 -12.46 -54.02 -49.43
CA SER C 759 -11.94 -55.08 -48.62
C SER C 759 -13.03 -55.73 -47.77
N GLY C 760 -12.91 -57.08 -47.64
CA GLY C 760 -13.93 -57.89 -46.97
C GLY C 760 -14.57 -58.94 -47.86
N ASN C 761 -14.92 -60.05 -47.24
CA ASN C 761 -15.65 -61.09 -47.94
C ASN C 761 -16.98 -60.62 -48.38
N ILE C 762 -17.28 -60.91 -49.64
CA ILE C 762 -18.60 -60.71 -50.16
C ILE C 762 -19.37 -62.06 -50.16
N ASN C 763 -20.53 -62.08 -49.50
CA ASN C 763 -21.41 -63.26 -49.41
C ASN C 763 -22.76 -62.94 -50.01
N VAL C 764 -23.21 -63.72 -50.99
CA VAL C 764 -24.55 -63.56 -51.53
C VAL C 764 -25.40 -64.79 -51.28
N GLN C 765 -26.60 -64.56 -50.78
CA GLN C 765 -27.58 -65.60 -50.68
C GLN C 765 -28.63 -65.24 -51.70
N ASP C 766 -29.29 -66.20 -52.37
CA ASP C 766 -30.25 -65.86 -53.43
C ASP C 766 -29.55 -65.19 -54.65
N LYS C 767 -30.30 -64.68 -55.62
CA LYS C 767 -29.73 -64.21 -56.92
C LYS C 767 -29.36 -62.71 -57.04
N GLY C 768 -28.73 -62.18 -56.01
CA GLY C 768 -28.31 -60.80 -56.10
C GLY C 768 -27.19 -60.61 -57.10
N THR C 769 -26.64 -59.39 -57.12
CA THR C 769 -25.75 -58.90 -58.18
C THR C 769 -24.70 -57.99 -57.59
N VAL C 770 -23.42 -58.37 -57.81
CA VAL C 770 -22.23 -57.59 -57.43
C VAL C 770 -21.52 -57.08 -58.70
N THR C 771 -21.32 -55.79 -58.82
CA THR C 771 -20.60 -55.28 -59.96
C THR C 771 -19.45 -54.47 -59.44
N LEU C 772 -18.22 -54.86 -59.83
CA LEU C 772 -17.02 -54.09 -59.52
C LEU C 772 -16.60 -53.37 -60.79
N GLY C 773 -16.58 -52.05 -60.72
CA GLY C 773 -16.10 -51.24 -61.81
C GLY C 773 -17.21 -50.61 -62.63
N GLY C 774 -16.93 -49.44 -63.19
CA GLY C 774 -17.84 -48.77 -64.14
C GLY C 774 -17.18 -47.50 -64.60
N GLU C 775 -17.84 -46.76 -65.49
CA GLU C 775 -17.30 -45.50 -65.98
C GLU C 775 -17.07 -44.50 -64.85
N GLY C 776 -16.06 -43.66 -65.03
CA GLY C 776 -15.79 -42.59 -64.09
C GLY C 776 -14.36 -42.15 -64.14
N GLU C 777 -14.15 -40.85 -64.23
CA GLU C 777 -12.79 -40.32 -64.15
C GLU C 777 -12.55 -39.58 -62.84
N LEU C 778 -11.35 -39.75 -62.30
CA LEU C 778 -10.91 -38.90 -61.17
C LEU C 778 -10.96 -37.40 -61.46
N SER C 779 -11.01 -36.62 -60.38
CA SER C 779 -10.81 -35.16 -60.41
C SER C 779 -9.36 -34.75 -60.81
N PRO C 780 -9.21 -33.69 -61.67
CA PRO C 780 -7.86 -33.14 -62.01
C PRO C 780 -7.01 -32.75 -60.78
N ASP C 781 -7.56 -31.96 -59.87
CA ASP C 781 -6.78 -31.67 -58.67
C ASP C 781 -7.07 -32.61 -57.49
N LEU C 782 -6.03 -33.37 -57.14
CA LEU C 782 -6.07 -34.28 -56.01
C LEU C 782 -5.05 -33.80 -54.99
N THR C 783 -5.43 -33.85 -53.71
CA THR C 783 -4.46 -33.63 -52.63
C THR C 783 -3.35 -34.65 -52.87
N LEU C 784 -2.23 -34.53 -52.17
CA LEU C 784 -1.17 -35.48 -52.46
C LEU C 784 -1.45 -36.82 -51.76
N GLN C 785 -2.19 -36.77 -50.66
CA GLN C 785 -2.53 -38.00 -49.96
C GLN C 785 -3.61 -38.77 -50.76
N ASN C 786 -4.28 -38.06 -51.67
CA ASN C 786 -5.03 -38.72 -52.72
C ASN C 786 -4.09 -39.38 -53.74
N GLN C 787 -3.08 -38.65 -54.22
CA GLN C 787 -2.11 -39.24 -55.14
C GLN C 787 -1.42 -40.51 -54.60
N MET C 788 -0.96 -40.49 -53.35
CA MET C 788 -0.47 -41.72 -52.71
C MET C 788 -1.46 -42.87 -52.74
N LEU C 789 -2.76 -42.58 -52.61
CA LEU C 789 -3.76 -43.64 -52.77
C LEU C 789 -3.96 -44.09 -54.24
N TYR C 790 -4.20 -43.16 -55.16
CA TYR C 790 -4.24 -43.51 -56.60
C TYR C 790 -3.04 -44.40 -56.97
N SER C 791 -1.91 -44.19 -56.30
CA SER C 791 -0.72 -45.02 -56.53
C SER C 791 -0.91 -46.47 -56.18
N LEU C 792 -1.54 -46.74 -55.04
CA LEU C 792 -1.65 -48.10 -54.58
C LEU C 792 -2.69 -48.92 -55.38
N PHE C 793 -3.23 -48.36 -56.47
CA PHE C 793 -4.18 -49.07 -57.37
C PHE C 793 -3.46 -49.74 -58.53
N ASN C 794 -2.28 -49.20 -58.86
CA ASN C 794 -1.30 -49.88 -59.67
C ASN C 794 -1.80 -50.06 -61.10
N GLY C 795 -2.40 -49.00 -61.62
CA GLY C 795 -2.98 -48.98 -62.97
C GLY C 795 -4.42 -49.49 -63.02
N TYR C 796 -4.86 -50.25 -62.01
CA TYR C 796 -6.25 -50.76 -61.95
C TYR C 796 -7.26 -49.69 -61.49
N ARG C 797 -8.46 -49.76 -62.06
CA ARG C 797 -9.58 -48.94 -61.65
C ARG C 797 -10.22 -49.47 -60.34
N ASN C 798 -9.99 -50.73 -59.98
CA ASN C 798 -10.62 -51.29 -58.81
C ASN C 798 -9.78 -52.39 -58.20
N ILE C 799 -9.98 -52.65 -56.94
CA ILE C 799 -9.18 -53.64 -56.27
C ILE C 799 -9.99 -54.21 -55.16
N TRP C 800 -9.97 -55.53 -55.07
CA TRP C 800 -10.68 -56.16 -54.01
C TRP C 800 -9.82 -57.20 -53.36
N SER C 801 -9.84 -57.20 -52.03
CA SER C 801 -9.37 -58.32 -51.22
C SER C 801 -10.50 -59.00 -50.45
N GLY C 802 -10.63 -60.32 -50.62
CA GLY C 802 -11.58 -61.15 -49.87
C GLY C 802 -12.03 -62.37 -50.67
N SER C 803 -12.86 -63.23 -50.06
CA SER C 803 -13.43 -64.45 -50.66
C SER C 803 -14.83 -64.16 -51.20
N LEU C 804 -15.21 -64.88 -52.24
CA LEU C 804 -16.51 -64.69 -52.84
C LEU C 804 -17.42 -65.92 -52.63
N ASN C 805 -18.34 -65.82 -51.65
CA ASN C 805 -19.31 -66.87 -51.42
C ASN C 805 -20.69 -66.54 -51.95
N ALA C 806 -21.00 -66.98 -53.16
CA ALA C 806 -22.04 -66.37 -53.91
C ALA C 806 -22.59 -67.30 -55.00
N PRO C 807 -23.07 -68.49 -54.59
CA PRO C 807 -23.25 -69.55 -55.59
C PRO C 807 -24.37 -69.33 -56.57
N ASP C 808 -25.40 -68.54 -56.21
CA ASP C 808 -26.47 -68.20 -57.20
C ASP C 808 -26.46 -66.78 -57.68
N ALA C 809 -25.43 -66.03 -57.29
CA ALA C 809 -25.29 -64.59 -57.69
C ALA C 809 -24.87 -64.36 -59.17
N THR C 810 -25.26 -63.23 -59.73
CA THR C 810 -24.57 -62.73 -60.92
C THR C 810 -23.47 -61.79 -60.40
N VAL C 811 -22.22 -61.98 -60.85
CA VAL C 811 -21.09 -61.18 -60.40
C VAL C 811 -20.30 -60.69 -61.60
N SER C 812 -19.88 -59.45 -61.57
CA SER C 812 -19.25 -58.87 -62.73
C SER C 812 -18.17 -57.92 -62.26
N MET C 813 -17.08 -57.83 -63.01
CA MET C 813 -15.80 -57.31 -62.50
C MET C 813 -15.14 -56.79 -63.77
N THR C 814 -14.55 -55.58 -63.72
CA THR C 814 -14.02 -54.86 -64.92
C THR C 814 -12.83 -54.01 -64.47
N ASP C 815 -11.81 -53.94 -65.35
CA ASP C 815 -10.53 -53.30 -65.05
C ASP C 815 -10.16 -53.45 -63.59
N THR C 816 -10.24 -54.66 -63.05
CA THR C 816 -10.07 -54.88 -61.63
C THR C 816 -8.93 -55.81 -61.37
N GLN C 817 -8.29 -55.66 -60.23
CA GLN C 817 -7.45 -56.72 -59.75
C GLN C 817 -8.05 -57.36 -58.54
N TRP C 818 -8.47 -58.62 -58.65
CA TRP C 818 -9.03 -59.32 -57.49
C TRP C 818 -8.00 -60.22 -56.86
N SER C 819 -7.74 -59.97 -55.59
CA SER C 819 -6.97 -60.86 -54.70
C SER C 819 -7.87 -61.77 -53.87
N MET C 820 -8.05 -63.01 -54.33
CA MET C 820 -8.98 -63.96 -53.69
C MET C 820 -8.36 -64.77 -52.55
N ASN C 821 -8.82 -64.55 -51.33
CA ASN C 821 -8.20 -65.13 -50.12
C ASN C 821 -8.75 -66.49 -49.62
N GLY C 822 -9.56 -67.17 -50.42
CA GLY C 822 -10.19 -68.43 -49.96
C GLY C 822 -11.04 -69.01 -51.06
N ASN C 823 -11.67 -70.15 -50.76
CA ASN C 823 -12.45 -70.79 -51.81
C ASN C 823 -13.59 -69.88 -52.23
N SER C 824 -13.85 -69.83 -53.52
CA SER C 824 -14.77 -68.88 -54.03
C SER C 824 -15.71 -69.46 -55.04
N THR C 825 -16.87 -68.81 -55.14
CA THR C 825 -18.02 -69.37 -55.81
C THR C 825 -19.00 -68.34 -56.42
N ALA C 826 -19.50 -68.61 -57.64
CA ALA C 826 -20.34 -67.66 -58.37
C ALA C 826 -21.31 -68.27 -59.38
N GLY C 827 -22.57 -67.95 -59.23
CA GLY C 827 -23.54 -68.30 -60.23
C GLY C 827 -23.13 -67.86 -61.62
N ASN C 828 -23.19 -66.56 -61.91
CA ASN C 828 -22.74 -66.14 -63.22
C ASN C 828 -21.66 -65.13 -63.02
N MET C 829 -20.51 -65.36 -63.65
CA MET C 829 -19.39 -64.42 -63.54
C MET C 829 -18.97 -63.76 -64.85
N LYS C 830 -18.74 -62.48 -64.81
CA LYS C 830 -18.32 -61.81 -66.01
C LYS C 830 -17.07 -61.04 -65.61
N LEU C 831 -16.01 -61.20 -66.41
CA LEU C 831 -14.71 -60.56 -66.20
C LEU C 831 -14.30 -59.89 -67.47
N ASN C 832 -13.87 -58.65 -67.33
CA ASN C 832 -13.44 -57.87 -68.47
C ASN C 832 -12.17 -57.16 -68.06
N ARG C 833 -11.10 -57.41 -68.80
CA ARG C 833 -9.80 -56.82 -68.51
C ARG C 833 -9.60 -56.83 -67.00
N THR C 834 -9.93 -57.93 -66.38
CA THR C 834 -9.60 -58.02 -64.96
C THR C 834 -8.62 -59.18 -64.66
N ILE C 835 -7.85 -59.09 -63.58
CA ILE C 835 -6.91 -60.16 -63.22
C ILE C 835 -7.32 -60.78 -61.87
N VAL C 836 -7.18 -62.09 -61.68
CA VAL C 836 -7.55 -62.73 -60.39
C VAL C 836 -6.38 -63.50 -59.82
N GLY C 837 -5.93 -63.21 -58.61
CA GLY C 837 -4.86 -64.03 -57.98
C GLY C 837 -5.34 -64.92 -56.86
N PHE C 838 -5.02 -66.22 -56.92
CA PHE C 838 -5.46 -67.10 -55.84
C PHE C 838 -4.48 -66.85 -54.76
N ASN C 839 -4.99 -66.55 -53.56
CA ASN C 839 -4.19 -66.03 -52.45
C ASN C 839 -4.70 -66.66 -51.14
N GLY C 840 -5.45 -67.74 -51.29
CA GLY C 840 -5.81 -68.55 -50.13
C GLY C 840 -4.67 -69.39 -49.56
N GLY C 841 -5.04 -70.48 -48.87
CA GLY C 841 -4.06 -71.34 -48.22
C GLY C 841 -3.34 -72.19 -49.25
N THR C 842 -2.40 -73.00 -48.76
CA THR C 842 -1.94 -74.19 -49.51
C THR C 842 -2.16 -75.53 -48.72
N SER C 843 -2.75 -75.37 -47.51
CA SER C 843 -3.22 -76.46 -46.61
C SER C 843 -3.90 -77.58 -47.43
N PRO C 844 -4.99 -77.24 -48.20
CA PRO C 844 -5.10 -77.56 -49.65
C PRO C 844 -4.98 -76.26 -50.47
N PHE C 845 -4.74 -76.36 -51.78
CA PHE C 845 -4.88 -75.18 -52.66
C PHE C 845 -6.34 -74.61 -52.77
N THR C 846 -6.49 -73.55 -53.58
CA THR C 846 -7.66 -72.70 -53.54
C THR C 846 -8.44 -72.72 -54.85
N THR C 847 -9.77 -72.85 -54.73
CA THR C 847 -10.62 -72.94 -55.93
C THR C 847 -11.69 -71.85 -56.13
N LEU C 848 -11.90 -71.55 -57.39
CA LEU C 848 -12.92 -70.70 -57.81
C LEU C 848 -13.83 -71.51 -58.73
N THR C 849 -15.10 -71.62 -58.35
CA THR C 849 -16.10 -72.46 -59.01
C THR C 849 -17.31 -71.62 -59.51
N THR C 850 -17.54 -71.59 -60.81
CA THR C 850 -18.64 -70.82 -61.37
C THR C 850 -19.58 -71.67 -62.20
N ASP C 851 -20.87 -71.43 -62.10
CA ASP C 851 -21.70 -72.11 -63.08
C ASP C 851 -21.45 -71.52 -64.48
N ASN C 852 -21.52 -70.21 -64.61
CA ASN C 852 -21.20 -69.52 -65.90
C ASN C 852 -20.09 -68.50 -65.79
N LEU C 853 -19.30 -68.43 -66.85
CA LEU C 853 -18.13 -67.58 -66.93
C LEU C 853 -18.01 -67.07 -68.34
N ASP C 854 -17.80 -65.77 -68.41
CA ASP C 854 -17.73 -65.04 -69.65
C ASP C 854 -16.58 -64.09 -69.39
N ALA C 855 -15.38 -64.48 -69.85
CA ALA C 855 -14.12 -63.73 -69.61
C ALA C 855 -13.51 -63.15 -70.92
N VAL C 856 -13.09 -61.88 -70.85
CA VAL C 856 -12.64 -61.11 -72.02
C VAL C 856 -11.40 -60.35 -71.61
N GLN C 857 -10.34 -60.46 -72.41
CA GLN C 857 -9.00 -59.94 -72.04
C GLN C 857 -8.76 -60.06 -70.56
N SER C 858 -9.00 -61.22 -69.96
CA SER C 858 -8.83 -61.30 -68.52
C SER C 858 -7.80 -62.35 -68.19
N ALA C 859 -7.40 -62.49 -66.91
CA ALA C 859 -6.27 -63.33 -66.54
C ALA C 859 -6.40 -63.95 -65.17
N PHE C 860 -5.96 -65.18 -65.00
CA PHE C 860 -5.93 -65.78 -63.67
C PHE C 860 -4.47 -66.06 -63.38
N VAL C 861 -4.14 -66.25 -62.11
CA VAL C 861 -2.75 -66.39 -61.70
C VAL C 861 -2.78 -67.41 -60.61
N MET C 862 -2.34 -68.62 -60.95
CA MET C 862 -2.42 -69.69 -59.96
C MET C 862 -1.04 -70.15 -59.56
N ARG C 863 -0.95 -70.55 -58.30
CA ARG C 863 0.25 -70.97 -57.64
C ARG C 863 0.31 -72.47 -57.70
N THR C 864 1.54 -73.00 -57.79
CA THR C 864 1.77 -74.45 -57.77
C THR C 864 3.01 -74.88 -56.97
N ASP C 865 2.92 -75.99 -56.24
CA ASP C 865 4.10 -76.57 -55.54
C ASP C 865 4.73 -77.72 -56.36
N LEU C 866 4.44 -77.70 -57.66
CA LEU C 866 4.84 -78.74 -58.62
C LEU C 866 3.98 -80.03 -58.55
N ASN C 867 3.56 -80.43 -57.35
CA ASN C 867 2.52 -81.47 -57.20
C ASN C 867 1.09 -80.99 -57.59
N LYS C 868 0.52 -80.10 -56.75
CA LYS C 868 -0.82 -79.50 -56.90
C LYS C 868 -0.82 -78.02 -57.30
N ALA C 869 -2.03 -77.50 -57.60
CA ALA C 869 -2.27 -76.12 -58.03
C ALA C 869 -3.66 -75.55 -57.63
N ASP C 870 -3.76 -74.22 -57.63
CA ASP C 870 -5.04 -73.55 -57.69
C ASP C 870 -5.79 -73.97 -58.95
N LYS C 871 -7.12 -74.04 -58.82
CA LYS C 871 -7.92 -74.46 -59.93
C LYS C 871 -9.07 -73.47 -60.21
N LEU C 872 -9.43 -73.31 -61.47
CA LEU C 872 -10.60 -72.60 -61.84
C LEU C 872 -11.64 -73.57 -62.47
N VAL C 873 -12.77 -73.78 -61.80
CA VAL C 873 -13.79 -74.72 -62.25
C VAL C 873 -14.99 -74.01 -62.90
N ILE C 874 -15.39 -74.47 -64.08
CA ILE C 874 -16.50 -73.85 -64.76
C ILE C 874 -17.53 -74.91 -65.14
N ASN C 875 -18.63 -74.96 -64.39
CA ASN C 875 -19.60 -76.04 -64.60
C ASN C 875 -20.45 -76.01 -65.85
N LYS C 876 -20.83 -74.85 -66.39
CA LYS C 876 -21.93 -74.95 -67.38
C LYS C 876 -21.70 -74.30 -68.69
N SER C 877 -21.03 -73.15 -68.70
CA SER C 877 -20.87 -72.34 -69.93
C SER C 877 -19.66 -71.44 -69.75
N ALA C 878 -18.76 -71.46 -70.74
CA ALA C 878 -17.56 -70.63 -70.74
C ALA C 878 -17.52 -69.89 -72.08
N THR C 879 -17.54 -68.57 -72.03
CA THR C 879 -17.58 -67.73 -73.26
C THR C 879 -16.57 -66.58 -73.15
N GLY C 880 -16.44 -65.76 -74.21
CA GLY C 880 -15.51 -64.66 -74.21
C GLY C 880 -14.38 -64.83 -75.22
N HIS C 881 -13.17 -64.37 -74.87
CA HIS C 881 -11.98 -64.50 -75.68
C HIS C 881 -10.77 -63.89 -75.05
N ASP C 882 -9.60 -64.40 -75.43
CA ASP C 882 -8.29 -63.80 -75.09
C ASP C 882 -7.95 -63.77 -73.60
N ASN C 883 -8.17 -64.88 -72.91
CA ASN C 883 -7.79 -64.93 -71.50
C ASN C 883 -6.48 -65.66 -71.31
N SER C 884 -5.72 -65.25 -70.30
CA SER C 884 -4.37 -65.76 -70.02
C SER C 884 -4.22 -66.40 -68.66
N ILE C 885 -3.55 -67.56 -68.62
CA ILE C 885 -3.14 -68.17 -67.34
C ILE C 885 -1.66 -67.92 -67.05
N TRP C 886 -1.43 -67.23 -65.94
CA TRP C 886 -0.15 -67.02 -65.32
C TRP C 886 0.00 -68.18 -64.36
N VAL C 887 1.24 -68.60 -64.11
CA VAL C 887 1.52 -69.57 -63.04
C VAL C 887 2.76 -69.15 -62.30
N ASN C 888 2.63 -69.16 -60.99
CA ASN C 888 3.75 -68.86 -60.12
C ASN C 888 4.23 -70.16 -59.48
N PHE C 889 5.39 -70.61 -59.95
CA PHE C 889 5.99 -71.82 -59.44
C PHE C 889 6.59 -71.52 -58.05
N LEU C 890 6.04 -72.18 -57.03
CA LEU C 890 6.41 -71.94 -55.65
C LEU C 890 7.74 -72.58 -55.31
N ASP C 900 1.97 -82.35 -64.84
CA ASP C 900 0.62 -82.87 -65.15
C ASP C 900 -0.55 -82.29 -64.26
N ILE C 901 -0.78 -80.97 -64.26
CA ILE C 901 -1.91 -80.43 -63.45
C ILE C 901 -3.01 -79.72 -64.28
N PRO C 902 -4.28 -80.18 -64.11
CA PRO C 902 -5.42 -79.46 -64.71
C PRO C 902 -5.64 -78.15 -63.91
N LEU C 903 -5.57 -77.05 -64.64
CA LEU C 903 -5.75 -75.75 -64.00
C LEU C 903 -7.17 -75.19 -64.15
N VAL C 904 -7.63 -75.22 -65.40
CA VAL C 904 -8.95 -74.77 -65.75
C VAL C 904 -9.77 -75.96 -66.25
N SER C 905 -10.98 -76.10 -65.70
CA SER C 905 -12.00 -76.99 -66.26
C SER C 905 -13.20 -76.27 -66.95
N ALA C 906 -13.73 -76.85 -68.02
CA ALA C 906 -14.80 -76.22 -68.81
C ALA C 906 -15.69 -77.25 -69.53
N PRO C 907 -16.90 -76.81 -69.97
CA PRO C 907 -17.65 -77.66 -70.90
C PRO C 907 -16.75 -78.19 -72.02
N GLU C 908 -16.99 -79.44 -72.42
CA GLU C 908 -16.24 -80.07 -73.46
C GLU C 908 -16.29 -79.20 -74.73
N ALA C 909 -17.43 -78.53 -74.94
CA ALA C 909 -17.68 -77.71 -76.16
C ALA C 909 -16.94 -76.33 -76.23
N THR C 910 -16.42 -75.86 -75.08
CA THR C 910 -15.58 -74.66 -74.94
C THR C 910 -14.36 -74.64 -75.88
N ALA C 911 -14.22 -73.58 -76.69
CA ALA C 911 -13.11 -73.42 -77.63
C ALA C 911 -11.74 -73.46 -76.89
N ASP C 912 -10.72 -73.99 -77.58
CA ASP C 912 -9.39 -74.30 -76.95
C ASP C 912 -8.59 -73.05 -76.54
N ASN C 913 -8.63 -72.05 -77.42
CA ASN C 913 -7.92 -70.78 -77.19
C ASN C 913 -8.65 -69.72 -76.30
N LEU C 914 -9.80 -70.07 -75.71
CA LEU C 914 -10.36 -69.19 -74.70
C LEU C 914 -9.38 -69.03 -73.56
N PHE C 915 -8.56 -70.04 -73.29
CA PHE C 915 -7.49 -69.89 -72.30
C PHE C 915 -6.16 -70.26 -72.92
N ARG C 916 -5.14 -69.44 -72.67
CA ARG C 916 -3.77 -69.78 -73.07
C ARG C 916 -2.74 -69.44 -72.03
N ALA C 917 -1.50 -69.85 -72.27
CA ALA C 917 -0.41 -69.58 -71.31
C ALA C 917 -0.02 -68.10 -71.31
N SER C 918 0.43 -67.64 -70.15
CA SER C 918 1.04 -66.32 -70.03
C SER C 918 2.41 -66.31 -70.75
N THR C 919 2.62 -65.29 -71.58
CA THR C 919 3.90 -64.93 -72.15
C THR C 919 4.93 -64.62 -71.09
N ARG C 920 4.49 -64.36 -69.85
CA ARG C 920 5.31 -63.62 -68.88
C ARG C 920 5.42 -64.30 -67.52
N VAL C 921 6.24 -63.75 -66.63
CA VAL C 921 6.66 -64.50 -65.42
C VAL C 921 6.08 -64.00 -64.08
N VAL C 922 5.95 -64.90 -63.10
CA VAL C 922 5.64 -64.48 -61.72
C VAL C 922 6.30 -65.38 -60.70
N GLY C 923 7.10 -64.77 -59.80
CA GLY C 923 7.70 -65.43 -58.63
C GLY C 923 9.20 -65.77 -58.68
N PHE C 924 9.59 -66.75 -57.86
CA PHE C 924 10.87 -67.51 -57.97
C PHE C 924 10.93 -68.46 -59.22
N SER C 925 11.16 -67.93 -60.43
CA SER C 925 10.86 -68.75 -61.64
C SER C 925 11.85 -68.72 -62.80
N ASP C 926 11.98 -67.57 -63.46
CA ASP C 926 12.56 -67.44 -64.86
C ASP C 926 11.77 -68.19 -65.94
N VAL C 927 10.68 -68.86 -65.53
CA VAL C 927 9.96 -69.84 -66.35
C VAL C 927 8.47 -69.56 -66.60
N THR C 928 8.13 -69.44 -67.89
CA THR C 928 6.76 -69.50 -68.43
C THR C 928 6.08 -70.83 -68.05
N PRO C 929 4.73 -70.89 -68.07
CA PRO C 929 4.18 -72.27 -68.00
C PRO C 929 3.77 -72.84 -69.40
N ILE C 930 3.66 -74.18 -69.50
CA ILE C 930 3.12 -74.83 -70.72
C ILE C 930 1.79 -75.55 -70.49
N LEU C 931 0.84 -75.21 -71.36
CA LEU C 931 -0.53 -75.67 -71.25
C LEU C 931 -0.88 -76.53 -72.43
N SER C 932 -1.49 -77.67 -72.13
CA SER C 932 -2.17 -78.39 -73.20
C SER C 932 -3.65 -78.59 -72.86
N VAL C 933 -4.40 -78.89 -73.90
CA VAL C 933 -5.84 -79.01 -73.82
C VAL C 933 -6.23 -80.49 -74.08
N ARG C 934 -6.92 -81.09 -73.12
CA ARG C 934 -7.49 -82.43 -73.29
C ARG C 934 -8.98 -82.44 -72.86
N LYS C 935 -9.66 -83.58 -73.06
CA LYS C 935 -10.99 -83.81 -72.49
C LYS C 935 -10.93 -85.09 -71.66
N GLU C 936 -11.35 -84.98 -70.39
CA GLU C 936 -11.41 -86.10 -69.42
C GLU C 936 -12.65 -85.99 -68.53
N ASP C 937 -13.27 -87.13 -68.19
CA ASP C 937 -14.49 -87.15 -67.33
C ASP C 937 -15.55 -86.13 -67.72
N GLY C 938 -15.83 -86.03 -69.02
CA GLY C 938 -16.89 -85.15 -69.52
C GLY C 938 -16.58 -83.67 -69.42
N LYS C 939 -15.30 -83.33 -69.22
CA LYS C 939 -14.89 -81.92 -69.13
C LYS C 939 -13.59 -81.64 -69.82
N LYS C 940 -13.55 -80.55 -70.59
CA LYS C 940 -12.26 -80.06 -71.15
C LYS C 940 -11.31 -79.46 -70.08
N GLU C 941 -10.03 -79.79 -70.13
CA GLU C 941 -9.13 -79.24 -69.16
C GLU C 941 -8.02 -78.48 -69.81
N TRP C 942 -7.66 -77.36 -69.21
CA TRP C 942 -6.37 -76.75 -69.51
C TRP C 942 -5.36 -77.24 -68.46
N VAL C 943 -4.29 -77.86 -68.96
CA VAL C 943 -3.36 -78.62 -68.12
C VAL C 943 -1.90 -78.13 -68.28
N LEU C 944 -1.30 -77.86 -67.11
CA LEU C 944 0.08 -77.44 -66.99
C LEU C 944 0.89 -78.73 -67.00
N ASP C 945 1.71 -78.88 -68.05
CA ASP C 945 2.43 -80.14 -68.29
C ASP C 945 3.87 -79.86 -68.71
N GLY C 946 4.31 -78.62 -68.54
CA GLY C 946 5.64 -78.21 -68.90
C GLY C 946 5.86 -76.77 -68.54
N TYR C 947 7.14 -76.36 -68.52
CA TYR C 947 7.53 -74.96 -68.28
C TYR C 947 8.40 -74.51 -69.47
N GLN C 948 9.28 -73.52 -69.25
CA GLN C 948 10.27 -73.06 -70.24
C GLN C 948 10.69 -71.66 -69.85
N VAL C 949 11.69 -71.11 -70.53
CA VAL C 949 12.28 -69.79 -70.21
C VAL C 949 11.90 -68.64 -71.17
N ALA C 959 8.40 -59.71 -61.65
CA ALA C 959 7.22 -59.57 -60.78
C ALA C 959 7.18 -60.55 -59.59
N ALA C 960 7.40 -60.04 -58.37
CA ALA C 960 7.42 -60.87 -57.14
C ALA C 960 6.15 -61.70 -56.96
N THR C 961 5.09 -61.13 -56.38
CA THR C 961 3.75 -61.78 -56.32
C THR C 961 2.80 -61.30 -57.45
N PHE C 962 1.57 -61.81 -57.46
CA PHE C 962 0.59 -61.34 -58.45
C PHE C 962 0.25 -59.88 -58.11
N MET C 963 0.48 -59.55 -56.83
CA MET C 963 0.25 -58.22 -56.28
C MET C 963 1.19 -57.20 -56.97
N HIS C 964 2.35 -57.66 -57.47
CA HIS C 964 3.24 -56.76 -58.23
C HIS C 964 2.92 -56.71 -59.76
N ILE C 965 1.90 -57.41 -60.24
CA ILE C 965 1.53 -57.23 -61.66
C ILE C 965 0.76 -55.92 -61.90
N SER C 966 1.45 -54.95 -62.46
CA SER C 966 0.80 -53.72 -62.74
C SER C 966 -0.30 -54.00 -63.78
N TYR C 967 -1.26 -53.11 -63.85
CA TYR C 967 -2.27 -53.21 -64.88
C TYR C 967 -1.58 -53.19 -66.26
N ASN C 968 -0.53 -52.39 -66.42
CA ASN C 968 0.10 -52.24 -67.75
C ASN C 968 0.69 -53.56 -68.22
N ASN C 969 1.31 -54.26 -67.28
CA ASN C 969 1.86 -55.57 -67.47
C ASN C 969 0.72 -56.48 -67.93
N PHE C 970 -0.15 -56.85 -66.98
CA PHE C 970 -1.39 -57.58 -67.20
C PHE C 970 -2.02 -57.38 -68.61
N ILE C 971 -2.33 -56.13 -68.98
CA ILE C 971 -3.05 -55.92 -70.24
C ILE C 971 -2.17 -55.96 -71.51
N THR C 972 -0.85 -55.70 -71.37
CA THR C 972 0.04 -55.77 -72.57
C THR C 972 0.26 -57.26 -72.85
N GLU C 973 0.30 -58.03 -71.76
CA GLU C 973 0.37 -59.47 -71.77
C GLU C 973 -0.82 -60.13 -72.52
N VAL C 974 -2.08 -59.84 -72.15
CA VAL C 974 -3.23 -60.51 -72.82
C VAL C 974 -3.38 -60.14 -74.31
N ASN C 975 -2.33 -59.53 -74.86
CA ASN C 975 -2.41 -58.74 -76.07
C ASN C 975 -3.51 -57.70 -75.85
N GLY D 1 9.05 41.47 -5.39
CA GLY D 1 10.00 42.20 -6.33
C GLY D 1 10.62 43.55 -5.88
N THR D 2 11.19 44.24 -6.86
CA THR D 2 11.95 45.45 -6.66
C THR D 2 11.42 46.45 -7.64
N VAL D 3 11.14 47.64 -7.11
CA VAL D 3 10.62 48.78 -7.87
C VAL D 3 11.54 50.02 -7.71
N ASN D 4 11.45 50.95 -8.67
CA ASN D 4 12.12 52.26 -8.50
C ASN D 4 11.48 53.10 -7.37
N ASN D 5 12.21 54.09 -6.87
CA ASN D 5 11.76 54.85 -5.70
C ASN D 5 11.09 56.17 -6.06
N GLU D 6 10.74 56.33 -7.32
CA GLU D 6 10.24 57.57 -7.84
C GLU D 6 8.75 57.49 -8.09
N LEU D 7 8.19 56.27 -7.98
CA LEU D 7 6.76 56.00 -8.17
C LEU D 7 6.15 55.61 -6.83
N GLY D 8 4.96 56.14 -6.52
CA GLY D 8 4.29 55.84 -5.26
C GLY D 8 4.15 54.33 -5.15
N TYR D 9 4.60 53.80 -4.04
CA TYR D 9 4.51 52.40 -3.76
C TYR D 9 3.11 51.82 -4.06
N GLN D 10 2.07 52.54 -3.64
CA GLN D 10 0.69 52.07 -3.74
C GLN D 10 0.28 51.75 -5.20
N LEU D 11 0.96 52.33 -6.20
CA LEU D 11 0.57 51.96 -7.56
C LEU D 11 0.82 50.46 -7.87
N PHE D 12 1.89 49.91 -7.31
CA PHE D 12 2.25 48.53 -7.59
C PHE D 12 1.31 47.55 -6.90
N ARG D 13 0.95 47.91 -5.64
CA ARG D 13 -0.07 47.19 -4.91
C ARG D 13 -1.42 47.15 -5.71
N ASP D 14 -1.91 48.30 -6.15
CA ASP D 14 -3.26 48.31 -6.69
C ASP D 14 -3.20 47.55 -7.98
N PHE D 15 -2.06 47.68 -8.67
CA PHE D 15 -1.84 47.03 -9.95
C PHE D 15 -1.91 45.50 -9.79
N ALA D 16 -1.10 44.96 -8.90
CA ALA D 16 -1.12 43.54 -8.70
C ALA D 16 -2.57 43.08 -8.32
N GLU D 17 -3.31 43.95 -7.63
CA GLU D 17 -4.61 43.48 -7.19
C GLU D 17 -5.77 43.81 -8.15
N ASN D 18 -5.43 44.37 -9.32
CA ASN D 18 -6.47 44.85 -10.25
C ASN D 18 -7.44 45.82 -9.49
N LYS D 19 -6.93 46.55 -8.49
CA LYS D 19 -7.74 47.49 -7.69
C LYS D 19 -7.56 48.96 -8.10
N GLY D 20 -8.53 49.81 -7.73
CA GLY D 20 -8.40 51.25 -7.99
C GLY D 20 -8.47 51.57 -9.46
N MET D 21 -7.48 52.29 -9.99
CA MET D 21 -7.57 52.62 -11.41
C MET D 21 -7.11 51.42 -12.25
N PHE D 22 -6.69 50.33 -11.60
CA PHE D 22 -6.20 49.13 -12.32
C PHE D 22 -7.22 47.98 -12.44
N ARG D 23 -8.50 48.24 -12.26
CA ARG D 23 -9.38 47.14 -12.38
C ARG D 23 -9.49 46.65 -13.85
N PRO D 24 -9.95 45.41 -14.04
CA PRO D 24 -9.87 44.82 -15.39
C PRO D 24 -10.68 45.65 -16.37
N GLY D 25 -10.13 45.82 -17.57
CA GLY D 25 -10.83 46.62 -18.55
C GLY D 25 -10.47 48.10 -18.53
N ALA D 26 -9.85 48.59 -17.44
CA ALA D 26 -9.40 49.99 -17.40
C ALA D 26 -8.45 50.28 -18.56
N THR D 27 -8.68 51.41 -19.25
CA THR D 27 -7.91 51.77 -20.49
C THR D 27 -7.22 53.08 -20.32
N ASN D 28 -6.09 53.24 -21.03
CA ASN D 28 -5.33 54.50 -21.08
C ASN D 28 -5.03 54.96 -19.68
N ILE D 29 -4.52 54.04 -18.90
CA ILE D 29 -4.05 54.40 -17.58
C ILE D 29 -2.70 55.14 -17.69
N ALA D 30 -2.74 56.43 -17.32
CA ALA D 30 -1.57 57.31 -17.30
C ALA D 30 -0.93 57.30 -15.95
N ILE D 31 0.39 57.33 -15.89
CA ILE D 31 1.04 57.15 -14.60
C ILE D 31 2.13 58.22 -14.21
N TYR D 32 2.13 58.67 -12.95
CA TYR D 32 2.99 59.79 -12.54
C TYR D 32 3.93 59.55 -11.36
N ASN D 33 5.11 60.17 -11.47
CA ASN D 33 6.05 60.50 -10.42
C ASN D 33 5.52 60.83 -9.06
N LYS D 34 6.36 60.67 -8.05
CA LYS D 34 6.08 61.25 -6.73
C LYS D 34 6.20 62.76 -6.85
N GLN D 35 7.11 63.19 -7.73
CA GLN D 35 7.30 64.58 -8.10
C GLN D 35 6.20 65.08 -9.03
N GLY D 36 5.07 64.35 -9.07
CA GLY D 36 3.98 64.64 -10.00
C GLY D 36 4.25 64.75 -11.51
N GLU D 37 5.39 64.25 -12.01
CA GLU D 37 5.61 64.27 -13.50
C GLU D 37 5.34 62.95 -14.30
N PHE D 38 4.96 63.10 -15.57
CA PHE D 38 4.49 62.01 -16.42
C PHE D 38 5.55 61.05 -16.93
N VAL D 39 5.47 59.78 -16.52
CA VAL D 39 6.45 58.75 -16.95
C VAL D 39 6.01 57.86 -18.12
N GLY D 40 4.72 57.61 -18.25
CA GLY D 40 4.17 56.86 -19.38
C GLY D 40 2.76 56.43 -19.06
N THR D 41 2.13 55.81 -20.05
CA THR D 41 0.74 55.36 -19.99
C THR D 41 0.56 53.87 -20.45
N LEU D 42 -0.30 53.15 -19.69
CA LEU D 42 -0.80 51.79 -20.06
C LEU D 42 -1.88 51.82 -21.16
N ASP D 43 -1.39 52.05 -22.37
CA ASP D 43 -2.26 52.35 -23.48
C ASP D 43 -2.33 51.26 -24.53
N LYS D 44 -1.62 50.16 -24.33
CA LYS D 44 -1.55 49.16 -25.38
C LYS D 44 -2.80 48.23 -25.53
N ALA D 45 -3.46 47.98 -24.39
CA ALA D 45 -4.63 47.15 -24.26
C ALA D 45 -5.27 47.51 -22.95
N ALA D 46 -6.53 47.14 -22.81
CA ALA D 46 -7.18 47.29 -21.49
C ALA D 46 -6.43 46.51 -20.43
N MET D 47 -6.40 47.02 -19.21
CA MET D 47 -5.82 46.29 -18.12
C MET D 47 -6.37 44.84 -18.08
N PRO D 48 -5.48 43.84 -17.96
CA PRO D 48 -5.90 42.45 -17.93
C PRO D 48 -6.60 42.05 -16.60
N ASP D 49 -7.29 40.92 -16.62
CA ASP D 49 -7.89 40.36 -15.38
C ASP D 49 -6.89 39.38 -14.79
N PHE D 50 -6.37 39.62 -13.61
CA PHE D 50 -5.43 38.67 -13.05
C PHE D 50 -6.05 37.67 -12.12
N SER D 51 -7.37 37.51 -12.17
CA SER D 51 -7.98 36.66 -11.16
C SER D 51 -7.64 35.16 -11.39
N ALA D 52 -7.07 34.76 -12.55
CA ALA D 52 -6.50 33.37 -12.67
C ALA D 52 -5.25 33.14 -11.81
N VAL D 53 -4.65 34.14 -11.24
CA VAL D 53 -3.38 33.97 -10.50
C VAL D 53 -3.74 33.76 -9.08
N ASP D 54 -3.14 32.78 -8.41
CA ASP D 54 -3.52 32.59 -7.00
C ASP D 54 -3.48 33.92 -6.17
N SER D 55 -4.53 34.18 -5.38
CA SER D 55 -4.72 35.45 -4.68
C SER D 55 -3.76 35.64 -3.51
N GLU D 56 -3.25 34.56 -2.96
CA GLU D 56 -2.52 34.66 -1.67
C GLU D 56 -1.07 35.11 -1.82
N ILE D 57 -0.30 34.49 -2.73
CA ILE D 57 1.14 34.76 -2.90
C ILE D 57 1.50 34.84 -4.40
N GLY D 58 0.52 34.61 -5.26
CA GLY D 58 0.76 34.72 -6.72
C GLY D 58 1.89 33.90 -7.30
N VAL D 59 2.15 32.70 -6.78
CA VAL D 59 3.14 31.84 -7.44
C VAL D 59 2.56 30.89 -8.47
N ALA D 60 1.23 30.75 -8.51
CA ALA D 60 0.61 29.81 -9.44
C ALA D 60 -0.57 30.42 -10.19
N THR D 61 -0.85 29.94 -11.41
CA THR D 61 -1.88 30.51 -12.21
C THR D 61 -2.81 29.43 -12.82
N LEU D 62 -4.11 29.62 -12.71
CA LEU D 62 -5.10 28.64 -13.16
C LEU D 62 -5.07 28.58 -14.68
N ILE D 63 -4.69 27.43 -15.24
CA ILE D 63 -4.67 27.35 -16.72
C ILE D 63 -5.64 26.41 -17.25
N ASN D 64 -6.35 25.75 -16.35
CA ASN D 64 -7.46 24.90 -16.75
C ASN D 64 -8.24 24.96 -15.45
N PRO D 65 -9.56 24.69 -15.49
CA PRO D 65 -10.32 24.78 -14.30
C PRO D 65 -9.84 23.87 -13.19
N GLN D 66 -8.97 22.89 -13.48
CA GLN D 66 -8.50 21.95 -12.47
C GLN D 66 -6.98 21.89 -12.39
N TYR D 67 -6.29 22.79 -13.13
CA TYR D 67 -4.82 22.79 -13.17
C TYR D 67 -4.18 24.17 -13.03
N ILE D 68 -3.13 24.24 -12.19
CA ILE D 68 -2.32 25.46 -12.05
C ILE D 68 -1.01 25.31 -12.78
N ALA D 69 -0.35 26.43 -13.02
CA ALA D 69 0.99 26.48 -13.72
C ALA D 69 1.89 27.25 -12.87
N SER D 70 3.06 26.70 -12.59
CA SER D 70 4.13 27.39 -11.86
C SER D 70 5.53 26.75 -12.14
N VAL D 71 6.48 26.90 -11.20
CA VAL D 71 7.76 26.24 -11.31
C VAL D 71 7.91 24.97 -10.46
N LYS D 72 8.56 23.94 -11.03
CA LYS D 72 8.94 22.75 -10.26
C LYS D 72 9.70 22.98 -8.96
N HIS D 73 10.53 23.99 -8.92
CA HIS D 73 11.38 24.10 -7.73
C HIS D 73 10.63 24.80 -6.62
N ASN D 74 9.35 25.16 -6.89
CA ASN D 74 8.38 25.57 -5.85
C ASN D 74 7.81 24.28 -5.27
N GLY D 75 8.55 23.64 -4.37
CA GLY D 75 8.25 22.24 -4.08
C GLY D 75 7.44 22.02 -2.82
N GLY D 76 7.38 23.03 -1.92
CA GLY D 76 6.61 22.92 -0.70
C GLY D 76 5.08 23.27 -0.67
N TYR D 77 4.59 24.20 -1.52
CA TYR D 77 3.22 24.70 -1.35
C TYR D 77 2.29 23.54 -1.73
N THR D 78 1.22 23.29 -0.96
CA THR D 78 0.30 22.16 -1.24
C THR D 78 -1.16 22.53 -1.70
N ASN D 79 -1.49 23.82 -1.61
CA ASN D 79 -2.86 24.27 -1.88
C ASN D 79 -2.80 25.69 -2.42
N VAL D 80 -3.88 26.17 -2.97
CA VAL D 80 -3.91 27.46 -3.62
C VAL D 80 -5.34 28.05 -3.33
N SER D 81 -5.51 29.37 -3.37
CA SER D 81 -6.77 30.11 -3.20
C SER D 81 -6.97 31.12 -4.31
N PHE D 82 -8.22 31.44 -4.64
CA PHE D 82 -8.47 32.43 -5.73
C PHE D 82 -9.41 33.54 -5.30
N GLY D 83 -9.53 34.58 -6.13
CA GLY D 83 -10.44 35.66 -5.87
C GLY D 83 -10.13 36.44 -4.61
N ASP D 84 -10.93 36.17 -3.58
CA ASP D 84 -10.79 36.86 -2.34
C ASP D 84 -10.15 36.01 -1.30
N GLY D 85 -9.70 34.81 -1.68
CA GLY D 85 -9.13 33.90 -0.73
C GLY D 85 -10.12 33.02 0.01
N GLU D 86 -11.44 33.23 -0.15
CA GLU D 86 -12.34 32.41 0.69
C GLU D 86 -12.62 31.08 0.03
N ASN D 87 -11.60 30.22 0.00
CA ASN D 87 -11.64 28.94 -0.71
C ASN D 87 -10.24 28.27 -0.65
N ARG D 88 -10.14 27.00 -1.06
CA ARG D 88 -8.90 26.30 -0.95
C ARG D 88 -8.90 25.13 -1.87
N TYR D 89 -7.90 25.09 -2.76
CA TYR D 89 -7.78 24.00 -3.72
C TYR D 89 -6.42 23.29 -3.50
N ASN D 90 -6.46 21.98 -3.32
CA ASN D 90 -5.30 21.19 -2.93
C ASN D 90 -4.64 20.51 -4.14
N ILE D 91 -3.33 20.44 -4.12
CA ILE D 91 -2.61 19.71 -5.15
C ILE D 91 -2.66 18.24 -4.87
N VAL D 92 -2.97 17.47 -5.91
CA VAL D 92 -3.19 16.02 -5.81
C VAL D 92 -2.09 15.25 -6.57
N ASP D 93 -1.48 15.92 -7.56
CA ASP D 93 -0.30 15.44 -8.30
C ASP D 93 0.45 16.75 -8.58
N ARG D 94 1.74 16.86 -8.27
CA ARG D 94 2.51 18.03 -8.71
C ARG D 94 2.77 18.17 -10.19
N ASN D 95 2.62 17.11 -11.00
CA ASN D 95 2.87 17.25 -12.44
C ASN D 95 4.14 18.08 -12.87
N ASN D 96 5.23 17.88 -12.17
CA ASN D 96 6.56 18.31 -12.62
C ASN D 96 6.95 17.88 -14.02
N ALA D 97 7.49 18.81 -14.77
CA ALA D 97 8.09 18.44 -16.06
C ALA D 97 9.49 17.87 -15.69
N PRO D 98 9.99 16.89 -16.44
CA PRO D 98 11.31 16.34 -16.09
C PRO D 98 12.50 17.13 -16.61
N SER D 99 12.37 17.87 -17.70
CA SER D 99 13.52 18.66 -18.10
C SER D 99 13.39 20.13 -17.72
N LEU D 100 12.24 20.70 -18.04
CA LEU D 100 11.99 22.10 -17.73
C LEU D 100 11.77 22.43 -16.24
N ASP D 101 12.07 23.66 -15.82
CA ASP D 101 11.69 24.03 -14.45
C ASP D 101 10.23 24.53 -14.42
N PHE D 102 9.28 23.64 -14.18
CA PHE D 102 7.88 23.94 -14.51
C PHE D 102 6.99 22.78 -14.09
N HIS D 103 5.86 23.07 -13.47
CA HIS D 103 4.92 22.02 -13.16
C HIS D 103 3.49 22.51 -13.40
N ALA D 104 2.57 21.57 -13.56
CA ALA D 104 1.17 21.93 -13.73
C ALA D 104 0.31 21.11 -12.76
N PRO D 105 0.39 21.40 -11.47
CA PRO D 105 -0.30 20.53 -10.53
C PRO D 105 -1.79 20.40 -10.83
N ARG D 106 -2.28 19.17 -10.82
CA ARG D 106 -3.72 18.87 -10.83
C ARG D 106 -4.25 19.23 -9.43
N LEU D 107 -5.41 19.92 -9.41
CA LEU D 107 -6.08 20.19 -8.12
C LEU D 107 -7.11 19.10 -7.75
N ASP D 108 -7.53 19.13 -6.48
CA ASP D 108 -8.56 18.21 -6.01
C ASP D 108 -9.99 18.52 -6.52
N LYS D 109 -10.33 19.80 -6.76
CA LYS D 109 -11.70 20.16 -7.19
C LYS D 109 -11.60 21.16 -8.31
N LEU D 110 -12.67 21.30 -9.09
CA LEU D 110 -12.75 22.23 -10.19
C LEU D 110 -12.98 23.55 -9.54
N VAL D 111 -12.24 24.53 -10.00
CA VAL D 111 -12.29 25.90 -9.44
C VAL D 111 -13.49 26.62 -9.93
N THR D 112 -14.22 27.22 -8.99
CA THR D 112 -15.52 27.82 -9.40
C THR D 112 -15.44 29.33 -9.48
N GLU D 113 -14.55 29.95 -8.66
CA GLU D 113 -14.53 31.42 -8.42
C GLU D 113 -13.95 32.30 -9.57
N VAL D 114 -13.11 31.67 -10.40
CA VAL D 114 -12.39 32.42 -11.45
C VAL D 114 -12.28 31.52 -12.69
N ALA D 115 -12.30 32.14 -13.88
CA ALA D 115 -11.95 31.54 -15.16
C ALA D 115 -10.43 31.35 -15.31
N PRO D 116 -10.00 30.24 -15.95
CA PRO D 116 -8.57 30.09 -16.14
C PRO D 116 -8.05 31.05 -17.18
N THR D 117 -6.79 31.39 -17.11
CA THR D 117 -6.24 32.26 -18.17
C THR D 117 -5.96 31.50 -19.48
N ALA D 118 -6.13 32.15 -20.62
CA ALA D 118 -5.65 31.53 -21.84
C ALA D 118 -4.10 31.56 -21.76
N VAL D 119 -3.42 30.54 -22.31
CA VAL D 119 -1.94 30.54 -22.35
C VAL D 119 -1.46 30.89 -23.76
N THR D 120 -0.16 31.25 -23.91
CA THR D 120 0.43 31.53 -25.24
C THR D 120 -0.03 30.63 -26.32
N ALA D 121 -0.28 31.15 -27.52
CA ALA D 121 -0.76 30.31 -28.63
C ALA D 121 0.42 29.73 -29.35
N GLN D 122 1.61 30.23 -28.99
CA GLN D 122 2.80 29.89 -29.71
C GLN D 122 3.65 29.03 -28.85
N GLY D 123 3.55 29.19 -27.53
CA GLY D 123 4.45 28.48 -26.65
C GLY D 123 5.90 28.70 -27.02
N ALA D 124 6.69 27.65 -27.14
CA ALA D 124 8.16 27.76 -26.93
C ALA D 124 8.94 28.09 -28.26
N VAL D 125 8.40 29.02 -29.08
CA VAL D 125 8.98 29.41 -30.35
C VAL D 125 10.08 30.45 -30.15
N ALA D 126 11.34 30.12 -30.50
CA ALA D 126 12.52 30.99 -30.26
C ALA D 126 12.29 32.32 -30.94
N GLY D 127 12.64 33.37 -30.21
CA GLY D 127 12.39 34.74 -30.69
C GLY D 127 10.97 35.32 -30.67
N ALA D 128 9.93 34.51 -30.39
CA ALA D 128 8.56 35.04 -30.59
C ALA D 128 8.19 36.28 -29.73
N TYR D 129 8.87 36.45 -28.58
CA TYR D 129 8.53 37.46 -27.58
C TYR D 129 9.36 38.76 -27.70
N LEU D 130 10.00 38.98 -28.86
CA LEU D 130 10.56 40.29 -29.30
C LEU D 130 9.69 40.90 -30.39
N ASP D 131 8.76 40.14 -30.91
CA ASP D 131 7.83 40.75 -31.83
C ASP D 131 6.86 41.69 -31.06
N LYS D 132 7.09 43.00 -31.20
CA LYS D 132 6.23 43.99 -30.56
C LYS D 132 4.89 44.15 -31.31
N GLU D 133 4.85 43.83 -32.60
CA GLU D 133 3.55 43.91 -33.29
C GLU D 133 2.55 42.93 -32.64
N ARG D 134 3.04 41.77 -32.19
CA ARG D 134 2.16 40.70 -31.71
C ARG D 134 1.96 40.92 -30.24
N TYR D 135 3.10 41.13 -29.58
CA TYR D 135 3.25 41.34 -28.16
C TYR D 135 3.94 42.70 -27.78
N PRO D 136 3.16 43.81 -27.79
CA PRO D 136 3.61 45.16 -27.40
C PRO D 136 3.93 45.27 -25.93
N VAL D 137 3.18 44.58 -25.08
CA VAL D 137 3.39 44.79 -23.65
C VAL D 137 3.42 43.50 -22.81
N PHE D 138 4.17 43.50 -21.70
CA PHE D 138 4.24 42.39 -20.81
C PHE D 138 3.98 42.89 -19.41
N TYR D 139 3.03 42.28 -18.67
CA TYR D 139 2.83 42.59 -17.26
C TYR D 139 3.11 41.39 -16.43
N ARG D 140 3.43 41.64 -15.18
CA ARG D 140 3.72 40.58 -14.26
C ARG D 140 3.38 41.04 -12.87
N LEU D 141 3.17 40.06 -11.96
CA LEU D 141 2.83 40.31 -10.55
C LEU D 141 3.38 39.16 -9.73
N GLY D 142 3.66 39.38 -8.44
CA GLY D 142 4.25 38.30 -7.65
C GLY D 142 4.35 38.78 -6.23
N SER D 143 4.67 37.92 -5.28
CA SER D 143 4.80 38.34 -3.89
C SER D 143 6.22 38.15 -3.38
N GLY D 144 7.18 38.16 -4.32
CA GLY D 144 8.59 38.08 -3.97
C GLY D 144 9.01 39.00 -2.83
N THR D 145 10.14 38.70 -2.16
CA THR D 145 10.78 39.66 -1.23
C THR D 145 10.66 41.07 -1.81
N GLN D 146 10.14 42.00 -0.99
CA GLN D 146 9.76 43.30 -1.59
C GLN D 146 10.74 44.45 -1.24
N TYR D 147 11.35 45.07 -2.27
CA TYR D 147 12.34 46.19 -2.09
C TYR D 147 12.02 47.42 -2.94
N ILE D 148 12.46 48.61 -2.50
CA ILE D 148 12.64 49.75 -3.45
C ILE D 148 14.12 50.02 -3.69
N LYS D 149 14.44 50.38 -4.91
CA LYS D 149 15.81 50.67 -5.36
C LYS D 149 15.90 52.21 -5.66
N ASP D 150 16.74 52.95 -4.90
CA ASP D 150 17.03 54.38 -5.30
C ASP D 150 17.79 54.47 -6.64
N SER D 151 18.20 55.66 -7.07
CA SER D 151 18.84 55.73 -8.43
C SER D 151 20.37 55.55 -8.46
N ASN D 152 21.00 55.71 -7.30
CA ASN D 152 22.39 55.29 -7.12
C ASN D 152 22.45 53.78 -6.79
N GLY D 153 21.29 53.12 -6.95
CA GLY D 153 21.20 51.65 -6.86
C GLY D 153 21.08 51.05 -5.46
N GLN D 154 20.97 51.87 -4.41
CA GLN D 154 20.82 51.29 -3.06
C GLN D 154 19.37 50.75 -2.84
N LEU D 155 19.25 49.72 -2.00
CA LEU D 155 17.98 49.03 -1.77
C LEU D 155 17.50 49.15 -0.35
N THR D 156 16.18 49.18 -0.19
CA THR D 156 15.64 49.06 1.14
C THR D 156 14.62 47.95 1.17
N LYS D 157 14.72 47.14 2.22
CA LYS D 157 13.87 45.98 2.38
C LYS D 157 12.62 46.48 3.05
N MET D 158 11.51 46.40 2.31
CA MET D 158 10.19 46.84 2.83
C MET D 158 9.41 45.68 3.33
N GLY D 159 9.73 44.46 2.85
CA GLY D 159 9.19 43.19 3.47
C GLY D 159 9.69 41.87 2.89
N GLY D 160 9.56 40.79 3.67
CA GLY D 160 9.90 39.45 3.22
C GLY D 160 9.00 38.87 2.13
N ALA D 161 9.29 37.67 1.66
CA ALA D 161 8.51 37.13 0.55
C ALA D 161 7.13 36.61 1.05
N TYR D 162 6.18 36.58 0.11
CA TYR D 162 4.87 35.99 0.37
C TYR D 162 4.07 36.84 1.42
N SER D 163 4.35 38.15 1.51
CA SER D 163 3.54 39.03 2.38
C SER D 163 2.47 39.77 1.64
N TRP D 164 2.80 40.27 0.46
CA TRP D 164 1.81 40.94 -0.36
C TRP D 164 2.30 40.99 -1.80
N LEU D 165 1.38 41.16 -2.72
CA LEU D 165 1.72 41.23 -4.11
C LEU D 165 2.08 42.60 -4.56
N THR D 166 3.09 42.69 -5.43
CA THR D 166 3.36 43.86 -6.26
C THR D 166 3.38 43.43 -7.71
N GLY D 167 3.15 44.35 -8.62
CA GLY D 167 3.06 44.03 -10.02
C GLY D 167 3.42 45.23 -10.86
N GLY D 168 3.64 45.02 -12.14
CA GLY D 168 4.11 46.07 -12.97
C GLY D 168 4.54 45.52 -14.30
N THR D 169 5.44 46.22 -14.98
CA THR D 169 5.75 46.00 -16.37
C THR D 169 7.13 45.44 -16.57
N VAL D 170 7.32 44.77 -17.68
CA VAL D 170 8.59 44.19 -17.95
C VAL D 170 8.87 44.39 -19.42
N GLY D 171 10.12 44.61 -19.79
CA GLY D 171 10.41 44.76 -21.25
C GLY D 171 10.21 43.53 -22.15
N SER D 172 10.22 43.75 -23.48
CA SER D 172 10.19 42.63 -24.43
C SER D 172 11.27 41.61 -24.10
N LEU D 173 11.03 40.34 -24.47
CA LEU D 173 11.91 39.24 -23.97
C LEU D 173 12.48 38.46 -25.08
N SER D 174 13.75 38.17 -24.91
CA SER D 174 14.50 37.32 -25.83
C SER D 174 14.63 35.88 -25.33
N SER D 175 14.44 34.95 -26.27
CA SER D 175 14.57 33.52 -26.02
C SER D 175 16.02 32.99 -25.84
N TYR D 176 16.12 31.83 -25.18
CA TYR D 176 17.32 30.98 -25.20
C TYR D 176 16.84 29.49 -24.96
N GLN D 177 17.75 28.54 -24.68
CA GLN D 177 17.44 27.09 -24.82
C GLN D 177 16.46 26.76 -25.98
N ASN D 178 16.71 27.21 -27.20
CA ASN D 178 15.78 26.86 -28.34
C ASN D 178 14.35 27.35 -28.21
N GLY D 179 14.09 28.40 -27.43
CA GLY D 179 12.68 28.87 -27.29
C GLY D 179 12.08 28.58 -25.91
N GLU D 180 12.64 27.63 -25.16
CA GLU D 180 12.07 27.04 -23.95
C GLU D 180 12.13 28.00 -22.78
N MET D 181 13.06 28.95 -22.86
CA MET D 181 13.31 29.95 -21.83
C MET D 181 13.27 31.33 -22.48
N ILE D 182 12.85 32.33 -21.71
CA ILE D 182 12.95 33.72 -22.16
C ILE D 182 13.62 34.54 -21.05
N SER D 183 14.08 35.72 -21.47
CA SER D 183 14.52 36.66 -20.49
C SER D 183 14.64 38.09 -21.03
N THR D 184 14.77 39.00 -20.06
CA THR D 184 14.93 40.44 -20.30
C THR D 184 15.60 41.05 -19.06
N SER D 185 16.17 42.25 -19.25
CA SER D 185 16.85 42.96 -18.16
C SER D 185 15.78 43.89 -17.55
N SER D 186 15.21 43.43 -16.44
CA SER D 186 13.99 43.93 -15.88
C SER D 186 14.39 44.51 -14.53
N GLY D 187 15.58 44.13 -14.07
CA GLY D 187 16.22 44.78 -12.95
C GLY D 187 16.48 46.26 -13.18
N LEU D 188 16.44 46.72 -14.43
CA LEU D 188 16.62 48.15 -14.74
C LEU D 188 15.35 48.94 -14.49
N VAL D 189 15.08 49.27 -13.22
CA VAL D 189 13.73 49.71 -12.84
C VAL D 189 13.44 51.23 -13.10
N PHE D 190 14.49 51.97 -13.46
CA PHE D 190 14.37 53.35 -13.89
C PHE D 190 14.18 53.54 -15.40
N ASP D 191 14.47 52.52 -16.22
CA ASP D 191 14.29 52.71 -17.67
C ASP D 191 12.85 52.41 -18.15
N TYR D 192 11.99 53.43 -18.12
CA TYR D 192 10.60 53.33 -18.63
C TYR D 192 10.54 53.04 -20.13
N LYS D 193 11.64 53.32 -20.80
CA LYS D 193 11.65 53.25 -22.25
C LYS D 193 11.75 51.76 -22.63
N LEU D 194 12.61 51.07 -21.88
CA LEU D 194 12.88 49.66 -22.02
C LEU D 194 11.72 48.80 -21.44
N ASN D 195 11.54 48.97 -20.11
CA ASN D 195 10.69 48.15 -19.27
C ASN D 195 9.22 48.55 -19.03
N GLY D 196 8.80 49.67 -19.62
CA GLY D 196 7.40 50.16 -19.60
C GLY D 196 7.14 51.15 -18.48
N ALA D 197 5.88 51.60 -18.43
CA ALA D 197 5.48 52.63 -17.46
C ALA D 197 5.59 52.32 -15.98
N MET D 198 5.71 51.05 -15.58
CA MET D 198 5.92 50.72 -14.15
C MET D 198 6.89 49.56 -13.94
N PRO D 199 8.16 49.71 -14.34
CA PRO D 199 9.09 48.57 -14.31
C PRO D 199 9.09 47.82 -12.98
N ILE D 200 9.27 46.51 -13.01
CA ILE D 200 9.37 45.71 -11.74
C ILE D 200 10.25 44.52 -11.97
N TYR D 201 11.00 44.17 -10.94
CA TYR D 201 11.96 43.13 -11.10
C TYR D 201 11.68 42.10 -9.99
N GLY D 202 11.69 40.83 -10.39
CA GLY D 202 11.38 39.70 -9.52
C GLY D 202 12.52 39.22 -8.68
N GLU D 203 12.22 38.94 -7.41
CA GLU D 203 13.19 38.66 -6.38
C GLU D 203 12.92 37.29 -5.76
N ALA D 204 13.67 36.93 -4.72
CA ALA D 204 13.47 35.65 -4.11
C ALA D 204 12.02 35.58 -3.70
N GLY D 205 11.35 34.50 -4.11
CA GLY D 205 9.98 34.28 -3.65
C GLY D 205 9.08 34.58 -4.81
N ASP D 206 9.59 35.24 -5.85
CA ASP D 206 8.81 35.49 -7.05
C ASP D 206 8.85 34.37 -8.09
N SER D 207 9.57 33.29 -7.77
CA SER D 207 9.60 32.08 -8.62
C SER D 207 8.18 31.50 -8.89
N GLY D 208 7.83 31.30 -10.15
CA GLY D 208 6.54 30.79 -10.51
C GLY D 208 5.55 31.87 -10.98
N SER D 209 5.89 33.12 -10.65
CA SER D 209 5.03 34.24 -10.82
C SER D 209 4.73 34.40 -12.28
N PRO D 210 3.47 34.74 -12.61
CA PRO D 210 3.13 34.61 -13.99
C PRO D 210 3.73 35.75 -14.81
N LEU D 211 3.90 35.58 -16.12
CA LEU D 211 4.25 36.69 -16.93
C LEU D 211 3.17 36.73 -17.99
N PHE D 212 2.49 37.87 -18.13
CA PHE D 212 1.44 37.96 -19.13
C PHE D 212 1.81 38.81 -20.33
N ALA D 213 1.09 38.60 -21.43
CA ALA D 213 1.36 39.34 -22.63
C ALA D 213 0.11 39.59 -23.39
N PHE D 214 0.06 40.73 -24.09
CA PHE D 214 -1.11 41.01 -24.88
C PHE D 214 -0.75 40.56 -26.30
N ASP D 215 -1.60 39.70 -26.86
CA ASP D 215 -1.35 39.14 -28.13
C ASP D 215 -2.35 39.75 -29.12
N THR D 216 -1.80 40.55 -30.04
CA THR D 216 -2.64 41.34 -30.96
C THR D 216 -3.29 40.49 -32.03
N VAL D 217 -2.77 39.27 -32.25
CA VAL D 217 -3.30 38.39 -33.30
C VAL D 217 -4.68 37.89 -32.94
N GLN D 218 -4.85 37.59 -31.64
CA GLN D 218 -6.18 37.16 -31.12
C GLN D 218 -6.81 38.20 -30.19
N ASN D 219 -6.01 39.24 -29.87
CA ASN D 219 -6.56 40.49 -29.31
C ASN D 219 -7.01 40.26 -27.87
N LYS D 220 -6.14 39.60 -27.11
CA LYS D 220 -6.50 39.14 -25.75
C LYS D 220 -5.21 38.86 -25.04
N TRP D 221 -5.25 38.92 -23.71
CA TRP D 221 -4.13 38.62 -22.84
C TRP D 221 -3.90 37.11 -22.79
N VAL D 222 -2.73 36.70 -22.36
CA VAL D 222 -2.27 35.38 -22.70
C VAL D 222 -1.14 35.23 -21.71
N LEU D 223 -1.07 34.05 -21.07
CA LEU D 223 -0.01 33.73 -20.15
C LEU D 223 1.17 33.19 -20.97
N VAL D 224 2.30 33.88 -20.89
CA VAL D 224 3.46 33.37 -21.63
C VAL D 224 4.38 32.53 -20.78
N GLY D 225 4.55 32.87 -19.54
CA GLY D 225 5.52 32.09 -18.85
C GLY D 225 5.50 32.26 -17.39
N VAL D 226 6.43 31.54 -16.73
CA VAL D 226 6.51 31.58 -15.29
C VAL D 226 7.95 31.76 -14.86
N LEU D 227 8.18 32.40 -13.70
CA LEU D 227 9.47 32.94 -13.35
C LEU D 227 10.36 31.90 -12.71
N THR D 228 11.52 31.69 -13.36
CA THR D 228 12.53 30.76 -12.81
C THR D 228 13.67 31.34 -11.95
N ALA D 229 14.22 32.47 -12.37
CA ALA D 229 15.43 33.02 -11.69
C ALA D 229 15.71 34.52 -12.00
N GLY D 230 16.58 35.13 -11.17
CA GLY D 230 17.10 36.47 -11.43
C GLY D 230 18.60 36.61 -11.16
N ASN D 231 19.13 37.83 -11.16
CA ASN D 231 20.55 38.02 -10.85
C ASN D 231 20.85 38.39 -9.37
N GLY D 232 20.07 37.90 -8.42
CA GLY D 232 20.28 38.27 -7.02
C GLY D 232 19.57 39.57 -6.68
N ALA D 233 19.66 39.99 -5.40
CA ALA D 233 18.96 41.20 -4.89
C ALA D 233 19.28 42.47 -5.69
N GLY D 234 18.36 42.89 -6.54
CA GLY D 234 18.58 44.16 -7.24
C GLY D 234 19.50 43.99 -8.44
N GLY D 235 19.50 42.77 -9.01
CA GLY D 235 20.28 42.46 -10.20
C GLY D 235 19.64 42.97 -11.47
N ARG D 236 20.21 42.56 -12.60
CA ARG D 236 19.85 43.09 -13.95
C ARG D 236 18.64 42.47 -14.70
N GLY D 237 18.43 41.17 -14.48
CA GLY D 237 17.46 40.44 -15.32
C GLY D 237 16.83 39.22 -14.66
N ASN D 238 15.79 38.73 -15.30
CA ASN D 238 15.04 37.60 -14.76
C ASN D 238 14.88 36.66 -15.92
N ASN D 239 14.86 35.35 -15.62
CA ASN D 239 14.48 34.36 -16.62
C ASN D 239 13.07 33.76 -16.35
N TRP D 240 12.32 33.50 -17.38
CA TRP D 240 11.07 32.75 -17.22
C TRP D 240 11.12 31.47 -18.08
N ALA D 241 10.32 30.45 -17.73
CA ALA D 241 10.11 29.32 -18.57
C ALA D 241 8.85 29.50 -19.39
N VAL D 242 8.86 29.33 -20.71
CA VAL D 242 7.64 29.52 -21.53
C VAL D 242 6.67 28.36 -21.27
N ILE D 243 5.39 28.64 -20.97
CA ILE D 243 4.42 27.54 -20.82
C ILE D 243 4.69 26.50 -21.93
N PRO D 244 4.99 25.24 -21.58
CA PRO D 244 5.25 24.23 -22.65
C PRO D 244 3.98 23.54 -23.10
N LEU D 245 3.55 23.83 -24.33
CA LEU D 245 2.25 23.41 -24.85
C LEU D 245 2.00 21.87 -24.93
N ASP D 246 2.93 21.12 -25.53
CA ASP D 246 2.89 19.65 -25.58
C ASP D 246 2.81 19.05 -24.18
N PHE D 247 3.66 19.52 -23.27
CA PHE D 247 3.65 19.00 -21.92
C PHE D 247 2.30 19.18 -21.19
N ILE D 248 1.77 20.39 -21.23
CA ILE D 248 0.53 20.77 -20.60
C ILE D 248 -0.59 19.88 -21.13
N GLY D 249 -0.65 19.72 -22.46
CA GLY D 249 -1.64 18.88 -23.10
C GLY D 249 -1.54 17.42 -22.67
N GLN D 250 -0.32 16.98 -22.34
CA GLN D 250 -0.09 15.63 -21.84
C GLN D 250 -0.68 15.48 -20.44
N LYS D 251 -0.44 16.45 -19.57
CA LYS D 251 -1.00 16.45 -18.22
C LYS D 251 -2.52 16.44 -18.25
N PHE D 252 -3.14 17.25 -19.12
CA PHE D 252 -4.61 17.22 -19.24
C PHE D 252 -5.08 15.84 -19.70
N ASN D 253 -4.45 15.32 -20.73
CA ASN D 253 -5.02 14.15 -21.32
C ASN D 253 -4.84 12.87 -20.55
N GLU D 254 -3.75 12.77 -19.83
CA GLU D 254 -3.51 11.53 -19.16
C GLU D 254 -4.54 11.27 -17.99
N ASP D 255 -5.25 12.29 -17.51
CA ASP D 255 -6.28 12.10 -16.51
C ASP D 255 -7.64 11.64 -17.02
N ASN D 256 -7.80 11.55 -18.32
CA ASN D 256 -9.08 11.16 -18.92
C ASN D 256 -9.13 9.69 -19.20
N ASP D 257 -10.17 9.00 -18.74
CA ASP D 257 -10.47 7.71 -19.33
C ASP D 257 -10.99 7.87 -20.80
N ALA D 258 -10.97 6.79 -21.55
CA ALA D 258 -11.74 6.73 -22.77
C ALA D 258 -13.20 7.30 -22.67
N PRO D 259 -13.58 8.16 -23.60
CA PRO D 259 -14.93 8.78 -23.69
C PRO D 259 -16.05 7.71 -23.62
N VAL D 260 -17.01 7.90 -22.71
CA VAL D 260 -18.13 6.99 -22.67
C VAL D 260 -19.28 7.50 -23.57
N THR D 261 -19.81 6.61 -24.39
CA THR D 261 -20.78 7.00 -25.40
C THR D 261 -22.01 6.18 -25.15
N PHE D 262 -23.15 6.84 -24.94
CA PHE D 262 -24.40 6.13 -24.75
C PHE D 262 -24.93 5.90 -26.15
N ARG D 263 -25.44 4.70 -26.42
CA ARG D 263 -26.12 4.35 -27.71
C ARG D 263 -27.63 4.36 -27.54
N THR D 264 -28.25 5.46 -27.91
CA THR D 264 -29.65 5.70 -27.54
C THR D 264 -30.66 4.68 -28.09
N SER D 265 -30.37 4.16 -29.27
CA SER D 265 -31.20 3.13 -29.86
C SER D 265 -31.11 1.74 -29.18
N GLU D 266 -30.01 1.44 -28.46
CA GLU D 266 -30.00 0.20 -27.65
C GLU D 266 -31.07 0.34 -26.57
N GLY D 267 -31.33 1.55 -26.10
CA GLY D 267 -32.05 1.76 -24.85
C GLY D 267 -31.30 1.20 -23.63
N GLY D 268 -32.00 1.03 -22.51
CA GLY D 268 -31.34 0.63 -21.28
C GLY D 268 -30.63 1.81 -20.66
N ALA D 269 -29.63 1.54 -19.84
CA ALA D 269 -28.84 2.60 -19.24
C ALA D 269 -27.39 2.15 -19.14
N LEU D 270 -26.47 3.10 -19.06
CA LEU D 270 -25.12 2.84 -18.62
C LEU D 270 -25.23 2.59 -17.13
N GLU D 271 -25.10 1.33 -16.74
CA GLU D 271 -25.12 0.98 -15.31
C GLU D 271 -23.72 1.16 -14.71
N TRP D 272 -23.63 1.85 -13.60
CA TRP D 272 -22.37 2.30 -13.07
C TRP D 272 -22.18 1.58 -11.76
N SER D 273 -21.18 0.72 -11.80
CA SER D 273 -20.76 0.02 -10.63
C SER D 273 -19.33 0.49 -10.26
N PHE D 274 -18.96 0.23 -9.03
CA PHE D 274 -17.79 0.76 -8.43
C PHE D 274 -17.45 -0.09 -7.20
N ASN D 275 -16.18 -0.43 -7.12
CA ASN D 275 -15.62 -1.15 -6.02
C ASN D 275 -14.74 -0.20 -5.20
N SER D 276 -15.15 0.11 -4.01
CA SER D 276 -14.50 1.19 -3.33
C SER D 276 -13.20 0.77 -2.66
N SER D 277 -12.89 -0.51 -2.62
CA SER D 277 -11.63 -0.88 -2.08
C SER D 277 -10.60 -1.04 -3.19
N THR D 278 -10.98 -1.22 -4.45
CA THR D 278 -10.00 -1.19 -5.49
C THR D 278 -9.91 0.21 -6.16
N GLY D 279 -10.95 1.04 -5.98
CA GLY D 279 -11.11 2.34 -6.67
C GLY D 279 -11.42 2.18 -8.15
N ALA D 280 -11.97 1.05 -8.59
CA ALA D 280 -12.23 0.83 -10.00
C ALA D 280 -13.68 0.63 -10.24
N GLY D 281 -14.17 1.04 -11.42
CA GLY D 281 -15.57 0.83 -11.64
C GLY D 281 -15.80 0.60 -13.07
N ALA D 282 -17.08 0.52 -13.45
CA ALA D 282 -17.46 0.34 -14.87
C ALA D 282 -18.81 0.96 -15.18
N LEU D 283 -18.97 1.36 -16.44
CA LEU D 283 -20.21 1.85 -16.93
C LEU D 283 -20.59 0.92 -18.04
N THR D 284 -21.66 0.14 -17.85
CA THR D 284 -22.03 -0.88 -18.82
C THR D 284 -23.42 -0.63 -19.41
N GLN D 285 -23.51 -0.52 -20.73
CA GLN D 285 -24.81 -0.50 -21.39
C GLN D 285 -24.87 -1.73 -22.30
N GLY D 286 -25.57 -2.74 -21.82
CA GLY D 286 -25.67 -3.98 -22.53
C GLY D 286 -24.30 -4.62 -22.73
N THR D 287 -23.87 -4.62 -23.99
CA THR D 287 -22.68 -5.34 -24.37
C THR D 287 -21.39 -4.55 -24.20
N THR D 288 -21.50 -3.22 -24.21
CA THR D 288 -20.32 -2.43 -24.21
C THR D 288 -20.05 -1.84 -22.83
N THR D 289 -18.85 -2.09 -22.28
CA THR D 289 -18.43 -1.51 -20.99
C THR D 289 -17.32 -0.48 -21.15
N TYR D 290 -17.35 0.56 -20.32
CA TYR D 290 -16.29 1.57 -20.25
C TYR D 290 -15.68 1.48 -18.90
N ALA D 291 -14.37 1.63 -18.81
CA ALA D 291 -13.72 1.66 -17.52
C ALA D 291 -13.78 3.03 -16.92
N MET D 292 -13.71 3.02 -15.60
CA MET D 292 -13.78 4.19 -14.81
C MET D 292 -12.84 3.97 -13.62
N HIS D 293 -12.24 5.06 -13.11
CA HIS D 293 -11.35 4.94 -11.94
C HIS D 293 -11.64 6.03 -10.96
N GLY D 294 -11.58 5.68 -9.70
CA GLY D 294 -11.86 6.61 -8.65
C GLY D 294 -10.74 6.69 -7.65
N GLN D 295 -11.04 7.27 -6.52
CA GLN D 295 -10.10 7.35 -5.42
C GLN D 295 -9.67 5.97 -4.94
N GLN D 296 -8.41 5.85 -4.57
CA GLN D 296 -7.93 4.60 -3.95
C GLN D 296 -7.35 4.99 -2.62
N GLY D 297 -7.90 4.51 -1.51
CA GLY D 297 -7.41 4.92 -0.20
C GLY D 297 -7.54 6.42 0.00
N ASN D 298 -6.48 7.04 0.49
CA ASN D 298 -6.46 8.49 0.59
C ASN D 298 -5.86 9.19 -0.64
N ASP D 299 -5.65 8.42 -1.72
CA ASP D 299 -5.05 8.89 -2.97
C ASP D 299 -6.10 9.35 -4.02
N LEU D 300 -6.35 10.65 -4.04
CA LEU D 300 -7.29 11.23 -4.96
C LEU D 300 -6.77 11.22 -6.41
N ASN D 301 -5.45 11.25 -6.61
CA ASN D 301 -4.90 11.21 -7.97
C ASN D 301 -5.19 9.96 -8.77
N ALA D 302 -5.57 8.88 -8.08
CA ALA D 302 -5.79 7.64 -8.76
C ALA D 302 -7.10 7.72 -9.57
N GLY D 303 -7.86 8.77 -9.29
CA GLY D 303 -9.11 9.05 -10.01
C GLY D 303 -8.93 9.61 -11.39
N LYS D 304 -9.78 9.21 -12.32
CA LYS D 304 -9.71 9.70 -13.65
C LYS D 304 -11.05 10.30 -14.15
N ASN D 305 -10.94 11.22 -15.08
CA ASN D 305 -12.11 11.91 -15.54
C ASN D 305 -12.90 11.10 -16.53
N LEU D 306 -14.23 11.26 -16.51
CA LEU D 306 -15.10 10.77 -17.57
C LEU D 306 -15.65 11.89 -18.49
N ILE D 307 -15.77 11.57 -19.79
CA ILE D 307 -16.36 12.49 -20.71
C ILE D 307 -17.50 11.76 -21.36
N PHE D 308 -18.70 12.26 -21.14
CA PHE D 308 -19.91 11.57 -21.58
C PHE D 308 -20.46 12.13 -22.92
N GLN D 309 -20.70 11.27 -23.89
CA GLN D 309 -21.40 11.74 -25.08
C GLN D 309 -22.50 10.80 -25.54
N GLY D 310 -23.04 11.07 -26.73
CA GLY D 310 -24.18 10.36 -27.23
C GLY D 310 -25.48 11.01 -26.78
N GLN D 311 -26.45 11.06 -27.69
CA GLN D 311 -27.73 11.67 -27.44
C GLN D 311 -28.60 10.93 -26.42
N ASN D 312 -29.23 11.70 -25.51
CA ASN D 312 -30.14 11.26 -24.42
C ASN D 312 -29.63 10.17 -23.51
N GLY D 313 -28.45 10.44 -22.95
CA GLY D 313 -27.69 9.53 -22.14
C GLY D 313 -28.51 9.15 -20.95
N GLN D 314 -28.40 7.88 -20.52
CA GLN D 314 -28.93 7.45 -19.24
C GLN D 314 -27.83 6.82 -18.42
N ILE D 315 -27.69 7.24 -17.16
CA ILE D 315 -26.83 6.58 -16.21
C ILE D 315 -27.60 6.21 -14.95
N ASN D 316 -27.35 5.00 -14.49
CA ASN D 316 -27.88 4.54 -13.25
C ASN D 316 -26.75 4.08 -12.28
N LEU D 317 -26.58 4.79 -11.18
CA LEU D 317 -25.63 4.32 -10.15
C LEU D 317 -26.15 3.16 -9.35
N LYS D 318 -25.41 2.05 -9.45
CA LYS D 318 -25.67 0.85 -8.65
C LYS D 318 -24.87 0.88 -7.35
N ASP D 319 -23.75 1.61 -7.28
CA ASP D 319 -22.94 1.62 -6.06
C ASP D 319 -22.66 3.06 -5.88
N SER D 320 -22.41 3.47 -4.65
CA SER D 320 -21.80 4.78 -4.37
C SER D 320 -20.37 4.91 -4.91
N VAL D 321 -20.03 6.08 -5.46
CA VAL D 321 -18.77 6.34 -6.16
C VAL D 321 -17.96 7.47 -5.54
N SER D 322 -16.69 7.22 -5.29
CA SER D 322 -15.75 8.28 -4.95
C SER D 322 -14.75 8.44 -6.09
N GLN D 323 -14.99 9.43 -6.93
CA GLN D 323 -14.19 9.57 -8.10
C GLN D 323 -12.84 10.26 -7.78
N GLY D 324 -12.58 10.58 -6.50
CA GLY D 324 -11.41 11.35 -6.15
C GLY D 324 -11.35 12.68 -6.94
N ALA D 325 -10.28 12.83 -7.74
CA ALA D 325 -10.03 14.02 -8.56
C ALA D 325 -10.56 13.87 -9.94
N GLY D 326 -11.15 12.71 -10.21
CA GLY D 326 -11.87 12.56 -11.45
C GLY D 326 -13.04 13.53 -11.57
N SER D 327 -13.09 14.26 -12.69
CA SER D 327 -14.23 15.12 -12.98
C SER D 327 -15.18 14.46 -13.99
N LEU D 328 -16.38 15.00 -14.17
CA LEU D 328 -17.27 14.48 -15.20
C LEU D 328 -17.57 15.65 -16.15
N THR D 329 -17.56 15.38 -17.44
CA THR D 329 -17.88 16.40 -18.39
C THR D 329 -18.97 15.89 -19.30
N PHE D 330 -20.02 16.69 -19.49
CA PHE D 330 -21.13 16.25 -20.27
C PHE D 330 -21.21 17.04 -21.55
N ARG D 331 -20.96 16.34 -22.64
CA ARG D 331 -20.95 16.90 -23.96
C ARG D 331 -22.28 16.66 -24.59
N ASP D 332 -23.20 16.06 -23.85
CA ASP D 332 -24.55 15.91 -24.33
C ASP D 332 -25.55 15.70 -23.21
N ASN D 333 -26.84 15.78 -23.52
CA ASN D 333 -27.87 15.78 -22.49
C ASN D 333 -27.98 14.43 -21.88
N TYR D 334 -28.11 14.36 -20.57
CA TYR D 334 -28.04 13.07 -19.90
C TYR D 334 -28.94 13.15 -18.70
N THR D 335 -29.44 12.00 -18.26
CA THR D 335 -30.16 11.87 -17.04
C THR D 335 -29.38 10.85 -16.21
N VAL D 336 -29.03 11.22 -14.99
CA VAL D 336 -28.33 10.32 -14.09
C VAL D 336 -29.23 10.07 -12.90
N THR D 337 -29.45 8.82 -12.58
CA THR D 337 -30.34 8.41 -11.49
C THR D 337 -29.79 7.26 -10.67
N THR D 338 -30.32 7.05 -9.46
CA THR D 338 -30.00 5.89 -8.69
C THR D 338 -31.33 5.26 -8.16
N SER D 339 -31.37 3.92 -8.05
CA SER D 339 -32.55 3.24 -7.51
C SER D 339 -32.34 2.71 -6.11
N ASN D 340 -31.29 3.20 -5.48
CA ASN D 340 -30.44 2.45 -4.59
C ASN D 340 -30.06 3.38 -3.43
N GLY D 341 -30.29 4.66 -3.60
CA GLY D 341 -29.66 5.72 -2.82
C GLY D 341 -28.12 5.81 -2.93
N SER D 342 -27.59 5.44 -4.09
CA SER D 342 -26.15 5.57 -4.28
C SER D 342 -25.80 7.07 -4.35
N THR D 343 -24.65 7.43 -3.78
CA THR D 343 -24.09 8.76 -3.91
C THR D 343 -22.94 8.89 -4.97
N TRP D 344 -22.64 10.13 -5.35
CA TRP D 344 -21.43 10.45 -6.10
C TRP D 344 -20.70 11.65 -5.58
N THR D 345 -19.38 11.51 -5.43
CA THR D 345 -18.52 12.69 -5.26
C THR D 345 -17.26 12.56 -6.14
N GLY D 346 -16.51 13.64 -6.20
CA GLY D 346 -15.46 13.76 -7.18
C GLY D 346 -15.08 15.20 -7.34
N ALA D 347 -14.26 15.45 -8.35
CA ALA D 347 -13.68 16.78 -8.49
C ALA D 347 -14.76 17.79 -8.87
N GLY D 348 -15.68 17.40 -9.76
CA GLY D 348 -16.85 18.23 -10.02
C GLY D 348 -17.48 17.84 -11.34
N ILE D 349 -18.49 18.59 -11.78
CA ILE D 349 -19.13 18.31 -13.04
C ILE D 349 -18.97 19.50 -13.94
N VAL D 350 -18.52 19.30 -15.17
CA VAL D 350 -18.59 20.32 -16.21
C VAL D 350 -19.80 20.00 -17.13
N VAL D 351 -20.74 20.95 -17.28
CA VAL D 351 -21.84 20.73 -18.28
C VAL D 351 -21.55 21.67 -19.42
N ASP D 352 -21.32 21.12 -20.59
CA ASP D 352 -20.95 21.92 -21.79
C ASP D 352 -21.99 22.97 -22.26
N ASN D 353 -21.57 24.04 -22.92
CA ASN D 353 -22.52 25.00 -23.50
C ASN D 353 -23.56 24.29 -24.32
N GLY D 354 -24.79 24.56 -23.94
CA GLY D 354 -25.91 24.07 -24.71
C GLY D 354 -26.37 22.70 -24.31
N VAL D 355 -25.79 22.17 -23.22
CA VAL D 355 -26.12 20.82 -22.73
C VAL D 355 -26.93 20.92 -21.43
N SER D 356 -27.71 19.90 -21.11
CA SER D 356 -28.48 19.97 -19.89
C SER D 356 -28.52 18.59 -19.28
N VAL D 357 -28.23 18.47 -17.97
CA VAL D 357 -28.06 17.21 -17.32
C VAL D 357 -29.03 17.16 -16.17
N ASN D 358 -29.88 16.14 -16.10
CA ASN D 358 -30.74 15.97 -14.96
C ASN D 358 -30.05 14.99 -14.08
N TRP D 359 -29.65 15.48 -12.93
CA TRP D 359 -28.78 14.78 -12.01
C TRP D 359 -29.60 14.39 -10.76
N GLN D 360 -29.79 13.12 -10.47
CA GLN D 360 -30.74 12.80 -9.39
C GLN D 360 -30.08 12.07 -8.29
N VAL D 361 -28.82 12.42 -8.08
CA VAL D 361 -27.95 11.62 -7.23
C VAL D 361 -27.42 12.50 -6.15
N ASN D 362 -27.63 12.11 -4.89
CA ASN D 362 -27.11 12.94 -3.81
C ASN D 362 -25.60 12.92 -3.62
N GLY D 363 -25.15 13.77 -2.67
CA GLY D 363 -23.74 14.05 -2.34
C GLY D 363 -23.44 13.40 -1.03
N VAL D 364 -22.43 13.85 -0.34
CA VAL D 364 -22.04 13.21 0.91
C VAL D 364 -21.67 14.35 1.81
N LYS D 365 -21.95 14.19 3.10
CA LYS D 365 -21.76 15.23 4.06
C LYS D 365 -20.28 15.56 4.19
N GLY D 366 -19.94 16.83 4.34
CA GLY D 366 -18.52 17.23 4.42
C GLY D 366 -17.92 17.41 3.03
N ASP D 367 -18.68 17.10 1.97
CA ASP D 367 -18.20 17.33 0.64
C ASP D 367 -19.06 18.28 -0.19
N ASN D 368 -18.42 19.05 -1.08
CA ASN D 368 -19.18 19.96 -1.95
C ASN D 368 -19.10 19.53 -3.42
N LEU D 369 -20.25 19.47 -4.11
CA LEU D 369 -20.30 19.30 -5.54
C LEU D 369 -19.93 20.60 -6.17
N HIS D 370 -18.93 20.57 -7.04
CA HIS D 370 -18.48 21.77 -7.72
C HIS D 370 -19.05 21.72 -9.13
N LYS D 371 -19.69 22.77 -9.58
CA LYS D 371 -20.31 22.71 -10.89
C LYS D 371 -19.88 23.89 -11.76
N ILE D 372 -19.38 23.59 -12.96
CA ILE D 372 -18.98 24.58 -13.96
C ILE D 372 -19.49 24.22 -15.36
N GLY D 373 -18.97 24.88 -16.39
CA GLY D 373 -19.46 24.73 -17.75
C GLY D 373 -20.62 25.69 -17.98
N GLU D 374 -20.84 26.15 -19.23
CA GLU D 374 -21.91 27.14 -19.49
C GLU D 374 -23.29 26.48 -19.58
N GLY D 375 -23.31 25.15 -19.56
CA GLY D 375 -24.54 24.36 -19.64
C GLY D 375 -25.29 24.31 -18.34
N THR D 376 -26.39 23.59 -18.37
CA THR D 376 -27.32 23.55 -17.27
C THR D 376 -27.32 22.20 -16.52
N LEU D 377 -27.28 22.26 -15.20
CA LEU D 377 -27.43 21.12 -14.34
C LEU D 377 -28.72 21.24 -13.47
N THR D 378 -29.68 20.31 -13.61
CA THR D 378 -30.83 20.29 -12.74
C THR D 378 -30.55 19.26 -11.72
N VAL D 379 -30.55 19.66 -10.45
CA VAL D 379 -30.33 18.72 -9.38
C VAL D 379 -31.71 18.24 -8.95
N GLN D 380 -31.92 16.94 -8.81
CA GLN D 380 -33.28 16.47 -8.57
C GLN D 380 -33.17 15.18 -7.86
N GLY D 381 -32.45 15.17 -6.75
CA GLY D 381 -32.36 13.93 -6.03
C GLY D 381 -33.58 13.79 -5.19
N THR D 382 -33.49 12.91 -4.17
CA THR D 382 -34.61 12.60 -3.28
C THR D 382 -34.16 12.69 -1.85
N GLY D 383 -34.98 13.35 -1.03
CA GLY D 383 -34.67 13.55 0.35
C GLY D 383 -33.59 14.58 0.59
N ILE D 384 -32.97 14.44 1.76
CA ILE D 384 -32.03 15.39 2.23
C ILE D 384 -30.60 15.08 1.73
N ASN D 385 -30.13 15.81 0.73
CA ASN D 385 -28.69 15.76 0.41
C ASN D 385 -27.91 16.47 1.49
N GLU D 386 -27.09 15.76 2.27
CA GLU D 386 -26.26 16.46 3.29
C GLU D 386 -25.03 17.21 2.70
N GLY D 387 -24.73 17.00 1.41
CA GLY D 387 -23.57 17.63 0.80
C GLY D 387 -23.84 19.06 0.38
N GLY D 388 -22.78 19.81 0.02
CA GLY D 388 -22.90 21.19 -0.36
C GLY D 388 -22.75 21.40 -1.85
N LEU D 389 -22.94 22.66 -2.26
CA LEU D 389 -22.80 23.06 -3.66
C LEU D 389 -21.93 24.31 -3.85
N LYS D 390 -20.89 24.22 -4.68
CA LYS D 390 -20.20 25.45 -5.13
C LYS D 390 -20.43 25.55 -6.61
N VAL D 391 -21.00 26.65 -7.08
CA VAL D 391 -21.33 26.73 -8.49
C VAL D 391 -20.57 27.87 -9.02
N GLY D 392 -19.86 27.66 -10.10
CA GLY D 392 -19.08 28.75 -10.71
C GLY D 392 -19.42 29.11 -12.13
N ASP D 393 -20.27 28.32 -12.82
CA ASP D 393 -20.63 28.74 -14.15
C ASP D 393 -21.96 28.19 -14.65
N GLY D 394 -22.48 28.70 -15.77
CA GLY D 394 -23.79 28.24 -16.28
C GLY D 394 -24.89 28.27 -15.19
N LYS D 395 -25.82 27.32 -15.25
CA LYS D 395 -27.02 27.38 -14.47
C LYS D 395 -27.25 26.11 -13.67
N VAL D 396 -27.64 26.29 -12.42
CA VAL D 396 -28.05 25.17 -11.63
C VAL D 396 -29.51 25.38 -11.21
N VAL D 397 -30.37 24.43 -11.58
CA VAL D 397 -31.77 24.47 -11.20
C VAL D 397 -31.89 23.50 -10.06
N LEU D 398 -32.38 23.99 -8.93
CA LEU D 398 -32.53 23.17 -7.78
C LEU D 398 -33.96 22.64 -7.77
N ASN D 399 -34.09 21.38 -8.11
CA ASN D 399 -35.35 20.77 -8.19
C ASN D 399 -35.40 19.50 -7.40
N GLN D 400 -34.86 19.54 -6.20
CA GLN D 400 -34.85 18.37 -5.37
C GLN D 400 -36.35 18.00 -5.08
N GLN D 401 -36.67 16.70 -5.12
CA GLN D 401 -37.99 16.25 -4.78
C GLN D 401 -38.09 15.50 -3.44
N ALA D 402 -39.08 15.84 -2.62
CA ALA D 402 -39.35 15.15 -1.34
C ALA D 402 -39.61 13.68 -1.52
N ASP D 403 -39.08 12.90 -0.61
CA ASP D 403 -39.32 11.47 -0.62
C ASP D 403 -40.75 11.10 -0.10
N ASN D 404 -41.01 9.79 0.08
CA ASN D 404 -42.24 9.35 0.78
C ASN D 404 -42.46 9.83 2.28
N LYS D 405 -41.43 10.36 2.97
CA LYS D 405 -41.59 10.94 4.37
C LYS D 405 -41.60 12.49 4.47
N GLY D 406 -42.00 13.13 3.35
CA GLY D 406 -42.01 14.60 3.23
C GLY D 406 -40.67 15.34 3.19
N GLN D 407 -39.58 14.74 3.73
CA GLN D 407 -38.25 15.39 3.82
C GLN D 407 -37.52 15.61 2.45
N VAL D 408 -36.78 16.71 2.37
CA VAL D 408 -36.21 17.23 1.10
C VAL D 408 -35.29 18.41 1.42
N GLN D 409 -34.02 18.31 1.05
CA GLN D 409 -33.03 19.41 1.06
C GLN D 409 -32.06 19.20 -0.14
N ALA D 410 -31.95 20.18 -1.05
CA ALA D 410 -31.04 19.99 -2.23
C ALA D 410 -29.55 19.96 -1.85
N PHE D 411 -29.15 20.87 -0.96
CA PHE D 411 -27.79 20.95 -0.44
C PHE D 411 -27.82 21.57 0.93
N SER D 412 -26.69 21.52 1.62
CA SER D 412 -26.65 21.97 3.00
C SER D 412 -26.04 23.34 3.03
N SER D 413 -25.56 23.74 1.87
CA SER D 413 -25.05 25.08 1.65
C SER D 413 -24.85 25.27 0.15
N VAL D 414 -25.01 26.50 -0.31
CA VAL D 414 -24.74 26.82 -1.69
C VAL D 414 -23.81 28.02 -1.76
N ASN D 415 -22.73 27.94 -2.53
CA ASN D 415 -21.86 29.10 -2.69
C ASN D 415 -21.83 29.56 -4.17
N ILE D 416 -22.06 30.85 -4.41
CA ILE D 416 -22.22 31.26 -5.79
C ILE D 416 -21.04 32.18 -6.09
N ALA D 417 -20.23 31.85 -7.12
CA ALA D 417 -19.06 32.67 -7.46
C ALA D 417 -18.68 32.79 -8.92
N SER D 418 -17.79 33.79 -9.15
CA SER D 418 -17.14 34.16 -10.42
C SER D 418 -17.90 35.22 -11.16
N GLY D 419 -19.16 35.39 -10.83
CA GLY D 419 -20.01 36.27 -11.57
C GLY D 419 -20.66 35.65 -12.81
N ARG D 420 -20.35 34.38 -13.13
CA ARG D 420 -20.96 33.78 -14.31
C ARG D 420 -22.27 33.02 -14.05
N PRO D 421 -22.48 32.45 -12.83
CA PRO D 421 -23.52 31.44 -12.73
C PRO D 421 -24.85 31.95 -12.16
N THR D 422 -25.92 31.16 -12.34
CA THR D 422 -27.27 31.46 -11.88
C THR D 422 -27.81 30.18 -11.20
N VAL D 423 -28.39 30.33 -10.03
CA VAL D 423 -29.05 29.24 -9.36
C VAL D 423 -30.55 29.59 -9.33
N VAL D 424 -31.39 28.74 -9.90
CA VAL D 424 -32.85 28.82 -9.82
C VAL D 424 -33.41 27.92 -8.72
N LEU D 425 -34.24 28.50 -7.87
CA LEU D 425 -34.92 27.72 -6.85
C LEU D 425 -36.29 27.32 -7.43
N THR D 426 -36.69 26.04 -7.31
CA THR D 426 -38.00 25.74 -7.86
C THR D 426 -39.00 25.86 -6.76
N ASP D 427 -38.56 25.76 -5.52
CA ASP D 427 -39.43 26.06 -4.41
C ASP D 427 -38.69 26.48 -3.16
N GLU D 428 -39.44 26.67 -2.06
CA GLU D 428 -38.93 27.24 -0.80
C GLU D 428 -38.19 26.18 -0.02
N ARG D 429 -38.18 24.96 -0.54
CA ARG D 429 -37.75 23.80 0.25
C ARG D 429 -36.31 23.36 -0.06
N GLN D 430 -35.79 23.87 -1.18
CA GLN D 430 -34.50 23.51 -1.72
C GLN D 430 -33.34 23.76 -0.79
N VAL D 431 -33.23 24.92 -0.17
CA VAL D 431 -32.14 25.22 0.78
C VAL D 431 -32.56 26.15 1.92
N ASN D 432 -31.84 26.05 3.04
CA ASN D 432 -31.87 27.09 4.03
C ASN D 432 -31.18 28.38 3.48
N PRO D 433 -31.95 29.47 3.25
CA PRO D 433 -31.41 30.69 2.62
C PRO D 433 -30.19 31.26 3.37
N ASP D 434 -30.09 31.06 4.68
CA ASP D 434 -28.94 31.45 5.39
C ASP D 434 -27.70 30.66 5.03
N THR D 435 -27.85 29.61 4.22
CA THR D 435 -26.69 28.79 3.87
C THR D 435 -26.31 29.08 2.44
N VAL D 436 -26.93 30.12 1.85
CA VAL D 436 -26.53 30.64 0.55
C VAL D 436 -25.49 31.71 0.78
N SER D 437 -24.40 31.64 0.05
CA SER D 437 -23.33 32.65 0.14
C SER D 437 -22.89 32.98 -1.25
N TRP D 438 -22.55 34.24 -1.46
CA TRP D 438 -22.04 34.66 -2.76
C TRP D 438 -20.55 34.94 -2.57
N GLY D 439 -19.72 34.19 -3.30
CA GLY D 439 -18.26 34.35 -3.16
C GLY D 439 -17.75 35.44 -4.08
N TYR D 440 -16.43 35.49 -4.24
CA TYR D 440 -15.79 36.40 -5.16
C TYR D 440 -16.56 36.52 -6.45
N ARG D 441 -17.01 37.75 -6.72
CA ARG D 441 -17.84 38.17 -7.87
C ARG D 441 -19.25 37.58 -8.00
N GLY D 442 -19.64 36.64 -7.17
CA GLY D 442 -21.09 36.33 -7.03
C GLY D 442 -21.74 35.67 -8.21
N GLY D 443 -22.85 36.26 -8.66
CA GLY D 443 -23.83 35.64 -9.57
C GLY D 443 -25.24 35.67 -8.97
N THR D 444 -26.18 34.92 -9.53
CA THR D 444 -27.59 35.11 -9.21
C THR D 444 -28.25 33.91 -8.53
N LEU D 445 -28.98 34.20 -7.47
CA LEU D 445 -29.95 33.32 -6.90
C LEU D 445 -31.32 33.83 -7.40
N ASP D 446 -31.96 33.11 -8.31
CA ASP D 446 -33.22 33.53 -8.89
C ASP D 446 -34.23 32.80 -8.09
N VAL D 447 -35.00 33.52 -7.25
CA VAL D 447 -35.92 32.81 -6.38
C VAL D 447 -37.11 32.27 -7.18
N ASN D 448 -37.26 32.68 -8.42
CA ASN D 448 -38.20 32.02 -9.29
C ASN D 448 -39.61 31.95 -8.67
N GLY D 449 -40.14 33.11 -8.22
CA GLY D 449 -41.54 33.17 -7.78
C GLY D 449 -41.75 32.65 -6.38
N ASN D 450 -40.67 32.45 -5.64
CA ASN D 450 -40.77 31.91 -4.29
C ASN D 450 -40.35 32.95 -3.27
N SER D 451 -41.20 33.20 -2.26
CA SER D 451 -40.89 34.12 -1.18
C SER D 451 -39.99 33.40 -0.19
N LEU D 452 -39.07 34.15 0.43
CA LEU D 452 -38.07 33.62 1.37
C LEU D 452 -37.72 34.57 2.48
N THR D 453 -37.35 34.03 3.63
CA THR D 453 -36.75 34.81 4.73
C THR D 453 -35.23 34.57 4.87
N PHE D 454 -34.42 35.62 4.99
CA PHE D 454 -32.96 35.51 5.30
C PHE D 454 -32.65 36.18 6.59
N HIS D 455 -31.84 35.51 7.42
CA HIS D 455 -31.40 36.06 8.68
C HIS D 455 -30.02 36.65 8.52
N GLN D 456 -29.39 36.34 7.37
CA GLN D 456 -28.09 36.89 6.96
C GLN D 456 -28.00 36.87 5.46
N LEU D 457 -27.18 37.75 4.90
CA LEU D 457 -26.98 37.77 3.46
C LEU D 457 -25.47 37.73 3.23
N LYS D 458 -24.94 36.51 3.15
CA LYS D 458 -23.50 36.28 3.08
C LYS D 458 -23.00 36.60 1.67
N ALA D 459 -22.76 37.89 1.45
CA ALA D 459 -22.36 38.34 0.13
C ALA D 459 -21.04 39.09 0.12
N ALA D 460 -20.09 38.62 -0.68
CA ALA D 460 -18.71 39.20 -0.71
C ALA D 460 -18.59 40.61 -1.31
N ASP D 461 -19.34 40.86 -2.37
CA ASP D 461 -19.13 42.08 -3.12
C ASP D 461 -20.35 42.34 -3.99
N TYR D 462 -20.20 43.25 -4.96
CA TYR D 462 -21.27 43.75 -5.74
C TYR D 462 -21.85 42.74 -6.73
N GLY D 463 -21.14 41.65 -7.01
CA GLY D 463 -21.63 40.69 -7.98
C GLY D 463 -22.74 39.83 -7.40
N ALA D 464 -22.94 39.83 -6.09
CA ALA D 464 -24.01 38.98 -5.48
C ALA D 464 -25.37 39.53 -5.83
N VAL D 465 -26.11 38.86 -6.71
CA VAL D 465 -27.46 39.26 -7.15
C VAL D 465 -28.53 38.37 -6.57
N LEU D 466 -29.56 38.97 -6.00
CA LEU D 466 -30.67 38.22 -5.44
C LEU D 466 -31.86 38.64 -6.32
N ALA D 467 -32.48 37.70 -7.01
CA ALA D 467 -33.44 38.08 -8.06
C ALA D 467 -34.70 37.24 -8.03
N ASN D 468 -35.70 37.74 -8.75
CA ASN D 468 -36.80 36.91 -9.12
C ASN D 468 -37.15 37.24 -10.52
N ASN D 469 -36.81 36.34 -11.43
CA ASN D 469 -37.00 36.58 -12.85
C ASN D 469 -38.29 36.12 -13.46
N VAL D 470 -39.25 35.80 -12.60
CA VAL D 470 -40.50 35.27 -13.06
C VAL D 470 -41.68 36.22 -12.76
N ASP D 471 -42.77 36.16 -13.56
CA ASP D 471 -43.91 37.10 -13.35
C ASP D 471 -44.76 36.85 -12.07
N LYS D 472 -44.48 35.80 -11.31
CA LYS D 472 -45.08 35.64 -9.99
C LYS D 472 -44.22 36.40 -8.97
N ARG D 473 -44.75 37.49 -8.38
CA ARG D 473 -43.94 38.29 -7.45
C ARG D 473 -43.58 37.51 -6.20
N ALA D 474 -42.41 37.79 -5.61
CA ALA D 474 -41.97 37.17 -4.38
C ALA D 474 -41.36 38.19 -3.47
N THR D 475 -41.40 37.88 -2.18
CA THR D 475 -41.03 38.83 -1.17
C THR D 475 -39.84 38.30 -0.37
N ILE D 476 -38.82 39.15 -0.18
CA ILE D 476 -37.66 38.80 0.59
C ILE D 476 -37.83 39.41 1.92
N THR D 477 -37.84 38.57 2.94
CA THR D 477 -37.95 39.06 4.30
C THR D 477 -36.62 38.96 5.00
N LEU D 478 -36.12 40.08 5.52
CA LEU D 478 -34.89 40.11 6.31
C LEU D 478 -35.20 40.06 7.78
N ASP D 479 -34.26 39.49 8.54
CA ASP D 479 -34.42 39.24 9.95
C ASP D 479 -33.07 38.97 10.56
N TYR D 480 -32.23 39.96 10.41
CA TYR D 480 -30.93 39.98 11.04
C TYR D 480 -31.01 40.39 12.53
N GLY D 486 -25.74 47.53 13.08
CA GLY D 486 -26.95 46.93 12.42
C GLY D 486 -26.71 45.87 11.31
N TYR D 487 -26.79 46.23 10.01
CA TYR D 487 -26.46 45.24 8.93
C TYR D 487 -26.04 45.91 7.61
N LEU D 488 -25.16 45.22 6.85
CA LEU D 488 -24.61 45.71 5.53
C LEU D 488 -24.81 44.75 4.38
N PHE D 489 -25.18 45.25 3.19
CA PHE D 489 -25.34 44.37 2.03
C PHE D 489 -24.77 44.99 0.77
N HIS D 490 -23.78 44.29 0.16
CA HIS D 490 -23.05 44.84 -0.97
C HIS D 490 -23.71 44.44 -2.27
N GLY D 491 -24.64 43.49 -2.18
CA GLY D 491 -25.20 42.88 -3.35
C GLY D 491 -26.25 43.70 -4.11
N GLN D 492 -26.87 43.07 -5.09
CA GLN D 492 -27.91 43.71 -5.87
C GLN D 492 -29.22 42.98 -5.62
N LEU D 493 -30.35 43.69 -5.72
CA LEU D 493 -31.67 43.07 -5.70
C LEU D 493 -32.36 43.39 -7.04
N LYS D 494 -32.78 42.39 -7.82
CA LYS D 494 -33.30 42.64 -9.16
C LYS D 494 -34.64 42.03 -9.31
N GLY D 495 -35.40 42.51 -10.29
CA GLY D 495 -36.61 41.87 -10.80
C GLY D 495 -37.82 41.91 -9.89
N ASN D 496 -38.73 40.96 -10.09
CA ASN D 496 -40.05 40.98 -9.49
C ASN D 496 -40.03 40.69 -8.00
N LEU D 497 -39.45 41.58 -7.19
CA LEU D 497 -39.42 41.40 -5.71
C LEU D 497 -40.11 42.50 -4.86
N ASN D 498 -40.65 42.10 -3.72
CA ASN D 498 -40.84 43.05 -2.62
C ASN D 498 -39.71 42.72 -1.69
N VAL D 499 -39.30 43.67 -0.85
CA VAL D 499 -38.35 43.41 0.24
C VAL D 499 -38.88 43.99 1.53
N ASP D 500 -38.88 43.22 2.61
CA ASP D 500 -39.34 43.75 3.92
C ASP D 500 -38.26 43.72 4.94
N ASN D 501 -38.12 44.78 5.71
CA ASN D 501 -37.20 44.75 6.87
C ASN D 501 -37.89 45.41 8.07
N ARG D 502 -38.83 44.69 8.66
CA ARG D 502 -39.62 45.20 9.79
C ARG D 502 -38.82 44.99 11.05
N LEU D 503 -38.10 46.01 11.46
CA LEU D 503 -37.29 45.86 12.65
C LEU D 503 -38.18 45.87 13.89
N PRO D 504 -37.65 45.39 15.03
CA PRO D 504 -38.52 45.52 16.19
C PRO D 504 -38.45 46.96 16.70
N GLU D 505 -39.59 47.49 17.11
CA GLU D 505 -39.71 48.87 17.61
C GLU D 505 -38.57 49.20 18.60
N GLY D 506 -37.94 50.36 18.44
CA GLY D 506 -36.96 50.84 19.40
C GLY D 506 -35.49 50.57 19.13
N VAL D 507 -35.17 50.03 17.94
CA VAL D 507 -33.78 49.75 17.57
C VAL D 507 -33.23 50.93 16.83
N THR D 508 -31.96 51.26 17.06
CA THR D 508 -31.33 52.42 16.39
C THR D 508 -30.40 52.08 15.20
N GLY D 509 -30.11 50.78 14.98
CA GLY D 509 -29.10 50.35 13.97
C GLY D 509 -29.52 50.50 12.53
N ALA D 510 -28.56 50.61 11.63
CA ALA D 510 -28.89 50.82 10.20
C ALA D 510 -28.74 49.58 9.28
N LEU D 511 -29.75 49.29 8.49
CA LEU D 511 -29.55 48.50 7.26
C LEU D 511 -28.91 49.40 6.18
N VAL D 512 -27.66 49.12 5.85
CA VAL D 512 -26.89 49.87 4.82
C VAL D 512 -26.78 49.07 3.52
N MET D 513 -27.04 49.73 2.39
CA MET D 513 -26.90 49.11 1.12
C MET D 513 -26.06 50.00 0.19
N ASP D 514 -24.94 49.43 -0.24
CA ASP D 514 -23.99 50.17 -1.05
C ASP D 514 -23.71 49.43 -2.33
N GLY D 515 -24.64 48.52 -2.69
CA GLY D 515 -24.67 47.86 -3.97
C GLY D 515 -25.72 48.57 -4.80
N ALA D 516 -26.81 47.90 -5.16
CA ALA D 516 -27.80 48.57 -6.01
C ALA D 516 -29.07 47.80 -5.98
N ALA D 517 -30.15 48.34 -6.57
CA ALA D 517 -31.44 47.59 -6.69
C ALA D 517 -32.29 48.05 -7.86
N ASP D 518 -33.12 47.14 -8.38
CA ASP D 518 -34.03 47.51 -9.49
C ASP D 518 -35.15 46.49 -9.48
N ILE D 519 -36.11 46.71 -8.58
CA ILE D 519 -37.19 45.82 -8.35
C ILE D 519 -38.59 46.34 -8.82
N SER D 520 -39.50 45.42 -9.08
CA SER D 520 -40.86 45.74 -9.54
C SER D 520 -41.75 46.21 -8.40
N GLY D 521 -41.40 45.79 -7.18
CA GLY D 521 -42.33 45.87 -6.04
C GLY D 521 -41.91 46.83 -4.94
N THR D 522 -42.29 46.48 -3.72
CA THR D 522 -42.12 47.43 -2.65
C THR D 522 -40.92 47.07 -1.79
N PHE D 523 -40.15 48.05 -1.38
CA PHE D 523 -39.19 47.93 -0.32
C PHE D 523 -39.82 48.53 0.92
N THR D 524 -39.77 47.87 2.08
CA THR D 524 -40.47 48.34 3.27
C THR D 524 -39.58 48.24 4.48
N GLN D 525 -39.48 49.32 5.25
CA GLN D 525 -38.82 49.21 6.52
C GLN D 525 -39.64 49.87 7.69
N GLU D 526 -39.66 49.21 8.85
CA GLU D 526 -40.26 49.76 10.05
C GLU D 526 -39.14 49.86 11.05
N ASN D 527 -39.03 51.02 11.70
CA ASN D 527 -38.03 51.31 12.74
C ASN D 527 -36.62 51.31 12.21
N GLY D 528 -35.69 51.63 13.08
CA GLY D 528 -34.28 51.70 12.74
C GLY D 528 -33.93 52.72 11.68
N ARG D 529 -32.71 52.59 11.13
CA ARG D 529 -32.24 53.41 10.00
C ARG D 529 -32.15 52.59 8.70
N LEU D 530 -32.02 53.27 7.57
CA LEU D 530 -31.83 52.64 6.30
C LEU D 530 -31.06 53.64 5.55
N THR D 531 -30.03 53.18 4.86
CA THR D 531 -29.12 54.08 4.13
C THR D 531 -28.77 53.42 2.82
N LEU D 532 -29.12 54.10 1.73
CA LEU D 532 -28.73 53.70 0.41
C LEU D 532 -27.68 54.68 -0.04
N GLN D 533 -26.55 54.19 -0.52
CA GLN D 533 -25.41 55.03 -0.92
C GLN D 533 -24.60 54.37 -2.02
N GLY D 534 -23.67 55.15 -2.54
CA GLY D 534 -22.76 54.69 -3.55
C GLY D 534 -21.69 53.94 -2.80
N HIS D 535 -20.71 53.43 -3.53
CA HIS D 535 -19.71 52.55 -2.98
C HIS D 535 -18.30 53.05 -3.31
N PRO D 536 -17.49 53.25 -2.29
CA PRO D 536 -16.12 53.75 -2.56
C PRO D 536 -15.27 52.65 -3.23
N VAL D 537 -14.46 53.07 -4.19
CA VAL D 537 -13.68 52.14 -4.97
C VAL D 537 -12.75 51.45 -4.00
N ILE D 538 -12.72 50.11 -4.03
CA ILE D 538 -11.87 49.35 -3.14
C ILE D 538 -10.43 49.46 -3.63
N HIS D 539 -9.48 49.76 -2.76
CA HIS D 539 -8.06 49.75 -3.08
C HIS D 539 -7.24 48.73 -2.24
N ALA D 540 -6.04 48.43 -2.71
CA ALA D 540 -5.13 47.56 -1.98
C ALA D 540 -4.55 48.29 -0.76
N TYR D 541 -4.20 47.54 0.26
CA TYR D 541 -3.66 48.12 1.50
C TYR D 541 -2.67 47.16 2.21
N ASN D 542 -2.04 47.68 3.28
CA ASN D 542 -1.09 46.90 4.08
C ASN D 542 -1.24 47.05 5.56
N THR D 543 -0.30 46.45 6.30
CA THR D 543 -0.31 46.65 7.77
C THR D 543 0.16 48.05 8.13
N GLN D 544 -0.12 48.49 9.37
CA GLN D 544 0.46 49.75 9.88
C GLN D 544 2.03 49.80 9.80
N SER D 545 2.71 48.72 10.13
CA SER D 545 4.18 48.69 9.99
C SER D 545 4.63 49.05 8.62
N VAL D 546 4.05 48.37 7.64
CA VAL D 546 4.47 48.48 6.26
C VAL D 546 4.17 49.89 5.76
N ALA D 547 3.05 50.45 6.22
CA ALA D 547 2.71 51.84 5.94
C ALA D 547 3.82 52.76 6.46
N ASP D 548 4.31 52.44 7.66
CA ASP D 548 5.26 53.28 8.42
C ASP D 548 6.64 53.16 7.79
N LYS D 549 7.07 51.93 7.52
CA LYS D 549 8.34 51.72 6.80
C LYS D 549 8.47 52.46 5.46
N LEU D 550 7.38 52.58 4.69
CA LEU D 550 7.44 53.35 3.42
C LEU D 550 7.36 54.84 3.66
N ALA D 551 6.65 55.24 4.73
CA ALA D 551 6.64 56.63 5.23
C ALA D 551 8.05 57.03 5.68
N ALA D 552 8.65 56.16 6.49
CA ALA D 552 10.01 56.36 6.95
C ALA D 552 10.94 56.73 5.80
N SER D 553 10.56 56.41 4.57
CA SER D 553 11.39 56.75 3.41
C SER D 553 10.82 57.82 2.43
N GLY D 554 9.80 58.59 2.83
CA GLY D 554 9.26 59.67 1.97
C GLY D 554 8.01 59.40 1.11
N ASP D 555 7.47 58.18 1.21
CA ASP D 555 6.26 57.71 0.45
C ASP D 555 5.07 57.54 1.39
N HIS D 556 4.04 58.37 1.25
CA HIS D 556 2.89 58.29 2.17
C HIS D 556 1.64 57.73 1.45
N SER D 557 1.87 57.07 0.31
CA SER D 557 0.77 56.54 -0.51
C SER D 557 0.12 55.28 0.03
N VAL D 558 0.78 54.59 0.93
CA VAL D 558 0.25 53.28 1.37
C VAL D 558 -0.94 53.31 2.36
N LEU D 559 -1.96 52.53 2.01
CA LEU D 559 -3.23 52.49 2.72
C LEU D 559 -3.20 51.41 3.78
N THR D 560 -4.00 51.58 4.82
CA THR D 560 -4.11 50.56 5.88
C THR D 560 -5.57 50.08 6.01
N GLN D 561 -6.37 50.41 5.00
CA GLN D 561 -7.79 50.22 5.03
C GLN D 561 -8.20 50.08 3.56
N PRO D 562 -9.12 49.19 3.21
CA PRO D 562 -9.40 49.24 1.72
C PRO D 562 -10.24 50.42 1.19
N THR D 563 -11.05 51.04 2.06
CA THR D 563 -11.90 52.13 1.65
C THR D 563 -11.92 53.17 2.76
N SER D 564 -12.32 54.37 2.41
CA SER D 564 -12.23 55.49 3.32
C SER D 564 -13.21 56.60 2.89
N PHE D 565 -13.61 57.39 3.88
CA PHE D 565 -14.57 58.49 3.73
C PHE D 565 -14.03 59.67 2.93
N SER D 566 -12.72 59.79 2.83
CA SER D 566 -12.13 60.96 2.14
C SER D 566 -11.66 60.74 0.72
N GLN D 567 -11.61 59.50 0.26
CA GLN D 567 -11.08 59.26 -1.09
C GLN D 567 -11.98 59.89 -2.16
N GLU D 568 -11.43 60.25 -3.30
CA GLU D 568 -12.26 60.90 -4.33
C GLU D 568 -13.01 59.98 -5.25
N ASP D 569 -12.57 58.73 -5.35
CA ASP D 569 -13.14 57.80 -6.32
C ASP D 569 -14.26 56.91 -5.71
N TRP D 570 -15.51 57.15 -6.15
CA TRP D 570 -16.65 56.30 -5.75
C TRP D 570 -17.35 55.74 -6.96
N GLU D 571 -18.04 54.64 -6.75
CA GLU D 571 -18.90 54.09 -7.77
C GLU D 571 -20.35 54.53 -7.60
N ASN D 572 -20.94 55.01 -8.68
CA ASN D 572 -22.35 55.39 -8.69
C ASN D 572 -23.21 54.16 -8.63
N ARG D 573 -24.19 54.21 -7.73
CA ARG D 573 -25.09 53.10 -7.51
C ARG D 573 -26.51 53.57 -7.76
N SER D 574 -27.36 52.68 -8.27
CA SER D 574 -28.69 53.08 -8.58
C SER D 574 -29.78 52.19 -7.91
N PHE D 575 -30.80 52.81 -7.32
CA PHE D 575 -31.79 52.12 -6.51
C PHE D 575 -33.26 52.38 -6.94
N THR D 576 -33.93 51.40 -7.53
CA THR D 576 -35.28 51.63 -8.09
C THR D 576 -36.23 50.65 -7.49
N PHE D 577 -37.33 51.18 -6.98
CA PHE D 577 -38.45 50.40 -6.52
C PHE D 577 -39.69 51.07 -7.03
N ASP D 578 -40.80 50.32 -7.03
CA ASP D 578 -42.12 50.85 -7.30
C ASP D 578 -42.49 51.87 -6.23
N ARG D 579 -41.98 51.59 -5.03
CA ARG D 579 -42.45 52.17 -3.81
C ARG D 579 -41.39 51.88 -2.73
N LEU D 580 -41.10 52.91 -1.91
CA LEU D 580 -40.28 52.77 -0.70
C LEU D 580 -41.08 53.20 0.55
N SER D 581 -41.38 52.26 1.46
CA SER D 581 -42.28 52.52 2.56
C SER D 581 -41.54 52.60 3.92
N LEU D 582 -41.61 53.78 4.57
CA LEU D 582 -40.95 53.94 5.88
C LEU D 582 -41.95 54.11 7.04
N LYS D 583 -41.63 53.55 8.19
CA LYS D 583 -42.46 53.79 9.35
C LYS D 583 -41.52 53.80 10.50
N ASN D 584 -41.50 54.92 11.23
CA ASN D 584 -40.61 55.13 12.38
C ASN D 584 -39.14 55.01 12.04
N THR D 585 -38.80 55.40 10.81
CA THR D 585 -37.49 55.16 10.25
C THR D 585 -36.69 56.45 10.14
N ASP D 586 -35.38 56.34 10.38
CA ASP D 586 -34.47 57.41 9.98
C ASP D 586 -33.80 57.00 8.62
N PHE D 587 -34.38 57.44 7.49
CA PHE D 587 -33.90 57.04 6.15
C PHE D 587 -32.98 58.04 5.48
N GLY D 588 -31.89 57.54 4.88
CA GLY D 588 -30.90 58.41 4.26
C GLY D 588 -30.42 57.97 2.88
N LEU D 589 -30.27 58.92 1.98
CA LEU D 589 -29.69 58.68 0.66
C LEU D 589 -28.33 59.35 0.54
N GLY D 590 -27.24 58.58 0.59
CA GLY D 590 -25.90 59.16 0.62
C GLY D 590 -25.37 59.45 -0.76
N ARG D 591 -24.16 60.01 -0.79
CA ARG D 591 -23.52 60.36 -2.06
C ARG D 591 -23.43 59.14 -3.06
N ASN D 592 -23.34 59.46 -4.36
CA ASN D 592 -23.11 58.50 -5.40
C ASN D 592 -24.19 57.45 -5.50
N ALA D 593 -25.36 57.80 -4.99
CA ALA D 593 -26.56 57.01 -5.17
C ALA D 593 -27.74 57.75 -5.88
N THR D 594 -28.40 57.10 -6.83
CA THR D 594 -29.63 57.63 -7.41
C THR D 594 -30.78 56.78 -6.89
N LEU D 595 -31.88 57.43 -6.50
CA LEU D 595 -33.06 56.69 -6.02
C LEU D 595 -34.29 57.01 -6.91
N ASN D 596 -34.82 56.02 -7.65
CA ASN D 596 -36.04 56.24 -8.42
C ASN D 596 -37.23 55.50 -7.78
N THR D 597 -38.15 56.25 -7.17
CA THR D 597 -39.27 55.64 -6.45
C THR D 597 -40.30 56.67 -5.99
N THR D 598 -41.41 56.14 -5.48
CA THR D 598 -42.39 56.91 -4.75
C THR D 598 -42.07 56.62 -3.29
N ILE D 599 -41.79 57.63 -2.48
CA ILE D 599 -41.71 57.36 -1.03
C ILE D 599 -43.07 57.46 -0.28
N GLN D 600 -43.37 56.51 0.60
CA GLN D 600 -44.50 56.58 1.55
C GLN D 600 -43.95 56.56 2.96
N ALA D 601 -43.76 57.77 3.50
CA ALA D 601 -43.22 57.96 4.83
C ALA D 601 -44.31 58.13 5.90
N ASP D 602 -44.00 57.65 7.11
CA ASP D 602 -44.90 57.64 8.28
C ASP D 602 -44.10 57.74 9.57
N ASN D 603 -44.31 58.80 10.35
CA ASN D 603 -43.37 59.13 11.44
C ASN D 603 -41.88 58.90 11.04
N SER D 604 -41.52 59.37 9.84
CA SER D 604 -40.19 59.06 9.34
C SER D 604 -39.35 60.25 8.91
N SER D 605 -38.08 60.17 9.22
CA SER D 605 -37.12 61.12 8.69
C SER D 605 -36.61 60.59 7.30
N VAL D 606 -36.59 61.47 6.29
CA VAL D 606 -36.11 61.15 4.94
C VAL D 606 -35.10 62.18 4.51
N THR D 607 -33.80 61.83 4.55
CA THR D 607 -32.73 62.76 4.21
C THR D 607 -32.19 62.41 2.80
N LEU D 608 -32.59 63.18 1.81
CA LEU D 608 -32.13 62.97 0.46
C LEU D 608 -30.88 63.76 0.27
N GLY D 609 -29.71 63.11 0.31
CA GLY D 609 -28.38 63.76 0.28
C GLY D 609 -27.78 63.75 1.66
N ASP D 610 -27.45 62.59 2.19
CA ASP D 610 -27.20 62.41 3.63
C ASP D 610 -25.75 62.14 3.90
N SER D 611 -25.05 63.12 4.43
CA SER D 611 -23.61 63.02 4.63
C SER D 611 -23.17 61.89 5.57
N ARG D 612 -24.10 61.24 6.28
CA ARG D 612 -23.71 60.13 7.12
C ARG D 612 -23.60 58.87 6.26
N VAL D 613 -22.38 58.43 5.97
CA VAL D 613 -22.31 57.20 5.13
C VAL D 613 -21.50 56.12 5.77
N PHE D 614 -21.28 55.00 5.09
CA PHE D 614 -20.52 53.91 5.70
C PHE D 614 -19.48 53.30 4.74
N ILE D 615 -18.45 52.77 5.38
CA ILE D 615 -17.49 51.86 4.77
C ILE D 615 -17.44 50.52 5.54
N ASP D 616 -16.82 49.53 4.90
CA ASP D 616 -16.66 48.16 5.42
C ASP D 616 -15.16 48.01 5.57
N LYS D 617 -14.69 47.81 6.79
CA LYS D 617 -13.24 47.70 7.02
C LYS D 617 -12.65 46.43 6.31
N ASN D 618 -13.54 45.56 5.81
CA ASN D 618 -13.23 44.28 5.13
C ASN D 618 -13.70 44.17 3.67
N ASP D 619 -13.98 45.31 3.04
CA ASP D 619 -14.58 45.30 1.70
C ASP D 619 -13.51 44.71 0.81
N GLY D 620 -13.88 43.67 0.04
CA GLY D 620 -12.97 42.87 -0.76
C GLY D 620 -12.36 41.65 -0.08
N GLN D 621 -12.44 41.55 1.24
CA GLN D 621 -11.87 40.40 1.98
C GLN D 621 -12.75 39.17 1.99
N GLY D 622 -13.94 39.21 1.44
CA GLY D 622 -14.80 38.05 1.55
C GLY D 622 -16.12 38.49 2.12
N THR D 623 -16.87 37.52 2.63
CA THR D 623 -18.24 37.78 3.06
C THR D 623 -18.31 38.51 4.42
N ALA D 624 -17.26 38.39 5.23
CA ALA D 624 -17.16 39.09 6.51
C ALA D 624 -17.21 40.61 6.24
N PHE D 625 -17.80 41.37 7.18
CA PHE D 625 -17.86 42.83 7.06
C PHE D 625 -17.72 43.53 8.38
N THR D 626 -17.14 44.71 8.38
CA THR D 626 -17.13 45.56 9.57
C THR D 626 -17.62 46.99 9.21
N LEU D 627 -18.80 47.37 9.72
CA LEU D 627 -19.31 48.74 9.54
C LEU D 627 -18.59 49.78 10.37
N GLU D 628 -18.41 50.94 9.75
CA GLU D 628 -17.96 52.13 10.39
C GLU D 628 -18.76 53.27 9.78
N GLU D 629 -19.40 54.09 10.62
CA GLU D 629 -20.04 55.31 10.12
C GLU D 629 -19.09 56.49 10.04
N GLY D 630 -19.31 57.36 9.04
CA GLY D 630 -18.51 58.55 8.88
C GLY D 630 -19.13 59.60 7.99
N THR D 631 -18.42 60.71 7.87
CA THR D 631 -18.89 61.83 7.08
C THR D 631 -18.17 61.91 5.76
N SER D 632 -18.99 61.94 4.72
CA SER D 632 -18.49 62.08 3.34
C SER D 632 -19.45 62.94 2.51
N VAL D 633 -19.07 64.18 2.26
CA VAL D 633 -19.95 65.13 1.58
C VAL D 633 -19.58 65.27 0.13
N ALA D 634 -20.54 65.01 -0.75
CA ALA D 634 -20.32 65.21 -2.16
C ALA D 634 -20.25 66.69 -2.48
N THR D 635 -19.15 67.11 -3.10
CA THR D 635 -19.02 68.49 -3.49
C THR D 635 -19.03 68.63 -5.03
N LYS D 636 -18.61 67.60 -5.77
CA LYS D 636 -18.74 67.66 -7.21
C LYS D 636 -20.09 67.09 -7.69
N ASP D 637 -20.63 67.72 -8.72
CA ASP D 637 -21.94 67.32 -9.28
C ASP D 637 -21.97 65.85 -9.63
N ALA D 638 -20.83 65.31 -10.02
CA ALA D 638 -20.79 63.88 -10.36
C ALA D 638 -21.02 62.95 -9.15
N ASP D 639 -20.82 63.46 -7.92
CA ASP D 639 -20.89 62.62 -6.73
C ASP D 639 -22.20 62.72 -5.95
N LYS D 640 -22.97 63.80 -6.17
CA LYS D 640 -24.19 64.06 -5.40
C LYS D 640 -25.30 63.05 -5.64
N SER D 641 -26.04 62.71 -4.59
CA SER D 641 -27.20 61.82 -4.78
C SER D 641 -28.29 62.52 -5.63
N VAL D 642 -29.05 61.72 -6.37
CA VAL D 642 -30.08 62.21 -7.27
C VAL D 642 -31.39 61.53 -6.80
N PHE D 643 -32.49 62.28 -6.64
CA PHE D 643 -33.72 61.61 -6.35
C PHE D 643 -34.73 61.94 -7.43
N ASN D 644 -35.50 60.94 -7.91
CA ASN D 644 -36.57 61.14 -8.90
C ASN D 644 -37.84 60.37 -8.52
N GLY D 645 -38.91 61.07 -8.16
CA GLY D 645 -40.18 60.40 -7.82
C GLY D 645 -41.16 61.30 -7.08
N THR D 646 -41.95 60.71 -6.21
CA THR D 646 -42.93 61.43 -5.44
C THR D 646 -42.55 61.15 -3.99
N VAL D 647 -42.78 62.12 -3.13
CA VAL D 647 -42.60 61.86 -1.72
C VAL D 647 -43.94 62.11 -1.03
N ASN D 648 -44.50 61.11 -0.38
CA ASN D 648 -45.65 61.31 0.43
C ASN D 648 -45.21 61.25 1.83
N LEU D 649 -45.73 62.13 2.66
CA LEU D 649 -45.28 62.24 4.06
C LEU D 649 -46.53 62.36 4.89
N ASP D 650 -46.53 61.73 6.05
CA ASP D 650 -47.75 61.61 6.84
C ASP D 650 -47.25 61.47 8.28
N ASN D 651 -48.12 61.82 9.24
CA ASN D 651 -47.83 61.65 10.67
C ASN D 651 -46.42 62.04 11.17
N GLN D 652 -46.06 63.32 11.12
CA GLN D 652 -44.80 63.80 11.76
C GLN D 652 -43.49 63.52 10.97
N SER D 653 -43.61 63.22 9.66
CA SER D 653 -42.41 62.95 8.85
C SER D 653 -41.59 64.22 8.62
N VAL D 654 -40.29 64.04 8.50
CA VAL D 654 -39.41 65.13 8.09
C VAL D 654 -38.71 64.72 6.82
N LEU D 655 -38.90 65.54 5.79
CA LEU D 655 -38.15 65.47 4.57
C LEU D 655 -37.02 66.56 4.49
N ASN D 656 -35.76 66.11 4.45
CA ASN D 656 -34.64 66.98 4.17
C ASN D 656 -34.08 66.75 2.76
N ILE D 657 -34.20 67.78 1.92
CA ILE D 657 -33.76 67.79 0.54
C ILE D 657 -32.40 68.52 0.48
N ASN D 658 -31.26 67.80 0.46
CA ASN D 658 -29.92 68.44 0.37
C ASN D 658 -29.13 68.12 -0.89
N ASP D 659 -29.80 67.63 -1.93
CA ASP D 659 -29.18 66.98 -3.10
C ASP D 659 -29.99 67.30 -4.36
N ILE D 660 -29.63 66.66 -5.47
CA ILE D 660 -30.32 66.93 -6.74
C ILE D 660 -31.66 66.23 -6.69
N PHE D 661 -32.74 67.00 -6.78
CA PHE D 661 -34.05 66.47 -6.44
C PHE D 661 -35.02 66.92 -7.51
N ASN D 662 -35.79 66.01 -8.10
CA ASN D 662 -36.84 66.28 -9.09
C ASN D 662 -38.03 65.48 -8.61
N GLY D 663 -39.06 66.11 -8.09
CA GLY D 663 -40.25 65.35 -7.64
C GLY D 663 -41.35 66.13 -6.98
N GLY D 664 -42.56 65.56 -6.94
CA GLY D 664 -43.71 66.18 -6.29
C GLY D 664 -43.80 65.70 -4.85
N ILE D 665 -44.43 66.50 -3.98
CA ILE D 665 -44.55 66.16 -2.54
C ILE D 665 -46.02 66.24 -2.08
N GLN D 666 -46.50 65.23 -1.34
CA GLN D 666 -47.85 65.21 -0.80
C GLN D 666 -47.73 65.01 0.68
N ALA D 667 -47.93 66.09 1.43
CA ALA D 667 -47.68 66.03 2.86
C ALA D 667 -48.88 66.39 3.74
N ASN D 668 -48.94 65.74 4.90
CA ASN D 668 -50.01 65.95 5.83
C ASN D 668 -49.34 65.81 7.17
N ASN D 669 -49.50 66.82 8.01
CA ASN D 669 -48.84 66.89 9.32
C ASN D 669 -47.36 66.67 9.38
N SER D 670 -46.60 67.23 8.45
CA SER D 670 -45.13 66.95 8.44
C SER D 670 -44.25 68.22 8.30
N THR D 671 -43.02 68.06 7.82
CA THR D 671 -42.11 69.19 7.58
C THR D 671 -41.15 68.92 6.42
N VAL D 672 -41.20 69.76 5.38
CA VAL D 672 -40.15 69.74 4.34
C VAL D 672 -39.06 70.78 4.66
N ASN D 673 -37.79 70.36 4.72
CA ASN D 673 -36.63 71.28 4.77
C ASN D 673 -35.78 71.12 3.54
N ILE D 674 -35.59 72.21 2.79
CA ILE D 674 -34.80 72.20 1.56
C ILE D 674 -33.53 72.99 1.81
N SER D 675 -32.36 72.41 1.54
CA SER D 675 -31.10 73.18 1.68
C SER D 675 -30.40 73.15 0.34
N SER D 676 -30.92 72.29 -0.53
CA SER D 676 -30.34 72.10 -1.84
C SER D 676 -30.47 73.30 -2.72
N ASP D 677 -29.44 73.51 -3.53
CA ASP D 677 -29.44 74.54 -4.54
C ASP D 677 -29.84 73.98 -5.91
N SER D 678 -30.36 72.73 -5.95
CA SER D 678 -30.94 72.10 -7.15
C SER D 678 -32.14 71.26 -6.87
N ALA D 679 -33.23 71.88 -6.41
CA ALA D 679 -34.49 71.17 -6.26
C ALA D 679 -35.53 71.67 -7.23
N VAL D 680 -36.22 70.72 -7.84
CA VAL D 680 -37.31 71.04 -8.69
C VAL D 680 -38.52 70.30 -8.11
N LEU D 681 -39.55 71.04 -7.70
CA LEU D 681 -40.71 70.39 -7.10
C LEU D 681 -41.84 70.32 -8.12
N GLY D 682 -42.42 69.15 -8.32
CA GLY D 682 -43.55 69.08 -9.20
C GLY D 682 -44.81 69.33 -8.39
N ASN D 683 -45.91 69.02 -9.05
CA ASN D 683 -47.21 69.23 -8.48
C ASN D 683 -47.27 68.79 -7.02
N SER D 684 -47.54 69.74 -6.12
CA SER D 684 -47.54 69.44 -4.70
C SER D 684 -48.75 69.97 -3.95
N THR D 685 -49.12 69.28 -2.86
CA THR D 685 -50.11 69.68 -1.88
C THR D 685 -49.56 69.46 -0.44
N LEU D 686 -49.32 70.54 0.31
CA LEU D 686 -49.00 70.42 1.75
C LEU D 686 -50.20 70.81 2.61
N THR D 687 -50.45 70.01 3.64
CA THR D 687 -51.58 70.19 4.55
C THR D 687 -50.94 70.13 5.93
N SER D 688 -51.14 71.18 6.75
CA SER D 688 -50.45 71.28 8.05
C SER D 688 -48.95 70.91 7.99
N THR D 689 -48.27 71.35 6.95
CA THR D 689 -46.87 71.03 6.72
C THR D 689 -46.10 72.30 6.24
N ALA D 690 -45.17 72.76 7.06
CA ALA D 690 -44.31 73.87 6.73
C ALA D 690 -43.31 73.47 5.68
N LEU D 691 -43.08 74.34 4.71
CA LEU D 691 -41.97 74.24 3.77
C LEU D 691 -40.89 75.23 4.20
N ASN D 692 -39.76 74.75 4.73
CA ASN D 692 -38.59 75.64 5.01
C ASN D 692 -37.46 75.59 3.99
N LEU D 693 -37.14 76.72 3.38
CA LEU D 693 -35.92 76.84 2.53
C LEU D 693 -34.88 77.63 3.30
N ASN D 694 -33.72 77.01 3.50
CA ASN D 694 -32.70 77.59 4.38
C ASN D 694 -31.56 78.05 3.58
N LYS D 695 -30.60 78.71 4.22
CA LYS D 695 -29.58 79.46 3.52
C LYS D 695 -28.93 78.70 2.39
N GLY D 696 -28.75 79.35 1.26
CA GLY D 696 -28.13 78.74 0.07
C GLY D 696 -29.13 77.97 -0.77
N ALA D 697 -30.31 77.61 -0.23
CA ALA D 697 -31.19 76.70 -0.96
C ALA D 697 -31.70 77.41 -2.19
N ASN D 698 -31.96 76.64 -3.23
CA ASN D 698 -32.49 77.21 -4.45
C ASN D 698 -33.42 76.26 -5.17
N ALA D 699 -34.69 76.63 -5.29
CA ALA D 699 -35.70 75.69 -5.73
C ALA D 699 -36.72 76.27 -6.68
N LEU D 700 -37.10 75.49 -7.69
CA LEU D 700 -38.15 75.83 -8.62
C LEU D 700 -39.38 74.98 -8.32
N ALA D 701 -40.54 75.58 -8.08
CA ALA D 701 -41.76 74.77 -8.06
C ALA D 701 -42.32 74.85 -9.48
N SER D 702 -42.23 73.75 -10.24
CA SER D 702 -42.36 73.83 -11.70
C SER D 702 -43.77 73.61 -12.15
N GLN D 703 -44.65 73.28 -11.22
CA GLN D 703 -46.02 72.96 -11.55
C GLN D 703 -46.83 73.61 -10.45
N SER D 704 -48.12 73.36 -10.39
CA SER D 704 -48.90 73.88 -9.26
C SER D 704 -48.27 73.53 -7.92
N PHE D 705 -48.52 74.37 -6.93
CA PHE D 705 -48.10 74.15 -5.56
C PHE D 705 -49.18 74.73 -4.66
N VAL D 706 -49.70 73.92 -3.73
CA VAL D 706 -50.83 74.35 -2.93
C VAL D 706 -50.58 74.01 -1.47
N SER D 707 -50.41 75.03 -0.63
CA SER D 707 -50.27 74.81 0.81
C SER D 707 -51.28 75.63 1.62
N ASP D 708 -51.80 75.01 2.69
CA ASP D 708 -52.65 75.70 3.65
C ASP D 708 -51.74 76.23 4.78
N GLY D 709 -50.44 76.38 4.50
CA GLY D 709 -49.48 76.69 5.58
C GLY D 709 -48.37 77.61 5.15
N PRO D 710 -47.35 77.81 6.04
CA PRO D 710 -46.21 78.70 5.78
C PRO D 710 -45.12 78.11 4.89
N VAL D 711 -44.62 78.94 3.99
CA VAL D 711 -43.46 78.71 3.17
C VAL D 711 -42.42 79.68 3.69
N ASN D 712 -41.47 79.20 4.48
CA ASN D 712 -40.44 80.06 5.04
C ASN D 712 -39.18 80.01 4.20
N ILE D 713 -38.83 81.15 3.60
CA ILE D 713 -37.65 81.29 2.75
C ILE D 713 -36.62 82.15 3.48
N SER D 714 -35.52 81.54 3.94
CA SER D 714 -34.49 82.22 4.75
C SER D 714 -33.15 82.24 4.06
N ASP D 715 -32.76 83.42 3.57
CA ASP D 715 -31.57 83.58 2.76
C ASP D 715 -31.51 82.48 1.67
N ALA D 716 -32.66 82.16 1.11
CA ALA D 716 -32.78 81.10 0.11
C ALA D 716 -33.52 81.73 -1.07
N THR D 717 -33.55 81.04 -2.20
CA THR D 717 -34.30 81.45 -3.39
C THR D 717 -35.39 80.41 -3.69
N LEU D 718 -36.65 80.88 -3.77
CA LEU D 718 -37.70 80.09 -4.33
C LEU D 718 -38.26 80.73 -5.62
N SER D 719 -38.23 80.01 -6.74
CA SER D 719 -38.89 80.50 -7.97
C SER D 719 -40.15 79.67 -8.24
N LEU D 720 -41.14 80.32 -8.83
CA LEU D 720 -42.40 79.66 -9.10
C LEU D 720 -42.63 79.72 -10.59
N ASN D 721 -43.02 78.57 -11.11
CA ASN D 721 -43.27 78.35 -12.51
C ASN D 721 -42.07 78.56 -13.39
N SER D 722 -41.32 79.62 -13.19
CA SER D 722 -40.07 79.76 -13.95
C SER D 722 -38.92 80.34 -13.13
N ARG D 723 -37.70 79.90 -13.45
CA ARG D 723 -36.49 80.46 -12.85
C ARG D 723 -36.23 81.83 -13.50
N PRO D 724 -35.55 82.75 -12.78
CA PRO D 724 -35.26 84.11 -13.22
C PRO D 724 -34.10 84.30 -14.21
N ASP D 725 -33.55 83.19 -14.70
CA ASP D 725 -32.32 83.20 -15.52
C ASP D 725 -32.48 82.38 -16.81
N GLU D 726 -33.73 82.06 -17.12
CA GLU D 726 -34.14 81.08 -18.13
C GLU D 726 -35.39 81.65 -18.78
N VAL D 727 -35.54 81.58 -20.10
CA VAL D 727 -36.84 81.92 -20.68
C VAL D 727 -37.51 80.68 -21.30
N SER D 728 -38.70 80.33 -20.86
CA SER D 728 -39.34 79.12 -21.31
C SER D 728 -40.35 79.52 -22.35
N HIS D 729 -40.48 78.68 -23.35
CA HIS D 729 -41.52 78.89 -24.32
C HIS D 729 -42.48 77.74 -24.25
N THR D 730 -42.49 77.07 -23.08
CA THR D 730 -43.34 75.90 -22.87
C THR D 730 -44.09 75.90 -21.55
N LEU D 731 -44.69 77.04 -21.17
CA LEU D 731 -45.17 77.23 -19.80
C LEU D 731 -46.61 76.81 -19.61
N LEU D 732 -46.92 76.39 -18.40
CA LEU D 732 -48.32 76.10 -18.07
C LEU D 732 -48.84 77.11 -17.06
N PRO D 733 -50.13 77.46 -17.13
CA PRO D 733 -50.71 78.18 -16.04
C PRO D 733 -50.64 77.29 -14.80
N VAL D 734 -50.24 77.86 -13.65
CA VAL D 734 -50.18 77.11 -12.39
C VAL D 734 -50.77 77.84 -11.18
N TYR D 735 -51.23 77.06 -10.23
CA TYR D 735 -51.60 77.59 -8.96
C TYR D 735 -50.37 77.68 -8.05
N ASP D 736 -50.34 78.67 -7.16
CA ASP D 736 -49.30 78.79 -6.16
C ASP D 736 -49.95 79.41 -4.96
N TYR D 737 -50.42 78.59 -4.04
CA TYR D 737 -51.25 78.98 -2.94
C TYR D 737 -50.54 78.57 -1.68
N ALA D 738 -50.39 79.51 -0.77
CA ALA D 738 -49.82 79.20 0.55
C ALA D 738 -50.57 80.00 1.61
N GLY D 739 -50.69 79.45 2.82
CA GLY D 739 -51.21 80.17 3.95
C GLY D 739 -50.43 81.46 4.14
N SER D 740 -49.15 81.47 3.77
CA SER D 740 -48.30 82.67 3.82
C SER D 740 -46.88 82.40 3.30
N TRP D 741 -46.31 83.35 2.56
CA TRP D 741 -44.97 83.30 2.06
C TRP D 741 -44.09 84.20 2.90
N ASN D 742 -43.26 83.60 3.76
CA ASN D 742 -42.42 84.38 4.69
C ASN D 742 -40.94 84.46 4.37
N LEU D 743 -40.45 85.65 4.03
CA LEU D 743 -39.00 85.88 3.77
C LEU D 743 -38.22 86.45 4.97
N LYS D 744 -37.00 85.94 5.17
CA LYS D 744 -36.07 86.50 6.17
C LYS D 744 -34.67 86.60 5.56
N GLY D 745 -33.93 87.59 5.99
CA GLY D 745 -32.52 87.71 5.62
C GLY D 745 -32.41 88.46 4.32
N ASP D 746 -31.30 89.18 4.16
CA ASP D 746 -31.06 90.09 3.06
C ASP D 746 -31.00 89.38 1.74
N ASP D 747 -30.73 88.08 1.77
CA ASP D 747 -30.51 87.39 0.53
C ASP D 747 -31.74 86.58 0.14
N ALA D 748 -32.81 86.61 0.94
CA ALA D 748 -34.05 85.90 0.57
C ALA D 748 -34.61 86.44 -0.73
N ARG D 749 -35.18 85.55 -1.56
CA ARG D 749 -35.80 85.91 -2.88
C ARG D 749 -36.94 85.01 -3.25
N LEU D 750 -37.97 85.59 -3.83
CA LEU D 750 -39.17 84.85 -4.22
C LEU D 750 -39.44 85.34 -5.62
N ASN D 751 -39.16 84.52 -6.63
CA ASN D 751 -39.37 84.99 -7.97
C ASN D 751 -40.59 84.26 -8.45
N VAL D 752 -41.70 84.98 -8.61
CA VAL D 752 -42.90 84.39 -9.19
C VAL D 752 -42.90 84.60 -10.69
N GLY D 753 -42.79 83.51 -11.46
CA GLY D 753 -42.70 83.64 -12.92
C GLY D 753 -44.10 83.88 -13.45
N PRO D 754 -44.21 84.19 -14.75
CA PRO D 754 -45.46 84.37 -15.47
C PRO D 754 -46.39 83.19 -15.30
N TYR D 755 -47.67 83.46 -15.46
CA TYR D 755 -48.71 82.45 -15.59
C TYR D 755 -48.82 81.67 -14.33
N SER D 756 -48.41 82.35 -13.28
CA SER D 756 -48.74 81.89 -11.96
C SER D 756 -49.86 82.68 -11.29
N MET D 757 -50.78 81.94 -10.69
CA MET D 757 -51.86 82.46 -9.94
C MET D 757 -51.48 82.34 -8.49
N LEU D 758 -50.88 83.40 -7.95
CA LEU D 758 -50.46 83.41 -6.55
C LEU D 758 -51.54 83.73 -5.49
N SER D 759 -51.47 83.05 -4.33
CA SER D 759 -52.36 83.37 -3.24
C SER D 759 -51.74 83.13 -1.84
N GLY D 760 -52.05 84.03 -0.89
CA GLY D 760 -51.34 84.12 0.38
C GLY D 760 -50.56 85.42 0.60
N ASN D 761 -50.54 85.86 1.87
CA ASN D 761 -49.79 87.07 2.21
C ASN D 761 -48.31 86.85 2.02
N ILE D 762 -47.64 87.85 1.46
CA ILE D 762 -46.20 87.85 1.43
C ILE D 762 -45.70 88.69 2.60
N ASN D 763 -44.95 88.09 3.51
CA ASN D 763 -44.33 88.78 4.63
C ASN D 763 -42.80 88.79 4.46
N VAL D 764 -42.15 89.96 4.54
CA VAL D 764 -40.68 90.04 4.51
C VAL D 764 -40.08 90.71 5.76
N GLN D 765 -39.06 90.06 6.37
CA GLN D 765 -38.07 90.77 7.20
C GLN D 765 -36.82 91.04 6.45
N ASP D 766 -36.15 92.17 6.72
CA ASP D 766 -34.87 92.52 6.08
C ASP D 766 -35.03 92.80 4.58
N LYS D 767 -33.90 92.99 3.90
CA LYS D 767 -33.85 93.50 2.52
C LYS D 767 -34.00 92.44 1.38
N GLY D 768 -34.75 91.39 1.66
CA GLY D 768 -35.16 90.43 0.62
C GLY D 768 -35.82 91.05 -0.62
N THR D 769 -36.14 90.22 -1.60
CA THR D 769 -36.61 90.67 -2.91
C THR D 769 -37.77 89.78 -3.39
N VAL D 770 -38.91 90.42 -3.69
CA VAL D 770 -40.04 89.75 -4.32
C VAL D 770 -40.19 90.29 -5.74
N THR D 771 -40.24 89.43 -6.72
CA THR D 771 -40.48 89.87 -8.06
C THR D 771 -41.65 89.06 -8.61
N LEU D 772 -42.72 89.73 -9.06
CA LEU D 772 -43.76 89.04 -9.81
C LEU D 772 -43.66 89.44 -11.27
N GLY D 773 -43.78 88.45 -12.15
CA GLY D 773 -43.70 88.69 -13.57
C GLY D 773 -42.29 88.46 -14.07
N GLY D 774 -42.17 88.10 -15.35
CA GLY D 774 -40.88 87.93 -16.00
C GLY D 774 -41.13 87.45 -17.41
N GLU D 775 -40.09 87.42 -18.22
CA GLU D 775 -40.18 86.95 -19.59
C GLU D 775 -40.56 85.46 -19.64
N GLY D 776 -41.25 85.06 -20.71
CA GLY D 776 -41.70 83.67 -20.88
C GLY D 776 -43.01 83.55 -21.65
N GLU D 777 -43.12 82.53 -22.50
CA GLU D 777 -44.40 82.25 -23.19
C GLU D 777 -44.98 80.88 -22.88
N LEU D 778 -46.32 80.79 -22.78
CA LEU D 778 -47.00 79.47 -22.71
C LEU D 778 -46.72 78.55 -23.90
N SER D 779 -46.94 77.25 -23.68
CA SER D 779 -46.94 76.18 -24.71
C SER D 779 -48.06 76.34 -25.75
N PRO D 780 -47.76 76.17 -27.07
CA PRO D 780 -48.85 76.07 -28.06
C PRO D 780 -49.98 75.08 -27.67
N ASP D 781 -49.65 73.87 -27.21
CA ASP D 781 -50.70 72.94 -26.77
C ASP D 781 -51.03 72.96 -25.27
N LEU D 782 -52.28 73.28 -25.02
CA LEU D 782 -52.81 73.33 -23.69
C LEU D 782 -54.02 72.45 -23.63
N THR D 783 -54.17 71.78 -22.50
CA THR D 783 -55.41 71.08 -22.18
C THR D 783 -56.58 72.05 -22.23
N LEU D 784 -57.75 71.52 -21.91
CA LEU D 784 -58.92 72.33 -21.75
C LEU D 784 -58.80 73.03 -20.43
N GLN D 785 -58.45 72.28 -19.39
CA GLN D 785 -58.38 72.87 -18.06
C GLN D 785 -57.21 73.84 -17.95
N ASN D 786 -56.27 73.72 -18.86
CA ASN D 786 -55.26 74.74 -19.01
C ASN D 786 -55.83 76.01 -19.64
N GLN D 787 -56.63 75.85 -20.71
CA GLN D 787 -57.27 77.02 -21.34
C GLN D 787 -58.26 77.71 -20.40
N MET D 788 -59.08 76.94 -19.70
CA MET D 788 -59.94 77.52 -18.66
C MET D 788 -59.17 78.27 -17.58
N LEU D 789 -57.98 77.78 -17.21
CA LEU D 789 -57.16 78.50 -16.23
C LEU D 789 -56.52 79.73 -16.84
N TYR D 790 -55.92 79.61 -18.02
CA TYR D 790 -55.45 80.79 -18.77
C TYR D 790 -56.51 81.91 -18.74
N SER D 791 -57.77 81.51 -18.80
CA SER D 791 -58.85 82.46 -18.92
C SER D 791 -59.18 83.19 -17.66
N LEU D 792 -58.86 82.59 -16.51
CA LEU D 792 -59.06 83.28 -15.27
C LEU D 792 -58.00 84.38 -15.01
N PHE D 793 -56.96 84.46 -15.84
CA PHE D 793 -55.89 85.51 -15.70
C PHE D 793 -56.25 86.88 -16.33
N ASN D 794 -57.35 86.90 -17.10
CA ASN D 794 -57.92 88.14 -17.64
C ASN D 794 -56.95 89.02 -18.43
N GLY D 795 -56.11 88.41 -19.25
CA GLY D 795 -55.12 89.16 -20.05
C GLY D 795 -53.82 89.46 -19.29
N TYR D 796 -53.86 89.43 -17.95
CA TYR D 796 -52.65 89.64 -17.10
C TYR D 796 -51.71 88.42 -17.09
N ARG D 797 -50.42 88.71 -17.21
CA ARG D 797 -49.42 87.67 -17.04
C ARG D 797 -49.28 87.13 -15.60
N ASN D 798 -49.84 87.81 -14.59
CA ASN D 798 -49.77 87.35 -13.19
C ASN D 798 -50.89 87.95 -12.40
N ILE D 799 -51.46 87.17 -11.50
CA ILE D 799 -52.47 87.62 -10.60
C ILE D 799 -51.91 87.33 -9.23
N TRP D 800 -52.16 88.21 -8.26
CA TRP D 800 -51.87 87.91 -6.86
C TRP D 800 -52.97 88.35 -5.89
N SER D 801 -53.41 87.46 -4.99
CA SER D 801 -54.19 87.86 -3.80
C SER D 801 -53.49 87.74 -2.45
N GLY D 802 -53.29 88.84 -1.74
CA GLY D 802 -52.84 88.83 -0.33
C GLY D 802 -52.33 90.20 0.09
N SER D 803 -51.91 90.33 1.35
CA SER D 803 -51.32 91.56 1.88
C SER D 803 -49.78 91.51 1.84
N LEU D 804 -49.17 92.63 1.47
CA LEU D 804 -47.74 92.75 1.48
C LEU D 804 -47.25 93.40 2.78
N ASN D 805 -46.55 92.65 3.63
CA ASN D 805 -45.85 93.21 4.78
C ASN D 805 -44.33 93.10 4.62
N ALA D 806 -43.74 94.09 3.99
CA ALA D 806 -42.39 94.00 3.56
C ALA D 806 -41.68 95.37 3.70
N PRO D 807 -41.65 95.94 4.91
CA PRO D 807 -41.24 97.37 5.03
C PRO D 807 -39.86 97.71 4.45
N ASP D 808 -38.92 96.78 4.53
CA ASP D 808 -37.56 97.00 4.00
C ASP D 808 -37.17 96.27 2.75
N ALA D 809 -38.12 95.53 2.19
CA ALA D 809 -37.92 94.70 0.99
C ALA D 809 -37.95 95.49 -0.34
N THR D 810 -37.29 94.97 -1.35
CA THR D 810 -37.45 95.49 -2.71
C THR D 810 -38.51 94.59 -3.35
N VAL D 811 -39.51 95.21 -4.00
CA VAL D 811 -40.67 94.51 -4.54
C VAL D 811 -40.89 95.00 -5.97
N SER D 812 -41.10 94.07 -6.88
CA SER D 812 -41.17 94.42 -8.27
C SER D 812 -42.31 93.63 -8.92
N MET D 813 -43.08 94.27 -9.81
CA MET D 813 -44.23 93.61 -10.42
C MET D 813 -44.39 94.05 -11.87
N THR D 814 -44.84 93.13 -12.72
CA THR D 814 -44.95 93.41 -14.16
C THR D 814 -46.12 92.64 -14.74
N ASP D 815 -46.95 93.37 -15.48
CA ASP D 815 -48.16 92.84 -16.08
C ASP D 815 -48.97 92.08 -15.08
N THR D 816 -49.18 92.68 -13.92
CA THR D 816 -49.82 92.02 -12.82
C THR D 816 -51.12 92.61 -12.42
N GLN D 817 -52.03 91.78 -11.95
CA GLN D 817 -53.16 92.28 -11.24
C GLN D 817 -52.98 91.97 -9.78
N TRP D 818 -52.62 92.97 -9.00
CA TRP D 818 -52.55 92.74 -7.54
C TRP D 818 -53.86 93.10 -6.83
N SER D 819 -54.52 92.10 -6.26
CA SER D 819 -55.61 92.32 -5.30
C SER D 819 -55.06 92.34 -3.89
N MET D 820 -54.83 93.56 -3.39
CA MET D 820 -54.34 93.75 -2.02
C MET D 820 -55.46 93.66 -1.00
N ASN D 821 -55.41 92.72 -0.06
CA ASN D 821 -56.48 92.52 0.96
C ASN D 821 -56.27 93.11 2.37
N GLY D 822 -55.31 94.04 2.52
CA GLY D 822 -55.01 94.59 3.84
C GLY D 822 -53.90 95.61 3.73
N ASN D 823 -53.63 96.30 4.82
CA ASN D 823 -52.64 97.37 4.74
C ASN D 823 -51.33 96.75 4.30
N SER D 824 -50.63 97.40 3.39
CA SER D 824 -49.39 96.89 2.86
C SER D 824 -48.28 97.91 2.97
N THR D 825 -47.05 97.39 3.04
CA THR D 825 -45.79 98.17 3.13
C THR D 825 -44.74 97.51 2.24
N ALA D 826 -44.04 98.31 1.46
CA ALA D 826 -42.85 97.89 0.75
C ALA D 826 -41.80 98.91 1.09
N GLY D 827 -40.54 98.51 0.96
CA GLY D 827 -39.42 99.40 1.11
C GLY D 827 -39.33 100.04 -0.24
N ASN D 828 -38.88 99.31 -1.26
CA ASN D 828 -38.79 99.83 -2.63
C ASN D 828 -39.76 99.09 -3.46
N MET D 829 -40.60 99.80 -4.20
CA MET D 829 -41.56 99.13 -5.09
C MET D 829 -41.38 99.61 -6.52
N LYS D 830 -41.31 98.66 -7.43
CA LYS D 830 -41.27 98.98 -8.83
C LYS D 830 -42.49 98.29 -9.42
N LEU D 831 -43.39 99.10 -9.99
CA LEU D 831 -44.57 98.61 -10.73
C LEU D 831 -44.38 98.94 -12.19
N ASN D 832 -44.68 97.97 -13.04
CA ASN D 832 -44.73 98.18 -14.49
C ASN D 832 -46.00 97.53 -15.06
N ARG D 833 -46.88 98.33 -15.66
CA ARG D 833 -48.06 97.81 -16.35
C ARG D 833 -48.72 96.84 -15.44
N THR D 834 -48.82 97.22 -14.19
CA THR D 834 -49.60 96.43 -13.27
C THR D 834 -50.68 97.27 -12.65
N ILE D 835 -51.62 96.64 -11.97
CA ILE D 835 -52.77 97.33 -11.47
C ILE D 835 -53.05 96.85 -10.08
N VAL D 836 -53.18 97.79 -9.15
CA VAL D 836 -53.36 97.42 -7.75
C VAL D 836 -54.73 97.85 -7.29
N GLY D 837 -55.44 96.96 -6.60
CA GLY D 837 -56.78 97.26 -6.10
C GLY D 837 -56.92 97.04 -4.61
N PHE D 838 -57.32 98.08 -3.89
CA PHE D 838 -57.36 97.96 -2.45
C PHE D 838 -58.59 97.13 -2.13
N ASN D 839 -58.46 96.24 -1.15
CA ASN D 839 -59.46 95.21 -0.90
C ASN D 839 -59.57 94.82 0.59
N GLY D 840 -59.12 95.71 1.48
CA GLY D 840 -59.48 95.69 2.93
C GLY D 840 -60.87 96.26 3.21
N GLY D 841 -61.03 96.98 4.35
CA GLY D 841 -62.29 97.68 4.75
C GLY D 841 -62.21 99.20 4.84
N THR D 846 -58.26 101.39 3.90
CA THR D 846 -57.00 100.61 3.87
C THR D 846 -55.90 101.12 2.91
N THR D 847 -54.63 100.98 3.35
CA THR D 847 -53.47 101.68 2.72
C THR D 847 -52.25 100.86 2.30
N LEU D 848 -51.69 101.28 1.16
CA LEU D 848 -50.37 100.89 0.74
C LEU D 848 -49.35 102.00 0.97
N THR D 849 -48.40 101.76 1.89
CA THR D 849 -47.27 102.68 2.23
C THR D 849 -45.88 102.18 1.74
N THR D 850 -45.20 102.91 0.87
CA THR D 850 -43.87 102.51 0.40
C THR D 850 -42.81 103.57 0.72
N ASP D 851 -41.53 103.23 0.84
CA ASP D 851 -40.57 104.33 0.87
C ASP D 851 -40.33 104.85 -0.55
N ASN D 852 -39.87 103.99 -1.46
CA ASN D 852 -39.62 104.36 -2.87
C ASN D 852 -40.57 103.63 -3.84
N LEU D 853 -41.02 104.39 -4.85
CA LEU D 853 -41.93 103.91 -5.87
C LEU D 853 -41.45 104.35 -7.23
N ASP D 854 -41.37 103.39 -8.14
CA ASP D 854 -40.98 103.66 -9.49
C ASP D 854 -42.11 103.00 -10.27
N ALA D 855 -43.10 103.79 -10.72
CA ALA D 855 -44.33 103.26 -11.38
C ALA D 855 -44.37 103.74 -12.85
N VAL D 856 -44.43 102.80 -13.78
CA VAL D 856 -44.49 103.11 -15.20
C VAL D 856 -45.77 102.42 -15.67
N GLN D 857 -46.50 103.11 -16.56
CA GLN D 857 -47.79 102.62 -17.07
C GLN D 857 -48.57 101.77 -16.07
N SER D 858 -48.67 102.19 -14.82
CA SER D 858 -49.38 101.34 -13.87
C SER D 858 -50.60 102.07 -13.38
N ALA D 859 -51.44 101.41 -12.60
CA ALA D 859 -52.66 102.05 -12.19
C ALA D 859 -53.06 101.58 -10.82
N PHE D 860 -53.73 102.45 -10.06
CA PHE D 860 -54.24 102.05 -8.77
C PHE D 860 -55.74 102.19 -8.82
N VAL D 861 -56.45 101.68 -7.81
CA VAL D 861 -57.90 101.63 -7.87
C VAL D 861 -58.36 101.71 -6.45
N MET D 862 -58.64 102.93 -5.99
CA MET D 862 -59.16 103.08 -4.63
C MET D 862 -60.66 103.33 -4.57
N ARG D 863 -61.21 103.01 -3.40
CA ARG D 863 -62.64 102.94 -3.11
C ARG D 863 -63.04 104.06 -2.16
N THR D 864 -64.01 104.89 -2.57
CA THR D 864 -64.52 105.95 -1.66
C THR D 864 -65.82 105.73 -0.96
N ASP D 865 -65.85 106.29 0.24
CA ASP D 865 -67.01 106.50 1.11
C ASP D 865 -67.79 107.73 0.62
N LEU D 866 -67.08 108.57 -0.14
CA LEU D 866 -67.39 109.98 -0.30
C LEU D 866 -66.85 110.81 0.88
N ASN D 867 -66.80 110.21 2.08
CA ASN D 867 -66.12 110.76 3.26
C ASN D 867 -64.59 110.46 3.26
N LYS D 868 -64.23 109.16 3.21
CA LYS D 868 -62.83 108.68 3.16
C LYS D 868 -62.59 107.74 1.94
N ALA D 869 -61.33 107.28 1.79
CA ALA D 869 -60.89 106.41 0.69
C ALA D 869 -59.66 105.60 1.09
N ASP D 870 -59.36 104.56 0.30
CA ASP D 870 -57.99 104.02 0.22
C ASP D 870 -56.96 105.11 -0.14
N LYS D 871 -55.75 104.93 0.36
CA LYS D 871 -54.69 105.87 0.13
C LYS D 871 -53.39 105.15 -0.29
N LEU D 872 -52.68 105.71 -1.27
CA LEU D 872 -51.30 105.40 -1.53
C LEU D 872 -50.43 106.44 -0.79
N VAL D 873 -49.25 106.04 -0.30
CA VAL D 873 -48.36 106.88 0.52
C VAL D 873 -46.91 106.61 0.16
N ILE D 874 -46.21 107.64 -0.27
CA ILE D 874 -44.90 107.47 -0.84
C ILE D 874 -43.88 108.36 -0.12
N ASN D 875 -43.16 107.76 0.81
CA ASN D 875 -42.35 108.52 1.75
C ASN D 875 -41.07 109.17 1.26
N LYS D 876 -40.47 108.72 0.16
CA LYS D 876 -39.10 109.17 -0.02
C LYS D 876 -38.76 109.67 -1.37
N SER D 877 -39.26 108.97 -2.39
CA SER D 877 -38.90 109.18 -3.81
C SER D 877 -39.96 108.50 -4.66
N ALA D 878 -40.51 109.23 -5.64
CA ALA D 878 -41.50 108.70 -6.61
C ALA D 878 -40.98 109.03 -8.03
N THR D 879 -40.80 108.00 -8.84
CA THR D 879 -40.30 108.17 -10.22
C THR D 879 -41.18 107.36 -11.22
N GLY D 880 -40.84 107.41 -12.51
CA GLY D 880 -41.62 106.68 -13.52
C GLY D 880 -42.34 107.64 -14.47
N HIS D 881 -43.51 107.20 -14.97
CA HIS D 881 -44.35 108.03 -15.83
C HIS D 881 -45.64 107.35 -16.18
N ASP D 882 -46.65 108.18 -16.50
CA ASP D 882 -47.92 107.72 -17.05
C ASP D 882 -48.73 106.77 -16.16
N ASN D 883 -48.92 107.12 -14.90
CA ASN D 883 -49.77 106.25 -14.09
C ASN D 883 -51.14 106.84 -13.96
N SER D 884 -52.13 106.01 -13.59
CA SER D 884 -53.55 106.38 -13.54
C SER D 884 -54.23 106.03 -12.19
N ILE D 885 -55.20 106.86 -11.77
CA ILE D 885 -55.97 106.53 -10.57
C ILE D 885 -57.44 106.35 -10.92
N TRP D 886 -57.85 105.10 -10.90
CA TRP D 886 -59.25 104.70 -10.92
C TRP D 886 -59.83 104.93 -9.51
N VAL D 887 -61.11 105.35 -9.45
CA VAL D 887 -61.84 105.40 -8.18
C VAL D 887 -63.13 104.67 -8.37
N ASN D 888 -63.43 103.79 -7.42
CA ASN D 888 -64.73 103.18 -7.42
C ASN D 888 -65.51 103.89 -6.35
N PHE D 889 -66.49 104.68 -6.77
CA PHE D 889 -67.38 105.34 -5.81
C PHE D 889 -68.33 104.28 -5.24
N LEU D 890 -68.30 104.13 -3.92
CA LEU D 890 -69.09 103.11 -3.25
C LEU D 890 -70.50 103.59 -2.92
N ASP D 900 -63.23 116.29 -1.56
CA ASP D 900 -61.96 116.70 -0.95
C ASP D 900 -61.08 115.59 -0.26
N ILE D 901 -60.63 114.56 -1.03
CA ILE D 901 -59.75 113.52 -0.45
C ILE D 901 -58.35 113.35 -1.08
N PRO D 902 -57.30 113.34 -0.22
CA PRO D 902 -55.96 113.00 -0.65
C PRO D 902 -55.90 111.48 -0.87
N LEU D 903 -55.68 111.11 -2.12
CA LEU D 903 -55.59 109.70 -2.49
C LEU D 903 -54.13 109.20 -2.55
N VAL D 904 -53.28 109.98 -3.23
CA VAL D 904 -51.85 109.72 -3.37
C VAL D 904 -51.05 110.86 -2.74
N SER D 905 -50.10 110.48 -1.87
CA SER D 905 -49.12 111.37 -1.24
C SER D 905 -47.69 111.12 -1.78
N ALA D 906 -46.91 112.16 -2.00
CA ALA D 906 -45.54 112.02 -2.54
C ALA D 906 -44.61 113.16 -2.07
N PRO D 907 -43.30 113.02 -2.37
CA PRO D 907 -42.45 114.16 -1.99
C PRO D 907 -42.80 115.38 -2.83
N GLU D 908 -42.53 116.55 -2.27
CA GLU D 908 -42.95 117.78 -2.88
C GLU D 908 -42.35 117.88 -4.25
N ALA D 909 -41.16 117.32 -4.43
CA ALA D 909 -40.47 117.45 -5.75
C ALA D 909 -40.99 116.52 -6.88
N THR D 910 -41.84 115.54 -6.53
CA THR D 910 -42.56 114.69 -7.50
C THR D 910 -43.36 115.50 -8.58
N ALA D 911 -43.05 115.29 -9.88
CA ALA D 911 -43.83 115.83 -11.02
C ALA D 911 -45.33 115.61 -10.85
N ASP D 912 -46.14 116.54 -11.36
CA ASP D 912 -47.60 116.58 -11.15
C ASP D 912 -48.38 115.45 -11.87
N ASN D 913 -48.03 115.25 -13.14
CA ASN D 913 -48.65 114.28 -14.05
C ASN D 913 -48.04 112.85 -13.95
N LEU D 914 -47.18 112.60 -12.94
CA LEU D 914 -46.78 111.22 -12.66
C LEU D 914 -48.03 110.43 -12.37
N PHE D 915 -48.97 111.03 -11.64
CA PHE D 915 -50.28 110.44 -11.47
C PHE D 915 -51.31 111.30 -12.19
N ARG D 916 -52.26 110.65 -12.85
CA ARG D 916 -53.42 111.37 -13.42
C ARG D 916 -54.72 110.65 -13.12
N ALA D 917 -55.85 111.22 -13.54
CA ALA D 917 -57.16 110.54 -13.41
C ALA D 917 -57.36 109.42 -14.47
N SER D 918 -58.02 108.33 -14.06
CA SER D 918 -58.52 107.32 -15.04
C SER D 918 -59.63 107.92 -15.93
N THR D 919 -59.46 107.76 -17.23
CA THR D 919 -60.48 108.22 -18.14
C THR D 919 -61.69 107.29 -18.22
N ARG D 920 -61.79 106.26 -17.36
CA ARG D 920 -62.85 105.21 -17.45
C ARG D 920 -63.40 104.80 -16.09
N VAL D 921 -64.48 104.01 -16.08
CA VAL D 921 -65.31 103.85 -14.86
C VAL D 921 -65.10 102.53 -14.10
N VAL D 922 -65.19 102.57 -12.76
CA VAL D 922 -65.29 101.32 -12.00
C VAL D 922 -66.38 101.41 -10.95
N GLY D 923 -67.27 100.41 -10.96
CA GLY D 923 -68.38 100.27 -9.99
C GLY D 923 -69.77 100.76 -10.42
N PHE D 924 -70.59 101.07 -9.42
CA PHE D 924 -71.94 101.66 -9.60
C PHE D 924 -71.88 103.18 -9.48
N SER D 925 -71.66 103.84 -10.63
CA SER D 925 -71.20 105.23 -10.57
C SER D 925 -71.27 106.06 -11.83
N ASP D 926 -71.06 105.48 -13.01
CA ASP D 926 -71.09 106.30 -14.26
C ASP D 926 -70.12 107.51 -14.35
N VAL D 927 -69.27 107.66 -13.34
CA VAL D 927 -68.46 108.87 -13.17
C VAL D 927 -66.95 108.62 -13.13
N THR D 928 -66.23 109.31 -14.03
CA THR D 928 -64.78 109.58 -13.91
C THR D 928 -64.58 110.22 -12.54
N PRO D 929 -63.36 110.14 -11.95
CA PRO D 929 -63.06 111.06 -10.84
C PRO D 929 -62.29 112.33 -11.31
N ILE D 930 -62.29 113.38 -10.50
CA ILE D 930 -61.47 114.55 -10.79
C ILE D 930 -60.34 114.75 -9.76
N LEU D 931 -59.15 115.02 -10.28
CA LEU D 931 -57.92 115.11 -9.48
C LEU D 931 -57.25 116.45 -9.56
N SER D 932 -56.93 116.99 -8.39
CA SER D 932 -56.06 118.13 -8.37
C SER D 932 -54.80 117.87 -7.53
N VAL D 933 -53.75 118.58 -7.91
CA VAL D 933 -52.45 118.51 -7.29
C VAL D 933 -52.27 119.69 -6.31
N ARG D 934 -52.02 119.35 -5.05
CA ARG D 934 -51.80 120.31 -3.99
C ARG D 934 -50.44 120.02 -3.29
N LYS D 935 -49.88 121.01 -2.58
CA LYS D 935 -48.81 120.77 -1.59
C LYS D 935 -49.33 121.16 -0.24
N GLU D 936 -49.13 120.30 0.75
CA GLU D 936 -49.68 120.48 2.09
C GLU D 936 -48.82 119.68 3.06
N ASP D 937 -48.49 120.24 4.22
CA ASP D 937 -47.85 119.45 5.30
C ASP D 937 -46.56 118.74 4.90
N GLY D 938 -45.76 119.39 4.05
CA GLY D 938 -44.47 118.83 3.62
C GLY D 938 -44.54 117.79 2.50
N LYS D 939 -45.73 117.57 1.92
CA LYS D 939 -45.89 116.55 0.86
C LYS D 939 -46.80 116.99 -0.28
N LYS D 940 -46.47 116.62 -1.52
CA LYS D 940 -47.44 116.80 -2.62
C LYS D 940 -48.62 115.82 -2.50
N GLU D 941 -49.78 116.18 -3.04
CA GLU D 941 -50.96 115.38 -2.76
C GLU D 941 -51.85 115.29 -3.99
N TRP D 942 -52.22 114.08 -4.39
CA TRP D 942 -53.26 113.97 -5.41
C TRP D 942 -54.58 113.79 -4.73
N VAL D 943 -55.49 114.71 -5.08
CA VAL D 943 -56.71 114.91 -4.34
C VAL D 943 -57.93 114.83 -5.26
N LEU D 944 -58.80 113.91 -4.85
CA LEU D 944 -60.07 113.69 -5.45
C LEU D 944 -60.94 114.81 -4.91
N ASP D 945 -61.29 115.74 -5.81
CA ASP D 945 -62.18 116.86 -5.41
C ASP D 945 -63.46 116.94 -6.23
N GLY D 946 -63.42 116.52 -7.50
CA GLY D 946 -64.65 116.44 -8.32
C GLY D 946 -64.94 115.11 -9.01
N TYR D 947 -65.90 115.11 -9.93
CA TYR D 947 -66.18 113.97 -10.85
C TYR D 947 -66.73 114.45 -12.25
N GLN D 948 -67.13 113.52 -13.11
CA GLN D 948 -67.49 113.82 -14.50
C GLN D 948 -68.33 112.65 -14.89
N VAL D 949 -68.77 112.63 -16.15
CA VAL D 949 -69.59 111.52 -16.71
C VAL D 949 -69.10 111.11 -18.13
N ALA D 959 -67.37 97.77 -15.74
CA ALA D 959 -66.62 96.95 -14.77
C ALA D 959 -67.17 97.00 -13.35
N ALA D 960 -67.78 95.89 -12.92
CA ALA D 960 -68.37 95.78 -11.57
C ALA D 960 -67.37 96.10 -10.45
N THR D 961 -66.39 95.21 -10.21
CA THR D 961 -65.20 95.49 -9.35
C THR D 961 -63.94 95.75 -10.20
N PHE D 962 -62.79 95.90 -9.54
CA PHE D 962 -61.53 96.00 -10.27
C PHE D 962 -61.11 94.61 -10.79
N MET D 963 -61.59 93.55 -10.11
CA MET D 963 -61.47 92.16 -10.60
C MET D 963 -62.03 92.08 -12.02
N HIS D 964 -63.14 92.77 -12.29
CA HIS D 964 -63.68 92.72 -13.65
C HIS D 964 -62.92 93.61 -14.65
N ILE D 965 -61.93 94.39 -14.20
CA ILE D 965 -61.14 95.15 -15.17
C ILE D 965 -60.19 94.24 -15.93
N SER D 966 -60.56 93.95 -17.17
CA SER D 966 -59.65 93.22 -18.07
C SER D 966 -58.27 93.92 -18.05
N TYR D 967 -57.26 93.29 -18.65
CA TYR D 967 -55.94 93.88 -18.79
C TYR D 967 -55.98 94.81 -19.97
N ASN D 968 -56.62 94.38 -21.06
CA ASN D 968 -56.73 95.24 -22.26
C ASN D 968 -57.40 96.59 -21.90
N ASN D 969 -58.48 96.50 -21.10
CA ASN D 969 -59.16 97.63 -20.47
C ASN D 969 -58.08 98.50 -19.77
N PHE D 970 -57.49 97.97 -18.69
CA PHE D 970 -56.38 98.65 -17.95
C PHE D 970 -55.30 99.35 -18.81
N ILE D 971 -54.68 98.63 -19.74
CA ILE D 971 -53.52 99.16 -20.43
C ILE D 971 -53.84 100.18 -21.55
N THR D 972 -55.03 100.06 -22.15
CA THR D 972 -55.45 100.98 -23.21
C THR D 972 -55.81 102.29 -22.54
N GLU D 973 -56.41 102.19 -21.35
CA GLU D 973 -56.74 103.38 -20.60
C GLU D 973 -55.49 104.18 -20.11
N VAL D 974 -54.36 103.51 -19.89
CA VAL D 974 -53.18 104.19 -19.32
C VAL D 974 -52.33 104.85 -20.44
N ASN D 975 -53.05 105.43 -21.38
CA ASN D 975 -52.49 105.70 -22.71
C ASN D 975 -52.00 104.39 -23.34
#